data_5ZX3
#
_entry.id   5ZX3
#
_cell.length_a   130.572
_cell.length_b   159.790
_cell.length_c   131.437
_cell.angle_alpha   90.000
_cell.angle_beta   118.720
_cell.angle_gamma   90.000
#
_symmetry.space_group_name_H-M   'P 1 21 1'
#
loop_
_entity.id
_entity.type
_entity.pdbx_description
1 polymer 'DNA-directed RNA polymerase subunit alpha'
2 polymer 'DNA-directed RNA polymerase subunit beta'
3 polymer "DNA-directed RNA polymerase subunit beta'"
4 polymer 'DNA-directed RNA polymerase subunit omega'
5 polymer 'ECF RNA polymerase sigma factor SigH'
6 non-polymer 'ZINC ION'
7 water water
#
loop_
_entity_poly.entity_id
_entity_poly.type
_entity_poly.pdbx_seq_one_letter_code
_entity_poly.pdbx_strand_id
1 'polypeptide(L)'
;MGHHHHHHHHHHSSGHIEGRHMLISQRPTLSEDVLTDNRSQFVIEPLEPGFGYTLGNSLRRTLLSSIPGAAVTSIRIDGV
LHEFTTVPGVKEDVTEIILNLKSLVVSSEEDEPVTMYLRKQGPGEVTAGDIVPPAGVTVHNPGMHIATLNDKGKLEVELV
VERGRGYVPAVQNRASGAEIGRIPVDSIYSPVLKVTYKVDATRVEQRTDFDKLILDVETKNSISPRDALASAGKTLVELF
GLARELNVEAEGIEIGPSPAEADHIASFALPIDDLDLTVRSYNCLKREGVHTVGELVARTESDLLDIRNFGQKSIDEVKI
KLHQLGLSLKDSPPSFDPSEVAGYDVATGTWSTEGAYDEQDYAETEQL
;
A,B
2 'polypeptide(L)'
;MVLADSRQSKTAASPSPSRPQSSSNNSVPGAPNRVSFAKLREPLEVPGLLDVQTDSFEWLIGSPRWRESAAERGDVNPVG
GLEEVLYELSPIEDFSGSMSLSFSDPRFDDVKAPVDECKDKDMTYAAPLFVTAEFINNNTGEIKSQTVFMGDFPMMTEKG
TFIINGTERVVVSQLVRSPGVYFDETIDKSTDKTLHSVKVIPSRGAWLEFDVDKRDTVGVRIDRKRRQPVTVLLKALGWT
SEQIVERFGFSEIMRSTLEKDNTVGTDEALLDIYRKLRPGEPPTKESAQTLLENLFFKEKRYDLARVGRYKVNKKLGLHV
GEPITSSTLTEEDVVATIEYLVRLHEGQTTMTVPGGVEVPVETDDIDHFGNRRLRTVGELIQNQIRVGMSRMERVVRERM
TTQDVEAITPQTLINIRPVVAAIKEFFGTSQLSQFMDQNNPLSGLTHKRRLSALGPGGLSRERAGLEVRDVHPSHYGRMC
PIETPEGPNIGLIGSLSVYARVNPFGFIETPYRKVVDGVVSDEIVYLTADEEDRHVVAQANSPIDADGRFVEPRVLVRRK
AGEVEYVPSSEVDYMDVSPRQMVSVATAMIPFLEHDDANRALMGANMQRQAVPLVRSEAPLVGTGMELRAAIDAGDVVVA
EESGVIEEVSADYITVMHDNGTRRTYRMRKFARSNHGTCANQCPIVDAGDRVEAGQVIADGPCTDDGEMALGKNLLVAIM
PWEGHNYEDAIILSNRLVEEDVLTSIHIEEHEIDARDTKLGAEEITRDIPNISDEVLADLDERGIVRIGAEVRDGDILVG
KVTPKGETELTPEERLLRAIFGEKAREVRDTSLKVPHGESGKVIGIRVFSREDEDELPAGVNELVRVYVAQKRKISDGDK
LAGRHGNKGVIGKILPVEDMPFLADGTPVDIILNTHGVPRRMNIGQILETHLGWCAHSGWKVDAAKGVPDWAARLPDELL
EAQPNAIVSTPVFDGAQEAELQGLLSCTLPNRDGDVLVDADGKAMLFDGRSGEPFPYPVTVGYMYIMKLHHLVDDKIHAR
STGPYSMITQQPLGGKAQFGGQRFGEMECWAMQAYGAAYTLQELLTIKSDDTVGRVKVYEAIVKGENIPEPGIPESFKVL
LKELQSLCLNVEVLSSDGAAIELREGEDEDLERAAANLGINLSRNESASVEDLA
;
C
3 'polypeptide(L)'
;MVLDVNFFDELRIGLATAEDIRQWSYGEVKKPETINYRTLKPEKDGLFCEKIFGPTRDWECYCGKYKRVRFKGIICERCG
VEVTRAKVRRERMGHIELAAPVTHIWYFKGVPSRLGYLLDLAPKDLEKIIYFAAYVITSVDEEMRHNELSTLEAEMAVER
KAVEDQRDGELEARAQKLEADLAELEAEGAKADARRKVRDGGEREMRQIRDRAQRELDRLEDIWSTFTKLAPKQLIVDEN
LYRELVDRYGEYFTGAMGAESIQKLIENFDIDAEAESLRDVIRNGKGQKKLRALKRLKVVAAFQQSGNSPMGMVLDAVPV
IPPELRPMVQLDGGRFATSDLNDLYRRVINRNNRLKRLIDLGAPEIIVNNEKRMLQESVDALFDNGRRGRPVTGPGNRPL
KSLSDLLKGKQGRFRQNLLGKRVDYSGRSVIVVGPQLKLHQCGLPKLMALELFKPFVMKRLVDLNHAQNIKSAKRMVERQ
RPQVWDVLEEVIAEHPVLLNRAPTLHRLGIQAFEPMLVEGKAIQLHPLVCEAFNADFDGDQMAVHLPLSAEAQAEARILM
LSSNNILSPASGRPLAMPRLDMVTGLYYLTTEVPGDTGEYQPASGDHPETGVYSSPAEAIMAADRGVLSVRAKIKVRLTQ
LRPPVEIEAELFGHSGWQPGDAWMAETTLGRVMFNELLPLGYPFVNKQMHKKVQAAIINDLAERYPMIVVAQTVDKLKDA
GFYWATRSGVTVSMADVLVPPRKKEILDHYEERADKVEKQFQRGALNHDERNEALVEIWKEATDEVGQALREHYPDDNPI
ITIVDSGATGNFTQTRTLAGMKGLVTNPKGEFIPRPVKSSFREGLTVLEYFINTHGARKGLADTALRTADSGYLTRRLVD
VSQDVIVREHDCQTERGIVVELAERAPDGTLIRDPYIETSAYARTLGTDAVDEAGNVIVERGQDLGDPEIDALLAAGITQ
VKVRSVLTCATSTGVCATCYGRSMATGKLVDIGEAVGIVAAQSIGEPGTQLTMRTFHQGGVGEDITGGLPRVQELFEARV
PRGKAPIADVTGRVRLEDGERFYKITIVPDDGGEEVVYDKISKRQRLRVFKHEDGSERVLSDGDHVEVGQQLMEGSADPH
EVLRVQGPREVQIHLVREVQEVYRAQGVSIHDKHIEVIVRQMLRRVTIIDSGSTEFLPGSLIDRAEFEAENRRVVAEGGE
PAAGRPVLMGITKASLATDSWLSAASFQETTRVLTDAAINCRSDKLNGLKENVIIGKLIPAGTGINRYRNIAVQPTEEAR
AAAYTIPSYEDQYYSPDFGAATGAAVPLDDYGYSDYR
;
D
4 'polypeptide(L)'
;MSISQSDASLAAVPAVDQFDPSSGASGGYDTPLGITNPPIDELLDRVSSKYALVIYAAKRARQINDYYNQLGEGILEYVG
PLVEPGLQEKPLSIALREIHADLLEHTEGE
;
E
5 'polypeptide(L)'
;GAMADIDGVTGSAGLQPGPSEETDEELTARFERDAIPLLDQLYGGALRMTRNPADAEDLLQETMVKAYAGFRSFRHGTNL
KAWLYRILTNTYINSYRKKQRQPAEYPTEQITDWQLASNAEHSSTGLRSAEVEALEALPDTEIKEALQALPEEFRMAVYY
ADVEGFPYKEIAEIMDTPIGTVMSRLHRGRRQLRGLLADVARDRGFARGEQAHEGVSS
;
F
#
loop_
_chem_comp.id
_chem_comp.type
_chem_comp.name
_chem_comp.formula
ZN non-polymer 'ZINC ION' 'Zn 2'
#
# COMPACT_ATOMS: atom_id res chain seq x y z
N ILE A 24 -54.16 4.19 41.78
CA ILE A 24 -53.03 3.83 40.92
C ILE A 24 -53.44 2.77 39.91
N SER A 25 -54.59 2.14 40.14
CA SER A 25 -55.02 1.00 39.35
C SER A 25 -55.93 1.48 38.23
N GLN A 26 -55.43 1.38 37.00
CA GLN A 26 -56.24 1.51 35.80
C GLN A 26 -55.54 0.72 34.71
N ARG A 27 -56.30 0.29 33.73
CA ARG A 27 -55.62 -0.55 32.76
C ARG A 27 -55.49 0.17 31.43
N PRO A 28 -54.42 -0.12 30.68
CA PRO A 28 -54.26 0.51 29.36
C PRO A 28 -55.34 0.05 28.41
N THR A 29 -55.81 0.98 27.58
CA THR A 29 -56.80 0.69 26.55
C THR A 29 -56.25 1.09 25.19
N LEU A 30 -56.44 0.23 24.21
CA LEU A 30 -55.97 0.46 22.85
C LEU A 30 -57.15 0.92 22.01
N SER A 31 -57.10 2.17 21.52
CA SER A 31 -58.14 2.74 20.70
C SER A 31 -57.55 3.13 19.35
N GLU A 32 -58.11 2.57 18.27
CA GLU A 32 -57.64 2.87 16.93
C GLU A 32 -58.37 4.08 16.37
N ASP A 33 -57.62 4.94 15.69
CA ASP A 33 -58.16 6.10 14.98
C ASP A 33 -57.66 6.03 13.54
N VAL A 34 -58.58 5.82 12.60
CA VAL A 34 -58.21 5.62 11.20
C VAL A 34 -57.93 6.96 10.54
N LEU A 35 -56.90 6.99 9.71
CA LEU A 35 -56.56 8.16 8.91
C LEU A 35 -56.85 7.93 7.43
N THR A 36 -56.17 6.97 6.82
CA THR A 36 -56.47 6.50 5.47
C THR A 36 -56.75 5.00 5.52
N ASP A 37 -56.97 4.41 4.35
CA ASP A 37 -57.18 2.97 4.27
C ASP A 37 -55.96 2.20 4.77
N ASN A 38 -54.77 2.63 4.36
CA ASN A 38 -53.53 1.95 4.74
C ASN A 38 -52.80 2.61 5.91
N ARG A 39 -53.33 3.68 6.51
CA ARG A 39 -52.68 4.30 7.65
C ARG A 39 -53.67 4.45 8.81
N SER A 40 -53.20 4.15 10.02
CA SER A 40 -53.99 4.32 11.23
C SER A 40 -53.07 4.71 12.37
N GLN A 41 -53.67 5.30 13.41
CA GLN A 41 -53.00 5.57 14.67
C GLN A 41 -53.64 4.75 15.77
N PHE A 42 -52.87 4.46 16.81
CA PHE A 42 -53.33 3.63 17.91
C PHE A 42 -52.92 4.27 19.22
N VAL A 43 -53.88 4.57 20.07
CA VAL A 43 -53.64 5.29 21.32
C VAL A 43 -53.76 4.32 22.48
N ILE A 44 -52.71 4.23 23.28
CA ILE A 44 -52.75 3.58 24.58
C ILE A 44 -52.53 4.69 25.61
N GLU A 45 -53.62 5.12 26.27
CA GLU A 45 -53.51 6.33 27.08
C GLU A 45 -52.80 6.13 28.43
N PRO A 46 -53.31 5.30 29.36
CA PRO A 46 -52.62 5.21 30.65
C PRO A 46 -51.37 4.36 30.53
N LEU A 47 -50.24 4.92 30.97
CA LEU A 47 -48.96 4.22 30.97
C LEU A 47 -48.08 4.86 32.02
N GLU A 48 -47.20 4.05 32.61
CA GLU A 48 -46.22 4.58 33.55
C GLU A 48 -45.38 5.65 32.85
N PRO A 49 -44.98 6.70 33.57
CA PRO A 49 -44.16 7.74 32.93
C PRO A 49 -42.81 7.18 32.49
N GLY A 50 -42.41 7.57 31.28
CA GLY A 50 -41.20 7.04 30.67
C GLY A 50 -41.36 5.71 29.98
N PHE A 51 -42.55 5.11 30.02
CA PHE A 51 -42.79 3.79 29.46
C PHE A 51 -43.39 3.84 28.06
N GLY A 52 -43.70 5.02 27.54
CA GLY A 52 -44.32 5.12 26.23
C GLY A 52 -43.37 4.88 25.07
N TYR A 53 -42.19 5.51 25.15
CA TYR A 53 -41.22 5.41 24.08
C TYR A 53 -40.81 3.96 23.82
N THR A 54 -40.47 3.22 24.88
CA THR A 54 -39.97 1.87 24.71
C THR A 54 -41.07 0.92 24.21
N LEU A 55 -42.31 1.13 24.64
CA LEU A 55 -43.41 0.30 24.14
C LEU A 55 -43.67 0.58 22.66
N GLY A 56 -43.82 1.86 22.31
CA GLY A 56 -43.98 2.21 20.91
C GLY A 56 -42.82 1.73 20.05
N ASN A 57 -41.62 1.63 20.63
CA ASN A 57 -40.47 1.19 19.86
C ASN A 57 -40.42 -0.32 19.71
N SER A 58 -40.83 -1.06 20.75
CA SER A 58 -40.96 -2.50 20.58
C SER A 58 -41.99 -2.82 19.50
N LEU A 59 -43.11 -2.08 19.51
CA LEU A 59 -44.11 -2.26 18.47
C LEU A 59 -43.57 -1.89 17.10
N ARG A 60 -42.84 -0.77 17.02
CA ARG A 60 -42.28 -0.35 15.74
C ARG A 60 -41.29 -1.38 15.20
N ARG A 61 -40.39 -1.84 16.06
CA ARG A 61 -39.37 -2.80 15.65
C ARG A 61 -39.99 -4.11 15.18
N THR A 62 -40.95 -4.64 15.96
CA THR A 62 -41.63 -5.85 15.54
C THR A 62 -42.41 -5.64 14.25
N LEU A 63 -42.98 -4.45 14.07
CA LEU A 63 -43.76 -4.18 12.87
C LEU A 63 -42.87 -4.12 11.64
N LEU A 64 -41.66 -3.57 11.78
CA LEU A 64 -40.78 -3.48 10.63
C LEU A 64 -40.17 -4.83 10.28
N SER A 65 -39.72 -5.59 11.29
CA SER A 65 -39.05 -6.86 11.00
C SER A 65 -40.02 -8.02 10.73
N SER A 66 -40.99 -8.22 11.63
CA SER A 66 -41.60 -9.54 11.83
C SER A 66 -42.98 -9.76 11.18
N ILE A 67 -43.57 -8.77 10.52
CA ILE A 67 -44.95 -8.93 10.06
C ILE A 67 -44.97 -9.84 8.82
N PRO A 68 -45.82 -10.85 8.79
CA PRO A 68 -45.87 -11.75 7.62
C PRO A 68 -46.61 -11.14 6.44
N GLY A 69 -46.24 -11.61 5.26
CA GLY A 69 -46.83 -11.11 4.03
C GLY A 69 -46.54 -12.05 2.88
N ALA A 70 -46.79 -11.56 1.66
CA ALA A 70 -46.58 -12.34 0.45
C ALA A 70 -45.69 -11.55 -0.51
N ALA A 71 -44.88 -12.29 -1.27
CA ALA A 71 -43.98 -11.68 -2.24
C ALA A 71 -43.65 -12.67 -3.33
N VAL A 72 -43.11 -12.16 -4.42
CA VAL A 72 -42.67 -13.00 -5.54
C VAL A 72 -41.33 -13.63 -5.18
N THR A 73 -41.21 -14.94 -5.41
CA THR A 73 -39.96 -15.66 -5.19
C THR A 73 -39.10 -15.69 -6.45
N SER A 74 -39.60 -16.31 -7.51
CA SER A 74 -38.90 -16.42 -8.78
C SER A 74 -39.84 -16.06 -9.92
N ILE A 75 -39.25 -15.89 -11.11
CA ILE A 75 -40.02 -15.68 -12.34
C ILE A 75 -39.35 -16.48 -13.46
N ARG A 76 -40.16 -16.88 -14.43
CA ARG A 76 -39.67 -17.41 -15.70
C ARG A 76 -40.21 -16.54 -16.82
N ILE A 77 -39.35 -16.26 -17.80
CA ILE A 77 -39.74 -15.48 -18.97
C ILE A 77 -39.42 -16.30 -20.21
N ASP A 78 -40.40 -16.41 -21.10
CA ASP A 78 -40.22 -17.21 -22.30
C ASP A 78 -39.15 -16.60 -23.18
N GLY A 79 -38.15 -17.41 -23.56
CA GLY A 79 -37.09 -16.95 -24.43
C GLY A 79 -35.87 -16.39 -23.74
N VAL A 80 -35.93 -16.13 -22.43
CA VAL A 80 -34.78 -15.66 -21.67
C VAL A 80 -34.40 -16.75 -20.67
N LEU A 81 -33.09 -17.05 -20.59
CA LEU A 81 -32.56 -18.01 -19.65
C LEU A 81 -31.92 -17.38 -18.41
N HIS A 82 -31.79 -16.06 -18.36
CA HIS A 82 -31.18 -15.39 -17.22
C HIS A 82 -31.51 -13.91 -17.30
N GLU A 83 -31.07 -13.17 -16.28
CA GLU A 83 -31.56 -11.81 -16.06
C GLU A 83 -30.89 -10.77 -16.96
N PHE A 84 -29.65 -11.00 -17.40
CA PHE A 84 -28.91 -9.96 -18.11
C PHE A 84 -29.04 -10.23 -19.59
N THR A 85 -29.99 -9.56 -20.23
CA THR A 85 -30.40 -9.82 -21.60
C THR A 85 -31.65 -9.01 -21.91
N THR A 86 -32.12 -9.06 -23.16
CA THR A 86 -33.28 -8.31 -23.59
C THR A 86 -34.32 -9.24 -24.18
N VAL A 87 -35.53 -8.71 -24.34
CA VAL A 87 -36.60 -9.39 -25.07
C VAL A 87 -36.91 -8.52 -26.29
N PRO A 88 -37.19 -9.09 -27.45
CA PRO A 88 -37.47 -8.26 -28.63
C PRO A 88 -38.74 -7.44 -28.44
N GLY A 89 -38.66 -6.17 -28.84
CA GLY A 89 -39.82 -5.30 -28.76
C GLY A 89 -40.15 -4.77 -27.39
N VAL A 90 -39.38 -5.12 -26.36
CA VAL A 90 -39.63 -4.65 -25.00
C VAL A 90 -38.58 -3.59 -24.65
N LYS A 91 -39.06 -2.44 -24.17
CA LYS A 91 -38.16 -1.31 -23.92
C LYS A 91 -37.23 -1.59 -22.75
N GLU A 92 -37.73 -2.22 -21.69
CA GLU A 92 -36.94 -2.51 -20.51
C GLU A 92 -36.29 -3.88 -20.63
N ASP A 93 -35.02 -3.96 -20.23
CA ASP A 93 -34.38 -5.27 -20.20
C ASP A 93 -34.87 -6.05 -18.98
N VAL A 94 -34.43 -7.30 -18.87
CA VAL A 94 -35.00 -8.17 -17.83
C VAL A 94 -34.61 -7.69 -16.44
N THR A 95 -33.44 -7.05 -16.31
CA THR A 95 -33.07 -6.47 -15.02
C THR A 95 -34.03 -5.36 -14.62
N GLU A 96 -34.32 -4.45 -15.54
CA GLU A 96 -35.26 -3.37 -15.26
C GLU A 96 -36.67 -3.90 -15.09
N ILE A 97 -37.03 -4.98 -15.78
CA ILE A 97 -38.34 -5.58 -15.59
C ILE A 97 -38.46 -6.16 -14.19
N ILE A 98 -37.42 -6.87 -13.73
CA ILE A 98 -37.42 -7.40 -12.36
C ILE A 98 -37.49 -6.27 -11.34
N LEU A 99 -36.72 -5.21 -11.57
CA LEU A 99 -36.76 -4.04 -10.69
C LEU A 99 -38.15 -3.44 -10.63
N ASN A 100 -38.85 -3.40 -11.77
CA ASN A 100 -40.23 -2.92 -11.77
C ASN A 100 -41.14 -3.86 -10.99
N LEU A 101 -40.91 -5.17 -11.12
CA LEU A 101 -41.68 -6.14 -10.34
C LEU A 101 -41.42 -6.02 -8.85
N LYS A 102 -40.32 -5.39 -8.43
CA LYS A 102 -40.11 -5.17 -7.01
C LYS A 102 -41.22 -4.33 -6.37
N SER A 103 -41.94 -3.55 -7.17
CA SER A 103 -43.01 -2.69 -6.65
C SER A 103 -44.34 -3.41 -6.51
N LEU A 104 -44.39 -4.71 -6.80
CA LEU A 104 -45.62 -5.48 -6.62
C LEU A 104 -45.99 -5.56 -5.14
N VAL A 105 -47.23 -5.20 -4.83
CA VAL A 105 -47.85 -5.49 -3.55
C VAL A 105 -48.89 -6.57 -3.80
N VAL A 106 -48.72 -7.72 -3.18
CA VAL A 106 -49.51 -8.92 -3.47
C VAL A 106 -49.87 -9.59 -2.16
N SER A 107 -51.07 -10.17 -2.11
CA SER A 107 -51.50 -10.93 -0.94
C SER A 107 -51.89 -12.34 -1.36
N SER A 108 -51.56 -13.31 -0.51
CA SER A 108 -51.81 -14.73 -0.79
C SER A 108 -52.28 -15.42 0.49
N GLU A 109 -53.36 -16.19 0.37
CA GLU A 109 -53.89 -16.97 1.48
C GLU A 109 -53.42 -18.42 1.47
N GLU A 110 -52.68 -18.84 0.44
CA GLU A 110 -52.44 -20.26 0.22
C GLU A 110 -51.37 -20.84 1.13
N ASP A 111 -50.42 -20.02 1.58
CA ASP A 111 -49.30 -20.45 2.44
C ASP A 111 -48.48 -21.55 1.78
N GLU A 112 -48.52 -21.63 0.45
CA GLU A 112 -47.72 -22.56 -0.33
C GLU A 112 -47.35 -21.88 -1.63
N PRO A 113 -46.26 -22.30 -2.27
CA PRO A 113 -45.87 -21.65 -3.53
C PRO A 113 -46.96 -21.82 -4.59
N VAL A 114 -47.36 -20.69 -5.18
CA VAL A 114 -48.43 -20.71 -6.18
C VAL A 114 -48.02 -19.80 -7.34
N THR A 115 -48.52 -20.12 -8.52
CA THR A 115 -48.02 -19.52 -9.76
C THR A 115 -49.04 -18.55 -10.34
N MET A 116 -48.55 -17.38 -10.74
CA MET A 116 -49.31 -16.39 -11.50
C MET A 116 -48.75 -16.33 -12.92
N TYR A 117 -49.59 -15.95 -13.87
CA TYR A 117 -49.21 -15.92 -15.27
C TYR A 117 -49.49 -14.54 -15.86
N LEU A 118 -48.70 -14.18 -16.86
CA LEU A 118 -48.82 -12.90 -17.55
C LEU A 118 -48.54 -13.11 -19.03
N ARG A 119 -49.45 -12.66 -19.89
CA ARG A 119 -49.27 -12.74 -21.33
C ARG A 119 -49.77 -11.46 -21.97
N LYS A 120 -48.95 -10.86 -22.81
CA LYS A 120 -49.34 -9.64 -23.51
C LYS A 120 -48.63 -9.60 -24.87
N GLN A 121 -49.35 -9.12 -25.88
CA GLN A 121 -48.90 -9.11 -27.26
C GLN A 121 -49.07 -7.70 -27.81
N GLY A 122 -48.59 -7.49 -29.03
CA GLY A 122 -48.80 -6.25 -29.76
C GLY A 122 -48.24 -5.05 -29.04
N PRO A 123 -48.58 -3.85 -29.50
CA PRO A 123 -48.19 -2.65 -28.79
C PRO A 123 -49.05 -2.44 -27.55
N GLY A 124 -48.47 -1.79 -26.57
CA GLY A 124 -49.20 -1.44 -25.37
C GLY A 124 -48.27 -1.38 -24.17
N GLU A 125 -48.87 -1.16 -23.01
CA GLU A 125 -48.16 -1.12 -21.75
C GLU A 125 -48.59 -2.33 -20.91
N VAL A 126 -47.63 -3.16 -20.55
CA VAL A 126 -47.87 -4.25 -19.60
C VAL A 126 -47.77 -3.68 -18.19
N THR A 127 -48.86 -3.81 -17.43
CA THR A 127 -48.95 -3.37 -16.05
C THR A 127 -49.26 -4.58 -15.15
N ALA A 128 -49.33 -4.33 -13.85
CA ALA A 128 -49.61 -5.42 -12.92
C ALA A 128 -51.03 -5.95 -13.08
N GLY A 129 -51.95 -5.11 -13.56
CA GLY A 129 -53.31 -5.57 -13.80
C GLY A 129 -53.40 -6.63 -14.87
N ASP A 130 -52.43 -6.66 -15.80
CA ASP A 130 -52.40 -7.68 -16.84
C ASP A 130 -52.06 -9.06 -16.30
N ILE A 131 -51.68 -9.17 -15.03
CA ILE A 131 -51.36 -10.47 -14.44
C ILE A 131 -52.65 -11.13 -13.99
N VAL A 132 -52.80 -12.41 -14.30
CA VAL A 132 -53.96 -13.19 -13.86
C VAL A 132 -53.52 -14.03 -12.66
N PRO A 133 -53.90 -13.67 -11.44
CA PRO A 133 -53.53 -14.47 -10.27
C PRO A 133 -54.43 -15.68 -10.13
N PRO A 134 -53.95 -16.73 -9.46
CA PRO A 134 -54.85 -17.82 -9.06
C PRO A 134 -55.71 -17.39 -7.88
N ALA A 135 -56.79 -18.14 -7.67
CA ALA A 135 -57.71 -17.83 -6.58
C ALA A 135 -56.96 -17.87 -5.25
N GLY A 136 -57.20 -16.86 -4.42
CA GLY A 136 -56.48 -16.70 -3.17
C GLY A 136 -55.30 -15.76 -3.23
N VAL A 137 -55.00 -15.20 -4.41
CA VAL A 137 -53.91 -14.26 -4.59
C VAL A 137 -54.48 -13.01 -5.25
N THR A 138 -54.19 -11.84 -4.67
CA THR A 138 -54.66 -10.59 -5.24
C THR A 138 -53.49 -9.64 -5.44
N VAL A 139 -53.55 -8.91 -6.56
CA VAL A 139 -52.63 -7.83 -6.88
C VAL A 139 -53.31 -6.52 -6.55
N HIS A 140 -52.69 -5.71 -5.69
CA HIS A 140 -53.34 -4.55 -5.11
C HIS A 140 -53.05 -3.25 -5.83
N ASN A 141 -52.21 -3.25 -6.86
CA ASN A 141 -51.90 -2.04 -7.63
C ASN A 141 -51.86 -2.40 -9.10
N PRO A 142 -53.02 -2.53 -9.73
CA PRO A 142 -53.05 -2.96 -11.14
C PRO A 142 -52.38 -1.98 -12.08
N GLY A 143 -52.32 -0.69 -11.73
CA GLY A 143 -51.72 0.30 -12.60
C GLY A 143 -50.22 0.37 -12.56
N MET A 144 -49.57 -0.49 -11.77
CA MET A 144 -48.13 -0.41 -11.62
C MET A 144 -47.42 -0.85 -12.90
N HIS A 145 -46.47 -0.03 -13.35
CA HIS A 145 -45.84 -0.27 -14.65
C HIS A 145 -44.91 -1.47 -14.60
N ILE A 146 -44.96 -2.28 -15.65
CA ILE A 146 -44.04 -3.41 -15.79
C ILE A 146 -43.18 -3.20 -17.03
N ALA A 147 -43.79 -3.13 -18.20
CA ALA A 147 -43.02 -3.00 -19.44
C ALA A 147 -43.81 -2.21 -20.46
N THR A 148 -43.11 -1.74 -21.49
CA THR A 148 -43.73 -1.18 -22.68
C THR A 148 -43.36 -2.05 -23.88
N LEU A 149 -44.35 -2.35 -24.71
CA LEU A 149 -44.21 -3.24 -25.84
C LEU A 149 -44.59 -2.50 -27.12
N ASN A 150 -43.78 -2.66 -28.15
CA ASN A 150 -44.12 -2.15 -29.48
C ASN A 150 -44.74 -3.27 -30.30
N ASP A 151 -44.91 -3.02 -31.61
CA ASP A 151 -45.59 -3.98 -32.47
C ASP A 151 -44.91 -5.35 -32.47
N LYS A 152 -43.59 -5.39 -32.29
CA LYS A 152 -42.84 -6.64 -32.31
C LYS A 152 -42.72 -7.29 -30.94
N GLY A 153 -43.21 -6.66 -29.88
CA GLY A 153 -43.01 -7.17 -28.54
C GLY A 153 -44.05 -8.22 -28.13
N LYS A 154 -43.57 -9.23 -27.41
CA LYS A 154 -44.42 -10.24 -26.81
C LYS A 154 -43.82 -10.61 -25.46
N LEU A 155 -44.65 -10.65 -24.42
CA LEU A 155 -44.17 -10.87 -23.07
C LEU A 155 -45.00 -11.95 -22.39
N GLU A 156 -44.35 -13.03 -21.96
CA GLU A 156 -44.99 -14.15 -21.29
C GLU A 156 -44.17 -14.51 -20.06
N VAL A 157 -44.75 -14.36 -18.88
CA VAL A 157 -44.03 -14.45 -17.61
C VAL A 157 -44.80 -15.32 -16.63
N GLU A 158 -44.10 -16.22 -15.95
CA GLU A 158 -44.60 -16.91 -14.77
C GLU A 158 -43.97 -16.29 -13.53
N LEU A 159 -44.78 -16.08 -12.49
CA LEU A 159 -44.32 -15.46 -11.25
C LEU A 159 -44.76 -16.34 -10.09
N VAL A 160 -43.80 -16.89 -9.36
CA VAL A 160 -44.10 -17.73 -8.20
C VAL A 160 -44.23 -16.83 -6.98
N VAL A 161 -45.37 -16.94 -6.29
CA VAL A 161 -45.66 -16.19 -5.08
C VAL A 161 -45.63 -17.15 -3.90
N GLU A 162 -44.97 -16.74 -2.83
CA GLU A 162 -44.87 -17.50 -1.59
C GLU A 162 -45.19 -16.59 -0.42
N ARG A 163 -45.36 -17.19 0.75
CA ARG A 163 -45.69 -16.48 1.97
C ARG A 163 -44.52 -16.58 2.94
N GLY A 164 -44.15 -15.45 3.54
CA GLY A 164 -43.03 -15.42 4.46
C GLY A 164 -43.01 -14.12 5.23
N ARG A 165 -41.88 -13.88 5.90
CA ARG A 165 -41.70 -12.65 6.67
C ARG A 165 -40.26 -12.17 6.54
N GLY A 166 -40.08 -10.87 6.69
CA GLY A 166 -38.77 -10.28 6.58
C GLY A 166 -38.33 -10.16 5.13
N TYR A 167 -37.02 -10.07 4.96
CA TYR A 167 -36.40 -9.98 3.64
C TYR A 167 -35.51 -11.19 3.44
N VAL A 168 -35.82 -11.99 2.44
CA VAL A 168 -35.01 -13.16 2.07
C VAL A 168 -34.41 -12.89 0.69
N PRO A 169 -33.09 -12.93 0.55
CA PRO A 169 -32.47 -12.74 -0.77
C PRO A 169 -32.84 -13.89 -1.71
N ALA A 170 -32.59 -13.65 -2.99
CA ALA A 170 -32.94 -14.62 -4.03
C ALA A 170 -32.36 -15.99 -3.73
N VAL A 171 -33.23 -17.00 -3.71
CA VAL A 171 -32.83 -18.37 -3.37
C VAL A 171 -32.19 -19.00 -4.61
N GLN A 172 -30.92 -19.38 -4.47
CA GLN A 172 -30.15 -19.86 -5.61
C GLN A 172 -30.71 -21.20 -6.11
N ASN A 173 -30.41 -21.51 -7.36
CA ASN A 173 -30.82 -22.80 -7.94
C ASN A 173 -30.02 -23.96 -7.38
N ARG A 174 -28.86 -23.70 -6.75
CA ARG A 174 -28.12 -24.76 -6.09
C ARG A 174 -28.86 -25.25 -4.84
N ALA A 175 -29.36 -24.30 -4.03
CA ALA A 175 -30.10 -24.67 -2.82
C ALA A 175 -31.45 -25.30 -3.11
N SER A 176 -31.91 -25.27 -4.37
CA SER A 176 -33.18 -25.86 -4.74
C SER A 176 -33.00 -26.85 -5.88
N GLY A 177 -34.11 -27.38 -6.40
CA GLY A 177 -34.06 -28.22 -7.58
C GLY A 177 -34.40 -27.44 -8.83
N ALA A 178 -34.27 -26.12 -8.75
CA ALA A 178 -34.68 -25.25 -9.85
C ALA A 178 -33.79 -25.44 -11.08
N GLU A 179 -34.40 -25.31 -12.25
CA GLU A 179 -33.68 -25.45 -13.50
C GLU A 179 -33.15 -24.08 -13.94
N ILE A 180 -32.50 -24.05 -15.10
CA ILE A 180 -31.73 -22.86 -15.48
C ILE A 180 -32.66 -21.71 -15.85
N GLY A 181 -33.80 -21.99 -16.47
CA GLY A 181 -34.70 -20.93 -16.88
C GLY A 181 -35.30 -20.13 -15.73
N ARG A 182 -35.24 -20.66 -14.52
CA ARG A 182 -35.88 -20.03 -13.37
C ARG A 182 -34.99 -18.91 -12.83
N ILE A 183 -35.52 -17.70 -12.79
CA ILE A 183 -34.79 -16.52 -12.31
C ILE A 183 -35.26 -16.23 -10.89
N PRO A 184 -34.47 -16.53 -9.86
CA PRO A 184 -34.88 -16.17 -8.49
C PRO A 184 -34.80 -14.67 -8.28
N VAL A 185 -35.63 -14.18 -7.37
CA VAL A 185 -35.77 -12.75 -7.12
C VAL A 185 -35.73 -12.52 -5.62
N ASP A 186 -35.15 -11.39 -5.22
CA ASP A 186 -35.21 -10.97 -3.83
C ASP A 186 -36.66 -10.77 -3.42
N SER A 187 -37.04 -11.35 -2.27
CA SER A 187 -38.40 -11.27 -1.76
C SER A 187 -38.42 -10.37 -0.53
N ILE A 188 -39.27 -9.35 -0.56
CA ILE A 188 -39.50 -8.48 0.59
C ILE A 188 -40.94 -8.72 1.03
N TYR A 189 -41.12 -9.39 2.17
CA TYR A 189 -42.45 -9.79 2.61
C TYR A 189 -43.16 -8.76 3.48
N SER A 190 -42.46 -7.75 3.97
CA SER A 190 -43.02 -6.87 4.98
C SER A 190 -44.17 -6.04 4.41
N PRO A 191 -45.40 -6.20 4.91
CA PRO A 191 -46.51 -5.34 4.46
C PRO A 191 -46.45 -3.93 5.00
N VAL A 192 -45.72 -3.66 6.08
CA VAL A 192 -45.74 -2.33 6.67
C VAL A 192 -44.85 -1.39 5.86
N LEU A 193 -45.17 -0.10 5.93
CA LEU A 193 -44.50 0.91 5.12
C LEU A 193 -43.67 1.86 5.99
N LYS A 194 -44.31 2.69 6.82
CA LYS A 194 -43.60 3.62 7.68
C LYS A 194 -44.28 3.63 9.04
N VAL A 195 -43.52 3.36 10.09
CA VAL A 195 -44.03 3.25 11.45
C VAL A 195 -43.28 4.23 12.35
N THR A 196 -44.01 5.02 13.12
CA THR A 196 -43.41 5.94 14.07
C THR A 196 -44.30 6.00 15.30
N TYR A 197 -43.91 6.83 16.26
CA TYR A 197 -44.73 7.02 17.44
C TYR A 197 -44.45 8.39 18.05
N LYS A 198 -45.36 8.81 18.90
CA LYS A 198 -45.22 10.03 19.68
C LYS A 198 -45.91 9.78 21.02
N VAL A 199 -45.31 10.27 22.10
CA VAL A 199 -45.93 10.14 23.42
C VAL A 199 -46.21 11.54 23.96
N ASP A 200 -47.32 11.68 24.67
CA ASP A 200 -47.63 12.88 25.43
C ASP A 200 -47.31 12.58 26.88
N ALA A 201 -46.28 13.24 27.41
CA ALA A 201 -45.84 13.01 28.77
C ALA A 201 -46.57 14.00 29.67
N THR A 202 -47.50 13.49 30.47
CA THR A 202 -48.31 14.30 31.37
C THR A 202 -47.65 14.27 32.75
N ARG A 203 -47.07 15.40 33.13
CA ARG A 203 -46.40 15.57 34.41
C ARG A 203 -46.97 16.82 35.07
N VAL A 204 -47.67 16.64 36.19
CA VAL A 204 -48.39 17.70 36.86
C VAL A 204 -47.77 17.91 38.24
N GLU A 205 -48.01 19.09 38.80
CA GLU A 205 -47.61 19.36 40.18
C GLU A 205 -48.22 18.34 41.13
N GLN A 206 -49.39 17.81 40.79
CA GLN A 206 -49.99 16.71 41.54
C GLN A 206 -49.28 15.41 41.19
N ARG A 207 -49.37 14.44 42.11
CA ARG A 207 -48.54 13.24 42.05
C ARG A 207 -48.81 12.37 40.82
N THR A 208 -49.97 12.50 40.19
CA THR A 208 -50.35 11.59 39.10
C THR A 208 -49.71 12.06 37.79
N ASP A 209 -48.87 11.20 37.21
CA ASP A 209 -48.24 11.43 35.93
C ASP A 209 -48.43 10.19 35.05
N PHE A 210 -48.54 10.40 33.74
CA PHE A 210 -48.70 9.26 32.84
C PHE A 210 -48.28 9.65 31.43
N ASP A 211 -47.95 8.63 30.65
CA ASP A 211 -47.57 8.82 29.25
C ASP A 211 -48.66 8.27 28.35
N LYS A 212 -49.11 9.08 27.39
CA LYS A 212 -50.02 8.62 26.35
C LYS A 212 -49.20 8.20 25.13
N LEU A 213 -49.47 7.00 24.62
CA LEU A 213 -48.75 6.46 23.48
C LEU A 213 -49.60 6.56 22.23
N ILE A 214 -49.08 7.22 21.20
CA ILE A 214 -49.70 7.29 19.89
C ILE A 214 -48.78 6.58 18.91
N LEU A 215 -49.20 5.42 18.45
CA LEU A 215 -48.42 4.60 17.52
C LEU A 215 -48.99 4.78 16.11
N ASP A 216 -48.17 5.32 15.21
CA ASP A 216 -48.57 5.63 13.84
C ASP A 216 -48.07 4.53 12.92
N VAL A 217 -49.00 3.84 12.25
CA VAL A 217 -48.70 2.67 11.42
C VAL A 217 -49.26 2.89 10.02
N GLU A 218 -48.43 2.61 9.01
CA GLU A 218 -48.83 2.65 7.61
C GLU A 218 -48.43 1.34 6.93
N THR A 219 -49.24 0.90 5.97
CA THR A 219 -49.08 -0.41 5.35
C THR A 219 -49.10 -0.28 3.83
N LYS A 220 -48.72 -1.36 3.16
CA LYS A 220 -48.48 -1.36 1.72
C LYS A 220 -49.75 -1.54 0.90
N ASN A 221 -50.93 -1.59 1.53
CA ASN A 221 -52.24 -1.93 0.97
C ASN A 221 -52.44 -3.45 0.97
N SER A 222 -51.41 -4.22 1.36
CA SER A 222 -51.56 -5.67 1.42
C SER A 222 -52.43 -6.09 2.60
N ILE A 223 -52.26 -5.43 3.75
CA ILE A 223 -53.10 -5.65 4.92
C ILE A 223 -53.42 -4.29 5.54
N SER A 224 -54.39 -4.30 6.44
CA SER A 224 -54.73 -3.08 7.17
C SER A 224 -53.75 -2.87 8.32
N PRO A 225 -53.56 -1.62 8.76
CA PRO A 225 -52.74 -1.38 9.96
C PRO A 225 -53.21 -2.14 11.17
N ARG A 226 -54.53 -2.33 11.30
CA ARG A 226 -55.08 -3.08 12.43
C ARG A 226 -54.52 -4.50 12.46
N ASP A 227 -54.54 -5.19 11.31
CA ASP A 227 -54.07 -6.58 11.28
C ASP A 227 -52.57 -6.65 11.54
N ALA A 228 -51.80 -5.71 10.99
CA ALA A 228 -50.36 -5.69 11.23
C ALA A 228 -50.06 -5.52 12.71
N LEU A 229 -50.74 -4.57 13.36
CA LEU A 229 -50.53 -4.39 14.80
C LEU A 229 -50.98 -5.61 15.59
N ALA A 230 -52.01 -6.32 15.09
CA ALA A 230 -52.42 -7.56 15.76
C ALA A 230 -51.32 -8.61 15.68
N SER A 231 -50.73 -8.78 14.49
CA SER A 231 -49.65 -9.75 14.32
C SER A 231 -48.46 -9.39 15.21
N ALA A 232 -48.07 -8.11 15.21
CA ALA A 232 -47.01 -7.67 16.11
C ALA A 232 -47.36 -7.99 17.55
N GLY A 233 -48.64 -7.79 17.92
CA GLY A 233 -49.06 -8.08 19.28
C GLY A 233 -48.92 -9.54 19.64
N LYS A 234 -49.33 -10.44 18.74
CA LYS A 234 -49.21 -11.86 19.04
C LYS A 234 -47.75 -12.30 19.13
N THR A 235 -46.90 -11.76 18.24
CA THR A 235 -45.47 -12.07 18.33
C THR A 235 -44.88 -11.61 19.65
N LEU A 236 -45.18 -10.37 20.05
CA LEU A 236 -44.60 -9.83 21.27
C LEU A 236 -45.16 -10.52 22.52
N VAL A 237 -46.43 -10.92 22.50
CA VAL A 237 -46.99 -11.69 23.60
C VAL A 237 -46.29 -13.03 23.71
N GLU A 238 -46.14 -13.72 22.57
CA GLU A 238 -45.48 -15.01 22.56
C GLU A 238 -44.05 -14.92 23.08
N LEU A 239 -43.33 -13.86 22.71
CA LEU A 239 -41.94 -13.76 23.13
C LEU A 239 -41.81 -13.30 24.57
N PHE A 240 -42.65 -12.36 25.02
CA PHE A 240 -42.57 -11.90 26.39
C PHE A 240 -43.11 -12.92 27.38
N GLY A 241 -43.88 -13.90 26.92
CA GLY A 241 -44.26 -15.00 27.80
C GLY A 241 -43.09 -15.84 28.26
N LEU A 242 -41.91 -15.68 27.65
CA LEU A 242 -40.74 -16.50 28.00
C LEU A 242 -40.31 -16.28 29.43
N ALA A 243 -40.66 -15.16 30.05
CA ALA A 243 -40.24 -14.86 31.41
C ALA A 243 -41.39 -15.19 32.35
N ARG A 244 -41.24 -16.29 33.08
CA ARG A 244 -42.30 -16.85 33.93
C ARG A 244 -41.83 -18.16 34.55
N MET B 22 -44.57 -15.39 10.35
CA MET B 22 -45.49 -16.52 10.30
C MET B 22 -44.79 -17.84 10.63
N LEU B 23 -43.56 -17.98 10.16
CA LEU B 23 -42.83 -19.23 10.32
C LEU B 23 -42.42 -19.43 11.79
N ILE B 24 -42.13 -20.69 12.13
CA ILE B 24 -41.74 -21.04 13.48
C ILE B 24 -40.29 -20.63 13.73
N SER B 25 -40.01 -20.21 14.95
CA SER B 25 -38.67 -19.86 15.38
C SER B 25 -38.16 -20.89 16.39
N GLN B 26 -36.86 -21.14 16.37
CA GLN B 26 -36.27 -22.01 17.38
C GLN B 26 -36.45 -21.40 18.76
N ARG B 27 -36.98 -22.19 19.69
CA ARG B 27 -37.48 -21.65 20.94
C ARG B 27 -36.35 -21.05 21.78
N PRO B 28 -36.47 -19.79 22.21
CA PRO B 28 -35.52 -19.25 23.18
C PRO B 28 -35.81 -19.78 24.58
N THR B 29 -34.78 -19.73 25.42
CA THR B 29 -34.86 -20.20 26.79
C THR B 29 -34.48 -19.08 27.75
N LEU B 30 -35.03 -19.17 28.96
CA LEU B 30 -34.74 -18.27 30.06
C LEU B 30 -33.94 -19.03 31.12
N SER B 31 -32.72 -18.58 31.38
CA SER B 31 -31.85 -19.18 32.37
C SER B 31 -31.55 -18.18 33.48
N GLU B 32 -31.33 -18.69 34.68
CA GLU B 32 -31.08 -17.86 35.85
C GLU B 32 -29.73 -18.21 36.45
N ASP B 33 -28.88 -17.21 36.60
CA ASP B 33 -27.60 -17.30 37.31
C ASP B 33 -27.74 -16.41 38.54
N VAL B 34 -27.73 -17.04 39.71
CA VAL B 34 -27.94 -16.32 40.97
C VAL B 34 -26.60 -15.81 41.47
N LEU B 35 -26.54 -14.50 41.76
CA LEU B 35 -25.35 -13.87 42.30
C LEU B 35 -25.43 -13.71 43.82
N THR B 36 -26.39 -12.91 44.28
CA THR B 36 -26.78 -12.86 45.68
C THR B 36 -28.25 -13.25 45.79
N ASP B 37 -28.79 -13.20 47.02
CA ASP B 37 -30.19 -13.58 47.21
C ASP B 37 -31.13 -12.59 46.54
N ASN B 38 -30.77 -11.30 46.53
CA ASN B 38 -31.54 -10.26 45.90
C ASN B 38 -31.05 -9.88 44.51
N ARG B 39 -30.00 -10.53 44.00
CA ARG B 39 -29.35 -10.14 42.76
C ARG B 39 -29.23 -11.36 41.85
N SER B 40 -29.69 -11.21 40.61
CA SER B 40 -29.64 -12.32 39.67
C SER B 40 -29.44 -11.80 38.25
N GLN B 41 -28.84 -12.63 37.41
CA GLN B 41 -28.73 -12.40 35.98
C GLN B 41 -29.57 -13.43 35.25
N PHE B 42 -30.44 -12.97 34.35
CA PHE B 42 -31.26 -13.83 33.52
C PHE B 42 -30.76 -13.74 32.08
N VAL B 43 -30.77 -14.87 31.39
CA VAL B 43 -30.30 -14.95 30.01
C VAL B 43 -31.42 -15.54 29.16
N ILE B 44 -31.90 -14.75 28.20
CA ILE B 44 -32.87 -15.23 27.22
C ILE B 44 -32.12 -15.45 25.92
N GLU B 45 -31.91 -16.71 25.55
CA GLU B 45 -31.22 -17.05 24.30
C GLU B 45 -31.68 -18.39 23.73
N PRO B 46 -31.54 -18.58 22.40
CA PRO B 46 -31.22 -17.59 21.38
C PRO B 46 -32.44 -16.78 20.92
N LEU B 47 -32.24 -15.50 20.62
CA LEU B 47 -33.28 -14.67 20.04
C LEU B 47 -32.96 -14.37 18.59
N GLU B 48 -33.99 -14.28 17.76
CA GLU B 48 -33.79 -13.91 16.37
C GLU B 48 -33.13 -12.54 16.29
N PRO B 49 -32.35 -12.28 15.24
CA PRO B 49 -31.54 -11.05 15.21
C PRO B 49 -32.37 -9.79 15.41
N GLY B 50 -31.92 -8.96 16.34
CA GLY B 50 -32.56 -7.70 16.66
C GLY B 50 -33.52 -7.75 17.82
N PHE B 51 -34.01 -8.94 18.20
CA PHE B 51 -35.06 -9.03 19.20
C PHE B 51 -34.54 -8.85 20.63
N GLY B 52 -33.23 -8.98 20.85
CA GLY B 52 -32.69 -8.63 22.14
C GLY B 52 -32.98 -7.19 22.53
N TYR B 53 -32.95 -6.29 21.53
CA TYR B 53 -33.30 -4.90 21.77
C TYR B 53 -34.80 -4.67 21.76
N THR B 54 -35.58 -5.58 21.16
CA THR B 54 -37.03 -5.53 21.32
C THR B 54 -37.41 -5.75 22.77
N LEU B 55 -36.89 -6.84 23.36
CA LEU B 55 -37.28 -7.19 24.71
C LEU B 55 -36.54 -6.39 25.77
N GLY B 56 -35.32 -5.92 25.48
CA GLY B 56 -34.45 -5.39 26.51
C GLY B 56 -34.92 -4.16 27.25
N ASN B 57 -35.15 -3.06 26.53
CA ASN B 57 -35.51 -1.82 27.21
C ASN B 57 -36.92 -1.89 27.79
N SER B 58 -37.83 -2.59 27.12
CA SER B 58 -39.18 -2.75 27.66
C SER B 58 -39.18 -3.61 28.92
N LEU B 59 -38.35 -4.65 28.96
CA LEU B 59 -38.24 -5.46 30.17
C LEU B 59 -37.58 -4.69 31.29
N ARG B 60 -36.59 -3.85 30.98
CA ARG B 60 -35.96 -3.06 32.03
C ARG B 60 -36.92 -2.03 32.60
N ARG B 61 -37.56 -1.24 31.74
CA ARG B 61 -38.51 -0.23 32.22
C ARG B 61 -39.70 -0.87 32.91
N THR B 62 -40.12 -2.05 32.45
CA THR B 62 -41.21 -2.75 33.13
C THR B 62 -40.78 -3.21 34.52
N LEU B 63 -39.63 -3.88 34.62
CA LEU B 63 -39.11 -4.30 35.92
C LEU B 63 -39.02 -3.12 36.88
N LEU B 64 -38.54 -1.98 36.40
CA LEU B 64 -38.36 -0.83 37.30
C LEU B 64 -39.69 -0.19 37.68
N SER B 65 -40.50 0.21 36.69
CA SER B 65 -41.66 1.05 36.95
C SER B 65 -43.00 0.31 37.09
N SER B 66 -43.09 -0.96 36.72
CA SER B 66 -44.39 -1.62 36.64
C SER B 66 -44.73 -2.52 37.83
N ILE B 67 -43.85 -2.67 38.82
CA ILE B 67 -44.07 -3.60 39.91
C ILE B 67 -44.53 -2.80 41.14
N PRO B 68 -45.73 -3.04 41.65
CA PRO B 68 -46.21 -2.28 42.81
C PRO B 68 -45.48 -2.67 44.10
N GLY B 69 -45.11 -1.66 44.88
CA GLY B 69 -44.45 -1.84 46.15
C GLY B 69 -44.77 -0.68 47.08
N ALA B 70 -44.28 -0.78 48.31
CA ALA B 70 -44.57 0.20 49.34
C ALA B 70 -43.30 0.89 49.79
N ALA B 71 -43.44 2.14 50.25
CA ALA B 71 -42.30 2.93 50.70
C ALA B 71 -42.81 4.09 51.53
N VAL B 72 -41.88 4.92 52.00
CA VAL B 72 -42.18 6.05 52.87
C VAL B 72 -42.51 7.27 52.02
N THR B 73 -43.73 7.78 52.17
CA THR B 73 -44.14 8.98 51.45
C THR B 73 -43.63 10.25 52.12
N SER B 74 -43.74 10.33 53.44
CA SER B 74 -43.33 11.53 54.17
C SER B 74 -43.03 11.15 55.61
N ILE B 75 -42.28 12.03 56.29
CA ILE B 75 -41.97 11.84 57.70
C ILE B 75 -42.18 13.16 58.43
N ARG B 76 -42.30 13.07 59.75
CA ARG B 76 -42.37 14.25 60.61
C ARG B 76 -41.49 14.01 61.83
N ILE B 77 -40.47 14.86 62.01
CA ILE B 77 -39.52 14.72 63.10
C ILE B 77 -39.92 15.67 64.22
N ASP B 78 -40.07 15.14 65.42
CA ASP B 78 -40.42 15.96 66.58
C ASP B 78 -39.23 16.81 67.00
N GLY B 79 -39.51 18.06 67.38
CA GLY B 79 -38.51 18.99 67.82
C GLY B 79 -38.00 19.93 66.73
N VAL B 80 -38.24 19.60 65.46
CA VAL B 80 -37.78 20.42 64.35
C VAL B 80 -38.91 20.54 63.33
N LEU B 81 -39.34 21.76 63.06
CA LEU B 81 -40.34 22.01 62.02
C LEU B 81 -39.87 23.09 61.05
N HIS B 82 -39.64 24.31 61.55
CA HIS B 82 -39.20 25.40 60.69
C HIS B 82 -37.73 25.31 60.30
N GLU B 83 -36.91 24.56 61.05
CA GLU B 83 -35.47 24.59 60.84
C GLU B 83 -35.03 23.63 59.74
N PHE B 84 -35.09 22.32 60.02
CA PHE B 84 -34.80 21.21 59.11
C PHE B 84 -33.31 20.99 58.89
N THR B 85 -32.43 21.79 59.49
CA THR B 85 -30.99 21.54 59.37
C THR B 85 -30.53 20.45 60.33
N THR B 86 -30.60 20.71 61.64
CA THR B 86 -30.08 19.80 62.65
C THR B 86 -31.21 19.31 63.55
N VAL B 87 -31.11 18.07 63.99
CA VAL B 87 -32.03 17.47 64.95
C VAL B 87 -31.28 17.36 66.28
N PRO B 88 -31.75 17.99 67.35
CA PRO B 88 -31.05 17.91 68.64
C PRO B 88 -31.18 16.53 69.26
N GLY B 89 -30.09 16.08 69.88
CA GLY B 89 -30.06 14.79 70.55
C GLY B 89 -29.67 13.62 69.67
N VAL B 90 -29.36 13.86 68.40
CA VAL B 90 -28.99 12.80 67.46
C VAL B 90 -27.74 13.23 66.70
N LYS B 91 -26.85 12.27 66.43
CA LYS B 91 -25.62 12.57 65.71
C LYS B 91 -25.91 12.90 64.24
N GLU B 92 -26.71 12.07 63.58
CA GLU B 92 -27.05 12.30 62.18
C GLU B 92 -27.88 13.58 62.02
N ASP B 93 -27.70 14.25 60.89
CA ASP B 93 -28.49 15.43 60.58
C ASP B 93 -29.82 15.00 59.98
N VAL B 94 -30.60 15.95 59.48
CA VAL B 94 -31.95 15.63 58.99
C VAL B 94 -31.86 14.83 57.69
N THR B 95 -31.10 15.33 56.72
CA THR B 95 -31.04 14.67 55.42
C THR B 95 -30.40 13.29 55.51
N GLU B 96 -29.46 13.10 56.43
CA GLU B 96 -28.89 11.76 56.61
C GLU B 96 -29.91 10.80 57.20
N ILE B 97 -30.89 11.32 57.96
CA ILE B 97 -32.00 10.48 58.40
C ILE B 97 -32.92 10.18 57.22
N ILE B 98 -33.14 11.17 56.35
CA ILE B 98 -33.97 10.96 55.16
C ILE B 98 -33.37 9.88 54.27
N LEU B 99 -32.04 9.85 54.16
CA LEU B 99 -31.39 8.90 53.26
C LEU B 99 -31.64 7.47 53.68
N ASN B 100 -31.25 7.12 54.91
CA ASN B 100 -31.43 5.74 55.36
C ASN B 100 -32.89 5.42 55.71
N LEU B 101 -33.76 6.43 55.80
CA LEU B 101 -35.19 6.13 55.86
C LEU B 101 -35.76 5.84 54.48
N LYS B 102 -35.16 6.39 53.42
CA LYS B 102 -35.54 6.00 52.07
C LYS B 102 -35.11 4.56 51.77
N SER B 103 -34.07 4.08 52.45
CA SER B 103 -33.61 2.71 52.31
C SER B 103 -34.49 1.71 53.04
N LEU B 104 -35.48 2.18 53.81
CA LEU B 104 -36.35 1.29 54.55
C LEU B 104 -37.16 0.42 53.60
N VAL B 105 -37.10 -0.89 53.81
CA VAL B 105 -37.81 -1.86 52.99
C VAL B 105 -39.09 -2.24 53.73
N VAL B 106 -40.23 -1.85 53.16
CA VAL B 106 -41.52 -2.02 53.81
C VAL B 106 -42.53 -2.49 52.76
N SER B 107 -43.52 -3.26 53.21
CA SER B 107 -44.61 -3.70 52.36
C SER B 107 -45.94 -3.51 53.08
N SER B 108 -46.98 -3.17 52.32
CA SER B 108 -48.31 -2.92 52.85
C SER B 108 -49.33 -3.75 52.08
N GLU B 109 -50.53 -3.87 52.64
CA GLU B 109 -51.57 -4.68 52.03
C GLU B 109 -52.59 -3.81 51.29
N GLU B 110 -53.46 -3.13 52.03
CA GLU B 110 -54.39 -2.21 51.41
C GLU B 110 -53.68 -0.92 51.04
N ASP B 111 -54.19 -0.22 50.03
CA ASP B 111 -53.55 1.01 49.56
C ASP B 111 -54.34 2.18 50.16
N GLU B 112 -53.82 2.71 51.26
CA GLU B 112 -54.16 3.99 51.85
C GLU B 112 -52.91 4.45 52.59
N PRO B 113 -52.70 5.75 52.73
CA PRO B 113 -51.58 6.20 53.56
C PRO B 113 -51.72 5.66 54.98
N VAL B 114 -50.67 5.00 55.46
CA VAL B 114 -50.67 4.33 56.75
C VAL B 114 -49.51 4.87 57.57
N THR B 115 -49.82 5.51 58.69
CA THR B 115 -48.81 6.15 59.51
C THR B 115 -48.21 5.16 60.50
N MET B 116 -46.90 5.30 60.73
CA MET B 116 -46.15 4.53 61.70
C MET B 116 -45.37 5.51 62.57
N TYR B 117 -44.88 5.02 63.70
CA TYR B 117 -44.20 5.85 64.67
C TYR B 117 -42.92 5.18 65.14
N LEU B 118 -41.85 5.97 65.22
CA LEU B 118 -40.55 5.52 65.71
C LEU B 118 -40.14 6.40 66.88
N ARG B 119 -39.96 5.77 68.04
CA ARG B 119 -39.57 6.48 69.25
C ARG B 119 -38.54 5.65 70.01
N LYS B 120 -37.51 6.33 70.51
CA LYS B 120 -36.53 5.68 71.38
C LYS B 120 -35.93 6.71 72.31
N GLN B 121 -35.57 6.25 73.51
CA GLN B 121 -35.02 7.11 74.56
C GLN B 121 -33.57 6.75 74.86
N GLY B 122 -33.33 5.59 75.45
CA GLY B 122 -32.02 5.23 75.96
C GLY B 122 -30.91 5.37 74.95
N PRO B 123 -29.72 5.77 75.40
CA PRO B 123 -28.58 5.89 74.49
C PRO B 123 -28.23 4.56 73.85
N GLY B 124 -27.83 4.63 72.60
CA GLY B 124 -27.58 3.44 71.81
C GLY B 124 -27.77 3.77 70.34
N GLU B 125 -28.09 2.74 69.55
CA GLU B 125 -28.43 2.93 68.15
C GLU B 125 -29.84 2.42 67.88
N VAL B 126 -30.55 3.13 67.00
CA VAL B 126 -31.91 2.80 66.60
C VAL B 126 -31.85 2.00 65.32
N THR B 127 -32.75 1.03 65.20
CA THR B 127 -32.87 0.21 64.00
C THR B 127 -34.31 0.25 63.51
N ALA B 128 -34.57 -0.43 62.39
CA ALA B 128 -35.92 -0.49 61.85
C ALA B 128 -36.84 -1.38 62.70
N GLY B 129 -36.27 -2.24 63.54
CA GLY B 129 -37.09 -3.04 64.43
C GLY B 129 -37.74 -2.21 65.52
N ASP B 130 -37.11 -1.12 65.93
CA ASP B 130 -37.69 -0.23 66.93
C ASP B 130 -38.91 0.52 66.42
N ILE B 131 -39.15 0.52 65.10
CA ILE B 131 -40.40 1.03 64.56
C ILE B 131 -41.50 0.04 64.86
N VAL B 132 -42.68 0.55 65.22
CA VAL B 132 -43.83 -0.28 65.57
C VAL B 132 -44.68 -0.46 64.31
N PRO B 133 -44.65 -1.62 63.67
CA PRO B 133 -45.50 -1.83 62.49
C PRO B 133 -46.96 -1.93 62.89
N PRO B 134 -47.84 -1.19 62.23
CA PRO B 134 -49.28 -1.45 62.36
C PRO B 134 -49.64 -2.76 61.66
N ALA B 135 -50.82 -3.26 61.99
CA ALA B 135 -51.30 -4.48 61.36
C ALA B 135 -51.45 -4.27 59.87
N GLY B 136 -50.83 -5.16 59.09
CA GLY B 136 -50.90 -5.10 57.64
C GLY B 136 -49.69 -4.52 56.95
N VAL B 137 -48.61 -4.24 57.68
CA VAL B 137 -47.36 -3.77 57.08
C VAL B 137 -46.23 -4.64 57.60
N THR B 138 -45.11 -4.63 56.86
CA THR B 138 -43.97 -5.46 57.17
C THR B 138 -42.69 -4.69 56.92
N VAL B 139 -41.76 -4.75 57.87
CA VAL B 139 -40.42 -4.20 57.73
C VAL B 139 -39.48 -5.36 57.46
N HIS B 140 -38.94 -5.43 56.24
CA HIS B 140 -38.15 -6.57 55.82
C HIS B 140 -36.68 -6.47 56.19
N ASN B 141 -36.20 -5.29 56.61
CA ASN B 141 -34.82 -5.08 57.02
C ASN B 141 -34.79 -4.49 58.43
N PRO B 142 -35.14 -5.29 59.44
CA PRO B 142 -35.16 -4.76 60.81
C PRO B 142 -33.79 -4.38 61.34
N GLY B 143 -32.73 -4.96 60.81
CA GLY B 143 -31.38 -4.64 61.25
C GLY B 143 -30.80 -3.38 60.66
N MET B 144 -31.54 -2.66 59.82
CA MET B 144 -31.01 -1.48 59.16
C MET B 144 -30.83 -0.34 60.16
N HIS B 145 -29.63 0.22 60.22
CA HIS B 145 -29.37 1.36 61.08
C HIS B 145 -30.20 2.56 60.65
N ILE B 146 -30.60 3.37 61.63
CA ILE B 146 -31.41 4.56 61.36
C ILE B 146 -30.72 5.78 61.95
N ALA B 147 -30.56 5.82 63.27
CA ALA B 147 -29.95 6.96 63.94
C ALA B 147 -29.18 6.47 65.15
N THR B 148 -28.31 7.33 65.66
CA THR B 148 -27.57 7.06 66.89
C THR B 148 -28.03 8.03 67.98
N LEU B 149 -28.60 7.47 69.04
CA LEU B 149 -29.06 8.26 70.18
C LEU B 149 -27.94 8.38 71.22
N ASN B 150 -27.63 9.62 71.58
CA ASN B 150 -26.62 9.91 72.59
C ASN B 150 -27.25 9.78 73.98
N ASP B 151 -26.51 10.19 75.01
CA ASP B 151 -27.06 10.23 76.35
C ASP B 151 -28.18 11.26 76.43
N LYS B 152 -29.31 10.87 77.01
CA LYS B 152 -30.52 11.66 77.18
C LYS B 152 -31.24 11.96 75.87
N GLY B 153 -30.68 11.56 74.72
CA GLY B 153 -31.30 11.89 73.45
C GLY B 153 -32.64 11.19 73.28
N LYS B 154 -33.58 11.90 72.66
CA LYS B 154 -34.93 11.41 72.42
C LYS B 154 -35.22 11.44 70.93
N LEU B 155 -35.79 10.37 70.40
CA LEU B 155 -36.08 10.25 68.98
C LEU B 155 -37.55 9.94 68.76
N GLU B 156 -38.27 10.86 68.13
CA GLU B 156 -39.68 10.68 67.81
C GLU B 156 -39.90 11.14 66.38
N VAL B 157 -40.38 10.24 65.52
CA VAL B 157 -40.61 10.56 64.11
C VAL B 157 -41.77 9.73 63.60
N GLU B 158 -42.56 10.32 62.71
CA GLU B 158 -43.71 9.68 62.09
C GLU B 158 -43.40 9.36 60.63
N LEU B 159 -43.71 8.14 60.21
CA LEU B 159 -43.39 7.66 58.87
C LEU B 159 -44.67 7.21 58.16
N VAL B 160 -45.06 7.93 57.12
CA VAL B 160 -46.22 7.56 56.31
C VAL B 160 -45.78 6.57 55.24
N VAL B 161 -46.60 5.55 55.00
CA VAL B 161 -46.29 4.48 54.05
C VAL B 161 -47.48 4.30 53.12
N GLU B 162 -47.22 4.31 51.81
CA GLU B 162 -48.23 4.06 50.79
C GLU B 162 -47.69 3.04 49.80
N ARG B 163 -48.58 2.53 48.95
CA ARG B 163 -48.21 1.61 47.89
C ARG B 163 -48.25 2.33 46.55
N GLY B 164 -47.26 2.04 45.70
CA GLY B 164 -47.15 2.68 44.41
C GLY B 164 -46.19 1.93 43.52
N ARG B 165 -45.80 2.58 42.42
CA ARG B 165 -44.92 1.98 41.44
C ARG B 165 -43.78 2.92 41.10
N GLY B 166 -42.61 2.34 40.83
CA GLY B 166 -41.50 3.13 40.32
C GLY B 166 -40.89 4.04 41.38
N TYR B 167 -40.45 5.21 40.94
CA TYR B 167 -39.79 6.18 41.80
C TYR B 167 -40.48 7.52 41.59
N VAL B 168 -41.15 8.03 42.62
CA VAL B 168 -41.88 9.29 42.56
C VAL B 168 -41.12 10.31 43.42
N PRO B 169 -40.70 11.45 42.86
CA PRO B 169 -40.03 12.46 43.67
C PRO B 169 -40.97 13.05 44.71
N ALA B 170 -40.36 13.72 45.69
CA ALA B 170 -41.11 14.31 46.79
C ALA B 170 -42.16 15.29 46.28
N VAL B 171 -43.40 15.12 46.73
CA VAL B 171 -44.50 15.98 46.32
C VAL B 171 -44.54 17.25 47.18
N SER B 176 -44.81 21.70 50.47
CA SER B 176 -46.20 21.26 50.46
C SER B 176 -47.06 22.12 51.38
N GLY B 177 -46.41 22.86 52.27
CA GLY B 177 -47.15 23.72 53.18
C GLY B 177 -47.98 22.90 54.15
N ALA B 178 -49.27 23.21 54.22
CA ALA B 178 -50.25 22.51 55.06
C ALA B 178 -49.78 22.60 56.51
N GLU B 179 -49.56 21.49 57.21
CA GLU B 179 -49.14 21.51 58.60
C GLU B 179 -47.62 21.35 58.68
N ILE B 180 -47.00 22.17 59.53
CA ILE B 180 -45.55 22.20 59.62
C ILE B 180 -45.03 20.92 60.28
N GLY B 181 -43.76 20.61 60.03
CA GLY B 181 -43.09 19.46 60.59
C GLY B 181 -43.09 18.23 59.69
N ARG B 182 -43.99 18.17 58.72
CA ARG B 182 -44.10 17.03 57.81
C ARG B 182 -43.36 17.34 56.51
N ILE B 183 -42.35 16.54 56.20
CA ILE B 183 -41.52 16.73 55.02
C ILE B 183 -41.82 15.60 54.04
N PRO B 184 -42.27 15.90 52.81
CA PRO B 184 -42.34 14.86 51.79
C PRO B 184 -40.94 14.44 51.36
N VAL B 185 -40.78 13.14 51.09
CA VAL B 185 -39.49 12.58 50.73
C VAL B 185 -39.62 11.82 49.42
N ASP B 186 -38.47 11.59 48.78
CA ASP B 186 -38.43 10.79 47.57
C ASP B 186 -38.83 9.36 47.91
N SER B 187 -39.84 8.84 47.20
CA SER B 187 -40.46 7.56 47.52
C SER B 187 -40.00 6.53 46.49
N ILE B 188 -39.22 5.54 46.93
CA ILE B 188 -38.83 4.45 46.06
C ILE B 188 -39.85 3.34 46.26
N TYR B 189 -40.79 3.24 45.33
CA TYR B 189 -41.84 2.22 45.43
C TYR B 189 -41.34 0.88 44.89
N SER B 190 -40.51 0.92 43.86
CA SER B 190 -40.14 -0.28 43.14
C SER B 190 -39.38 -1.25 44.04
N PRO B 191 -39.81 -2.51 44.12
CA PRO B 191 -39.01 -3.50 44.87
C PRO B 191 -37.68 -3.82 44.22
N VAL B 192 -37.48 -3.51 42.94
CA VAL B 192 -36.21 -3.76 42.29
C VAL B 192 -35.33 -2.50 42.42
N LEU B 193 -34.09 -2.70 42.85
CA LEU B 193 -33.18 -1.58 43.06
C LEU B 193 -32.54 -1.10 41.76
N LYS B 194 -32.00 -2.03 40.96
CA LYS B 194 -31.21 -1.65 39.80
C LYS B 194 -31.37 -2.69 38.71
N VAL B 195 -31.48 -2.24 37.47
CA VAL B 195 -31.59 -3.14 36.31
C VAL B 195 -30.69 -2.61 35.21
N THR B 196 -29.91 -3.50 34.60
CA THR B 196 -29.13 -3.16 33.42
C THR B 196 -29.17 -4.35 32.46
N TYR B 197 -29.15 -4.07 31.16
CA TYR B 197 -29.25 -5.14 30.18
C TYR B 197 -28.16 -4.98 29.12
N LYS B 198 -27.85 -6.11 28.47
CA LYS B 198 -26.88 -6.13 27.39
C LYS B 198 -27.29 -7.20 26.39
N VAL B 199 -26.95 -6.97 25.12
CA VAL B 199 -27.25 -7.89 24.03
C VAL B 199 -25.93 -8.37 23.45
N ASP B 200 -25.71 -9.68 23.49
CA ASP B 200 -24.49 -10.28 22.99
C ASP B 200 -24.80 -11.20 21.83
N ALA B 201 -23.79 -11.43 20.99
CA ALA B 201 -23.93 -12.30 19.84
C ALA B 201 -23.93 -13.76 20.26
N THR B 202 -24.85 -14.53 19.69
CA THR B 202 -24.87 -15.98 19.83
C THR B 202 -25.17 -16.59 18.47
N ARG B 203 -24.70 -17.81 18.27
CA ARG B 203 -24.71 -18.46 16.96
C ARG B 203 -25.74 -19.57 16.92
N VAL B 204 -26.63 -19.52 15.94
CA VAL B 204 -27.55 -20.61 15.64
C VAL B 204 -27.35 -21.01 14.18
N GLU B 205 -26.77 -22.20 13.97
CA GLU B 205 -26.70 -22.85 12.66
C GLU B 205 -26.29 -21.92 11.53
N GLN B 206 -25.00 -21.55 11.47
CA GLN B 206 -24.37 -20.77 10.41
C GLN B 206 -24.60 -19.27 10.58
N ARG B 207 -25.50 -18.85 11.46
CA ARG B 207 -25.76 -17.43 11.72
C ARG B 207 -25.20 -17.08 13.09
N THR B 208 -24.14 -16.27 13.11
CA THR B 208 -23.48 -15.85 14.33
C THR B 208 -24.05 -14.56 14.91
N ASP B 209 -25.01 -13.94 14.22
CA ASP B 209 -25.56 -12.65 14.61
C ASP B 209 -26.83 -12.76 15.46
N PHE B 210 -27.19 -13.97 15.90
CA PHE B 210 -28.38 -14.11 16.74
C PHE B 210 -28.19 -13.35 18.06
N ASP B 211 -29.31 -12.98 18.67
CA ASP B 211 -29.31 -12.11 19.83
C ASP B 211 -29.41 -12.93 21.12
N LYS B 212 -28.63 -12.52 22.11
CA LYS B 212 -28.60 -13.14 23.43
C LYS B 212 -28.82 -12.04 24.45
N LEU B 213 -29.94 -12.11 25.17
CA LEU B 213 -30.33 -11.04 26.08
C LEU B 213 -29.86 -11.37 27.49
N ILE B 214 -29.18 -10.43 28.13
CA ILE B 214 -28.67 -10.59 29.49
C ILE B 214 -29.25 -9.45 30.33
N LEU B 215 -29.99 -9.82 31.38
CA LEU B 215 -30.55 -8.88 32.33
C LEU B 215 -29.88 -9.07 33.68
N ASP B 216 -29.37 -7.98 34.24
CA ASP B 216 -28.78 -7.96 35.59
C ASP B 216 -29.73 -7.14 36.47
N VAL B 217 -30.35 -7.81 37.44
CA VAL B 217 -31.38 -7.19 38.27
C VAL B 217 -31.01 -7.39 39.75
N GLU B 218 -31.13 -6.32 40.52
CA GLU B 218 -30.90 -6.31 41.96
C GLU B 218 -32.12 -5.70 42.62
N THR B 219 -32.64 -6.39 43.64
CA THR B 219 -33.95 -6.08 44.21
C THR B 219 -33.83 -5.90 45.72
N LYS B 220 -34.91 -5.36 46.30
CA LYS B 220 -35.11 -5.45 47.75
C LYS B 220 -35.50 -6.88 48.13
N ASN B 221 -35.28 -7.22 49.39
CA ASN B 221 -35.65 -8.55 49.88
C ASN B 221 -37.16 -8.78 49.91
N SER B 222 -37.97 -7.74 49.63
CA SER B 222 -39.41 -7.91 49.56
C SER B 222 -39.80 -9.04 48.63
N ILE B 223 -39.24 -9.07 47.42
CA ILE B 223 -39.47 -10.13 46.45
C ILE B 223 -38.14 -10.53 45.84
N SER B 224 -38.14 -11.71 45.24
CA SER B 224 -36.96 -12.20 44.54
C SER B 224 -36.91 -11.66 43.13
N PRO B 225 -35.72 -11.57 42.53
CA PRO B 225 -35.65 -11.18 41.12
C PRO B 225 -36.46 -12.08 40.21
N ARG B 226 -36.59 -13.36 40.57
CA ARG B 226 -37.41 -14.29 39.80
C ARG B 226 -38.86 -13.80 39.70
N ASP B 227 -39.50 -13.56 40.85
CA ASP B 227 -40.89 -13.13 40.85
C ASP B 227 -41.05 -11.75 40.22
N ALA B 228 -40.00 -10.92 40.28
CA ALA B 228 -40.04 -9.62 39.60
C ALA B 228 -40.07 -9.80 38.09
N LEU B 229 -39.19 -10.66 37.56
CA LEU B 229 -39.19 -10.91 36.13
C LEU B 229 -40.49 -11.58 35.68
N ALA B 230 -41.06 -12.44 36.52
CA ALA B 230 -42.32 -13.07 36.19
C ALA B 230 -43.46 -12.05 36.16
N SER B 231 -43.50 -11.16 37.15
CA SER B 231 -44.52 -10.12 37.16
C SER B 231 -44.37 -9.19 35.96
N ALA B 232 -43.14 -8.85 35.59
CA ALA B 232 -42.92 -8.05 34.39
C ALA B 232 -43.41 -8.79 33.15
N GLY B 233 -43.15 -10.10 33.08
CA GLY B 233 -43.67 -10.89 31.97
C GLY B 233 -45.18 -10.83 31.87
N LYS B 234 -45.86 -11.03 33.01
CA LYS B 234 -47.32 -10.95 33.01
C LYS B 234 -47.80 -9.57 32.58
N THR B 235 -47.18 -8.51 33.11
CA THR B 235 -47.57 -7.16 32.75
C THR B 235 -47.45 -6.92 31.25
N LEU B 236 -46.31 -7.29 30.67
CA LEU B 236 -46.09 -7.02 29.25
C LEU B 236 -46.99 -7.90 28.38
N VAL B 237 -47.22 -9.14 28.79
CA VAL B 237 -48.17 -9.99 28.06
C VAL B 237 -49.55 -9.36 28.06
N GLU B 238 -49.96 -8.78 29.20
CA GLU B 238 -51.24 -8.08 29.24
C GLU B 238 -51.22 -6.86 28.33
N LEU B 239 -50.11 -6.11 28.33
CA LEU B 239 -50.04 -4.89 27.52
C LEU B 239 -50.14 -5.20 26.03
N PHE B 240 -49.25 -6.06 25.53
CA PHE B 240 -49.30 -6.41 24.11
C PHE B 240 -50.53 -7.23 23.77
N GLY B 241 -51.19 -7.79 24.77
CA GLY B 241 -52.49 -8.40 24.53
C GLY B 241 -53.51 -7.43 23.97
N LEU B 242 -53.35 -6.13 24.27
CA LEU B 242 -54.25 -5.13 23.70
C LEU B 242 -54.13 -5.09 22.18
N ALA B 243 -52.92 -5.20 21.66
CA ALA B 243 -52.75 -5.28 20.21
C ALA B 243 -53.14 -6.66 19.71
N ARG B 244 -52.86 -7.70 20.50
CA ARG B 244 -53.28 -9.05 20.15
C ARG B 244 -54.80 -9.15 19.97
N GLU B 245 -55.56 -8.28 20.65
CA GLU B 245 -57.02 -8.36 20.62
C GLU B 245 -57.64 -7.70 19.41
N LEU B 246 -56.89 -6.90 18.64
CA LEU B 246 -57.47 -6.21 17.49
C LEU B 246 -57.92 -7.19 16.42
N ASN B 247 -57.29 -8.36 16.35
CA ASN B 247 -57.59 -9.39 15.37
C ASN B 247 -56.90 -10.66 15.85
N VAL B 248 -57.13 -11.76 15.15
CA VAL B 248 -56.33 -12.97 15.32
C VAL B 248 -55.76 -13.32 13.96
N GLU B 249 -54.45 -13.14 13.80
CA GLU B 249 -53.74 -13.34 12.55
C GLU B 249 -52.38 -13.95 12.88
N ALA B 250 -51.80 -14.64 11.88
CA ALA B 250 -50.54 -15.34 12.10
C ALA B 250 -49.46 -14.40 12.61
N GLU B 251 -48.66 -14.91 13.55
CA GLU B 251 -47.51 -14.19 14.08
C GLU B 251 -46.44 -15.22 14.40
N GLY B 252 -45.22 -14.73 14.68
CA GLY B 252 -44.17 -15.61 15.14
C GLY B 252 -44.57 -16.37 16.38
N ILE B 253 -44.50 -17.70 16.33
CA ILE B 253 -44.90 -18.57 17.43
C ILE B 253 -43.71 -19.45 17.79
N GLU B 254 -43.15 -19.24 18.98
CA GLU B 254 -41.94 -19.94 19.41
C GLU B 254 -42.17 -21.12 20.37
N ILE B 255 -43.42 -21.36 20.82
CA ILE B 255 -43.64 -22.33 21.89
C ILE B 255 -43.33 -23.74 21.39
N GLY B 256 -42.64 -24.50 22.23
CA GLY B 256 -42.30 -25.89 21.92
C GLY B 256 -41.02 -26.04 21.13
N ARG C 19 -35.62 28.47 -21.80
CA ARG C 19 -35.31 28.27 -20.38
C ARG C 19 -34.52 29.44 -19.81
N PRO C 20 -34.69 29.70 -18.52
CA PRO C 20 -34.03 30.85 -17.89
C PRO C 20 -32.51 30.68 -17.85
N GLN C 21 -31.83 31.80 -17.61
CA GLN C 21 -30.37 31.79 -17.48
C GLN C 21 -29.91 30.99 -16.27
N SER C 22 -30.77 30.82 -15.26
CA SER C 22 -30.39 30.11 -14.05
C SER C 22 -30.21 28.62 -14.33
N SER C 23 -31.04 28.04 -15.18
CA SER C 23 -30.89 26.64 -15.54
C SER C 23 -29.57 26.41 -16.25
N SER C 24 -28.77 25.48 -15.73
CA SER C 24 -27.50 25.16 -16.37
C SER C 24 -27.72 24.29 -17.60
N ASN C 25 -26.75 24.35 -18.51
CA ASN C 25 -26.74 23.52 -19.72
C ASN C 25 -27.93 23.84 -20.63
N ASN C 26 -28.19 25.13 -20.83
CA ASN C 26 -29.24 25.56 -21.75
C ASN C 26 -28.92 25.21 -23.19
N SER C 27 -27.66 24.91 -23.50
CA SER C 27 -27.26 24.63 -24.88
C SER C 27 -27.53 23.20 -25.30
N VAL C 28 -27.77 22.29 -24.37
CA VAL C 28 -27.91 20.86 -24.65
C VAL C 28 -29.40 20.54 -24.74
N PRO C 29 -29.86 19.92 -25.84
CA PRO C 29 -31.30 19.64 -25.98
C PRO C 29 -31.74 18.53 -25.03
N GLY C 30 -32.98 18.63 -24.56
CA GLY C 30 -33.52 17.65 -23.65
C GLY C 30 -32.82 17.56 -22.32
N ALA C 31 -31.93 18.49 -22.00
CA ALA C 31 -31.20 18.40 -20.75
C ALA C 31 -32.15 18.53 -19.57
N PRO C 32 -31.90 17.81 -18.46
CA PRO C 32 -32.72 18.00 -17.26
C PRO C 32 -32.59 19.42 -16.76
N ASN C 33 -33.62 19.88 -16.04
CA ASN C 33 -33.63 21.26 -15.58
C ASN C 33 -32.97 21.30 -14.21
N ARG C 34 -31.74 21.83 -14.16
CA ARG C 34 -30.95 21.91 -12.94
C ARG C 34 -30.65 23.38 -12.69
N VAL C 35 -31.26 23.94 -11.66
CA VAL C 35 -31.18 25.36 -11.39
C VAL C 35 -29.88 25.67 -10.67
N SER C 36 -29.20 26.72 -11.10
CA SER C 36 -27.86 27.04 -10.64
C SER C 36 -27.86 28.24 -9.70
N PHE C 37 -27.03 28.17 -8.66
CA PHE C 37 -26.79 29.28 -7.76
C PHE C 37 -25.77 30.28 -8.30
N ALA C 38 -25.22 30.04 -9.49
CA ALA C 38 -24.17 30.89 -10.03
C ALA C 38 -24.68 32.31 -10.22
N LYS C 39 -23.86 33.28 -9.80
CA LYS C 39 -24.18 34.69 -9.98
C LYS C 39 -23.48 35.32 -11.17
N LEU C 40 -22.63 34.58 -11.87
CA LEU C 40 -21.84 35.12 -12.97
C LEU C 40 -22.24 34.43 -14.28
N ARG C 41 -22.36 35.23 -15.34
CA ARG C 41 -22.69 34.70 -16.65
C ARG C 41 -21.48 33.98 -17.23
N GLU C 42 -21.73 32.86 -17.92
CA GLU C 42 -20.67 32.11 -18.58
C GLU C 42 -20.47 32.68 -19.98
N PRO C 43 -19.38 33.40 -20.26
CA PRO C 43 -19.18 33.93 -21.61
C PRO C 43 -18.88 32.86 -22.64
N LEU C 44 -18.13 31.82 -22.26
CA LEU C 44 -17.65 30.82 -23.20
C LEU C 44 -18.04 29.42 -22.71
N GLU C 45 -18.54 28.61 -23.63
CA GLU C 45 -18.90 27.24 -23.33
C GLU C 45 -17.67 26.34 -23.29
N VAL C 46 -17.80 25.23 -22.57
CA VAL C 46 -16.69 24.27 -22.45
C VAL C 46 -16.44 23.63 -23.81
N PRO C 47 -15.20 23.64 -24.33
CA PRO C 47 -14.94 22.99 -25.61
C PRO C 47 -15.15 21.49 -25.54
N GLY C 48 -14.98 20.80 -26.66
CA GLY C 48 -15.10 19.36 -26.64
C GLY C 48 -14.03 18.78 -25.75
N LEU C 49 -14.45 18.03 -24.73
CA LEU C 49 -13.50 17.53 -23.75
C LEU C 49 -12.60 16.43 -24.31
N LEU C 50 -12.92 15.90 -25.49
CA LEU C 50 -12.05 14.95 -26.17
C LEU C 50 -11.18 15.60 -27.24
N ASP C 51 -11.29 16.93 -27.43
CA ASP C 51 -10.56 17.59 -28.52
C ASP C 51 -9.06 17.39 -28.41
N VAL C 52 -8.53 17.24 -27.19
CA VAL C 52 -7.10 17.05 -27.01
C VAL C 52 -6.63 15.79 -27.73
N GLN C 53 -7.54 14.83 -27.93
CA GLN C 53 -7.26 13.63 -28.71
C GLN C 53 -7.64 13.81 -30.18
N THR C 54 -8.92 14.05 -30.45
CA THR C 54 -9.43 14.03 -31.81
C THR C 54 -8.78 15.09 -32.68
N ASP C 55 -8.52 16.28 -32.14
CA ASP C 55 -7.88 17.33 -32.94
C ASP C 55 -6.45 16.93 -33.31
N SER C 56 -5.73 16.31 -32.38
CA SER C 56 -4.37 15.88 -32.65
C SER C 56 -4.34 14.79 -33.72
N PHE C 57 -5.22 13.78 -33.59
CA PHE C 57 -5.22 12.71 -34.57
C PHE C 57 -5.70 13.18 -35.94
N GLU C 58 -6.69 14.06 -35.96
CA GLU C 58 -7.13 14.64 -37.23
C GLU C 58 -6.01 15.46 -37.86
N TRP C 59 -5.17 16.11 -37.04
CA TRP C 59 -3.98 16.74 -37.59
C TRP C 59 -3.05 15.71 -38.21
N LEU C 60 -2.83 14.58 -37.52
CA LEU C 60 -1.93 13.56 -38.06
C LEU C 60 -2.43 13.02 -39.39
N ILE C 61 -3.75 12.82 -39.51
CA ILE C 61 -4.31 12.26 -40.74
C ILE C 61 -4.40 13.31 -41.84
N GLY C 62 -4.54 14.58 -41.49
CA GLY C 62 -4.83 15.59 -42.48
C GLY C 62 -6.27 15.52 -42.91
N SER C 63 -7.17 15.40 -41.94
CA SER C 63 -8.60 15.28 -42.22
C SER C 63 -9.16 16.60 -42.72
N PRO C 64 -10.28 16.56 -43.45
CA PRO C 64 -10.91 17.81 -43.90
C PRO C 64 -11.28 18.73 -42.75
N ARG C 65 -11.70 18.18 -41.61
CA ARG C 65 -12.02 19.00 -40.45
C ARG C 65 -10.81 19.81 -40.00
N TRP C 66 -9.67 19.13 -39.83
CA TRP C 66 -8.44 19.83 -39.48
C TRP C 66 -8.02 20.80 -40.58
N ARG C 67 -8.34 20.49 -41.83
CA ARG C 67 -8.02 21.42 -42.92
C ARG C 67 -8.81 22.71 -42.78
N GLU C 68 -10.09 22.62 -42.42
CA GLU C 68 -10.90 23.81 -42.22
C GLU C 68 -10.42 24.60 -41.00
N SER C 69 -10.18 23.90 -39.88
CA SER C 69 -9.70 24.57 -38.68
C SER C 69 -8.36 25.27 -38.91
N ALA C 70 -7.49 24.64 -39.71
CA ALA C 70 -6.20 25.24 -40.02
C ALA C 70 -6.34 26.39 -41.01
N ALA C 71 -7.34 26.33 -41.89
CA ALA C 71 -7.61 27.47 -42.77
C ALA C 71 -8.04 28.68 -41.95
N GLU C 72 -9.06 28.51 -41.10
CA GLU C 72 -9.51 29.59 -40.24
C GLU C 72 -8.42 30.08 -39.29
N ARG C 73 -8.08 29.27 -38.28
CA ARG C 73 -7.25 29.73 -37.17
C ARG C 73 -5.77 29.36 -37.30
N GLY C 74 -5.38 28.60 -38.33
CA GLY C 74 -4.04 28.11 -38.46
C GLY C 74 -3.23 28.83 -39.52
N ASP C 75 -2.08 28.24 -39.84
CA ASP C 75 -1.18 28.81 -40.83
C ASP C 75 -1.78 28.72 -42.23
N VAL C 76 -1.36 29.63 -43.11
CA VAL C 76 -1.87 29.67 -44.46
C VAL C 76 -1.49 28.41 -45.23
N ASN C 77 -0.32 27.84 -44.94
CA ASN C 77 0.08 26.58 -45.55
C ASN C 77 -0.14 25.45 -44.55
N PRO C 78 -1.20 24.66 -44.69
CA PRO C 78 -1.37 23.51 -43.79
C PRO C 78 -0.52 22.32 -44.20
N VAL C 79 0.00 21.61 -43.21
CA VAL C 79 0.73 20.36 -43.41
C VAL C 79 0.32 19.40 -42.30
N GLY C 80 -0.20 18.24 -42.68
CA GLY C 80 -0.50 17.21 -41.70
C GLY C 80 0.76 16.55 -41.16
N GLY C 81 0.57 15.69 -40.16
CA GLY C 81 1.71 14.98 -39.59
C GLY C 81 2.36 14.04 -40.59
N LEU C 82 1.54 13.22 -41.24
CA LEU C 82 2.05 12.34 -42.28
C LEU C 82 2.66 13.13 -43.42
N GLU C 83 1.97 14.17 -43.88
CA GLU C 83 2.52 15.03 -44.92
C GLU C 83 3.86 15.62 -44.49
N GLU C 84 3.99 15.94 -43.20
CA GLU C 84 5.26 16.49 -42.71
C GLU C 84 6.37 15.45 -42.76
N VAL C 85 6.09 14.22 -42.33
CA VAL C 85 7.10 13.18 -42.38
C VAL C 85 7.52 12.90 -43.83
N LEU C 86 6.55 12.89 -44.74
CA LEU C 86 6.87 12.62 -46.15
C LEU C 86 7.68 13.77 -46.76
N TYR C 87 7.34 15.01 -46.44
CA TYR C 87 8.12 16.13 -46.94
C TYR C 87 9.54 16.13 -46.35
N GLU C 88 9.69 15.67 -45.12
CA GLU C 88 11.04 15.50 -44.57
C GLU C 88 11.81 14.43 -45.32
N LEU C 89 11.13 13.33 -45.66
CA LEU C 89 11.79 12.17 -46.25
C LEU C 89 11.82 12.18 -47.77
N SER C 90 11.14 13.14 -48.42
CA SER C 90 10.93 13.05 -49.87
C SER C 90 12.21 13.01 -50.68
N PRO C 91 13.27 13.99 -50.47
CA PRO C 91 14.49 13.88 -51.32
C PRO C 91 15.44 12.77 -50.89
N ILE C 92 15.12 11.55 -51.30
CA ILE C 92 15.98 10.39 -51.05
C ILE C 92 16.90 10.24 -52.26
N GLU C 93 18.19 10.50 -52.07
CA GLU C 93 19.16 10.45 -53.14
C GLU C 93 20.32 9.54 -52.75
N ASP C 94 20.87 8.82 -53.72
CA ASP C 94 21.99 7.93 -53.47
C ASP C 94 23.31 8.71 -53.52
N PHE C 95 24.42 7.99 -53.34
CA PHE C 95 25.73 8.64 -53.31
C PHE C 95 26.07 9.28 -54.65
N SER C 96 25.62 8.67 -55.75
CA SER C 96 25.89 9.22 -57.08
C SER C 96 24.97 10.39 -57.40
N GLY C 97 23.75 10.40 -56.86
CA GLY C 97 22.79 11.45 -57.18
C GLY C 97 22.11 11.27 -58.52
N SER C 98 22.20 10.09 -59.11
CA SER C 98 21.60 9.82 -60.41
C SER C 98 20.15 9.39 -60.32
N MET C 99 19.60 9.25 -59.12
CA MET C 99 18.22 8.83 -58.94
C MET C 99 17.68 9.35 -57.62
N SER C 100 16.37 9.52 -57.55
CA SER C 100 15.71 9.94 -56.32
C SER C 100 14.31 9.37 -56.26
N LEU C 101 13.86 9.01 -55.06
CA LEU C 101 12.53 8.48 -54.81
C LEU C 101 11.81 9.41 -53.85
N SER C 102 10.62 9.88 -54.26
CA SER C 102 9.86 10.86 -53.50
C SER C 102 8.52 10.28 -53.05
N PHE C 103 7.97 10.88 -52.00
CA PHE C 103 6.68 10.50 -51.46
C PHE C 103 5.79 11.73 -51.36
N SER C 104 4.48 11.49 -51.33
CA SER C 104 3.51 12.58 -51.28
C SER C 104 2.11 12.01 -51.18
N ASP C 105 1.16 12.88 -50.80
CA ASP C 105 -0.28 12.64 -50.86
C ASP C 105 -0.71 11.40 -50.08
N PRO C 106 -0.69 11.44 -48.74
CA PRO C 106 -1.18 10.30 -47.96
C PRO C 106 -2.68 10.12 -48.15
N ARG C 107 -3.10 8.88 -48.39
CA ARG C 107 -4.50 8.54 -48.63
C ARG C 107 -4.88 7.33 -47.80
N PHE C 108 -6.11 7.33 -47.28
CA PHE C 108 -6.61 6.23 -46.46
C PHE C 108 -7.79 5.55 -47.15
N ASP C 109 -7.84 4.24 -47.04
CA ASP C 109 -8.97 3.46 -47.53
C ASP C 109 -10.06 3.46 -46.45
N ASP C 110 -11.09 2.64 -46.62
CA ASP C 110 -12.06 2.46 -45.56
C ASP C 110 -11.50 1.53 -44.50
N VAL C 111 -12.27 1.33 -43.43
CA VAL C 111 -11.79 0.56 -42.28
C VAL C 111 -11.97 -0.93 -42.56
N LYS C 112 -11.01 -1.72 -42.09
CA LYS C 112 -11.05 -3.17 -42.34
C LYS C 112 -12.27 -3.79 -41.67
N ALA C 113 -12.49 -3.50 -40.39
CA ALA C 113 -13.63 -4.01 -39.65
C ALA C 113 -14.09 -2.96 -38.66
N PRO C 114 -15.38 -2.90 -38.36
CA PRO C 114 -15.87 -1.91 -37.38
C PRO C 114 -15.36 -2.17 -35.97
N VAL C 115 -15.76 -1.29 -35.04
CA VAL C 115 -15.17 -1.29 -33.70
C VAL C 115 -15.57 -2.54 -32.93
N ASP C 116 -16.87 -2.86 -32.90
CA ASP C 116 -17.34 -3.99 -32.10
C ASP C 116 -16.79 -5.30 -32.64
N GLU C 117 -16.62 -5.41 -33.96
CA GLU C 117 -16.02 -6.61 -34.54
C GLU C 117 -14.56 -6.73 -34.15
N CYS C 118 -13.83 -5.60 -34.09
CA CYS C 118 -12.44 -5.64 -33.67
C CYS C 118 -12.31 -6.02 -32.19
N LYS C 119 -13.20 -5.50 -31.35
CA LYS C 119 -13.20 -5.88 -29.94
C LYS C 119 -13.53 -7.36 -29.77
N ASP C 120 -14.43 -7.88 -30.61
CA ASP C 120 -14.87 -9.26 -30.44
C ASP C 120 -13.82 -10.24 -30.95
N LYS C 121 -13.20 -9.94 -32.09
CA LYS C 121 -12.27 -10.85 -32.76
C LYS C 121 -10.82 -10.64 -32.34
N ASP C 122 -10.56 -9.76 -31.37
CA ASP C 122 -9.20 -9.45 -30.91
C ASP C 122 -8.34 -8.90 -32.04
N MET C 123 -8.96 -8.07 -32.89
CA MET C 123 -8.29 -7.45 -34.03
C MET C 123 -7.78 -6.06 -33.64
N THR C 124 -7.25 -5.35 -34.62
CA THR C 124 -6.83 -3.96 -34.46
C THR C 124 -7.63 -3.10 -35.41
N TYR C 125 -8.29 -2.08 -34.87
CA TYR C 125 -9.05 -1.15 -35.68
C TYR C 125 -8.09 -0.32 -36.52
N ALA C 126 -8.22 -0.41 -37.84
CA ALA C 126 -7.23 0.20 -38.72
C ALA C 126 -7.81 0.41 -40.11
N ALA C 127 -7.18 1.32 -40.85
CA ALA C 127 -7.48 1.56 -42.25
C ALA C 127 -6.18 1.52 -43.05
N PRO C 128 -6.22 0.96 -44.27
CA PRO C 128 -5.01 0.90 -45.09
C PRO C 128 -4.53 2.28 -45.50
N LEU C 129 -3.22 2.49 -45.42
CA LEU C 129 -2.60 3.76 -45.78
C LEU C 129 -1.89 3.61 -47.13
N PHE C 130 -2.09 4.60 -48.01
CA PHE C 130 -1.45 4.62 -49.31
C PHE C 130 -0.77 5.97 -49.51
N VAL C 131 0.34 5.94 -50.25
CA VAL C 131 1.07 7.15 -50.61
C VAL C 131 1.44 7.08 -52.09
N THR C 132 1.63 8.25 -52.68
CA THR C 132 2.09 8.36 -54.06
C THR C 132 3.61 8.41 -54.08
N ALA C 133 4.24 7.41 -54.68
CA ALA C 133 5.69 7.32 -54.75
C ALA C 133 6.15 7.60 -56.18
N GLU C 134 7.08 8.53 -56.34
CA GLU C 134 7.57 8.95 -57.63
C GLU C 134 9.07 8.69 -57.70
N PHE C 135 9.50 7.90 -58.69
CA PHE C 135 10.91 7.67 -58.94
C PHE C 135 11.33 8.44 -60.19
N ILE C 136 12.48 9.11 -60.10
CA ILE C 136 13.08 9.80 -61.23
C ILE C 136 14.44 9.18 -61.49
N ASN C 137 14.77 8.99 -62.77
CA ASN C 137 16.05 8.46 -63.19
C ASN C 137 16.75 9.56 -63.99
N ASN C 138 17.79 10.15 -63.40
CA ASN C 138 18.46 11.27 -64.06
C ASN C 138 19.22 10.85 -65.30
N ASN C 139 19.58 9.58 -65.42
CA ASN C 139 20.28 9.11 -66.62
C ASN C 139 19.34 9.06 -67.83
N THR C 140 18.25 8.29 -67.72
CA THR C 140 17.33 8.09 -68.82
C THR C 140 16.08 8.95 -68.75
N GLY C 141 15.91 9.75 -67.70
CA GLY C 141 14.79 10.68 -67.60
C GLY C 141 13.44 10.07 -67.30
N GLU C 142 13.36 8.77 -67.02
CA GLU C 142 12.06 8.16 -66.73
C GLU C 142 11.50 8.70 -65.42
N ILE C 143 10.18 8.78 -65.36
CA ILE C 143 9.45 9.16 -64.15
C ILE C 143 8.40 8.08 -63.88
N LYS C 144 8.56 7.37 -62.76
CA LYS C 144 7.65 6.29 -62.41
C LYS C 144 6.87 6.69 -61.15
N SER C 145 5.57 6.93 -61.34
CA SER C 145 4.66 7.23 -60.24
C SER C 145 3.86 5.98 -59.90
N GLN C 146 3.85 5.61 -58.62
CA GLN C 146 3.22 4.36 -58.20
C GLN C 146 2.54 4.56 -56.86
N THR C 147 1.33 3.99 -56.72
CA THR C 147 0.60 4.00 -55.46
C THR C 147 1.08 2.83 -54.61
N VAL C 148 1.62 3.12 -53.44
CA VAL C 148 2.25 2.12 -52.58
C VAL C 148 1.41 1.98 -51.30
N PHE C 149 1.24 0.73 -50.87
CA PHE C 149 0.52 0.41 -49.64
C PHE C 149 1.50 0.48 -48.47
N MET C 150 1.23 1.38 -47.53
CA MET C 150 2.14 1.65 -46.43
C MET C 150 1.79 0.88 -45.16
N GLY C 151 0.78 0.03 -45.20
CA GLY C 151 0.40 -0.77 -44.04
C GLY C 151 -0.93 -0.31 -43.46
N ASP C 152 -1.48 -1.18 -42.62
CA ASP C 152 -2.72 -0.89 -41.92
C ASP C 152 -2.43 0.10 -40.79
N PHE C 153 -3.10 1.25 -40.82
CA PHE C 153 -2.84 2.34 -39.90
C PHE C 153 -3.88 2.34 -38.81
N PRO C 154 -3.52 2.10 -37.55
CA PRO C 154 -4.51 2.10 -36.47
C PRO C 154 -5.25 3.43 -36.38
N MET C 155 -6.58 3.35 -36.25
CA MET C 155 -7.45 4.50 -36.29
C MET C 155 -7.99 4.84 -34.91
N MET C 156 -8.22 6.14 -34.70
CA MET C 156 -8.83 6.64 -33.47
C MET C 156 -10.35 6.63 -33.62
N THR C 157 -11.04 6.12 -32.61
CA THR C 157 -12.49 6.04 -32.62
C THR C 157 -13.10 7.42 -32.37
N GLU C 158 -14.43 7.48 -32.41
CA GLU C 158 -15.14 8.70 -32.05
C GLU C 158 -14.92 9.05 -30.59
N LYS C 159 -14.63 8.06 -29.76
CA LYS C 159 -14.41 8.25 -28.34
C LYS C 159 -12.98 8.67 -28.00
N GLY C 160 -12.10 8.79 -28.99
CA GLY C 160 -10.73 9.17 -28.72
C GLY C 160 -9.83 8.04 -28.30
N THR C 161 -10.11 6.81 -28.73
CA THR C 161 -9.35 5.65 -28.32
C THR C 161 -8.87 4.86 -29.53
N PHE C 162 -8.15 3.79 -29.26
CA PHE C 162 -7.70 2.84 -30.27
C PHE C 162 -8.04 1.44 -29.81
N ILE C 163 -8.30 0.55 -30.76
CA ILE C 163 -8.49 -0.86 -30.48
C ILE C 163 -7.24 -1.60 -30.97
N ILE C 164 -6.45 -2.11 -30.03
CA ILE C 164 -5.24 -2.87 -30.34
C ILE C 164 -5.45 -4.26 -29.75
N ASN C 165 -5.54 -5.26 -30.62
CA ASN C 165 -5.79 -6.64 -30.22
C ASN C 165 -7.10 -6.77 -29.44
N GLY C 166 -8.12 -6.03 -29.88
CA GLY C 166 -9.44 -6.10 -29.27
C GLY C 166 -9.61 -5.32 -27.98
N THR C 167 -8.54 -4.77 -27.43
CA THR C 167 -8.59 -4.04 -26.17
C THR C 167 -8.50 -2.54 -26.43
N GLU C 168 -9.38 -1.77 -25.79
CA GLU C 168 -9.45 -0.33 -26.02
C GLU C 168 -8.34 0.38 -25.26
N ARG C 169 -7.67 1.32 -25.93
CA ARG C 169 -6.47 1.95 -25.40
C ARG C 169 -6.52 3.46 -25.59
N VAL C 170 -5.89 4.15 -24.65
CA VAL C 170 -5.78 5.61 -24.67
C VAL C 170 -4.30 5.96 -24.77
N VAL C 171 -3.97 6.89 -25.66
CA VAL C 171 -2.62 7.43 -25.76
C VAL C 171 -2.60 8.72 -24.94
N VAL C 172 -1.85 8.71 -23.85
CA VAL C 172 -1.79 9.85 -22.95
C VAL C 172 -0.84 10.90 -23.51
N SER C 173 -1.25 12.16 -23.44
CA SER C 173 -0.36 13.25 -23.81
C SER C 173 0.84 13.27 -22.86
N GLN C 174 2.01 13.58 -23.40
CA GLN C 174 3.26 13.54 -22.64
C GLN C 174 3.80 14.95 -22.43
N LEU C 175 4.19 15.24 -21.19
CA LEU C 175 4.82 16.52 -20.84
C LEU C 175 6.32 16.40 -21.06
N VAL C 176 6.87 17.23 -21.95
CA VAL C 176 8.30 17.25 -22.25
C VAL C 176 8.75 18.70 -22.36
N ARG C 177 10.06 18.89 -22.34
CA ARG C 177 10.63 20.21 -22.50
C ARG C 177 10.73 20.58 -23.97
N SER C 178 10.41 21.84 -24.28
CA SER C 178 10.57 22.32 -25.63
C SER C 178 12.05 22.43 -25.98
N PRO C 179 12.42 22.20 -27.23
CA PRO C 179 13.80 22.45 -27.65
C PRO C 179 14.12 23.93 -27.63
N GLY C 180 15.32 24.26 -27.23
CA GLY C 180 15.73 25.66 -27.13
C GLY C 180 16.95 25.79 -26.24
N VAL C 181 17.23 27.04 -25.88
CA VAL C 181 18.37 27.39 -25.04
C VAL C 181 17.84 27.89 -23.71
N TYR C 182 18.26 27.25 -22.62
CA TYR C 182 17.76 27.52 -21.29
C TYR C 182 18.91 27.91 -20.37
N PHE C 183 18.78 29.08 -19.74
CA PHE C 183 19.82 29.64 -18.90
C PHE C 183 19.48 29.46 -17.43
N ASP C 184 20.52 29.23 -16.62
CA ASP C 184 20.37 29.12 -15.18
C ASP C 184 21.68 29.57 -14.54
N GLU C 185 21.58 30.11 -13.33
CA GLU C 185 22.75 30.51 -12.56
C GLU C 185 22.90 29.61 -11.34
N THR C 186 24.10 29.07 -11.17
CA THR C 186 24.42 28.16 -10.07
C THR C 186 25.38 28.85 -9.12
N ILE C 187 25.09 28.77 -7.83
CA ILE C 187 25.94 29.35 -6.79
C ILE C 187 26.90 28.27 -6.32
N ASP C 188 28.19 28.46 -6.61
CA ASP C 188 29.18 27.46 -6.26
C ASP C 188 29.40 27.43 -4.74
N LYS C 189 29.91 26.29 -4.26
CA LYS C 189 30.19 26.16 -2.84
C LYS C 189 31.37 27.03 -2.42
N SER C 190 32.30 27.29 -3.34
CA SER C 190 33.45 28.14 -3.07
C SER C 190 33.09 29.59 -3.34
N THR C 191 33.19 30.42 -2.31
CA THR C 191 32.93 31.87 -2.33
C THR C 191 31.47 32.20 -2.55
N ASP C 192 30.60 31.21 -2.78
CA ASP C 192 29.18 31.43 -3.08
C ASP C 192 29.02 32.35 -4.30
N LYS C 193 29.88 32.15 -5.29
CA LYS C 193 29.89 32.98 -6.49
C LYS C 193 28.74 32.62 -7.42
N THR C 194 28.36 33.57 -8.26
CA THR C 194 27.28 33.38 -9.22
C THR C 194 27.87 32.94 -10.56
N LEU C 195 27.54 31.71 -10.97
CA LEU C 195 28.01 31.16 -12.24
C LEU C 195 26.80 30.72 -13.05
N HIS C 196 26.74 31.14 -14.31
CA HIS C 196 25.61 30.86 -15.19
C HIS C 196 25.91 29.64 -16.04
N SER C 197 25.10 28.60 -15.90
CA SER C 197 25.24 27.37 -16.69
C SER C 197 24.14 27.34 -17.74
N VAL C 198 24.53 27.11 -18.99
CA VAL C 198 23.63 27.13 -20.13
C VAL C 198 23.55 25.74 -20.74
N LYS C 199 22.35 25.39 -21.24
CA LYS C 199 22.13 24.12 -21.90
C LYS C 199 21.25 24.34 -23.12
N VAL C 200 21.53 23.59 -24.19
CA VAL C 200 20.78 23.66 -25.44
C VAL C 200 20.18 22.29 -25.70
N ILE C 201 18.85 22.21 -25.69
CA ILE C 201 18.13 20.96 -25.85
C ILE C 201 17.67 20.86 -27.30
N PRO C 202 18.25 19.97 -28.11
CA PRO C 202 17.71 19.73 -29.44
C PRO C 202 16.52 18.78 -29.41
N SER C 203 15.72 18.86 -30.47
CA SER C 203 14.69 17.83 -30.69
C SER C 203 15.34 16.48 -30.88
N ARG C 204 16.23 16.38 -31.87
CA ARG C 204 17.02 15.18 -32.12
C ARG C 204 18.49 15.58 -32.21
N GLY C 205 19.37 14.70 -31.74
CA GLY C 205 20.79 14.96 -31.72
C GLY C 205 21.29 15.21 -30.31
N ALA C 206 22.59 15.53 -30.25
CA ALA C 206 23.31 15.65 -28.99
C ALA C 206 23.17 17.04 -28.39
N TRP C 207 23.03 17.09 -27.07
CA TRP C 207 22.88 18.33 -26.31
C TRP C 207 24.24 18.99 -26.08
N LEU C 208 24.20 20.31 -25.89
CA LEU C 208 25.39 21.13 -25.72
C LEU C 208 25.34 21.86 -24.39
N GLU C 209 26.52 22.14 -23.83
CA GLU C 209 26.63 22.83 -22.56
C GLU C 209 27.73 23.87 -22.62
N PHE C 210 27.67 24.83 -21.70
CA PHE C 210 28.69 25.87 -21.60
C PHE C 210 29.41 25.80 -20.25
N ILE C 222 31.40 18.46 -24.38
CA ILE C 222 30.35 18.39 -25.39
C ILE C 222 29.86 16.95 -25.52
N ASP C 223 28.55 16.76 -25.34
CA ASP C 223 27.91 15.44 -25.42
C ASP C 223 28.57 14.45 -24.45
N ARG C 224 28.54 14.84 -23.17
CA ARG C 224 29.03 14.07 -22.02
C ARG C 224 30.54 14.17 -21.86
N LYS C 225 31.24 14.91 -22.72
CA LYS C 225 32.69 15.01 -22.63
C LYS C 225 33.01 16.18 -21.70
N ARG C 226 33.49 15.85 -20.50
CA ARG C 226 33.84 16.80 -19.47
C ARG C 226 35.17 17.48 -19.81
N ARG C 227 35.43 18.61 -19.13
CA ARG C 227 36.64 19.41 -19.25
C ARG C 227 36.61 20.27 -20.51
N GLN C 228 35.55 20.22 -21.30
CA GLN C 228 35.46 20.95 -22.55
C GLN C 228 35.82 22.42 -22.32
N PRO C 229 36.87 22.92 -22.95
CA PRO C 229 37.23 24.33 -22.77
C PRO C 229 36.32 25.25 -23.56
N VAL C 230 35.97 26.38 -22.94
CA VAL C 230 35.30 27.43 -23.70
C VAL C 230 36.25 28.02 -24.73
N THR C 231 37.56 27.98 -24.44
CA THR C 231 38.56 28.52 -25.36
C THR C 231 38.81 27.61 -26.55
N VAL C 232 38.55 26.30 -26.42
CA VAL C 232 38.80 25.38 -27.51
C VAL C 232 37.80 25.54 -28.64
N LEU C 233 36.63 26.12 -28.37
CA LEU C 233 35.62 26.27 -29.41
C LEU C 233 35.98 27.39 -30.37
N LEU C 234 36.47 28.51 -29.86
CA LEU C 234 36.82 29.65 -30.69
C LEU C 234 37.92 29.30 -31.69
N GLY C 249 34.10 45.10 -19.20
CA GLY C 249 33.63 44.09 -18.26
C GLY C 249 33.21 42.79 -18.92
N PHE C 250 32.28 42.90 -19.88
CA PHE C 250 31.84 41.73 -20.65
C PHE C 250 33.02 41.08 -21.36
N SER C 251 33.64 41.80 -22.30
CA SER C 251 34.84 41.32 -22.96
C SER C 251 36.03 41.21 -22.01
N GLU C 252 35.90 41.69 -20.77
CA GLU C 252 36.96 41.50 -19.78
C GLU C 252 36.90 40.11 -19.14
N ILE C 253 35.69 39.63 -18.81
CA ILE C 253 35.57 38.27 -18.30
C ILE C 253 35.67 37.26 -19.43
N MET C 254 35.16 37.60 -20.62
CA MET C 254 35.42 36.77 -21.79
C MET C 254 36.89 36.82 -22.18
N ARG C 255 37.56 37.95 -21.91
CA ARG C 255 38.97 38.09 -22.29
C ARG C 255 39.86 37.30 -21.35
N SER C 256 39.61 37.37 -20.04
CA SER C 256 40.32 36.51 -19.10
C SER C 256 39.96 35.05 -19.32
N THR C 257 38.75 34.77 -19.81
CA THR C 257 38.38 33.42 -20.20
C THR C 257 39.21 32.94 -21.39
N LEU C 258 39.53 33.84 -22.32
CA LEU C 258 40.28 33.48 -23.52
C LEU C 258 41.77 33.32 -23.26
N GLU C 259 42.27 33.65 -22.06
CA GLU C 259 43.71 33.62 -21.80
C GLU C 259 44.22 32.25 -21.42
N LYS C 260 43.35 31.24 -21.30
CA LYS C 260 43.80 29.95 -20.79
C LYS C 260 44.54 29.17 -21.87
N ASP C 261 44.13 29.31 -23.13
CA ASP C 261 44.76 28.58 -24.23
C ASP C 261 44.86 29.49 -25.44
N ASN C 262 46.05 29.54 -26.04
CA ASN C 262 46.25 30.33 -27.25
C ASN C 262 45.62 29.64 -28.45
N THR C 263 45.13 30.46 -29.39
CA THR C 263 44.46 29.98 -30.58
C THR C 263 45.21 30.47 -31.81
N VAL C 264 45.62 29.54 -32.66
CA VAL C 264 46.35 29.85 -33.89
C VAL C 264 45.65 29.14 -35.05
N GLY C 265 45.08 29.93 -35.96
CA GLY C 265 44.53 29.39 -37.19
C GLY C 265 43.26 28.57 -37.03
N THR C 266 42.88 27.94 -38.14
CA THR C 266 41.70 27.07 -38.22
C THR C 266 42.03 25.61 -37.89
N ASP C 267 43.26 25.33 -37.45
CA ASP C 267 43.70 23.96 -37.21
C ASP C 267 43.52 23.53 -35.75
N GLU C 268 44.19 24.25 -34.83
CA GLU C 268 44.34 23.77 -33.46
C GLU C 268 43.00 23.48 -32.79
N ALA C 269 42.06 24.43 -32.85
CA ALA C 269 40.78 24.25 -32.18
C ALA C 269 40.03 23.04 -32.72
N LEU C 270 40.07 22.84 -34.04
CA LEU C 270 39.31 21.78 -34.67
C LEU C 270 39.95 20.41 -34.43
N LEU C 271 41.28 20.36 -34.31
CA LEU C 271 41.95 19.11 -33.94
C LEU C 271 41.65 18.75 -32.49
N ASP C 272 41.67 19.74 -31.59
CA ASP C 272 41.33 19.47 -30.20
C ASP C 272 39.89 19.01 -30.06
N ILE C 273 38.99 19.57 -30.86
CA ILE C 273 37.61 19.10 -30.87
C ILE C 273 37.53 17.68 -31.42
N TYR C 274 38.33 17.38 -32.45
CA TYR C 274 38.31 16.06 -33.07
C TYR C 274 38.76 14.99 -32.10
N ARG C 275 39.92 15.19 -31.47
CA ARG C 275 40.43 14.20 -30.52
C ARG C 275 39.62 14.16 -29.24
N LYS C 276 39.03 15.30 -28.84
CA LYS C 276 38.26 15.34 -27.61
C LYS C 276 36.87 14.71 -27.77
N LEU C 277 36.35 14.69 -29.00
CA LEU C 277 35.01 14.15 -29.22
C LEU C 277 34.95 12.66 -28.94
N ARG C 278 35.80 11.88 -29.60
CA ARG C 278 35.81 10.44 -29.44
C ARG C 278 37.22 9.93 -29.19
N PRO C 279 37.38 8.93 -28.31
CA PRO C 279 38.72 8.39 -28.05
C PRO C 279 39.34 7.63 -29.22
N GLY C 280 38.55 7.25 -30.21
CA GLY C 280 39.06 6.55 -31.37
C GLY C 280 40.25 7.24 -32.01
N GLU C 281 41.22 6.46 -32.48
CA GLU C 281 42.46 7.01 -33.00
C GLU C 281 42.16 8.02 -34.10
N PRO C 282 42.79 9.20 -34.09
CA PRO C 282 42.42 10.24 -35.05
C PRO C 282 42.72 9.78 -36.48
N PRO C 283 41.70 9.74 -37.34
CA PRO C 283 41.96 9.40 -38.75
C PRO C 283 42.56 10.55 -39.55
N THR C 284 41.94 11.72 -39.46
CA THR C 284 42.43 12.95 -40.07
C THR C 284 41.95 14.09 -39.21
N LYS C 285 42.82 15.07 -38.97
CA LYS C 285 42.39 16.24 -38.20
C LYS C 285 41.41 17.09 -39.01
N GLU C 286 41.69 17.27 -40.30
CA GLU C 286 40.82 18.08 -41.15
C GLU C 286 39.50 17.38 -41.39
N SER C 287 39.53 16.10 -41.75
CA SER C 287 38.30 15.37 -42.06
C SER C 287 37.44 15.17 -40.81
N ALA C 288 38.06 14.99 -39.65
CA ALA C 288 37.28 14.96 -38.41
C ALA C 288 36.78 16.35 -38.03
N GLN C 289 37.46 17.40 -38.50
CA GLN C 289 36.93 18.76 -38.31
C GLN C 289 35.68 19.00 -39.15
N THR C 290 35.68 18.52 -40.39
CA THR C 290 34.49 18.68 -41.23
C THR C 290 33.36 17.76 -40.77
N LEU C 291 33.69 16.50 -40.44
CA LEU C 291 32.70 15.59 -39.88
C LEU C 291 32.13 16.12 -38.57
N LEU C 292 32.94 16.85 -37.81
CA LEU C 292 32.41 17.56 -36.65
C LEU C 292 31.53 18.73 -37.08
N GLU C 293 31.86 19.38 -38.19
CA GLU C 293 31.01 20.44 -38.72
C GLU C 293 29.68 19.89 -39.23
N ASN C 294 29.58 18.58 -39.44
CA ASN C 294 28.29 17.98 -39.79
C ASN C 294 27.31 18.00 -38.62
N LEU C 295 27.81 18.12 -37.39
CA LEU C 295 26.94 18.05 -36.22
C LEU C 295 26.19 19.35 -35.96
N PHE C 296 26.74 20.49 -36.36
CA PHE C 296 26.09 21.77 -36.19
C PHE C 296 25.34 22.24 -37.44
N PHE C 297 25.38 21.46 -38.52
CA PHE C 297 24.84 21.89 -39.80
C PHE C 297 23.81 20.92 -40.36
N LYS C 298 24.21 19.68 -40.65
CA LYS C 298 23.35 18.73 -41.34
C LYS C 298 22.02 18.54 -40.63
N GLU C 299 20.93 18.66 -41.39
CA GLU C 299 19.60 18.48 -40.86
C GLU C 299 19.24 17.00 -40.64
N LYS C 300 19.97 16.08 -41.28
CA LYS C 300 19.73 14.66 -41.06
C LYS C 300 20.31 14.22 -39.73
N ARG C 301 21.49 14.73 -39.37
CA ARG C 301 22.07 14.44 -38.06
C ARG C 301 21.47 15.34 -36.99
N TYR C 302 21.69 16.65 -37.10
CA TYR C 302 21.14 17.61 -36.16
C TYR C 302 19.84 18.14 -36.72
N ASP C 303 18.72 17.77 -36.09
CA ASP C 303 17.40 18.13 -36.58
C ASP C 303 16.94 19.41 -35.88
N LEU C 304 16.84 20.49 -36.64
CA LEU C 304 16.24 21.70 -36.11
C LEU C 304 14.79 21.40 -35.74
N ALA C 305 14.44 21.67 -34.49
CA ALA C 305 13.05 21.50 -34.07
C ALA C 305 12.25 22.69 -34.58
N ARG C 306 11.18 22.40 -35.32
CA ARG C 306 10.29 23.48 -35.75
C ARG C 306 9.80 24.28 -34.55
N VAL C 307 9.30 23.58 -33.52
CA VAL C 307 8.93 24.23 -32.27
C VAL C 307 10.16 24.84 -31.61
N GLY C 308 11.27 24.10 -31.61
CA GLY C 308 12.50 24.62 -31.01
C GLY C 308 13.04 25.83 -31.74
N ARG C 309 13.05 25.78 -33.08
CA ARG C 309 13.46 26.94 -33.85
C ARG C 309 12.55 28.14 -33.56
N TYR C 310 11.25 27.89 -33.39
CA TYR C 310 10.36 28.97 -33.01
C TYR C 310 10.69 29.51 -31.62
N LYS C 311 11.18 28.65 -30.72
CA LYS C 311 11.49 29.09 -29.36
C LYS C 311 12.77 29.93 -29.34
N VAL C 312 13.82 29.48 -30.02
CA VAL C 312 15.07 30.26 -30.01
C VAL C 312 14.93 31.51 -30.85
N ASN C 313 14.11 31.48 -31.91
CA ASN C 313 13.86 32.68 -32.70
C ASN C 313 13.03 33.68 -31.92
N LYS C 314 11.92 33.22 -31.31
CA LYS C 314 11.14 34.10 -30.45
C LYS C 314 11.97 34.64 -29.29
N LYS C 315 13.01 33.90 -28.89
CA LYS C 315 13.94 34.41 -27.88
C LYS C 315 14.90 35.43 -28.49
N LEU C 316 15.53 35.09 -29.62
CA LEU C 316 16.53 35.96 -30.23
C LEU C 316 16.34 35.98 -31.74
N GLY C 317 16.12 37.17 -32.31
CA GLY C 317 16.18 37.36 -33.75
C GLY C 317 15.04 36.76 -34.55
N LEU C 318 14.97 37.10 -35.84
CA LEU C 318 13.97 36.51 -36.72
C LEU C 318 14.64 35.69 -37.83
N THR C 330 21.30 27.78 -36.84
CA THR C 330 22.49 28.14 -37.59
C THR C 330 23.57 28.70 -36.67
N GLU C 331 24.57 29.36 -37.27
CA GLU C 331 25.71 29.87 -36.50
C GLU C 331 25.38 31.15 -35.77
N GLU C 332 24.62 32.05 -36.41
CA GLU C 332 24.25 33.31 -35.77
C GLU C 332 23.53 33.07 -34.46
N ASP C 333 22.71 32.02 -34.39
CA ASP C 333 22.05 31.66 -33.14
C ASP C 333 23.07 31.28 -32.07
N VAL C 334 24.11 30.53 -32.45
CA VAL C 334 25.14 30.14 -31.49
C VAL C 334 25.85 31.39 -30.96
N VAL C 335 26.29 32.25 -31.87
CA VAL C 335 26.99 33.48 -31.46
C VAL C 335 26.11 34.30 -30.52
N ALA C 336 24.83 34.46 -30.88
CA ALA C 336 23.91 35.20 -30.02
C ALA C 336 23.74 34.51 -28.67
N THR C 337 23.94 33.19 -28.61
CA THR C 337 23.87 32.48 -27.33
C THR C 337 25.09 32.80 -26.47
N ILE C 338 26.29 32.84 -27.08
CA ILE C 338 27.46 33.26 -26.32
C ILE C 338 27.27 34.68 -25.81
N GLU C 339 26.70 35.55 -26.64
CA GLU C 339 26.45 36.93 -26.21
C GLU C 339 25.43 36.98 -25.08
N TYR C 340 24.42 36.10 -25.12
CA TYR C 340 23.43 36.07 -24.06
C TYR C 340 24.02 35.58 -22.75
N LEU C 341 24.92 34.59 -22.80
CA LEU C 341 25.59 34.14 -21.58
C LEU C 341 26.52 35.23 -21.04
N VAL C 342 27.28 35.88 -21.92
CA VAL C 342 28.17 36.95 -21.48
C VAL C 342 27.37 38.07 -20.82
N ARG C 343 26.22 38.43 -21.41
CA ARG C 343 25.34 39.40 -20.80
C ARG C 343 24.68 38.87 -19.53
N LEU C 344 24.64 37.54 -19.35
CA LEU C 344 24.13 36.97 -18.11
C LEU C 344 25.18 37.00 -17.00
N HIS C 345 26.47 37.02 -17.36
CA HIS C 345 27.52 37.08 -16.35
C HIS C 345 27.47 38.39 -15.58
N GLU C 346 27.19 39.50 -16.27
CA GLU C 346 26.99 40.81 -15.65
C GLU C 346 25.60 41.29 -16.01
N GLY C 347 24.73 41.42 -14.99
CA GLY C 347 23.31 41.63 -15.17
C GLY C 347 22.92 42.70 -16.17
N GLN C 348 22.02 42.35 -17.08
CA GLN C 348 21.56 43.25 -18.13
C GLN C 348 20.09 42.98 -18.40
N THR C 349 19.31 44.04 -18.61
CA THR C 349 17.90 43.92 -18.94
C THR C 349 17.63 43.97 -20.44
N THR C 350 18.67 44.12 -21.26
CA THR C 350 18.56 44.11 -22.70
C THR C 350 19.68 43.25 -23.29
N MET C 351 19.37 42.55 -24.37
CA MET C 351 20.34 41.72 -25.07
C MET C 351 20.57 42.28 -26.47
N THR C 352 21.84 42.34 -26.87
CA THR C 352 22.21 42.85 -28.17
C THR C 352 23.06 41.82 -28.90
N VAL C 353 22.90 41.78 -30.22
CA VAL C 353 23.69 40.93 -31.10
C VAL C 353 23.64 41.58 -32.47
N PRO C 354 24.35 41.09 -33.48
CA PRO C 354 24.15 41.64 -34.84
C PRO C 354 22.73 41.38 -35.31
N GLY C 355 22.05 42.46 -35.73
CA GLY C 355 20.67 42.41 -36.15
C GLY C 355 19.66 42.17 -35.05
N GLY C 356 20.09 41.86 -33.83
CA GLY C 356 19.17 41.62 -32.73
C GLY C 356 18.80 42.90 -31.99
N VAL C 357 17.55 42.95 -31.53
CA VAL C 357 17.06 44.08 -30.75
C VAL C 357 15.86 43.62 -29.95
N GLU C 358 15.54 44.36 -28.89
CA GLU C 358 14.37 44.09 -28.04
C GLU C 358 14.39 42.67 -27.48
N VAL C 359 15.56 42.25 -26.98
CA VAL C 359 15.72 40.92 -26.41
C VAL C 359 16.05 41.05 -24.92
N PRO C 360 15.17 40.61 -24.02
CA PRO C 360 15.50 40.63 -22.59
C PRO C 360 16.46 39.52 -22.20
N VAL C 361 17.31 39.83 -21.22
CA VAL C 361 18.21 38.85 -20.63
C VAL C 361 17.60 38.38 -19.32
N GLU C 362 17.38 37.08 -19.19
CA GLU C 362 16.75 36.54 -18.00
C GLU C 362 17.11 35.07 -17.86
N THR C 363 16.99 34.57 -16.63
CA THR C 363 17.07 33.15 -16.37
C THR C 363 15.84 32.44 -16.95
N ASP C 364 15.98 31.15 -17.23
CA ASP C 364 14.91 30.35 -17.81
C ASP C 364 14.47 29.29 -16.81
N ASP C 365 13.18 29.29 -16.50
CA ASP C 365 12.58 28.30 -15.60
C ASP C 365 12.08 27.15 -16.45
N ILE C 366 12.70 25.96 -16.26
CA ILE C 366 12.41 24.83 -17.14
C ILE C 366 11.12 24.10 -16.78
N ASP C 367 10.52 24.41 -15.65
CA ASP C 367 9.21 23.88 -15.28
C ASP C 367 8.06 24.77 -15.74
N HIS C 368 8.36 25.95 -16.26
CA HIS C 368 7.33 26.85 -16.77
C HIS C 368 6.66 26.25 -18.00
N PHE C 369 5.38 26.55 -18.17
CA PHE C 369 4.61 25.99 -19.29
C PHE C 369 4.85 26.72 -20.60
N GLY C 370 5.70 27.73 -20.63
CA GLY C 370 6.18 28.28 -21.87
C GLY C 370 7.40 27.51 -22.36
N ASN C 371 8.14 26.91 -21.43
CA ASN C 371 9.27 26.05 -21.75
C ASN C 371 8.93 24.57 -21.72
N ARG C 372 7.70 24.21 -21.34
CA ARG C 372 7.29 22.83 -21.17
C ARG C 372 6.04 22.59 -21.99
N ARG C 373 6.12 21.70 -22.96
CA ARG C 373 5.06 21.52 -23.95
C ARG C 373 4.47 20.12 -23.84
N LEU C 374 3.44 19.88 -24.65
CA LEU C 374 2.75 18.61 -24.72
C LEU C 374 3.03 17.94 -26.06
N ARG C 375 3.36 16.65 -26.02
CA ARG C 375 3.35 15.81 -27.21
C ARG C 375 2.06 15.01 -27.16
N THR C 376 1.10 15.38 -28.00
CA THR C 376 -0.20 14.72 -28.00
C THR C 376 -0.09 13.39 -28.73
N VAL C 377 -1.24 12.73 -28.89
CA VAL C 377 -1.25 11.41 -29.52
C VAL C 377 -0.70 11.51 -30.95
N GLY C 378 -1.10 12.55 -31.68
CA GLY C 378 -0.66 12.69 -33.06
C GLY C 378 0.85 12.85 -33.19
N GLU C 379 1.46 13.60 -32.27
CA GLU C 379 2.91 13.82 -32.37
C GLU C 379 3.68 12.57 -31.98
N LEU C 380 3.19 11.81 -30.99
CA LEU C 380 3.85 10.57 -30.62
C LEU C 380 3.81 9.57 -31.78
N ILE C 381 2.63 9.37 -32.35
CA ILE C 381 2.51 8.50 -33.51
C ILE C 381 3.38 9.01 -34.65
N GLN C 382 3.41 10.33 -34.86
CA GLN C 382 4.24 10.90 -35.91
C GLN C 382 5.71 10.60 -35.69
N ASN C 383 6.16 10.61 -34.44
CA ASN C 383 7.57 10.35 -34.16
C ASN C 383 7.92 8.89 -34.42
N GLN C 384 7.06 7.97 -33.99
CA GLN C 384 7.33 6.57 -34.29
C GLN C 384 7.28 6.31 -35.80
N ILE C 385 6.38 6.99 -36.51
CA ILE C 385 6.35 6.92 -37.96
C ILE C 385 7.66 7.44 -38.55
N ARG C 386 8.21 8.51 -37.96
CA ARG C 386 9.48 9.05 -38.44
C ARG C 386 10.60 8.04 -38.28
N VAL C 387 10.61 7.31 -37.16
CA VAL C 387 11.62 6.26 -36.97
C VAL C 387 11.46 5.18 -38.04
N GLY C 388 10.25 4.66 -38.20
CA GLY C 388 10.03 3.62 -39.20
C GLY C 388 10.40 4.06 -40.60
N MET C 389 10.01 5.29 -40.96
CA MET C 389 10.35 5.83 -42.28
C MET C 389 11.84 6.01 -42.46
N SER C 390 12.56 6.34 -41.37
CA SER C 390 14.01 6.45 -41.47
C SER C 390 14.65 5.10 -41.75
N ARG C 391 14.23 4.07 -41.02
CA ARG C 391 14.74 2.73 -41.29
C ARG C 391 14.44 2.30 -42.72
N MET C 392 13.19 2.53 -43.15
CA MET C 392 12.82 2.24 -44.54
C MET C 392 13.68 3.02 -45.52
N GLU C 393 14.09 4.24 -45.15
CA GLU C 393 14.95 5.02 -46.03
C GLU C 393 16.35 4.43 -46.12
N ARG C 394 16.86 3.90 -45.00
CA ARG C 394 18.12 3.16 -45.06
C ARG C 394 18.00 1.96 -45.98
N VAL C 395 16.87 1.25 -45.93
CA VAL C 395 16.66 0.14 -46.85
C VAL C 395 16.59 0.62 -48.30
N VAL C 396 16.01 1.80 -48.51
CA VAL C 396 15.87 2.31 -49.88
C VAL C 396 17.22 2.71 -50.45
N ARG C 397 18.00 3.49 -49.70
CA ARG C 397 19.35 3.84 -50.16
C ARG C 397 20.20 2.59 -50.34
N GLU C 398 20.00 1.57 -49.50
CA GLU C 398 20.76 0.33 -49.65
C GLU C 398 20.36 -0.41 -50.93
N ARG C 399 19.07 -0.36 -51.29
CA ARG C 399 18.61 -1.03 -52.49
C ARG C 399 18.87 -0.24 -53.76
N MET C 400 19.17 1.05 -53.64
CA MET C 400 19.41 1.87 -54.83
C MET C 400 20.77 1.56 -55.46
N THR C 401 21.82 1.53 -54.64
CA THR C 401 23.18 1.40 -55.17
C THR C 401 23.37 0.08 -55.90
N THR C 402 22.81 -1.00 -55.37
CA THR C 402 22.92 -2.32 -55.99
C THR C 402 21.54 -2.77 -56.46
N GLN C 403 21.32 -2.71 -57.77
CA GLN C 403 20.13 -3.21 -58.45
C GLN C 403 20.22 -2.83 -59.92
N ASP C 404 19.28 -3.31 -60.75
CA ASP C 404 19.25 -2.97 -62.16
C ASP C 404 18.33 -1.75 -62.33
N VAL C 405 18.93 -0.61 -62.68
CA VAL C 405 18.21 0.65 -62.65
C VAL C 405 17.10 0.72 -63.69
N GLU C 406 17.09 -0.19 -64.67
CA GLU C 406 16.02 -0.19 -65.66
C GLU C 406 14.75 -0.83 -65.13
N ALA C 407 14.89 -1.89 -64.34
CA ALA C 407 13.76 -2.68 -63.86
C ALA C 407 13.27 -2.29 -62.48
N ILE C 408 13.91 -1.31 -61.82
CA ILE C 408 13.48 -0.93 -60.49
C ILE C 408 12.12 -0.23 -60.55
N THR C 409 11.39 -0.30 -59.45
CA THR C 409 10.14 0.42 -59.27
C THR C 409 10.09 0.92 -57.83
N PRO C 410 9.27 1.93 -57.55
CA PRO C 410 9.06 2.31 -56.15
C PRO C 410 8.58 1.15 -55.28
N GLN C 411 7.83 0.21 -55.86
CA GLN C 411 7.43 -0.98 -55.12
C GLN C 411 8.63 -1.81 -54.71
N THR C 412 9.65 -1.89 -55.55
CA THR C 412 10.82 -2.70 -55.23
C THR C 412 11.66 -2.06 -54.14
N LEU C 413 11.87 -0.74 -54.21
CA LEU C 413 12.76 -0.07 -53.26
C LEU C 413 12.14 0.01 -51.87
N ILE C 414 10.81 0.10 -51.78
CA ILE C 414 10.12 0.35 -50.51
C ILE C 414 9.87 -0.97 -49.80
N ASN C 415 10.28 -1.05 -48.55
CA ASN C 415 9.98 -2.17 -47.66
C ASN C 415 9.28 -1.63 -46.42
N ILE C 416 8.01 -2.02 -46.22
CA ILE C 416 7.21 -1.44 -45.16
C ILE C 416 7.30 -2.20 -43.85
N ARG C 417 8.15 -3.22 -43.77
CA ARG C 417 8.27 -3.98 -42.52
C ARG C 417 8.71 -3.12 -41.34
N PRO C 418 9.73 -2.27 -41.45
CA PRO C 418 10.11 -1.47 -40.26
C PRO C 418 9.06 -0.43 -39.86
N VAL C 419 8.24 0.04 -40.80
CA VAL C 419 7.19 1.00 -40.44
C VAL C 419 6.09 0.31 -39.65
N VAL C 420 5.56 -0.78 -40.18
CA VAL C 420 4.53 -1.55 -39.49
C VAL C 420 5.05 -2.04 -38.15
N ALA C 421 6.32 -2.46 -38.11
CA ALA C 421 6.92 -2.88 -36.84
C ALA C 421 7.09 -1.71 -35.88
N ALA C 422 7.26 -0.49 -36.41
CA ALA C 422 7.35 0.67 -35.55
C ALA C 422 6.00 0.99 -34.91
N ILE C 423 4.93 1.03 -35.72
CA ILE C 423 3.59 1.27 -35.19
C ILE C 423 3.21 0.19 -34.19
N LYS C 424 3.44 -1.08 -34.56
CA LYS C 424 3.14 -2.21 -33.69
C LYS C 424 3.90 -2.08 -32.37
N GLU C 425 5.20 -1.81 -32.44
CA GLU C 425 5.98 -1.69 -31.22
C GLU C 425 5.52 -0.51 -30.37
N PHE C 426 4.98 0.53 -31.01
CA PHE C 426 4.51 1.68 -30.26
C PHE C 426 3.23 1.34 -29.51
N PHE C 427 2.15 1.07 -30.23
CA PHE C 427 0.88 0.82 -29.54
C PHE C 427 0.99 -0.37 -28.59
N GLY C 428 1.80 -1.37 -28.94
CA GLY C 428 2.02 -2.49 -28.06
C GLY C 428 2.85 -2.23 -26.82
N THR C 429 4.08 -1.76 -26.98
CA THR C 429 5.05 -1.72 -25.88
C THR C 429 5.21 -0.36 -25.22
N SER C 430 4.56 0.70 -25.72
CA SER C 430 4.84 2.03 -25.20
C SER C 430 4.13 2.27 -23.87
N GLN C 431 4.82 2.96 -22.96
CA GLN C 431 4.23 3.34 -21.69
C GLN C 431 3.16 4.42 -21.85
N LEU C 432 3.16 5.14 -22.97
CA LEU C 432 2.15 6.14 -23.25
C LEU C 432 0.91 5.56 -23.93
N SER C 433 1.00 4.33 -24.46
CA SER C 433 -0.17 3.62 -24.96
C SER C 433 -0.71 2.75 -23.82
N GLN C 434 -1.86 3.13 -23.27
CA GLN C 434 -2.30 2.62 -21.99
C GLN C 434 -3.62 1.89 -22.10
N PHE C 435 -3.74 0.81 -21.32
CA PHE C 435 -5.01 0.14 -21.14
C PHE C 435 -6.03 1.14 -20.65
N MET C 436 -7.12 1.30 -21.38
CA MET C 436 -8.07 2.37 -21.05
C MET C 436 -8.71 2.07 -19.72
N ASP C 437 -8.74 3.09 -18.84
CA ASP C 437 -9.31 2.90 -17.51
C ASP C 437 -10.78 3.24 -17.64
N GLN C 438 -11.63 2.21 -17.65
CA GLN C 438 -13.07 2.41 -17.58
C GLN C 438 -13.59 1.68 -16.35
N ASN C 439 -13.69 2.41 -15.23
CA ASN C 439 -14.61 2.06 -14.16
C ASN C 439 -15.97 2.67 -14.42
N ASN C 440 -15.97 3.91 -14.86
CA ASN C 440 -17.17 4.66 -15.21
C ASN C 440 -16.77 5.63 -16.31
N PRO C 441 -17.74 6.36 -16.89
CA PRO C 441 -17.38 7.31 -17.94
C PRO C 441 -16.35 8.35 -17.53
N LEU C 442 -16.37 8.79 -16.26
CA LEU C 442 -15.47 9.86 -15.85
C LEU C 442 -14.02 9.40 -15.84
N SER C 443 -13.76 8.16 -15.44
CA SER C 443 -12.39 7.66 -15.43
C SER C 443 -11.81 7.62 -16.85
N GLY C 444 -12.61 7.20 -17.82
CA GLY C 444 -12.11 7.18 -19.20
C GLY C 444 -11.95 8.58 -19.77
N LEU C 445 -12.91 9.46 -19.49
CA LEU C 445 -12.81 10.84 -19.96
C LEU C 445 -11.54 11.51 -19.41
N THR C 446 -11.34 11.45 -18.10
CA THR C 446 -10.15 12.06 -17.52
C THR C 446 -8.89 11.34 -17.96
N HIS C 447 -8.98 10.04 -18.25
CA HIS C 447 -7.83 9.32 -18.79
C HIS C 447 -7.42 9.89 -20.14
N LYS C 448 -8.40 10.29 -20.95
CA LYS C 448 -8.05 10.88 -22.25
C LYS C 448 -7.52 12.30 -22.14
N ARG C 449 -7.83 13.02 -21.06
CA ARG C 449 -7.31 14.34 -20.80
C ARG C 449 -6.05 14.31 -19.94
N ARG C 450 -5.53 13.13 -19.64
CA ARG C 450 -4.38 12.99 -18.75
C ARG C 450 -3.13 13.58 -19.39
N LEU C 451 -2.32 14.25 -18.56
CA LEU C 451 -1.05 14.82 -18.99
C LEU C 451 0.05 14.17 -18.15
N SER C 452 0.88 13.35 -18.79
CA SER C 452 1.86 12.53 -18.10
C SER C 452 3.27 13.02 -18.39
N ALA C 453 4.09 13.07 -17.33
CA ALA C 453 5.50 13.43 -17.48
C ALA C 453 6.41 12.23 -17.68
N LEU C 454 5.88 11.01 -17.52
CA LEU C 454 6.67 9.81 -17.67
C LEU C 454 6.69 9.34 -19.11
N GLY C 455 7.38 8.22 -19.37
CA GLY C 455 7.44 7.65 -20.69
C GLY C 455 8.75 7.92 -21.40
N PRO C 456 8.91 7.36 -22.60
CA PRO C 456 10.14 7.59 -23.37
C PRO C 456 10.25 9.05 -23.78
N GLY C 457 11.43 9.63 -23.56
CA GLY C 457 11.67 11.04 -23.81
C GLY C 457 11.39 11.95 -22.63
N GLY C 458 10.62 11.49 -21.65
CA GLY C 458 10.35 12.23 -20.44
C GLY C 458 11.39 11.99 -19.37
N LEU C 459 10.96 12.07 -18.12
CA LEU C 459 11.83 11.83 -16.98
C LEU C 459 11.38 10.59 -16.20
N SER C 460 12.35 9.91 -15.59
CA SER C 460 12.07 8.72 -14.81
C SER C 460 11.44 9.09 -13.47
N ARG C 461 10.80 8.09 -12.86
CA ARG C 461 10.24 8.28 -11.52
C ARG C 461 11.33 8.66 -10.52
N GLU C 462 12.49 8.00 -10.59
CA GLU C 462 13.55 8.26 -9.63
C GLU C 462 14.19 9.62 -9.85
N ARG C 463 14.34 10.03 -11.11
CA ARG C 463 14.93 11.33 -11.42
C ARG C 463 14.02 12.50 -11.07
N ALA C 464 12.75 12.23 -10.79
CA ALA C 464 11.80 13.28 -10.47
C ALA C 464 12.02 13.78 -9.03
N GLY C 465 12.28 15.07 -8.89
CA GLY C 465 12.37 15.70 -7.60
C GLY C 465 11.06 16.38 -7.23
N LEU C 466 11.06 16.96 -6.02
CA LEU C 466 9.86 17.64 -5.54
C LEU C 466 9.57 18.93 -6.31
N GLU C 467 10.55 19.44 -7.07
CA GLU C 467 10.37 20.71 -7.77
C GLU C 467 9.55 20.56 -9.06
N VAL C 468 9.58 19.37 -9.68
CA VAL C 468 8.78 19.16 -10.87
C VAL C 468 7.33 18.81 -10.52
N ARG C 469 7.08 18.32 -9.31
CA ARG C 469 5.76 17.82 -8.95
C ARG C 469 4.81 18.93 -8.52
N ASP C 470 5.29 19.91 -7.78
CA ASP C 470 4.39 20.89 -7.16
C ASP C 470 3.77 21.80 -8.21
N VAL C 471 2.66 22.43 -7.82
CA VAL C 471 1.89 23.28 -8.72
C VAL C 471 2.72 24.50 -9.10
N HIS C 472 2.86 24.72 -10.40
CA HIS C 472 3.54 25.88 -11.00
C HIS C 472 2.53 26.97 -11.31
N PRO C 473 2.87 28.26 -11.09
CA PRO C 473 1.91 29.34 -11.40
C PRO C 473 1.47 29.39 -12.85
N SER C 474 2.24 28.84 -13.78
CA SER C 474 1.84 28.85 -15.18
C SER C 474 0.85 27.75 -15.54
N HIS C 475 0.54 26.85 -14.59
CA HIS C 475 -0.47 25.84 -14.79
C HIS C 475 -1.89 26.39 -14.71
N TYR C 476 -2.06 27.66 -14.33
CA TYR C 476 -3.39 28.21 -14.14
C TYR C 476 -4.20 28.11 -15.42
N GLY C 477 -5.37 27.48 -15.32
CA GLY C 477 -6.22 27.26 -16.48
C GLY C 477 -5.74 26.21 -17.45
N ARG C 478 -4.54 25.66 -17.25
CA ARG C 478 -3.95 24.68 -18.16
C ARG C 478 -3.94 23.28 -17.56
N MET C 479 -3.22 23.08 -16.46
CA MET C 479 -3.20 21.80 -15.76
C MET C 479 -3.81 21.99 -14.37
N CYS C 480 -4.83 21.20 -14.07
CA CYS C 480 -5.56 21.35 -12.81
C CYS C 480 -4.61 21.16 -11.63
N PRO C 481 -4.58 22.10 -10.67
CA PRO C 481 -3.75 21.91 -9.48
C PRO C 481 -4.28 20.85 -8.54
N ILE C 482 -5.57 20.52 -8.63
CA ILE C 482 -6.18 19.59 -7.68
C ILE C 482 -5.92 18.15 -8.10
N GLU C 483 -6.35 17.76 -9.31
CA GLU C 483 -6.40 16.35 -9.65
C GLU C 483 -5.02 15.88 -10.08
N THR C 484 -4.40 15.06 -9.24
CA THR C 484 -3.16 14.35 -9.50
C THR C 484 -3.19 13.08 -8.68
N PRO C 485 -2.46 12.04 -9.08
CA PRO C 485 -2.44 10.81 -8.28
C PRO C 485 -1.93 11.08 -6.87
N GLU C 486 -2.47 10.32 -5.91
CA GLU C 486 -2.15 10.52 -4.51
C GLU C 486 -0.88 9.79 -4.09
N GLY C 487 -0.38 8.88 -4.91
CA GLY C 487 0.74 8.05 -4.54
C GLY C 487 2.08 8.58 -5.03
N PRO C 488 2.99 7.66 -5.38
CA PRO C 488 4.30 8.08 -5.89
C PRO C 488 4.25 8.87 -7.19
N ASN C 489 3.13 8.83 -7.92
CA ASN C 489 3.00 9.54 -9.18
C ASN C 489 2.55 10.99 -9.01
N ILE C 490 2.41 11.46 -7.77
CA ILE C 490 1.92 12.81 -7.53
C ILE C 490 2.81 13.82 -8.23
N GLY C 491 2.19 14.78 -8.92
CA GLY C 491 2.92 15.80 -9.64
C GLY C 491 3.51 15.35 -10.96
N LEU C 492 3.58 14.06 -11.22
CA LEU C 492 4.02 13.54 -12.52
C LEU C 492 2.86 13.26 -13.46
N ILE C 493 1.62 13.28 -12.98
CA ILE C 493 0.44 13.05 -13.80
C ILE C 493 -0.57 14.14 -13.46
N GLY C 494 -0.85 15.00 -14.44
CA GLY C 494 -1.89 16.00 -14.33
C GLY C 494 -3.07 15.68 -15.24
N SER C 495 -4.04 16.60 -15.22
CA SER C 495 -5.19 16.53 -16.11
C SER C 495 -5.44 17.90 -16.73
N LEU C 496 -5.84 17.89 -18.00
CA LEU C 496 -6.08 19.13 -18.72
C LEU C 496 -7.25 19.88 -18.10
N SER C 497 -7.10 21.20 -17.97
CA SER C 497 -8.17 22.01 -17.40
C SER C 497 -9.33 22.16 -18.38
N VAL C 498 -10.48 22.52 -17.82
CA VAL C 498 -11.75 22.39 -18.53
C VAL C 498 -11.73 23.13 -19.86
N TYR C 499 -11.23 24.36 -19.86
CA TYR C 499 -11.23 25.18 -21.07
C TYR C 499 -9.92 25.14 -21.84
N ALA C 500 -8.94 24.37 -21.37
CA ALA C 500 -7.60 24.43 -21.94
C ALA C 500 -7.56 23.81 -23.33
N ARG C 501 -6.53 24.20 -24.10
CA ARG C 501 -6.39 23.77 -25.48
C ARG C 501 -4.91 23.70 -25.83
N VAL C 502 -4.54 22.73 -26.67
CA VAL C 502 -3.14 22.49 -27.01
C VAL C 502 -2.80 23.22 -28.30
N ASN C 503 -1.63 23.86 -28.31
CA ASN C 503 -1.16 24.61 -29.46
C ASN C 503 -0.81 23.68 -30.61
N PRO C 504 -0.71 24.21 -31.84
CA PRO C 504 -0.06 23.44 -32.91
C PRO C 504 1.40 23.15 -32.63
N PHE C 505 2.04 23.93 -31.76
CA PHE C 505 3.41 23.66 -31.32
C PHE C 505 3.47 22.80 -30.07
N GLY C 506 2.34 22.53 -29.43
CA GLY C 506 2.31 21.70 -28.24
C GLY C 506 2.22 22.43 -26.92
N PHE C 507 1.91 23.72 -26.93
CA PHE C 507 1.77 24.51 -25.72
C PHE C 507 0.30 24.65 -25.36
N ILE C 508 0.01 24.62 -24.07
CA ILE C 508 -1.38 24.66 -23.60
C ILE C 508 -1.81 26.12 -23.49
N GLU C 509 -2.89 26.48 -24.16
CA GLU C 509 -3.46 27.81 -24.05
C GLU C 509 -4.70 27.79 -23.16
N THR C 510 -5.23 28.98 -22.88
CA THR C 510 -6.45 29.19 -22.12
C THR C 510 -7.19 30.38 -22.69
N PRO C 511 -8.53 30.34 -22.74
CA PRO C 511 -9.28 31.50 -23.22
C PRO C 511 -9.31 32.60 -22.17
N TYR C 512 -9.28 33.85 -22.66
CA TYR C 512 -9.35 35.02 -21.80
C TYR C 512 -10.26 36.05 -22.44
N ARG C 513 -10.87 36.89 -21.60
CA ARG C 513 -11.75 37.94 -22.08
C ARG C 513 -10.95 39.22 -22.26
N LYS C 514 -10.94 39.74 -23.48
CA LYS C 514 -10.20 40.96 -23.78
C LYS C 514 -10.97 42.18 -23.29
N VAL C 515 -10.29 43.06 -22.57
CA VAL C 515 -10.89 44.25 -21.98
C VAL C 515 -10.31 45.48 -22.66
N VAL C 516 -11.19 46.37 -23.13
CA VAL C 516 -10.80 47.59 -23.82
C VAL C 516 -11.25 48.77 -22.97
N ASP C 517 -10.29 49.49 -22.39
CA ASP C 517 -10.55 50.70 -21.60
C ASP C 517 -11.50 50.41 -20.43
N GLY C 518 -11.23 49.32 -19.73
CA GLY C 518 -12.03 48.97 -18.57
C GLY C 518 -13.39 48.40 -18.85
N VAL C 519 -13.73 48.16 -20.10
CA VAL C 519 -15.03 47.60 -20.50
C VAL C 519 -14.80 46.16 -20.95
N VAL C 520 -15.31 45.22 -20.16
CA VAL C 520 -15.14 43.80 -20.48
C VAL C 520 -15.93 43.47 -21.74
N SER C 521 -15.26 42.86 -22.71
CA SER C 521 -15.88 42.53 -23.99
C SER C 521 -16.20 41.04 -24.05
N ASP C 522 -16.79 40.63 -25.16
CA ASP C 522 -17.05 39.23 -25.45
C ASP C 522 -15.98 38.61 -26.34
N GLU C 523 -14.94 39.37 -26.71
CA GLU C 523 -13.87 38.83 -27.52
C GLU C 523 -13.01 37.89 -26.69
N ILE C 524 -12.76 36.70 -27.23
CA ILE C 524 -12.00 35.66 -26.55
C ILE C 524 -10.65 35.51 -27.23
N VAL C 525 -9.58 35.44 -26.44
CA VAL C 525 -8.22 35.27 -26.94
C VAL C 525 -7.55 34.16 -26.12
N TYR C 526 -6.97 33.19 -26.82
CA TYR C 526 -6.25 32.10 -26.16
C TYR C 526 -4.78 32.49 -26.02
N LEU C 527 -4.26 32.38 -24.79
CA LEU C 527 -2.92 32.83 -24.46
C LEU C 527 -2.06 31.67 -23.96
N THR C 528 -0.85 31.58 -24.50
CA THR C 528 0.17 30.72 -23.93
C THR C 528 0.68 31.35 -22.63
N ALA C 529 1.24 30.50 -21.76
CA ALA C 529 1.82 31.00 -20.52
C ALA C 529 2.85 32.09 -20.80
N ASP C 530 3.60 31.96 -21.90
CA ASP C 530 4.50 33.03 -22.34
C ASP C 530 3.73 34.33 -22.56
N GLU C 531 2.68 34.27 -23.38
CA GLU C 531 1.87 35.47 -23.63
C GLU C 531 1.14 35.91 -22.37
N GLU C 532 0.81 34.97 -21.49
CA GLU C 532 0.12 35.31 -20.25
C GLU C 532 1.04 36.00 -19.25
N ASP C 533 2.35 35.83 -19.39
CA ASP C 533 3.31 36.46 -18.48
C ASP C 533 3.61 37.91 -18.84
N ARG C 534 2.97 38.44 -19.88
CA ARG C 534 3.09 39.85 -20.24
C ARG C 534 1.87 40.66 -19.78
N HIS C 535 0.70 40.33 -20.32
CA HIS C 535 -0.53 41.02 -19.96
C HIS C 535 -0.90 40.75 -18.50
N VAL C 536 -1.74 41.63 -17.96
CA VAL C 536 -2.29 41.48 -16.62
C VAL C 536 -3.70 40.93 -16.73
N VAL C 537 -3.97 39.84 -16.00
CA VAL C 537 -5.21 39.07 -16.14
C VAL C 537 -6.01 39.16 -14.85
N ALA C 538 -7.32 39.35 -14.99
CA ALA C 538 -8.22 39.59 -13.87
C ALA C 538 -9.12 38.39 -13.62
N GLN C 539 -9.50 38.21 -12.36
CA GLN C 539 -10.36 37.11 -11.96
C GLN C 539 -11.74 37.25 -12.58
N ALA C 540 -12.44 36.10 -12.69
CA ALA C 540 -13.78 36.09 -13.26
C ALA C 540 -14.83 36.61 -12.29
N ASN C 541 -14.53 36.67 -11.00
CA ASN C 541 -15.45 37.21 -10.01
C ASN C 541 -15.12 38.68 -9.78
N SER C 542 -16.01 39.56 -10.22
CA SER C 542 -15.88 41.01 -10.14
C SER C 542 -17.14 41.64 -10.71
N PRO C 543 -17.67 42.69 -10.08
CA PRO C 543 -18.93 43.27 -10.57
C PRO C 543 -18.73 43.94 -11.92
N ILE C 544 -19.76 43.82 -12.77
CA ILE C 544 -19.71 44.38 -14.11
C ILE C 544 -21.02 45.08 -14.41
N ASP C 545 -20.93 46.16 -15.19
CA ASP C 545 -22.10 46.88 -15.65
C ASP C 545 -22.89 46.03 -16.64
N ALA C 546 -24.18 46.35 -16.78
CA ALA C 546 -25.02 45.67 -17.74
C ALA C 546 -24.57 45.91 -19.18
N ASP C 547 -23.79 46.97 -19.41
CA ASP C 547 -23.26 47.29 -20.74
C ASP C 547 -21.85 46.76 -20.95
N GLY C 548 -21.26 46.08 -19.97
CA GLY C 548 -19.93 45.53 -20.10
C GLY C 548 -18.84 46.29 -19.36
N ARG C 549 -19.19 47.37 -18.67
CA ARG C 549 -18.23 48.16 -17.93
C ARG C 549 -17.88 47.48 -16.61
N PHE C 550 -16.69 47.81 -16.08
CA PHE C 550 -16.28 47.34 -14.77
C PHE C 550 -16.90 48.22 -13.71
N VAL C 551 -17.70 47.64 -12.81
CA VAL C 551 -18.45 48.44 -11.83
C VAL C 551 -17.50 48.99 -10.76
N GLU C 552 -16.61 48.15 -10.23
CA GLU C 552 -15.66 48.63 -9.24
C GLU C 552 -14.55 49.43 -9.91
N PRO C 553 -13.91 50.35 -9.16
CA PRO C 553 -12.84 51.15 -9.76
C PRO C 553 -11.62 50.33 -10.18
N ARG C 554 -11.27 49.28 -9.44
CA ARG C 554 -10.07 48.50 -9.72
C ARG C 554 -10.38 47.02 -9.48
N VAL C 555 -9.66 46.16 -10.20
CA VAL C 555 -9.89 44.73 -10.18
C VAL C 555 -8.60 44.02 -9.75
N LEU C 556 -8.76 42.93 -9.00
CA LEU C 556 -7.62 42.12 -8.58
C LEU C 556 -7.07 41.34 -9.78
N VAL C 557 -5.76 41.06 -9.75
CA VAL C 557 -5.06 40.51 -10.91
C VAL C 557 -3.96 39.56 -10.47
N ARG C 558 -3.52 38.73 -11.42
CA ARG C 558 -2.36 37.87 -11.25
C ARG C 558 -1.15 38.53 -11.89
N ARG C 559 -0.09 38.73 -11.11
CA ARG C 559 1.11 39.40 -11.60
C ARG C 559 1.88 38.48 -12.56
N LYS C 560 2.73 39.11 -13.37
CA LYS C 560 3.50 38.37 -14.37
C LYS C 560 4.42 37.35 -13.73
N ALA C 561 5.03 37.70 -12.60
CA ALA C 561 5.93 36.80 -11.88
C ALA C 561 5.19 35.67 -11.18
N GLY C 562 3.86 35.65 -11.23
CA GLY C 562 3.10 34.75 -10.39
C GLY C 562 2.72 35.32 -9.04
N GLU C 563 2.57 36.64 -8.94
CA GLU C 563 2.23 37.32 -7.70
C GLU C 563 0.82 37.90 -7.83
N VAL C 564 0.41 38.62 -6.78
CA VAL C 564 -0.93 39.20 -6.69
C VAL C 564 -0.83 40.71 -6.57
N GLU C 565 -1.66 41.43 -7.32
CA GLU C 565 -1.59 42.89 -7.36
C GLU C 565 -2.99 43.46 -7.53
N TYR C 566 -3.10 44.77 -7.31
CA TYR C 566 -4.33 45.52 -7.49
C TYR C 566 -4.06 46.66 -8.47
N VAL C 567 -4.88 46.75 -9.51
CA VAL C 567 -4.60 47.68 -10.61
C VAL C 567 -5.92 48.28 -11.11
N PRO C 568 -5.93 49.54 -11.54
CA PRO C 568 -7.18 50.13 -12.05
C PRO C 568 -7.67 49.41 -13.31
N SER C 569 -8.97 49.57 -13.58
CA SER C 569 -9.61 48.80 -14.65
C SER C 569 -9.06 49.16 -16.02
N SER C 570 -8.63 50.41 -16.22
CA SER C 570 -8.13 50.83 -17.53
C SER C 570 -6.78 50.18 -17.85
N GLU C 571 -6.05 49.71 -16.85
CA GLU C 571 -4.77 49.05 -17.07
C GLU C 571 -4.86 47.53 -17.10
N VAL C 572 -6.07 46.96 -16.99
CA VAL C 572 -6.26 45.52 -16.99
C VAL C 572 -6.59 45.06 -18.40
N ASP C 573 -5.84 44.08 -18.89
CA ASP C 573 -6.00 43.59 -20.26
C ASP C 573 -7.04 42.48 -20.36
N TYR C 574 -6.80 41.36 -19.68
CA TYR C 574 -7.60 40.16 -19.85
C TYR C 574 -8.27 39.75 -18.55
N MET C 575 -9.31 38.93 -18.68
CA MET C 575 -10.11 38.48 -17.54
C MET C 575 -10.42 37.01 -17.72
N ASP C 576 -10.49 36.29 -16.61
CA ASP C 576 -10.81 34.87 -16.65
C ASP C 576 -12.21 34.65 -17.22
N VAL C 577 -12.35 33.60 -18.04
CA VAL C 577 -13.64 33.33 -18.65
C VAL C 577 -14.59 32.64 -17.67
N SER C 578 -14.06 31.83 -16.76
CA SER C 578 -14.91 31.08 -15.84
C SER C 578 -14.20 30.91 -14.50
N PRO C 579 -14.94 30.80 -13.40
CA PRO C 579 -14.30 30.44 -12.13
C PRO C 579 -13.72 29.03 -12.13
N ARG C 580 -14.26 28.13 -12.94
CA ARG C 580 -13.76 26.76 -12.99
C ARG C 580 -12.64 26.60 -14.00
N GLN C 581 -12.15 27.70 -14.59
CA GLN C 581 -11.13 27.65 -15.63
C GLN C 581 -9.92 26.82 -15.22
N MET C 582 -9.50 26.92 -13.94
CA MET C 582 -8.28 26.24 -13.54
C MET C 582 -8.50 24.76 -13.22
N VAL C 583 -9.71 24.37 -12.82
CA VAL C 583 -9.96 23.00 -12.39
C VAL C 583 -10.21 22.08 -13.59
N SER C 584 -9.98 20.78 -13.37
CA SER C 584 -10.27 19.76 -14.35
C SER C 584 -11.74 19.36 -14.30
N VAL C 585 -12.11 18.37 -15.11
CA VAL C 585 -13.51 17.95 -15.19
C VAL C 585 -13.97 17.31 -13.89
N ALA C 586 -13.18 16.39 -13.35
CA ALA C 586 -13.57 15.73 -12.12
C ALA C 586 -13.57 16.70 -10.94
N THR C 587 -12.60 17.62 -10.91
CA THR C 587 -12.58 18.61 -9.85
C THR C 587 -13.78 19.53 -9.91
N ALA C 588 -14.23 19.88 -11.13
CA ALA C 588 -15.36 20.78 -11.30
C ALA C 588 -16.69 20.13 -10.94
N MET C 589 -16.70 18.84 -10.62
CA MET C 589 -17.91 18.14 -10.19
C MET C 589 -18.04 18.05 -8.68
N ILE C 590 -17.14 18.66 -7.93
CA ILE C 590 -17.17 18.62 -6.46
C ILE C 590 -17.97 19.82 -5.98
N PRO C 591 -19.16 19.62 -5.40
CA PRO C 591 -19.94 20.76 -4.90
C PRO C 591 -19.22 21.41 -3.72
N PHE C 592 -19.32 22.73 -3.63
CA PHE C 592 -18.68 23.49 -2.58
C PHE C 592 -17.18 23.18 -2.51
N LEU C 593 -16.56 23.09 -3.68
CA LEU C 593 -15.13 22.79 -3.74
C LEU C 593 -14.32 23.83 -2.97
N GLU C 594 -14.72 25.10 -3.04
CA GLU C 594 -14.02 26.17 -2.35
C GLU C 594 -14.03 25.99 -0.84
N HIS C 595 -14.94 25.17 -0.32
CA HIS C 595 -15.04 24.92 1.11
C HIS C 595 -14.24 23.71 1.56
N ASP C 596 -13.50 23.08 0.67
CA ASP C 596 -12.71 21.89 0.99
C ASP C 596 -11.23 22.19 0.80
N ASP C 597 -10.40 21.60 1.67
CA ASP C 597 -8.97 21.77 1.54
C ASP C 597 -8.44 20.97 0.35
N ALA C 598 -7.27 21.38 -0.14
CA ALA C 598 -6.79 20.88 -1.42
C ALA C 598 -6.51 19.38 -1.39
N ASN C 599 -6.04 18.85 -0.26
CA ASN C 599 -5.75 17.42 -0.18
C ASN C 599 -7.03 16.60 -0.27
N ARG C 600 -8.04 16.97 0.53
CA ARG C 600 -9.29 16.23 0.53
C ARG C 600 -10.01 16.36 -0.81
N ALA C 601 -9.93 17.54 -1.43
CA ALA C 601 -10.50 17.71 -2.76
C ALA C 601 -9.78 16.85 -3.79
N LEU C 602 -8.47 16.71 -3.65
CA LEU C 602 -7.71 15.79 -4.50
C LEU C 602 -8.26 14.37 -4.36
N MET C 603 -8.44 13.92 -3.11
CA MET C 603 -8.97 12.57 -2.90
C MET C 603 -10.36 12.43 -3.52
N GLY C 604 -11.19 13.46 -3.42
CA GLY C 604 -12.53 13.37 -4.00
C GLY C 604 -12.50 13.25 -5.52
N ALA C 605 -11.72 14.13 -6.16
CA ALA C 605 -11.54 14.04 -7.60
C ALA C 605 -11.05 12.66 -8.02
N ASN C 606 -10.12 12.09 -7.26
CA ASN C 606 -9.59 10.77 -7.62
C ASN C 606 -10.62 9.67 -7.40
N MET C 607 -11.48 9.78 -6.39
CA MET C 607 -12.41 8.71 -6.07
C MET C 607 -13.63 8.69 -6.97
N GLN C 608 -14.04 9.85 -7.49
CA GLN C 608 -15.08 9.85 -8.52
C GLN C 608 -14.70 8.94 -9.68
N ARG C 609 -13.42 8.93 -10.07
CA ARG C 609 -12.96 8.01 -11.09
C ARG C 609 -12.95 6.56 -10.63
N GLN C 610 -13.09 6.31 -9.33
CA GLN C 610 -13.15 4.96 -8.81
C GLN C 610 -14.57 4.47 -8.55
N ALA C 611 -15.59 5.32 -8.72
CA ALA C 611 -16.96 4.88 -8.52
C ALA C 611 -17.36 3.78 -9.51
N VAL C 612 -18.07 2.77 -9.02
CA VAL C 612 -18.56 1.65 -9.84
C VAL C 612 -19.99 1.91 -10.32
N PRO C 613 -20.33 1.54 -11.56
CA PRO C 613 -21.71 1.69 -12.03
C PRO C 613 -22.67 0.80 -11.26
N LEU C 614 -23.71 1.41 -10.71
CA LEU C 614 -24.79 0.70 -10.04
C LEU C 614 -25.80 0.16 -11.05
N VAL C 615 -26.53 -0.89 -10.63
CA VAL C 615 -27.54 -1.48 -11.51
C VAL C 615 -28.56 -0.44 -11.95
N ARG C 616 -28.78 0.59 -11.14
CA ARG C 616 -29.65 1.69 -11.50
C ARG C 616 -28.96 2.98 -11.09
N SER C 617 -28.89 3.94 -12.00
CA SER C 617 -28.20 5.21 -11.76
C SER C 617 -29.19 6.27 -11.30
N GLU C 618 -28.72 7.13 -10.39
CA GLU C 618 -29.54 8.21 -9.85
C GLU C 618 -28.70 9.48 -9.81
N ALA C 619 -29.13 10.51 -10.53
CA ALA C 619 -28.39 11.76 -10.56
C ALA C 619 -28.44 12.43 -9.19
N PRO C 620 -27.39 13.17 -8.82
CA PRO C 620 -27.36 13.81 -7.50
C PRO C 620 -28.30 15.00 -7.42
N LEU C 621 -28.93 15.15 -6.24
CA LEU C 621 -29.71 16.35 -5.99
C LEU C 621 -28.84 17.60 -6.06
N VAL C 622 -27.64 17.53 -5.50
CA VAL C 622 -26.72 18.65 -5.47
C VAL C 622 -25.60 18.33 -6.46
N GLY C 623 -25.64 18.99 -7.62
CA GLY C 623 -24.56 18.93 -8.59
C GLY C 623 -23.84 20.26 -8.71
N THR C 624 -22.77 20.26 -9.49
CA THR C 624 -22.12 21.50 -9.91
C THR C 624 -22.50 21.94 -11.32
N GLY C 625 -23.28 21.14 -12.06
CA GLY C 625 -23.59 21.45 -13.44
C GLY C 625 -22.65 20.88 -14.47
N MET C 626 -21.47 20.41 -14.07
CA MET C 626 -20.52 19.76 -14.97
C MET C 626 -20.96 18.36 -15.38
N GLU C 627 -21.94 17.78 -14.67
CA GLU C 627 -22.28 16.37 -14.86
C GLU C 627 -22.72 16.07 -16.28
N LEU C 628 -23.55 16.93 -16.87
CA LEU C 628 -24.12 16.67 -18.18
C LEU C 628 -23.05 16.64 -19.26
N ARG C 629 -22.29 17.72 -19.38
CA ARG C 629 -21.23 17.77 -20.39
C ARG C 629 -20.16 16.71 -20.14
N ALA C 630 -19.92 16.37 -18.87
CA ALA C 630 -18.99 15.28 -18.57
C ALA C 630 -19.49 13.96 -19.17
N ALA C 631 -20.76 13.63 -18.93
CA ALA C 631 -21.31 12.38 -19.45
C ALA C 631 -21.36 12.38 -20.97
N ILE C 632 -21.78 13.49 -21.58
CA ILE C 632 -21.90 13.55 -23.04
C ILE C 632 -20.54 13.41 -23.69
N ASP C 633 -19.59 14.26 -23.29
CA ASP C 633 -18.26 14.21 -23.91
C ASP C 633 -17.55 12.89 -23.61
N ALA C 634 -17.86 12.25 -22.49
CA ALA C 634 -17.26 10.96 -22.19
C ALA C 634 -17.57 9.92 -23.26
N GLY C 635 -18.78 9.97 -23.84
CA GLY C 635 -19.14 9.16 -24.97
C GLY C 635 -19.97 7.93 -24.66
N ASP C 636 -19.95 7.45 -23.41
CA ASP C 636 -20.67 6.23 -23.06
C ASP C 636 -22.18 6.40 -23.06
N VAL C 637 -22.67 7.61 -23.15
CA VAL C 637 -24.06 7.92 -23.41
C VAL C 637 -24.32 7.91 -24.91
N VAL C 638 -25.52 7.54 -25.33
CA VAL C 638 -25.89 7.55 -26.75
C VAL C 638 -26.58 8.88 -27.06
N VAL C 639 -26.05 9.58 -28.05
CA VAL C 639 -26.52 10.91 -28.42
C VAL C 639 -27.08 10.86 -29.84
N ALA C 640 -28.14 11.62 -30.10
CA ALA C 640 -28.72 11.71 -31.42
C ALA C 640 -27.87 12.62 -32.30
N GLU C 641 -27.40 12.08 -33.43
CA GLU C 641 -26.59 12.88 -34.35
C GLU C 641 -27.43 13.86 -35.16
N GLU C 642 -28.65 13.50 -35.50
CA GLU C 642 -29.53 14.34 -36.29
C GLU C 642 -30.91 14.39 -35.65
N SER C 643 -31.58 15.54 -35.79
CA SER C 643 -32.91 15.69 -35.24
C SER C 643 -33.90 14.79 -35.96
N GLY C 644 -34.99 14.47 -35.28
CA GLY C 644 -36.03 13.66 -35.90
C GLY C 644 -36.99 13.12 -34.86
N VAL C 645 -37.76 12.12 -35.28
CA VAL C 645 -38.75 11.45 -34.45
C VAL C 645 -38.30 10.01 -34.26
N ILE C 646 -38.53 9.46 -33.06
CA ILE C 646 -38.20 8.06 -32.84
C ILE C 646 -39.17 7.21 -33.64
N GLU C 647 -38.65 6.39 -34.55
CA GLU C 647 -39.50 5.51 -35.33
C GLU C 647 -39.87 4.25 -34.56
N GLU C 648 -38.90 3.66 -33.88
CA GLU C 648 -39.10 2.44 -33.10
C GLU C 648 -38.07 2.43 -31.98
N VAL C 649 -38.46 1.89 -30.84
CA VAL C 649 -37.58 1.85 -29.67
C VAL C 649 -37.72 0.50 -28.98
N SER C 650 -36.58 -0.10 -28.67
CA SER C 650 -36.51 -1.36 -27.94
C SER C 650 -35.33 -1.29 -26.98
N ALA C 651 -35.25 -2.26 -26.08
CA ALA C 651 -34.03 -2.41 -25.29
C ALA C 651 -32.82 -2.67 -26.18
N ASP C 652 -33.04 -3.22 -27.38
CA ASP C 652 -31.93 -3.53 -28.28
C ASP C 652 -31.45 -2.30 -29.04
N TYR C 653 -32.36 -1.46 -29.54
CA TYR C 653 -31.92 -0.33 -30.33
C TYR C 653 -32.99 0.76 -30.34
N ILE C 654 -32.55 1.97 -30.70
CA ILE C 654 -33.41 3.10 -31.04
C ILE C 654 -33.16 3.44 -32.49
N THR C 655 -34.23 3.71 -33.23
CA THR C 655 -34.13 4.24 -34.59
C THR C 655 -34.91 5.55 -34.66
N VAL C 656 -34.27 6.57 -35.24
CA VAL C 656 -34.87 7.89 -35.35
C VAL C 656 -35.06 8.21 -36.82
N MET C 657 -36.27 8.66 -37.18
CA MET C 657 -36.57 9.07 -38.54
C MET C 657 -36.30 10.55 -38.68
N HIS C 658 -35.29 10.90 -39.47
CA HIS C 658 -34.95 12.29 -39.71
C HIS C 658 -36.00 12.93 -40.63
N ASP C 659 -36.01 14.26 -40.63
CA ASP C 659 -36.91 14.98 -41.51
C ASP C 659 -36.58 14.76 -42.98
N ASN C 660 -35.33 14.38 -43.29
CA ASN C 660 -34.92 14.06 -44.65
C ASN C 660 -35.58 12.80 -45.19
N GLY C 661 -36.29 12.04 -44.34
CA GLY C 661 -36.67 10.69 -44.68
C GLY C 661 -35.60 9.65 -44.41
N THR C 662 -34.39 10.08 -44.08
CA THR C 662 -33.32 9.17 -43.73
C THR C 662 -33.55 8.56 -42.35
N ARG C 663 -32.93 7.42 -42.10
CA ARG C 663 -33.05 6.71 -40.84
C ARG C 663 -31.68 6.52 -40.21
N ARG C 664 -31.65 6.56 -38.88
CA ARG C 664 -30.45 6.28 -38.11
C ARG C 664 -30.85 5.38 -36.95
N THR C 665 -30.18 4.25 -36.80
CA THR C 665 -30.48 3.31 -35.73
C THR C 665 -29.25 3.15 -34.85
N TYR C 666 -29.45 3.28 -33.54
CA TYR C 666 -28.38 3.19 -32.55
C TYR C 666 -28.55 1.90 -31.76
N ARG C 667 -27.56 1.02 -31.83
CA ARG C 667 -27.58 -0.24 -31.10
C ARG C 667 -27.05 -0.04 -29.69
N MET C 668 -27.73 -0.63 -28.72
CA MET C 668 -27.39 -0.45 -27.31
C MET C 668 -26.37 -1.49 -26.89
N ARG C 669 -25.33 -1.05 -26.16
CA ARG C 669 -24.46 -1.98 -25.48
C ARG C 669 -25.19 -2.52 -24.27
N LYS C 670 -25.35 -3.83 -24.18
CA LYS C 670 -26.18 -4.46 -23.16
C LYS C 670 -25.31 -5.39 -22.32
N PHE C 671 -25.15 -5.04 -21.04
CA PHE C 671 -24.44 -5.87 -20.07
C PHE C 671 -23.05 -6.25 -20.58
N ALA C 672 -22.33 -5.23 -21.05
CA ALA C 672 -20.99 -5.40 -21.57
C ALA C 672 -19.96 -5.27 -20.46
N ARG C 673 -18.90 -6.07 -20.55
CA ARG C 673 -17.84 -6.09 -19.55
C ARG C 673 -16.77 -5.06 -19.92
N SER C 674 -16.53 -4.12 -19.01
CA SER C 674 -15.49 -3.11 -19.25
C SER C 674 -14.12 -3.69 -18.96
N ASN C 675 -13.08 -2.88 -19.19
CA ASN C 675 -11.71 -3.35 -18.97
C ASN C 675 -11.50 -3.78 -17.53
N HIS C 676 -12.14 -3.09 -16.59
CA HIS C 676 -11.97 -3.36 -15.17
C HIS C 676 -13.08 -4.24 -14.60
N GLY C 677 -13.99 -4.73 -15.43
CA GLY C 677 -15.00 -5.66 -14.99
C GLY C 677 -16.32 -5.04 -14.57
N THR C 678 -16.42 -3.72 -14.58
CA THR C 678 -17.71 -3.08 -14.31
C THR C 678 -18.63 -3.27 -15.50
N CYS C 679 -19.94 -3.11 -15.23
CA CYS C 679 -20.97 -3.41 -16.23
C CYS C 679 -21.35 -2.15 -16.98
N ALA C 680 -21.06 -2.12 -18.28
CA ALA C 680 -21.50 -1.04 -19.16
C ALA C 680 -22.82 -1.43 -19.80
N ASN C 681 -23.89 -0.75 -19.41
CA ASN C 681 -25.25 -1.10 -19.84
C ASN C 681 -25.97 0.17 -20.24
N GLN C 682 -26.36 0.27 -21.50
CA GLN C 682 -27.09 1.42 -22.01
C GLN C 682 -28.58 1.13 -22.05
N CYS C 683 -29.38 2.16 -21.72
CA CYS C 683 -30.82 2.04 -21.78
C CYS C 683 -31.42 3.28 -22.43
N PRO C 684 -32.41 3.11 -23.31
CA PRO C 684 -33.03 4.27 -23.95
C PRO C 684 -33.87 5.07 -22.97
N ILE C 685 -33.70 6.40 -23.01
CA ILE C 685 -34.51 7.32 -22.22
C ILE C 685 -35.62 7.97 -23.05
N VAL C 686 -35.83 7.52 -24.29
CA VAL C 686 -36.83 8.11 -25.18
C VAL C 686 -37.92 7.10 -25.48
N ASP C 687 -39.09 7.62 -25.84
CA ASP C 687 -40.26 6.81 -26.17
C ASP C 687 -40.57 6.93 -27.67
N ALA C 688 -41.60 6.18 -28.09
CA ALA C 688 -41.86 5.99 -29.51
C ALA C 688 -42.17 7.31 -30.22
N GLY C 689 -43.18 8.03 -29.75
CA GLY C 689 -43.54 9.24 -30.46
C GLY C 689 -42.65 10.44 -30.24
N ASP C 690 -41.58 10.30 -29.46
CA ASP C 690 -40.79 11.46 -29.05
C ASP C 690 -40.05 12.08 -30.24
N ARG C 691 -40.00 13.40 -30.25
CA ARG C 691 -39.12 14.14 -31.14
C ARG C 691 -37.84 14.50 -30.39
N VAL C 692 -36.70 14.23 -31.03
CA VAL C 692 -35.39 14.52 -30.44
C VAL C 692 -34.64 15.45 -31.37
N GLU C 693 -33.62 16.10 -30.81
CA GLU C 693 -32.81 17.07 -31.52
C GLU C 693 -31.36 16.59 -31.58
N ALA C 694 -30.62 17.15 -32.54
CA ALA C 694 -29.20 16.83 -32.63
C ALA C 694 -28.50 17.27 -31.35
N GLY C 695 -27.77 16.34 -30.74
CA GLY C 695 -27.12 16.56 -29.47
C GLY C 695 -27.88 16.02 -28.27
N GLN C 696 -29.18 15.78 -28.42
CA GLN C 696 -29.97 15.26 -27.31
C GLN C 696 -29.53 13.83 -26.98
N VAL C 697 -29.67 13.47 -25.71
CA VAL C 697 -29.26 12.16 -25.23
C VAL C 697 -30.41 11.18 -25.45
N ILE C 698 -30.17 10.17 -26.29
CA ILE C 698 -31.18 9.17 -26.55
C ILE C 698 -31.19 8.09 -25.47
N ALA C 699 -30.01 7.68 -25.01
CA ALA C 699 -29.92 6.56 -24.08
C ALA C 699 -28.93 6.87 -22.97
N ASP C 700 -29.31 6.52 -21.75
CA ASP C 700 -28.36 6.57 -20.63
C ASP C 700 -27.35 5.44 -20.74
N GLY C 701 -26.13 5.73 -20.33
CA GLY C 701 -25.10 4.71 -20.25
C GLY C 701 -24.82 4.33 -18.82
N PRO C 702 -23.65 3.76 -18.58
CA PRO C 702 -23.24 3.50 -17.19
C PRO C 702 -23.08 4.82 -16.43
N CYS C 703 -23.58 4.84 -15.20
CA CYS C 703 -23.45 6.01 -14.32
C CYS C 703 -24.01 7.28 -14.95
N THR C 704 -25.20 7.17 -15.55
CA THR C 704 -25.87 8.32 -16.13
C THR C 704 -27.36 8.26 -15.83
N ASP C 705 -27.92 9.42 -15.48
CA ASP C 705 -29.36 9.57 -15.24
C ASP C 705 -29.87 10.75 -16.06
N ASP C 706 -30.68 10.45 -17.07
CA ASP C 706 -31.25 11.47 -17.97
C ASP C 706 -30.17 12.36 -18.59
N GLY C 707 -28.99 11.78 -18.82
CA GLY C 707 -27.91 12.46 -19.50
C GLY C 707 -26.80 12.98 -18.61
N GLU C 708 -27.03 13.09 -17.30
CA GLU C 708 -26.02 13.62 -16.39
C GLU C 708 -25.23 12.48 -15.76
N MET C 709 -23.94 12.71 -15.54
CA MET C 709 -23.13 11.75 -14.81
C MET C 709 -23.74 11.50 -13.44
N ALA C 710 -24.07 10.25 -13.15
CA ALA C 710 -24.57 9.86 -11.84
C ALA C 710 -23.66 8.76 -11.29
N LEU C 711 -22.79 9.12 -10.34
CA LEU C 711 -21.79 8.19 -9.84
C LEU C 711 -22.20 7.54 -8.52
N GLY C 712 -23.37 7.85 -8.00
CA GLY C 712 -23.75 7.39 -6.69
C GLY C 712 -25.22 7.61 -6.43
N LYS C 713 -25.59 7.56 -5.15
CA LYS C 713 -26.96 7.70 -4.73
C LYS C 713 -27.09 8.80 -3.67
N ASN C 714 -28.24 9.48 -3.68
CA ASN C 714 -28.54 10.44 -2.63
C ASN C 714 -29.03 9.66 -1.41
N LEU C 715 -28.31 9.76 -0.30
CA LEU C 715 -28.60 8.99 0.90
C LEU C 715 -28.94 9.93 2.04
N LEU C 716 -29.92 9.52 2.87
CA LEU C 716 -30.27 10.30 4.04
C LEU C 716 -29.21 10.05 5.10
N VAL C 717 -28.50 11.11 5.47
CA VAL C 717 -27.31 11.00 6.30
C VAL C 717 -27.59 11.62 7.65
N ALA C 718 -26.92 11.08 8.68
CA ALA C 718 -26.97 11.64 10.03
C ALA C 718 -25.55 11.71 10.54
N ILE C 719 -25.12 12.90 10.93
CA ILE C 719 -23.76 13.10 11.42
C ILE C 719 -23.78 12.95 12.93
N MET C 720 -23.18 11.87 13.43
CA MET C 720 -23.23 11.53 14.85
C MET C 720 -22.42 10.27 15.10
N PRO C 721 -21.83 10.12 16.29
CA PRO C 721 -21.27 8.82 16.67
C PRO C 721 -22.40 7.84 16.93
N TRP C 722 -22.25 6.60 16.47
CA TRP C 722 -23.20 5.55 16.80
C TRP C 722 -22.47 4.30 17.28
N GLU C 723 -22.54 4.05 18.58
CA GLU C 723 -22.12 2.82 19.25
C GLU C 723 -20.79 2.27 18.76
N GLY C 724 -19.84 3.14 18.43
CA GLY C 724 -18.52 2.70 18.00
C GLY C 724 -18.47 1.99 16.67
N HIS C 725 -19.60 1.81 15.98
CA HIS C 725 -19.57 1.12 14.69
C HIS C 725 -19.12 2.02 13.55
N ASN C 726 -19.28 3.32 13.67
CA ASN C 726 -18.68 4.27 12.74
C ASN C 726 -17.36 4.83 13.25
N TYR C 727 -16.82 4.27 14.33
CA TYR C 727 -15.52 4.69 14.87
C TYR C 727 -14.44 4.64 13.80
N GLU C 728 -13.67 5.73 13.72
CA GLU C 728 -12.46 5.80 12.90
C GLU C 728 -12.77 5.56 11.41
N ASP C 729 -13.53 6.52 10.86
CA ASP C 729 -13.87 6.57 9.43
C ASP C 729 -14.78 5.43 8.98
N ALA C 730 -15.05 4.47 9.86
CA ALA C 730 -16.03 3.44 9.53
C ALA C 730 -17.39 4.07 9.28
N ILE C 731 -18.18 3.43 8.44
CA ILE C 731 -19.47 3.95 7.99
C ILE C 731 -20.56 2.93 8.33
N ILE C 732 -21.70 3.43 8.78
CA ILE C 732 -22.86 2.62 9.12
C ILE C 732 -23.91 2.82 8.05
N LEU C 733 -24.49 1.72 7.56
CA LEU C 733 -25.51 1.77 6.52
C LEU C 733 -26.80 1.12 7.02
N SER C 734 -27.91 1.55 6.44
CA SER C 734 -29.20 0.90 6.66
C SER C 734 -29.34 -0.29 5.73
N ASN C 735 -29.90 -1.39 6.27
CA ASN C 735 -30.08 -2.60 5.48
C ASN C 735 -30.98 -2.37 4.28
N ARG C 736 -31.76 -1.28 4.28
CA ARG C 736 -32.55 -0.93 3.11
C ARG C 736 -31.68 -0.86 1.87
N LEU C 737 -30.48 -0.27 1.99
CA LEU C 737 -29.58 -0.16 0.85
C LEU C 737 -29.22 -1.53 0.28
N VAL C 738 -29.27 -2.58 1.10
CA VAL C 738 -29.09 -3.93 0.60
C VAL C 738 -30.38 -4.46 -0.02
N GLU C 739 -31.52 -4.23 0.65
CA GLU C 739 -32.77 -4.89 0.25
C GLU C 739 -33.34 -4.27 -1.01
N GLU C 740 -33.22 -2.96 -1.16
CA GLU C 740 -33.71 -2.26 -2.33
C GLU C 740 -32.64 -2.07 -3.40
N ASP C 741 -31.45 -2.63 -3.20
CA ASP C 741 -30.41 -2.69 -4.24
C ASP C 741 -29.92 -1.32 -4.67
N VAL C 742 -29.87 -0.35 -3.74
CA VAL C 742 -29.52 1.00 -4.17
C VAL C 742 -28.01 1.14 -4.38
N LEU C 743 -27.19 0.41 -3.62
CA LEU C 743 -25.75 0.34 -3.82
C LEU C 743 -25.31 -0.90 -4.59
N THR C 744 -26.24 -1.69 -5.12
CA THR C 744 -25.88 -2.92 -5.83
C THR C 744 -25.28 -2.61 -7.20
N SER C 745 -24.29 -3.40 -7.58
CA SER C 745 -23.62 -3.25 -8.87
C SER C 745 -23.41 -4.62 -9.51
N ILE C 746 -23.26 -4.62 -10.84
CA ILE C 746 -22.99 -5.83 -11.60
C ILE C 746 -21.52 -5.85 -11.98
N HIS C 747 -20.86 -6.98 -11.77
CA HIS C 747 -19.46 -7.15 -12.12
C HIS C 747 -19.31 -8.41 -12.96
N ILE C 748 -18.69 -8.27 -14.12
CA ILE C 748 -18.61 -9.33 -15.12
C ILE C 748 -17.16 -9.77 -15.23
N GLU C 749 -16.92 -11.07 -15.06
CA GLU C 749 -15.58 -11.63 -15.12
C GLU C 749 -15.44 -12.50 -16.35
N GLU C 750 -14.30 -12.38 -17.03
CA GLU C 750 -14.01 -13.15 -18.24
C GLU C 750 -13.06 -14.28 -17.88
N HIS C 751 -13.56 -15.52 -17.95
CA HIS C 751 -12.74 -16.70 -17.73
C HIS C 751 -12.37 -17.31 -19.07
N GLU C 752 -11.08 -17.57 -19.25
CA GLU C 752 -10.54 -18.03 -20.52
C GLU C 752 -9.70 -19.28 -20.28
N ILE C 753 -9.89 -20.29 -21.12
CA ILE C 753 -9.10 -21.52 -21.06
C ILE C 753 -8.89 -21.99 -22.49
N ASP C 754 -7.75 -22.65 -22.74
CA ASP C 754 -7.42 -23.14 -24.06
C ASP C 754 -6.94 -24.58 -23.97
N ALA C 755 -7.07 -25.28 -25.09
CA ALA C 755 -6.56 -26.64 -25.25
C ALA C 755 -5.43 -26.61 -26.25
N ARG C 756 -4.25 -27.04 -25.82
CA ARG C 756 -3.03 -26.86 -26.60
C ARG C 756 -2.29 -28.18 -26.70
N ASP C 757 -1.16 -28.15 -27.43
CA ASP C 757 -0.28 -29.31 -27.54
C ASP C 757 0.70 -29.31 -26.38
N THR C 758 0.93 -30.50 -25.81
CA THR C 758 1.87 -30.67 -24.72
C THR C 758 2.94 -31.70 -25.12
N LYS C 759 3.85 -31.96 -24.18
CA LYS C 759 4.86 -33.00 -24.36
C LYS C 759 4.23 -34.32 -24.75
N LEU C 760 3.18 -34.71 -24.03
CA LEU C 760 2.50 -36.00 -24.19
C LEU C 760 1.35 -35.94 -25.20
N GLY C 761 1.22 -34.85 -25.94
CA GLY C 761 0.21 -34.73 -26.97
C GLY C 761 -0.88 -33.72 -26.60
N ALA C 762 -1.86 -33.65 -27.49
CA ALA C 762 -2.84 -32.57 -27.45
C ALA C 762 -3.79 -32.71 -26.27
N GLU C 763 -4.13 -31.58 -25.67
CA GLU C 763 -5.21 -31.52 -24.71
C GLU C 763 -6.54 -31.61 -25.44
N GLU C 764 -7.59 -31.95 -24.69
CA GLU C 764 -8.94 -32.05 -25.22
C GLU C 764 -9.91 -31.33 -24.30
N ILE C 765 -10.76 -30.50 -24.88
CA ILE C 765 -11.90 -29.93 -24.18
C ILE C 765 -13.07 -30.87 -24.37
N THR C 766 -13.55 -31.45 -23.27
CA THR C 766 -14.51 -32.55 -23.34
C THR C 766 -15.42 -32.52 -22.12
N ARG C 767 -16.58 -33.16 -22.27
CA ARG C 767 -17.48 -33.36 -21.14
C ARG C 767 -17.09 -34.57 -20.31
N ASP C 768 -16.22 -35.44 -20.83
CA ASP C 768 -15.89 -36.68 -20.13
C ASP C 768 -14.65 -36.42 -19.27
N ILE C 769 -14.85 -36.31 -17.96
CA ILE C 769 -13.80 -35.99 -17.00
C ILE C 769 -13.71 -37.14 -16.01
N PRO C 770 -12.57 -37.84 -15.93
CA PRO C 770 -12.49 -38.99 -15.02
C PRO C 770 -12.72 -38.61 -13.57
N ASN C 771 -13.23 -39.57 -12.81
CA ASN C 771 -13.47 -39.42 -11.36
C ASN C 771 -14.42 -38.27 -11.05
N ILE C 772 -15.36 -37.98 -11.94
CA ILE C 772 -16.27 -36.86 -11.78
C ILE C 772 -17.70 -37.34 -11.99
N SER C 773 -18.57 -37.04 -11.02
CA SER C 773 -19.94 -37.51 -11.02
C SER C 773 -20.76 -36.85 -12.13
N ASP C 774 -21.84 -37.52 -12.52
CA ASP C 774 -22.79 -36.94 -13.46
C ASP C 774 -23.55 -35.77 -12.87
N GLU C 775 -23.64 -35.69 -11.53
CA GLU C 775 -24.38 -34.61 -10.88
C GLU C 775 -23.68 -33.28 -11.10
N VAL C 776 -22.35 -33.23 -10.99
CA VAL C 776 -21.62 -31.99 -11.16
C VAL C 776 -21.34 -31.64 -12.62
N LEU C 777 -21.58 -32.57 -13.54
CA LEU C 777 -21.52 -32.28 -14.97
C LEU C 777 -22.86 -31.82 -15.52
N ALA C 778 -23.87 -31.66 -14.67
CA ALA C 778 -25.23 -31.41 -15.14
C ALA C 778 -25.32 -30.14 -15.97
N ASP C 779 -24.66 -29.07 -15.53
CA ASP C 779 -24.78 -27.78 -16.19
C ASP C 779 -23.87 -27.65 -17.41
N LEU C 780 -23.08 -28.66 -17.72
CA LEU C 780 -22.25 -28.65 -18.91
C LEU C 780 -23.04 -29.13 -20.13
N ASP C 781 -22.71 -28.60 -21.29
CA ASP C 781 -23.32 -29.05 -22.54
C ASP C 781 -22.60 -30.32 -23.02
N GLU C 782 -22.87 -30.72 -24.26
CA GLU C 782 -22.25 -31.94 -24.78
C GLU C 782 -20.75 -31.78 -25.04
N ARG C 783 -20.26 -30.54 -25.13
CA ARG C 783 -18.84 -30.30 -25.31
C ARG C 783 -18.07 -30.24 -23.99
N GLY C 784 -18.76 -30.15 -22.86
CA GLY C 784 -18.13 -29.92 -21.59
C GLY C 784 -18.03 -28.46 -21.19
N ILE C 785 -18.77 -27.58 -21.86
CA ILE C 785 -18.77 -26.15 -21.58
C ILE C 785 -20.05 -25.82 -20.82
N VAL C 786 -19.94 -24.96 -19.81
CA VAL C 786 -21.10 -24.60 -19.00
C VAL C 786 -22.16 -23.94 -19.88
N ARG C 787 -23.42 -24.06 -19.48
CA ARG C 787 -24.53 -23.63 -20.29
C ARG C 787 -24.98 -22.22 -19.92
N ILE C 788 -25.38 -21.45 -20.92
CA ILE C 788 -25.86 -20.08 -20.72
C ILE C 788 -26.99 -20.10 -19.69
N GLY C 789 -26.89 -19.23 -18.70
CA GLY C 789 -27.88 -19.14 -17.66
C GLY C 789 -27.60 -19.97 -16.42
N ALA C 790 -26.59 -20.84 -16.47
CA ALA C 790 -26.26 -21.66 -15.32
C ALA C 790 -25.77 -20.80 -14.16
N GLU C 791 -26.13 -21.20 -12.95
CA GLU C 791 -25.59 -20.57 -11.74
C GLU C 791 -24.35 -21.33 -11.32
N VAL C 792 -23.21 -20.65 -11.34
CA VAL C 792 -21.94 -21.25 -10.99
C VAL C 792 -21.49 -20.67 -9.64
N ARG C 793 -20.85 -21.51 -8.83
CA ARG C 793 -20.40 -21.14 -7.51
C ARG C 793 -18.92 -21.49 -7.37
N ASP C 794 -18.39 -21.27 -6.17
CA ASP C 794 -17.00 -21.60 -5.88
C ASP C 794 -16.72 -23.07 -6.20
N GLY C 795 -15.73 -23.30 -7.06
CA GLY C 795 -15.30 -24.65 -7.38
C GLY C 795 -16.02 -25.32 -8.53
N ASP C 796 -17.06 -24.71 -9.08
CA ASP C 796 -17.82 -25.35 -10.15
C ASP C 796 -17.00 -25.42 -11.43
N ILE C 797 -17.41 -26.33 -12.31
CA ILE C 797 -16.75 -26.53 -13.60
C ILE C 797 -17.33 -25.57 -14.61
N LEU C 798 -16.47 -24.78 -15.25
CA LEU C 798 -16.86 -23.91 -16.36
C LEU C 798 -16.62 -24.61 -17.69
N VAL C 799 -15.37 -24.96 -17.99
CA VAL C 799 -15.01 -25.65 -19.22
C VAL C 799 -14.23 -26.90 -18.86
N GLY C 800 -14.75 -28.07 -19.23
CA GLY C 800 -14.05 -29.31 -18.98
C GLY C 800 -12.86 -29.47 -19.91
N LYS C 801 -11.73 -29.88 -19.35
CA LYS C 801 -10.52 -30.09 -20.13
C LYS C 801 -9.72 -31.21 -19.52
N VAL C 802 -9.07 -32.01 -20.37
CA VAL C 802 -8.20 -33.08 -19.92
C VAL C 802 -6.84 -32.90 -20.59
N THR C 803 -5.79 -33.30 -19.88
CA THR C 803 -4.44 -33.16 -20.37
C THR C 803 -3.76 -34.52 -20.34
N PRO C 804 -3.00 -34.86 -21.38
CA PRO C 804 -2.32 -36.16 -21.41
C PRO C 804 -1.38 -36.34 -20.23
N LYS C 805 -1.45 -37.52 -19.61
CA LYS C 805 -0.64 -37.88 -18.46
C LYS C 805 0.29 -39.02 -18.83
N GLY C 806 1.41 -39.11 -18.10
CA GLY C 806 2.33 -40.20 -18.29
C GLY C 806 2.04 -41.37 -17.38
N GLU C 807 2.51 -42.56 -17.78
CA GLU C 807 2.26 -43.75 -17.00
C GLU C 807 3.10 -43.80 -15.73
N THR C 808 4.19 -43.04 -15.66
CA THR C 808 4.95 -42.94 -14.42
C THR C 808 4.29 -42.03 -13.40
N GLU C 809 3.26 -41.27 -13.80
CA GLU C 809 2.55 -40.37 -12.90
C GLU C 809 1.31 -41.00 -12.27
N LEU C 810 0.96 -42.23 -12.65
CA LEU C 810 -0.12 -42.94 -11.98
C LEU C 810 0.34 -43.37 -10.60
N THR C 811 -0.59 -43.32 -9.64
CA THR C 811 -0.32 -43.92 -8.34
C THR C 811 -0.21 -45.43 -8.50
N PRO C 812 0.49 -46.11 -7.59
CA PRO C 812 0.56 -47.58 -7.68
C PRO C 812 -0.81 -48.25 -7.74
N GLU C 813 -1.81 -47.71 -7.03
CA GLU C 813 -3.15 -48.27 -7.11
C GLU C 813 -3.77 -48.04 -8.49
N GLU C 814 -3.62 -46.82 -9.02
CA GLU C 814 -4.13 -46.53 -10.37
C GLU C 814 -3.50 -47.46 -11.40
N ARG C 815 -2.20 -47.73 -11.28
CA ARG C 815 -1.55 -48.66 -12.19
C ARG C 815 -2.04 -50.09 -11.98
N LEU C 816 -2.39 -50.44 -10.74
CA LEU C 816 -2.98 -51.74 -10.48
C LEU C 816 -4.32 -51.89 -11.20
N LEU C 817 -5.16 -50.86 -11.16
CA LEU C 817 -6.43 -50.91 -11.90
C LEU C 817 -6.19 -50.97 -13.40
N ARG C 818 -5.29 -50.13 -13.91
CA ARG C 818 -5.03 -50.08 -15.34
C ARG C 818 -4.52 -51.42 -15.86
N ALA C 819 -3.65 -52.08 -15.08
CA ALA C 819 -3.12 -53.37 -15.51
C ALA C 819 -4.12 -54.51 -15.30
N ILE C 820 -4.96 -54.42 -14.28
CA ILE C 820 -5.93 -55.47 -14.01
C ILE C 820 -7.02 -55.48 -15.08
N PHE C 821 -7.62 -54.31 -15.33
CA PHE C 821 -8.74 -54.23 -16.25
C PHE C 821 -8.32 -53.96 -17.70
N GLY C 822 -7.02 -53.82 -17.96
CA GLY C 822 -6.55 -53.51 -19.30
C GLY C 822 -7.18 -52.23 -19.83
N GLU C 823 -7.08 -51.16 -19.06
CA GLU C 823 -7.78 -49.93 -19.37
C GLU C 823 -7.16 -49.25 -20.58
N LYS C 824 -7.70 -48.08 -20.92
CA LYS C 824 -7.25 -47.35 -22.10
C LYS C 824 -5.80 -46.89 -21.94
N ALA C 825 -5.08 -46.89 -23.06
CA ALA C 825 -3.70 -46.43 -23.06
C ALA C 825 -3.58 -44.93 -22.79
N ARG C 826 -4.64 -44.16 -23.08
CA ARG C 826 -4.61 -42.72 -22.83
C ARG C 826 -4.92 -42.45 -21.36
N GLU C 827 -3.96 -41.88 -20.65
CA GLU C 827 -4.13 -41.46 -19.27
C GLU C 827 -4.17 -39.94 -19.25
N VAL C 828 -5.16 -39.37 -18.56
CA VAL C 828 -5.37 -37.93 -18.55
C VAL C 828 -5.49 -37.43 -17.13
N ARG C 829 -5.22 -36.14 -16.96
CA ARG C 829 -5.43 -35.41 -15.72
C ARG C 829 -6.55 -34.41 -15.95
N ASP C 830 -7.26 -34.05 -14.89
CA ASP C 830 -8.40 -33.13 -15.02
C ASP C 830 -7.84 -31.72 -14.82
N THR C 831 -7.73 -31.00 -15.95
CA THR C 831 -7.29 -29.62 -16.01
C THR C 831 -8.43 -28.63 -16.19
N SER C 832 -9.67 -29.10 -16.03
CA SER C 832 -10.85 -28.29 -16.34
C SER C 832 -10.78 -26.91 -15.68
N LEU C 833 -11.28 -25.91 -16.40
CA LEU C 833 -11.41 -24.57 -15.85
C LEU C 833 -12.51 -24.55 -14.79
N LYS C 834 -12.15 -24.13 -13.58
CA LYS C 834 -13.08 -24.08 -12.47
C LYS C 834 -13.25 -22.65 -11.97
N VAL C 835 -14.39 -22.39 -11.36
CA VAL C 835 -14.65 -21.06 -10.80
C VAL C 835 -13.69 -20.82 -9.64
N PRO C 836 -13.00 -19.69 -9.58
CA PRO C 836 -12.06 -19.43 -8.48
C PRO C 836 -12.77 -19.29 -7.13
N HIS C 837 -12.00 -19.12 -6.06
CA HIS C 837 -12.58 -19.03 -4.73
C HIS C 837 -13.28 -17.70 -4.54
N GLY C 838 -14.43 -17.75 -3.87
CA GLY C 838 -15.19 -16.54 -3.57
C GLY C 838 -15.88 -15.90 -4.75
N GLU C 839 -16.21 -16.69 -5.78
CA GLU C 839 -16.90 -16.17 -6.95
C GLU C 839 -18.22 -16.91 -7.16
N SER C 840 -19.27 -16.14 -7.47
CA SER C 840 -20.59 -16.67 -7.76
C SER C 840 -21.21 -15.82 -8.86
N GLY C 841 -22.10 -16.42 -9.63
CA GLY C 841 -22.80 -15.66 -10.64
C GLY C 841 -23.54 -16.57 -11.61
N LYS C 842 -24.06 -15.95 -12.66
CA LYS C 842 -24.71 -16.65 -13.75
C LYS C 842 -23.89 -16.47 -15.02
N VAL C 843 -23.91 -17.48 -15.89
CA VAL C 843 -23.18 -17.41 -17.14
C VAL C 843 -24.01 -16.60 -18.13
N ILE C 844 -23.49 -15.44 -18.54
CA ILE C 844 -24.19 -14.59 -19.49
C ILE C 844 -23.65 -14.70 -20.90
N GLY C 845 -22.57 -15.44 -21.12
CA GLY C 845 -22.04 -15.55 -22.46
C GLY C 845 -20.95 -16.58 -22.62
N ILE C 846 -20.83 -17.11 -23.84
CA ILE C 846 -19.84 -18.13 -24.17
C ILE C 846 -19.32 -17.85 -25.56
N ARG C 847 -18.00 -17.83 -25.71
CA ARG C 847 -17.37 -17.64 -27.00
C ARG C 847 -16.33 -18.74 -27.17
N VAL C 848 -16.34 -19.40 -28.33
CA VAL C 848 -15.51 -20.57 -28.56
C VAL C 848 -14.80 -20.42 -29.90
N PHE C 849 -13.50 -20.74 -29.91
CA PHE C 849 -12.68 -20.69 -31.12
C PHE C 849 -11.99 -22.03 -31.29
N SER C 850 -11.88 -22.47 -32.55
CA SER C 850 -11.35 -23.80 -32.84
C SER C 850 -10.43 -23.74 -34.05
N ARG C 851 -9.49 -24.70 -34.10
CA ARG C 851 -8.67 -24.86 -35.30
C ARG C 851 -9.47 -25.47 -36.44
N GLU C 852 -10.49 -26.27 -36.14
CA GLU C 852 -11.30 -26.88 -37.19
C GLU C 852 -11.95 -25.82 -38.08
N ASP C 853 -12.21 -24.65 -37.53
CA ASP C 853 -12.69 -23.53 -38.33
C ASP C 853 -11.50 -22.69 -38.79
N GLU C 854 -11.77 -21.51 -39.36
CA GLU C 854 -10.71 -20.64 -39.81
C GLU C 854 -10.15 -19.77 -38.71
N ASP C 855 -10.61 -19.97 -37.46
CA ASP C 855 -10.22 -19.10 -36.34
C ASP C 855 -8.71 -19.08 -36.16
N GLU C 856 -8.13 -17.88 -36.19
CA GLU C 856 -6.70 -17.72 -35.97
C GLU C 856 -6.38 -17.97 -34.51
N LEU C 857 -5.47 -18.91 -34.25
CA LEU C 857 -5.03 -19.22 -32.91
C LEU C 857 -3.52 -19.33 -32.88
N PRO C 858 -2.89 -19.00 -31.74
CA PRO C 858 -1.44 -19.17 -31.63
C PRO C 858 -1.03 -20.61 -31.84
N ALA C 859 0.23 -20.79 -32.22
CA ALA C 859 0.74 -22.11 -32.53
C ALA C 859 0.60 -23.04 -31.34
N GLY C 860 0.12 -24.26 -31.60
CA GLY C 860 -0.08 -25.26 -30.58
C GLY C 860 -1.45 -25.25 -29.94
N VAL C 861 -2.21 -24.16 -30.07
CA VAL C 861 -3.49 -24.01 -29.38
C VAL C 861 -4.59 -24.49 -30.31
N ASN C 862 -5.25 -25.59 -29.93
CA ASN C 862 -6.29 -26.19 -30.76
C ASN C 862 -7.63 -25.50 -30.57
N GLU C 863 -8.03 -25.22 -29.32
CA GLU C 863 -9.35 -24.69 -29.03
C GLU C 863 -9.27 -23.68 -27.89
N LEU C 864 -10.01 -22.60 -28.03
CA LEU C 864 -10.00 -21.50 -27.07
C LEU C 864 -11.44 -21.11 -26.77
N VAL C 865 -11.84 -21.19 -25.50
CA VAL C 865 -13.21 -20.92 -25.08
C VAL C 865 -13.19 -19.92 -23.93
N ARG C 866 -14.06 -18.92 -24.01
CA ARG C 866 -14.18 -17.88 -23.00
C ARG C 866 -15.57 -17.90 -22.40
N VAL C 867 -15.65 -17.87 -21.07
CA VAL C 867 -16.91 -17.88 -20.34
C VAL C 867 -17.03 -16.59 -19.54
N TYR C 868 -18.15 -15.90 -19.70
CA TYR C 868 -18.41 -14.63 -19.02
C TYR C 868 -19.41 -14.86 -17.90
N VAL C 869 -19.05 -14.45 -16.69
CA VAL C 869 -19.85 -14.67 -15.49
C VAL C 869 -20.18 -13.31 -14.88
N ALA C 870 -21.47 -13.05 -14.67
CA ALA C 870 -21.95 -11.80 -14.14
C ALA C 870 -22.38 -11.98 -12.69
N GLN C 871 -21.88 -11.13 -11.82
CA GLN C 871 -22.19 -11.19 -10.39
C GLN C 871 -22.96 -9.95 -9.99
N LYS C 872 -24.06 -10.16 -9.26
CA LYS C 872 -24.81 -9.06 -8.65
C LYS C 872 -24.27 -8.89 -7.23
N ARG C 873 -23.59 -7.77 -6.99
CA ARG C 873 -22.93 -7.52 -5.71
C ARG C 873 -23.73 -6.48 -4.93
N LYS C 874 -24.36 -6.93 -3.85
CA LYS C 874 -24.99 -6.01 -2.91
C LYS C 874 -23.93 -5.43 -1.98
N ILE C 875 -24.15 -4.19 -1.56
CA ILE C 875 -23.20 -3.53 -0.67
C ILE C 875 -23.00 -4.39 0.58
N SER C 876 -21.76 -4.45 1.06
CA SER C 876 -21.38 -5.40 2.10
C SER C 876 -20.44 -4.74 3.09
N ASP C 877 -20.36 -5.33 4.29
CA ASP C 877 -19.32 -4.93 5.23
C ASP C 877 -17.96 -5.09 4.58
N GLY C 878 -17.17 -4.02 4.60
CA GLY C 878 -15.87 -4.01 3.99
C GLY C 878 -15.79 -3.26 2.67
N ASP C 879 -16.94 -3.04 2.01
CA ASP C 879 -16.94 -2.21 0.81
C ASP C 879 -16.61 -0.77 1.17
N LYS C 880 -16.01 -0.06 0.22
CA LYS C 880 -15.53 1.29 0.45
C LYS C 880 -16.48 2.30 -0.18
N LEU C 881 -16.87 3.32 0.60
CA LEU C 881 -17.75 4.38 0.14
C LEU C 881 -17.01 5.71 0.26
N ALA C 882 -17.44 6.68 -0.54
CA ALA C 882 -16.84 8.00 -0.46
C ALA C 882 -17.83 9.04 -0.94
N GLY C 883 -17.68 10.26 -0.43
CA GLY C 883 -18.32 11.43 -0.98
C GLY C 883 -17.38 12.17 -1.91
N ARG C 884 -17.90 13.22 -2.54
CA ARG C 884 -17.12 13.99 -3.50
C ARG C 884 -16.09 14.90 -2.85
N HIS C 885 -16.11 15.03 -1.53
CA HIS C 885 -15.25 15.96 -0.80
C HIS C 885 -14.01 15.29 -0.23
N GLY C 886 -13.77 14.02 -0.55
CA GLY C 886 -12.66 13.30 0.01
C GLY C 886 -12.97 12.53 1.27
N ASN C 887 -14.19 12.63 1.79
CA ASN C 887 -14.59 11.84 2.94
C ASN C 887 -14.90 10.42 2.49
N LYS C 888 -14.28 9.44 3.15
CA LYS C 888 -14.37 8.07 2.70
C LYS C 888 -14.17 7.13 3.87
N GLY C 889 -14.68 5.91 3.70
CA GLY C 889 -14.47 4.87 4.69
C GLY C 889 -15.05 3.57 4.19
N VAL C 890 -14.87 2.53 5.00
CA VAL C 890 -15.45 1.22 4.71
C VAL C 890 -16.68 1.05 5.57
N ILE C 891 -17.65 0.30 5.06
CA ILE C 891 -18.82 -0.02 5.86
C ILE C 891 -18.38 -0.96 6.97
N GLY C 892 -18.57 -0.54 8.22
CA GLY C 892 -18.22 -1.37 9.36
C GLY C 892 -19.41 -2.12 9.93
N LYS C 893 -20.60 -1.62 9.67
CA LYS C 893 -21.82 -2.29 10.12
C LYS C 893 -22.94 -1.93 9.16
N ILE C 894 -23.77 -2.93 8.84
CA ILE C 894 -25.03 -2.71 8.12
C ILE C 894 -26.14 -3.11 9.07
N LEU C 895 -26.88 -2.11 9.57
CA LEU C 895 -27.87 -2.34 10.62
C LEU C 895 -29.23 -2.70 10.04
N PRO C 896 -30.02 -3.48 10.78
CA PRO C 896 -31.43 -3.62 10.41
C PRO C 896 -32.10 -2.25 10.39
N VAL C 897 -33.08 -2.12 9.49
CA VAL C 897 -33.74 -0.82 9.31
C VAL C 897 -34.29 -0.31 10.63
N GLU C 898 -34.78 -1.21 11.49
CA GLU C 898 -35.36 -0.80 12.77
C GLU C 898 -34.30 -0.34 13.78
N ASP C 899 -33.02 -0.65 13.54
CA ASP C 899 -31.97 -0.18 14.44
C ASP C 899 -31.52 1.24 14.15
N MET C 900 -31.76 1.74 12.93
CA MET C 900 -31.24 3.05 12.54
C MET C 900 -31.95 4.15 13.31
N PRO C 901 -31.26 5.26 13.58
CA PRO C 901 -31.95 6.46 14.05
C PRO C 901 -32.98 6.89 13.02
N PHE C 902 -34.16 7.30 13.49
CA PHE C 902 -35.20 7.70 12.56
C PHE C 902 -35.80 9.03 12.98
N LEU C 903 -36.24 9.78 11.97
CA LEU C 903 -36.90 11.07 12.16
C LEU C 903 -38.25 10.87 12.84
N ALA C 904 -38.79 11.98 13.36
CA ALA C 904 -40.06 11.93 14.07
C ALA C 904 -41.16 11.26 13.27
N ASP C 905 -41.10 11.33 11.94
CA ASP C 905 -42.11 10.71 11.10
C ASP C 905 -41.84 9.23 10.84
N GLY C 906 -40.79 8.66 11.44
CA GLY C 906 -40.50 7.26 11.31
C GLY C 906 -39.54 6.90 10.20
N THR C 907 -39.01 7.88 9.47
CA THR C 907 -38.10 7.59 8.37
C THR C 907 -36.72 7.24 8.91
N PRO C 908 -36.23 6.02 8.69
CA PRO C 908 -34.87 5.69 9.11
C PRO C 908 -33.83 6.36 8.23
N VAL C 909 -32.73 6.79 8.85
CA VAL C 909 -31.64 7.34 8.08
C VAL C 909 -30.97 6.22 7.29
N ASP C 910 -30.38 6.59 6.15
CA ASP C 910 -29.68 5.60 5.33
C ASP C 910 -28.27 5.33 5.82
N ILE C 911 -27.56 6.37 6.27
CA ILE C 911 -26.13 6.28 6.53
C ILE C 911 -25.80 7.18 7.72
N ILE C 912 -24.90 6.70 8.57
CA ILE C 912 -24.45 7.44 9.76
C ILE C 912 -22.96 7.70 9.60
N LEU C 913 -22.59 8.96 9.46
CA LEU C 913 -21.19 9.36 9.38
C LEU C 913 -20.74 9.92 10.71
N ASN C 914 -19.54 9.52 11.14
CA ASN C 914 -19.05 9.89 12.46
C ASN C 914 -18.70 11.36 12.50
N THR C 915 -19.12 12.04 13.57
CA THR C 915 -18.88 13.48 13.68
C THR C 915 -17.40 13.80 13.69
N HIS C 916 -16.60 13.00 14.41
CA HIS C 916 -15.19 13.28 14.59
C HIS C 916 -14.41 13.31 13.29
N GLY C 917 -14.95 12.72 12.22
CA GLY C 917 -14.24 12.70 10.96
C GLY C 917 -14.27 14.03 10.23
N VAL C 918 -15.33 14.81 10.40
CA VAL C 918 -15.53 16.00 9.55
C VAL C 918 -14.54 17.13 9.83
N PRO C 919 -14.43 17.67 11.05
CA PRO C 919 -13.75 18.98 11.19
C PRO C 919 -12.27 18.95 10.88
N ARG C 920 -11.54 17.89 11.23
CA ARG C 920 -10.09 17.93 11.05
C ARG C 920 -9.65 17.66 9.62
N ARG C 921 -10.46 16.97 8.81
CA ARG C 921 -10.08 16.78 7.41
C ARG C 921 -10.20 18.06 6.59
N MET C 922 -10.80 19.10 7.16
CA MET C 922 -10.93 20.39 6.51
C MET C 922 -11.73 20.30 5.21
N ASN C 923 -12.73 19.41 5.16
CA ASN C 923 -13.74 19.46 4.11
C ASN C 923 -15.07 19.74 4.77
N ILE C 924 -15.52 21.00 4.69
CA ILE C 924 -16.83 21.38 5.22
C ILE C 924 -17.90 21.36 4.15
N GLY C 925 -17.52 21.24 2.87
CA GLY C 925 -18.52 21.14 1.81
C GLY C 925 -19.47 19.98 2.04
N GLN C 926 -18.94 18.84 2.52
CA GLN C 926 -19.80 17.70 2.80
C GLN C 926 -20.91 18.05 3.77
N ILE C 927 -20.65 18.94 4.72
CA ILE C 927 -21.73 19.42 5.57
C ILE C 927 -22.64 20.35 4.77
N LEU C 928 -22.04 21.33 4.10
CA LEU C 928 -22.83 22.27 3.29
C LEU C 928 -23.72 21.52 2.32
N GLU C 929 -23.13 20.63 1.51
CA GLU C 929 -23.91 19.81 0.59
C GLU C 929 -25.07 19.15 1.32
N THR C 930 -24.78 18.49 2.45
CA THR C 930 -25.81 17.83 3.22
C THR C 930 -26.99 18.77 3.45
N HIS C 931 -26.72 19.97 3.97
CA HIS C 931 -27.78 20.93 4.19
C HIS C 931 -28.55 21.17 2.89
N LEU C 932 -27.84 21.58 1.85
CA LEU C 932 -28.48 21.82 0.56
C LEU C 932 -29.26 20.59 0.10
N GLY C 933 -28.67 19.41 0.29
CA GLY C 933 -29.37 18.20 -0.08
C GLY C 933 -30.75 18.14 0.51
N TRP C 934 -30.85 18.32 1.84
CA TRP C 934 -32.15 18.24 2.48
C TRP C 934 -33.11 19.25 1.87
N CYS C 935 -32.64 20.47 1.62
CA CYS C 935 -33.52 21.45 0.98
C CYS C 935 -34.02 20.92 -0.34
N ALA C 936 -33.10 20.50 -1.21
CA ALA C 936 -33.51 19.94 -2.50
C ALA C 936 -34.45 18.76 -2.31
N HIS C 937 -34.27 17.99 -1.23
CA HIS C 937 -35.15 16.86 -0.99
C HIS C 937 -36.55 17.32 -0.63
N SER C 938 -36.67 18.31 0.25
CA SER C 938 -37.98 18.65 0.78
C SER C 938 -38.66 19.77 0.00
N GLY C 939 -37.94 20.47 -0.86
CA GLY C 939 -38.48 21.65 -1.50
C GLY C 939 -38.53 22.82 -0.55
N TRP C 940 -38.73 24.03 -1.07
CA TRP C 940 -38.77 25.20 -0.21
C TRP C 940 -39.60 26.29 -0.88
N LYS C 941 -40.18 27.17 -0.07
CA LYS C 941 -40.89 28.34 -0.55
C LYS C 941 -40.39 29.55 0.22
N VAL C 942 -39.66 30.44 -0.45
CA VAL C 942 -39.18 31.67 0.18
C VAL C 942 -40.34 32.66 0.27
N ASP C 943 -40.35 33.46 1.33
CA ASP C 943 -41.48 34.33 1.63
C ASP C 943 -41.23 35.67 0.95
N ALA C 944 -41.98 35.93 -0.12
CA ALA C 944 -41.91 37.17 -0.88
C ALA C 944 -43.04 38.13 -0.54
N ALA C 945 -43.92 37.77 0.40
CA ALA C 945 -45.13 38.56 0.65
C ALA C 945 -44.81 40.02 0.94
N LYS C 946 -43.81 40.25 1.80
CA LYS C 946 -43.35 41.59 2.13
C LYS C 946 -42.20 42.04 1.24
N GLY C 947 -41.85 41.25 0.23
CA GLY C 947 -40.71 41.51 -0.62
C GLY C 947 -39.58 40.52 -0.37
N VAL C 948 -38.66 40.49 -1.31
CA VAL C 948 -37.55 39.54 -1.29
C VAL C 948 -36.62 39.87 -0.13
N PRO C 949 -36.41 38.95 0.81
CA PRO C 949 -35.46 39.20 1.90
C PRO C 949 -34.06 39.46 1.38
N ASP C 950 -33.27 40.18 2.18
CA ASP C 950 -31.93 40.57 1.74
C ASP C 950 -31.00 39.37 1.53
N TRP C 951 -31.25 38.26 2.24
CA TRP C 951 -30.40 37.09 2.06
C TRP C 951 -30.66 36.42 0.72
N ALA C 952 -31.87 36.58 0.18
CA ALA C 952 -32.23 36.04 -1.12
C ALA C 952 -32.06 37.04 -2.25
N ALA C 953 -31.51 38.23 -1.97
CA ALA C 953 -31.44 39.29 -2.97
C ALA C 953 -30.67 38.84 -4.20
N ARG C 954 -29.53 38.15 -4.01
CA ARG C 954 -28.72 37.72 -5.14
C ARG C 954 -29.21 36.43 -5.77
N LEU C 955 -30.25 35.80 -5.21
CA LEU C 955 -30.76 34.56 -5.78
C LEU C 955 -31.55 34.86 -7.06
N PRO C 956 -31.36 34.05 -8.11
CA PRO C 956 -32.26 34.14 -9.26
C PRO C 956 -33.69 33.80 -8.86
N ASP C 957 -34.63 34.29 -9.67
CA ASP C 957 -36.05 34.09 -9.36
C ASP C 957 -36.44 32.61 -9.36
N GLU C 958 -35.63 31.75 -9.97
CA GLU C 958 -35.97 30.33 -10.06
C GLU C 958 -35.61 29.55 -8.79
N LEU C 959 -34.74 30.10 -7.94
CA LEU C 959 -34.37 29.46 -6.69
C LEU C 959 -35.19 29.95 -5.50
N LEU C 960 -36.12 30.88 -5.72
CA LEU C 960 -36.98 31.33 -4.64
C LEU C 960 -37.97 30.27 -4.21
N GLU C 961 -38.19 29.24 -5.03
CA GLU C 961 -38.99 28.10 -4.62
C GLU C 961 -38.54 26.88 -5.41
N ALA C 962 -38.76 25.71 -4.83
CA ALA C 962 -38.38 24.47 -5.49
C ALA C 962 -39.34 23.38 -5.06
N GLN C 963 -39.63 22.47 -5.98
CA GLN C 963 -40.46 21.32 -5.71
C GLN C 963 -39.63 20.25 -5.00
N PRO C 964 -40.28 19.35 -4.26
CA PRO C 964 -39.55 18.24 -3.64
C PRO C 964 -38.72 17.47 -4.67
N ASN C 965 -37.54 17.03 -4.23
CA ASN C 965 -36.61 16.27 -5.07
C ASN C 965 -36.13 17.07 -6.28
N ALA C 966 -35.80 18.34 -6.05
CA ALA C 966 -35.34 19.23 -7.11
C ALA C 966 -33.84 19.06 -7.32
N ILE C 967 -33.43 18.80 -8.55
CA ILE C 967 -32.01 18.74 -8.88
C ILE C 967 -31.49 20.17 -8.99
N VAL C 968 -30.33 20.43 -8.38
CA VAL C 968 -29.82 21.78 -8.20
C VAL C 968 -28.34 21.80 -8.50
N SER C 969 -27.86 22.92 -9.02
CA SER C 969 -26.46 23.08 -9.41
C SER C 969 -25.80 24.16 -8.57
N THR C 970 -24.65 23.82 -7.99
CA THR C 970 -23.85 24.76 -7.20
C THR C 970 -22.43 24.74 -7.76
N PRO C 971 -22.18 25.52 -8.82
CA PRO C 971 -20.88 25.47 -9.49
C PRO C 971 -19.76 25.86 -8.55
N VAL C 972 -18.57 25.34 -8.83
CA VAL C 972 -17.44 25.60 -7.97
C VAL C 972 -17.04 27.06 -8.07
N PHE C 973 -16.84 27.69 -6.89
CA PHE C 973 -16.43 29.09 -6.75
C PHE C 973 -17.56 30.08 -7.08
N ASP C 974 -18.58 29.64 -7.81
CA ASP C 974 -19.81 30.40 -8.00
C ASP C 974 -20.99 29.87 -7.20
N GLY C 975 -20.78 28.89 -6.34
CA GLY C 975 -21.88 28.13 -5.78
C GLY C 975 -22.78 28.89 -4.81
N ALA C 976 -23.58 28.10 -4.10
CA ALA C 976 -24.56 28.63 -3.15
C ALA C 976 -23.86 29.21 -1.92
N GLN C 977 -24.12 30.49 -1.63
CA GLN C 977 -23.44 31.17 -0.56
C GLN C 977 -23.97 30.72 0.80
N GLU C 978 -23.18 30.97 1.84
CA GLU C 978 -23.55 30.56 3.20
C GLU C 978 -24.92 31.12 3.59
N ALA C 979 -25.11 32.42 3.41
CA ALA C 979 -26.35 33.06 3.86
C ALA C 979 -27.55 32.53 3.09
N GLU C 980 -27.40 32.30 1.79
CA GLU C 980 -28.49 31.77 0.99
C GLU C 980 -28.87 30.36 1.44
N LEU C 981 -27.87 29.54 1.76
CA LEU C 981 -28.12 28.20 2.29
C LEU C 981 -28.85 28.28 3.62
N GLN C 982 -28.40 29.16 4.51
CA GLN C 982 -29.07 29.33 5.81
C GLN C 982 -30.52 29.77 5.63
N GLY C 983 -30.76 30.67 4.66
CA GLY C 983 -32.13 31.10 4.40
C GLY C 983 -32.99 29.95 3.90
N LEU C 984 -32.46 29.18 2.94
CA LEU C 984 -33.22 28.05 2.43
C LEU C 984 -33.56 27.03 3.51
N LEU C 985 -32.68 26.88 4.51
CA LEU C 985 -32.97 25.93 5.59
C LEU C 985 -34.22 26.34 6.37
N SER C 986 -34.57 27.63 6.37
CA SER C 986 -35.72 28.10 7.14
C SER C 986 -37.05 27.91 6.41
N CYS C 987 -37.06 28.05 5.08
CA CYS C 987 -38.29 28.00 4.31
C CYS C 987 -38.61 26.61 3.77
N THR C 988 -37.87 25.59 4.20
CA THR C 988 -38.10 24.22 3.76
C THR C 988 -39.56 23.80 3.93
N LEU C 989 -40.10 23.15 2.90
CA LEU C 989 -41.47 22.66 2.95
C LEU C 989 -41.59 21.51 3.94
N PRO C 990 -42.76 21.35 4.56
CA PRO C 990 -42.96 20.26 5.51
C PRO C 990 -43.15 18.94 4.79
N ASN C 991 -43.33 17.88 5.57
CA ASN C 991 -43.63 16.56 5.03
C ASN C 991 -45.14 16.46 4.79
N ARG C 992 -45.62 15.25 4.50
CA ARG C 992 -47.03 15.07 4.16
C ARG C 992 -47.97 15.40 5.31
N ASP C 993 -47.47 15.45 6.55
CA ASP C 993 -48.30 15.76 7.70
C ASP C 993 -48.21 17.23 8.12
N GLY C 994 -47.47 18.05 7.39
CA GLY C 994 -47.26 19.43 7.78
C GLY C 994 -46.15 19.63 8.79
N ASP C 995 -45.41 18.58 9.15
CA ASP C 995 -44.31 18.67 10.10
C ASP C 995 -43.04 19.09 9.38
N VAL C 996 -42.32 20.05 9.96
CA VAL C 996 -40.99 20.43 9.48
C VAL C 996 -39.99 19.60 10.26
N LEU C 997 -39.34 18.66 9.56
CA LEU C 997 -38.49 17.68 10.25
C LEU C 997 -37.10 18.25 10.59
N VAL C 998 -36.56 19.13 9.75
CA VAL C 998 -35.22 19.69 9.94
C VAL C 998 -35.35 21.16 10.25
N ASP C 999 -34.73 21.60 11.35
CA ASP C 999 -34.85 22.97 11.82
C ASP C 999 -33.95 23.90 11.01
N ALA C 1000 -33.84 25.15 11.45
CA ALA C 1000 -33.09 26.16 10.70
C ALA C 1000 -31.59 25.93 10.75
N ASP C 1001 -31.09 25.16 11.70
CA ASP C 1001 -29.66 24.87 11.76
C ASP C 1001 -29.26 23.72 10.84
N GLY C 1002 -30.22 23.02 10.26
CA GLY C 1002 -29.96 21.80 9.54
C GLY C 1002 -30.08 20.55 10.37
N LYS C 1003 -30.63 20.65 11.58
CA LYS C 1003 -30.64 19.55 12.54
C LYS C 1003 -32.05 19.04 12.76
N ALA C 1004 -32.13 17.76 13.13
CA ALA C 1004 -33.39 17.11 13.43
C ALA C 1004 -33.26 16.35 14.74
N MET C 1005 -34.41 16.05 15.34
CA MET C 1005 -34.45 15.19 16.51
C MET C 1005 -34.68 13.75 16.04
N LEU C 1006 -33.82 12.85 16.51
CA LEU C 1006 -33.86 11.45 16.08
C LEU C 1006 -34.20 10.56 17.26
N PHE C 1007 -34.92 9.48 16.97
CA PHE C 1007 -35.17 8.43 17.95
C PHE C 1007 -34.13 7.34 17.81
N ASP C 1008 -33.73 6.75 18.93
CA ASP C 1008 -32.88 5.57 18.89
C ASP C 1008 -33.73 4.36 18.56
N GLY C 1009 -33.44 3.71 17.44
CA GLY C 1009 -34.24 2.58 17.02
C GLY C 1009 -34.14 1.36 17.92
N ARG C 1010 -33.15 1.33 18.82
CA ARG C 1010 -32.93 0.17 19.67
C ARG C 1010 -33.66 0.29 21.00
N SER C 1011 -33.29 1.29 21.81
CA SER C 1011 -33.98 1.51 23.07
C SER C 1011 -35.37 2.11 22.85
N GLY C 1012 -35.49 3.06 21.91
CA GLY C 1012 -36.70 3.81 21.70
C GLY C 1012 -36.63 5.23 22.21
N GLU C 1013 -35.69 5.52 23.10
CA GLU C 1013 -35.57 6.86 23.64
C GLU C 1013 -35.14 7.83 22.55
N PRO C 1014 -35.53 9.10 22.65
CA PRO C 1014 -35.00 10.09 21.73
C PRO C 1014 -33.56 10.45 22.08
N PHE C 1015 -32.75 10.65 21.06
CA PHE C 1015 -31.41 11.16 21.30
C PHE C 1015 -31.52 12.58 21.86
N PRO C 1016 -30.83 12.89 22.96
CA PRO C 1016 -31.12 14.13 23.69
C PRO C 1016 -30.85 15.41 22.90
N TYR C 1017 -30.08 15.37 21.82
CA TYR C 1017 -29.74 16.60 21.14
C TYR C 1017 -30.02 16.50 19.65
N PRO C 1018 -30.39 17.60 19.01
CA PRO C 1018 -30.66 17.56 17.57
C PRO C 1018 -29.39 17.23 16.78
N VAL C 1019 -29.55 16.33 15.82
CA VAL C 1019 -28.46 15.80 15.01
C VAL C 1019 -28.58 16.35 13.60
N THR C 1020 -27.45 16.73 13.00
CA THR C 1020 -27.47 17.20 11.62
C THR C 1020 -27.87 16.04 10.71
N VAL C 1021 -28.92 16.25 9.92
CA VAL C 1021 -29.38 15.26 8.95
C VAL C 1021 -29.64 15.96 7.63
N GLY C 1022 -29.60 15.17 6.56
CA GLY C 1022 -29.76 15.72 5.24
C GLY C 1022 -29.53 14.63 4.21
N TYR C 1023 -29.23 15.06 2.99
CA TYR C 1023 -28.97 14.13 1.90
C TYR C 1023 -27.58 14.39 1.33
N MET C 1024 -26.76 13.34 1.30
CA MET C 1024 -25.42 13.39 0.78
C MET C 1024 -25.31 12.41 -0.39
N TYR C 1025 -24.46 12.75 -1.35
CA TYR C 1025 -24.23 11.91 -2.51
C TYR C 1025 -23.04 11.00 -2.22
N ILE C 1026 -23.30 9.69 -2.16
CA ILE C 1026 -22.31 8.69 -1.77
C ILE C 1026 -22.07 7.76 -2.96
N MET C 1027 -20.79 7.50 -3.25
CA MET C 1027 -20.39 6.62 -4.33
C MET C 1027 -19.86 5.31 -3.77
N LYS C 1028 -20.09 4.23 -4.52
CA LYS C 1028 -19.55 2.92 -4.18
C LYS C 1028 -18.22 2.75 -4.92
N LEU C 1029 -17.13 2.75 -4.16
CA LEU C 1029 -15.79 2.68 -4.74
C LEU C 1029 -15.46 1.25 -5.16
N HIS C 1030 -14.47 1.13 -6.04
CA HIS C 1030 -14.14 -0.16 -6.65
C HIS C 1030 -13.22 -1.00 -5.76
N HIS C 1031 -12.99 -0.59 -4.53
CA HIS C 1031 -12.36 -1.47 -3.54
C HIS C 1031 -13.47 -2.18 -2.79
N LEU C 1032 -13.62 -3.48 -3.05
CA LEU C 1032 -14.77 -4.25 -2.59
C LEU C 1032 -14.29 -5.51 -1.88
N VAL C 1033 -14.87 -5.78 -0.70
CA VAL C 1033 -14.37 -6.87 0.14
C VAL C 1033 -14.47 -8.22 -0.57
N ASP C 1034 -15.39 -8.36 -1.53
CA ASP C 1034 -15.48 -9.61 -2.29
C ASP C 1034 -14.19 -9.89 -3.03
N ASP C 1035 -13.52 -8.85 -3.53
CA ASP C 1035 -12.24 -9.02 -4.20
C ASP C 1035 -11.09 -9.14 -3.22
N LYS C 1036 -11.20 -8.50 -2.05
CA LYS C 1036 -10.06 -8.40 -1.14
C LYS C 1036 -9.90 -9.65 -0.27
N ILE C 1037 -11.00 -10.28 0.16
CA ILE C 1037 -10.89 -11.41 1.08
C ILE C 1037 -10.18 -12.57 0.39
N HIS C 1038 -9.17 -13.11 1.06
CA HIS C 1038 -8.45 -14.28 0.57
C HIS C 1038 -7.88 -15.02 1.77
N ALA C 1039 -7.89 -16.35 1.71
CA ALA C 1039 -7.30 -17.16 2.77
C ALA C 1039 -6.80 -18.46 2.16
N ARG C 1040 -5.68 -18.96 2.69
CA ARG C 1040 -5.08 -20.19 2.21
C ARG C 1040 -4.55 -20.99 3.37
N SER C 1041 -4.97 -22.25 3.48
CA SER C 1041 -4.27 -23.19 4.35
C SER C 1041 -3.03 -23.76 3.65
N THR C 1042 -3.22 -24.26 2.44
CA THR C 1042 -2.16 -24.88 1.65
C THR C 1042 -2.56 -24.74 0.18
N GLY C 1043 -1.57 -24.61 -0.69
CA GLY C 1043 -1.83 -24.39 -2.08
C GLY C 1043 -0.62 -24.58 -2.95
N PRO C 1044 -0.70 -24.11 -4.20
CA PRO C 1044 0.43 -24.27 -5.13
C PRO C 1044 1.68 -23.56 -4.66
N TYR C 1045 2.84 -24.07 -5.08
CA TYR C 1045 4.14 -23.49 -4.77
C TYR C 1045 4.90 -23.22 -6.05
N SER C 1046 5.85 -22.29 -5.98
CA SER C 1046 6.69 -21.97 -7.12
C SER C 1046 7.69 -23.09 -7.40
N MET C 1047 7.85 -23.44 -8.68
CA MET C 1047 8.87 -24.41 -9.03
C MET C 1047 10.28 -23.86 -8.84
N ILE C 1048 10.42 -22.53 -8.79
CA ILE C 1048 11.72 -21.88 -8.72
C ILE C 1048 12.20 -21.78 -7.28
N THR C 1049 11.48 -21.00 -6.46
CA THR C 1049 11.86 -20.77 -5.08
C THR C 1049 11.22 -21.75 -4.10
N GLN C 1050 10.26 -22.56 -4.55
CA GLN C 1050 9.54 -23.51 -3.72
C GLN C 1050 8.83 -22.85 -2.55
N GLN C 1051 8.54 -21.56 -2.65
CA GLN C 1051 7.66 -20.85 -1.74
C GLN C 1051 6.24 -20.86 -2.29
N PRO C 1052 5.24 -20.64 -1.44
CA PRO C 1052 3.86 -20.50 -1.93
C PRO C 1052 3.78 -19.42 -3.00
N LEU C 1053 2.87 -19.63 -3.96
CA LEU C 1053 2.61 -18.60 -4.94
C LEU C 1053 2.01 -17.37 -4.27
N GLY C 1054 2.17 -16.23 -4.90
CA GLY C 1054 1.56 -15.00 -4.45
C GLY C 1054 0.31 -14.65 -5.23
N GLY C 1055 -0.54 -13.84 -4.62
CA GLY C 1055 -1.72 -13.33 -5.28
C GLY C 1055 -2.94 -14.19 -4.99
N LYS C 1056 -4.10 -13.53 -4.95
CA LYS C 1056 -5.34 -14.25 -4.67
C LYS C 1056 -5.74 -15.15 -5.84
N ALA C 1057 -5.58 -14.67 -7.07
CA ALA C 1057 -5.94 -15.47 -8.24
C ALA C 1057 -5.17 -16.77 -8.30
N GLN C 1058 -3.96 -16.80 -7.76
CA GLN C 1058 -3.13 -17.99 -7.70
C GLN C 1058 -3.39 -18.82 -6.45
N PHE C 1059 -4.39 -18.44 -5.64
CA PHE C 1059 -4.62 -19.04 -4.33
C PHE C 1059 -3.35 -18.99 -3.49
N GLY C 1060 -2.80 -17.79 -3.38
CA GLY C 1060 -1.47 -17.62 -2.83
C GLY C 1060 -1.42 -17.38 -1.34
N GLY C 1061 -0.20 -17.41 -0.81
CA GLY C 1061 0.04 -17.13 0.58
C GLY C 1061 0.42 -15.67 0.82
N GLN C 1062 0.34 -15.28 2.09
CA GLN C 1062 0.66 -13.91 2.47
C GLN C 1062 2.16 -13.72 2.59
N ARG C 1063 2.60 -12.52 2.23
CA ARG C 1063 4.00 -12.17 2.32
C ARG C 1063 4.34 -11.81 3.76
N PHE C 1064 5.25 -12.57 4.36
CA PHE C 1064 5.81 -12.26 5.66
C PHE C 1064 7.20 -11.69 5.43
N GLY C 1065 7.36 -10.39 5.60
CA GLY C 1065 8.52 -9.67 5.13
C GLY C 1065 9.56 -9.44 6.21
N GLU C 1066 10.57 -8.65 5.84
CA GLU C 1066 11.69 -8.37 6.74
C GLU C 1066 11.21 -7.66 8.01
N MET C 1067 10.37 -6.63 7.85
CA MET C 1067 9.90 -5.87 9.01
C MET C 1067 9.03 -6.73 9.92
N GLU C 1068 8.26 -7.65 9.36
CA GLU C 1068 7.49 -8.57 10.19
C GLU C 1068 8.39 -9.52 10.97
N CYS C 1069 9.53 -9.91 10.38
CA CYS C 1069 10.50 -10.68 11.12
C CYS C 1069 11.14 -9.85 12.23
N TRP C 1070 11.39 -8.56 11.97
CA TRP C 1070 11.84 -7.68 13.04
C TRP C 1070 10.84 -7.66 14.19
N ALA C 1071 9.54 -7.60 13.87
CA ALA C 1071 8.52 -7.65 14.91
C ALA C 1071 8.59 -8.96 15.68
N MET C 1072 8.73 -10.08 14.96
CA MET C 1072 8.80 -11.38 15.63
C MET C 1072 10.00 -11.47 16.56
N GLN C 1073 11.14 -10.92 16.15
CA GLN C 1073 12.34 -10.98 16.97
C GLN C 1073 12.23 -10.06 18.18
N ALA C 1074 11.62 -8.89 18.00
CA ALA C 1074 11.42 -7.99 19.15
C ALA C 1074 10.50 -8.62 20.19
N TYR C 1075 9.54 -9.45 19.76
CA TYR C 1075 8.76 -10.22 20.70
C TYR C 1075 9.55 -11.35 21.31
N GLY C 1076 10.67 -11.74 20.70
CA GLY C 1076 11.39 -12.90 21.14
C GLY C 1076 10.70 -14.22 20.84
N ALA C 1077 9.84 -14.26 19.82
CA ALA C 1077 9.15 -15.50 19.50
C ALA C 1077 10.00 -16.22 18.45
N ALA C 1078 10.71 -17.25 18.89
CA ALA C 1078 11.63 -17.97 18.01
C ALA C 1078 10.90 -19.02 17.19
N TYR C 1079 9.98 -19.74 17.83
CA TYR C 1079 9.31 -20.85 17.15
C TYR C 1079 8.26 -20.37 16.16
N THR C 1080 7.60 -19.24 16.45
CA THR C 1080 6.70 -18.65 15.46
C THR C 1080 7.48 -18.22 14.23
N LEU C 1081 8.61 -17.53 14.44
CA LEU C 1081 9.42 -17.06 13.32
C LEU C 1081 9.97 -18.22 12.51
N GLN C 1082 10.53 -19.23 13.18
CA GLN C 1082 11.06 -20.38 12.47
C GLN C 1082 9.96 -21.14 11.73
N GLU C 1083 8.82 -21.34 12.39
CA GLU C 1083 7.71 -22.04 11.76
C GLU C 1083 7.23 -21.32 10.52
N LEU C 1084 7.15 -19.99 10.58
CA LEU C 1084 6.71 -19.22 9.42
C LEU C 1084 7.67 -19.37 8.26
N LEU C 1085 8.98 -19.33 8.54
CA LEU C 1085 9.98 -19.31 7.49
C LEU C 1085 10.49 -20.70 7.11
N THR C 1086 9.98 -21.76 7.72
CA THR C 1086 10.41 -23.09 7.32
C THR C 1086 9.25 -23.97 6.88
N ILE C 1087 8.51 -24.53 7.86
CA ILE C 1087 7.50 -25.53 7.50
C ILE C 1087 6.30 -24.89 6.84
N LYS C 1088 6.11 -23.58 7.00
CA LYS C 1088 5.04 -22.87 6.33
C LYS C 1088 5.45 -22.30 4.98
N SER C 1089 6.73 -22.33 4.62
CA SER C 1089 7.08 -21.77 3.32
C SER C 1089 7.82 -22.73 2.39
N ASP C 1090 9.15 -22.80 2.50
CA ASP C 1090 9.95 -23.56 1.54
C ASP C 1090 10.48 -24.89 2.05
N ASP C 1091 10.16 -25.30 3.28
CA ASP C 1091 10.55 -26.64 3.69
C ASP C 1091 9.65 -27.65 2.98
N THR C 1092 10.26 -28.49 2.13
CA THR C 1092 9.45 -29.34 1.27
C THR C 1092 8.95 -30.58 2.00
N VAL C 1093 9.78 -31.17 2.85
CA VAL C 1093 9.32 -32.31 3.64
C VAL C 1093 8.54 -31.83 4.88
N GLY C 1094 8.91 -30.68 5.44
CA GLY C 1094 8.27 -30.22 6.66
C GLY C 1094 6.80 -29.88 6.46
N ARG C 1095 6.45 -29.33 5.30
CA ARG C 1095 5.07 -28.92 5.07
C ARG C 1095 4.13 -30.12 4.98
N VAL C 1096 4.53 -31.14 4.21
CA VAL C 1096 3.70 -32.33 4.06
C VAL C 1096 3.58 -33.06 5.40
N LYS C 1097 4.70 -33.21 6.10
CA LYS C 1097 4.65 -33.86 7.41
C LYS C 1097 3.82 -33.07 8.41
N VAL C 1098 3.79 -31.73 8.27
CA VAL C 1098 2.95 -30.92 9.14
C VAL C 1098 1.47 -31.18 8.84
N TYR C 1099 1.12 -31.24 7.56
CA TYR C 1099 -0.28 -31.54 7.22
C TYR C 1099 -0.68 -32.91 7.73
N GLU C 1100 0.21 -33.91 7.59
CA GLU C 1100 -0.05 -35.22 8.16
C GLU C 1100 -0.28 -35.13 9.67
N ALA C 1101 0.57 -34.37 10.36
CA ALA C 1101 0.49 -34.30 11.81
C ALA C 1101 -0.83 -33.67 12.26
N ILE C 1102 -1.29 -32.63 11.55
CA ILE C 1102 -2.55 -32.00 11.93
C ILE C 1102 -3.72 -32.92 11.62
N VAL C 1103 -3.71 -33.53 10.43
CA VAL C 1103 -4.82 -34.39 10.02
C VAL C 1103 -4.94 -35.60 10.94
N LYS C 1104 -3.82 -36.08 11.47
CA LYS C 1104 -3.83 -37.22 12.38
C LYS C 1104 -3.94 -36.81 13.85
N GLY C 1105 -4.00 -35.51 14.13
CA GLY C 1105 -4.07 -35.06 15.52
C GLY C 1105 -2.80 -35.29 16.30
N GLU C 1106 -1.65 -35.25 15.65
CA GLU C 1106 -0.37 -35.44 16.31
C GLU C 1106 0.31 -34.09 16.53
N ASN C 1107 1.48 -34.13 17.17
CA ASN C 1107 2.25 -32.91 17.36
C ASN C 1107 2.91 -32.46 16.07
N ILE C 1108 3.07 -31.17 15.92
CA ILE C 1108 3.74 -30.63 14.73
C ILE C 1108 5.22 -30.98 14.80
N PRO C 1109 5.80 -31.55 13.75
CA PRO C 1109 7.18 -32.03 13.84
C PRO C 1109 8.21 -30.90 13.85
N GLU C 1110 9.48 -31.28 13.99
CA GLU C 1110 10.57 -30.31 14.01
C GLU C 1110 10.87 -29.81 12.59
N PRO C 1111 11.06 -28.51 12.41
CA PRO C 1111 11.27 -27.98 11.06
C PRO C 1111 12.59 -28.47 10.46
N GLY C 1112 12.63 -28.47 9.13
CA GLY C 1112 13.80 -28.81 8.37
C GLY C 1112 14.56 -27.60 7.89
N ILE C 1113 15.19 -27.74 6.74
CA ILE C 1113 16.07 -26.72 6.18
C ILE C 1113 15.32 -25.97 5.08
N PRO C 1114 15.30 -24.65 5.08
CA PRO C 1114 14.61 -23.92 4.01
C PRO C 1114 15.26 -24.14 2.67
N GLU C 1115 14.42 -24.24 1.62
CA GLU C 1115 14.93 -24.29 0.26
C GLU C 1115 15.63 -23.00 -0.13
N SER C 1116 15.29 -21.89 0.53
CA SER C 1116 15.89 -20.61 0.18
C SER C 1116 17.40 -20.61 0.44
N PHE C 1117 17.82 -21.30 1.51
CA PHE C 1117 19.24 -21.35 1.82
C PHE C 1117 19.99 -22.18 0.79
N LYS C 1118 19.43 -23.32 0.39
CA LYS C 1118 20.03 -24.10 -0.68
C LYS C 1118 20.12 -23.30 -1.98
N VAL C 1119 19.08 -22.54 -2.29
CA VAL C 1119 19.10 -21.70 -3.49
C VAL C 1119 20.20 -20.64 -3.38
N LEU C 1120 20.33 -20.03 -2.20
CA LEU C 1120 21.40 -19.07 -1.96
C LEU C 1120 22.76 -19.70 -2.22
N LEU C 1121 22.98 -20.91 -1.70
CA LEU C 1121 24.26 -21.58 -1.90
C LEU C 1121 24.50 -21.88 -3.38
N LYS C 1122 23.45 -22.29 -4.10
CA LYS C 1122 23.62 -22.57 -5.53
C LYS C 1122 23.96 -21.31 -6.30
N GLU C 1123 23.38 -20.17 -5.91
CA GLU C 1123 23.70 -18.91 -6.58
C GLU C 1123 25.14 -18.49 -6.29
N LEU C 1124 25.54 -18.57 -5.02
CA LEU C 1124 26.92 -18.27 -4.67
C LEU C 1124 27.89 -19.14 -5.45
N GLN C 1125 27.61 -20.44 -5.55
CA GLN C 1125 28.45 -21.33 -6.35
C GLN C 1125 28.46 -20.90 -7.81
N SER C 1126 27.31 -20.48 -8.34
CA SER C 1126 27.26 -20.02 -9.72
C SER C 1126 28.03 -18.73 -9.93
N LEU C 1127 28.37 -18.03 -8.85
CA LEU C 1127 29.25 -16.88 -8.90
C LEU C 1127 30.72 -17.24 -8.72
N CYS C 1128 31.04 -18.55 -8.74
CA CYS C 1128 32.38 -19.07 -8.51
C CYS C 1128 32.85 -18.85 -7.07
N LEU C 1129 31.90 -18.76 -6.16
CA LEU C 1129 32.20 -18.72 -4.73
C LEU C 1129 32.04 -20.13 -4.17
N ASN C 1130 33.07 -20.65 -3.53
CA ASN C 1130 33.03 -21.99 -2.97
C ASN C 1130 32.52 -21.87 -1.54
N VAL C 1131 31.28 -22.29 -1.32
CA VAL C 1131 30.58 -22.07 -0.07
C VAL C 1131 30.23 -23.44 0.49
N GLU C 1132 30.82 -23.79 1.62
CA GLU C 1132 30.60 -25.07 2.25
C GLU C 1132 30.04 -24.85 3.65
N VAL C 1133 29.12 -25.73 4.05
CA VAL C 1133 28.56 -25.70 5.39
C VAL C 1133 29.38 -26.64 6.25
N LEU C 1134 30.05 -26.10 7.26
CA LEU C 1134 30.94 -26.87 8.11
C LEU C 1134 30.22 -27.32 9.36
N SER C 1135 30.48 -28.57 9.77
CA SER C 1135 29.98 -29.09 11.03
C SER C 1135 30.92 -28.64 12.15
N SER C 1136 30.72 -29.17 13.36
CA SER C 1136 31.57 -28.79 14.48
C SER C 1136 32.99 -29.32 14.32
N ASP C 1137 33.16 -30.48 13.71
CA ASP C 1137 34.48 -31.09 13.55
C ASP C 1137 35.29 -30.48 12.41
N GLY C 1138 34.68 -29.63 11.58
CA GLY C 1138 35.37 -28.99 10.49
C GLY C 1138 35.10 -29.58 9.12
N ALA C 1139 34.43 -30.73 9.04
CA ALA C 1139 34.13 -31.34 7.76
C ALA C 1139 32.95 -30.62 7.10
N ALA C 1140 32.90 -30.73 5.77
CA ALA C 1140 31.83 -30.11 4.98
C ALA C 1140 30.65 -31.06 4.88
N ILE C 1141 29.47 -30.56 5.26
CA ILE C 1141 28.24 -31.34 5.15
C ILE C 1141 27.72 -31.25 3.72
N GLU C 1142 27.16 -32.35 3.23
CA GLU C 1142 26.54 -32.39 1.91
C GLU C 1142 25.02 -32.44 2.09
N LEU C 1143 24.32 -31.58 1.36
CA LEU C 1143 22.88 -31.38 1.55
C LEU C 1143 22.12 -32.10 0.44
N ARG C 1144 21.42 -33.18 0.81
CA ARG C 1144 20.54 -33.91 -0.10
C ARG C 1144 19.39 -34.49 0.71
N GLU C 1145 18.59 -35.34 0.08
CA GLU C 1145 17.46 -35.98 0.73
C GLU C 1145 17.41 -37.44 0.32
N GLY C 1146 17.04 -38.30 1.27
CA GLY C 1146 16.94 -39.72 0.99
C GLY C 1146 15.73 -40.03 0.12
N GLU C 1147 15.95 -40.79 -0.94
CA GLU C 1147 14.86 -41.19 -1.82
C GLU C 1147 14.09 -42.41 -1.31
N ASP C 1148 14.69 -43.19 -0.41
CA ASP C 1148 14.09 -44.46 -0.02
C ASP C 1148 12.90 -44.27 0.93
N GLU C 1149 12.86 -43.15 1.66
CA GLU C 1149 11.81 -42.94 2.65
C GLU C 1149 10.43 -42.92 1.99
N ASP C 1150 10.27 -42.12 0.94
CA ASP C 1150 9.00 -42.09 0.22
C ASP C 1150 8.70 -43.45 -0.41
N LEU C 1151 9.73 -44.14 -0.89
CA LEU C 1151 9.54 -45.46 -1.48
C LEU C 1151 9.25 -46.51 -0.41
N GLU C 1152 9.85 -46.38 0.77
CA GLU C 1152 9.59 -47.33 1.84
C GLU C 1152 8.16 -47.19 2.37
N ARG C 1153 7.71 -45.95 2.58
CA ARG C 1153 6.33 -45.75 3.03
C ARG C 1153 5.33 -46.13 1.94
N ALA C 1154 5.58 -45.71 0.70
CA ALA C 1154 4.66 -46.02 -0.39
C ALA C 1154 4.58 -47.52 -0.65
N ALA C 1155 5.70 -48.23 -0.50
CA ALA C 1155 5.69 -49.67 -0.71
C ALA C 1155 5.05 -50.40 0.46
N ALA C 1156 5.34 -49.98 1.70
CA ALA C 1156 4.68 -50.57 2.86
C ALA C 1156 3.19 -50.23 2.91
N ASN C 1157 2.74 -49.26 2.11
CA ASN C 1157 1.33 -48.88 2.11
C ASN C 1157 0.45 -50.03 1.65
N LEU C 1158 0.84 -50.74 0.58
CA LEU C 1158 0.02 -51.81 0.06
C LEU C 1158 0.17 -53.09 0.87
N GLY C 1159 1.37 -53.37 1.38
CA GLY C 1159 1.59 -54.57 2.17
C GLY C 1159 2.56 -55.55 1.53
N LEU D 3 16.07 -35.04 6.84
CA LEU D 3 17.12 -36.04 7.08
C LEU D 3 18.19 -35.51 8.02
N ASP D 4 18.35 -34.18 8.06
CA ASP D 4 19.40 -33.55 8.86
C ASP D 4 18.85 -32.34 9.58
N VAL D 5 18.90 -32.38 10.92
CA VAL D 5 18.80 -31.16 11.71
C VAL D 5 20.04 -30.30 11.45
N ASN D 6 19.95 -29.02 11.77
CA ASN D 6 21.08 -28.14 11.50
C ASN D 6 22.01 -28.18 12.71
N PHE D 7 23.12 -28.89 12.54
CA PHE D 7 24.26 -28.89 13.44
C PHE D 7 25.33 -27.93 12.95
N PHE D 8 25.04 -27.15 11.91
CA PHE D 8 26.05 -26.34 11.25
C PHE D 8 26.76 -25.46 12.26
N ASP D 9 28.08 -25.62 12.34
CA ASP D 9 28.86 -24.77 13.24
C ASP D 9 29.19 -23.45 12.58
N GLU D 10 29.58 -23.49 11.31
CA GLU D 10 29.96 -22.27 10.61
C GLU D 10 29.83 -22.48 9.11
N LEU D 11 29.80 -21.36 8.38
CA LEU D 11 29.67 -21.34 6.92
C LEU D 11 30.89 -20.65 6.34
N ARG D 12 31.63 -21.37 5.50
CA ARG D 12 32.89 -20.90 4.95
C ARG D 12 32.72 -20.58 3.47
N ILE D 13 33.40 -19.52 3.02
CA ILE D 13 33.36 -19.09 1.63
C ILE D 13 34.78 -18.78 1.17
N GLY D 14 35.13 -19.25 -0.03
CA GLY D 14 36.43 -19.00 -0.61
C GLY D 14 36.32 -19.03 -2.12
N LEU D 15 37.42 -18.67 -2.78
CA LEU D 15 37.44 -18.70 -4.24
C LEU D 15 37.39 -20.14 -4.75
N ALA D 16 36.57 -20.36 -5.77
CA ALA D 16 36.46 -21.66 -6.40
C ALA D 16 37.43 -21.74 -7.56
N THR D 17 38.26 -22.78 -7.56
CA THR D 17 39.14 -23.02 -8.69
C THR D 17 38.37 -23.78 -9.77
N ALA D 18 39.03 -24.03 -10.90
CA ALA D 18 38.39 -24.81 -11.95
C ALA D 18 38.21 -26.26 -11.55
N GLU D 19 39.07 -26.76 -10.65
CA GLU D 19 38.88 -28.11 -10.11
C GLU D 19 37.59 -28.20 -9.32
N ASP D 20 37.30 -27.21 -8.48
CA ASP D 20 36.05 -27.20 -7.73
C ASP D 20 34.85 -27.16 -8.67
N ILE D 21 34.90 -26.26 -9.67
CA ILE D 21 33.78 -26.12 -10.59
C ILE D 21 33.56 -27.41 -11.37
N ARG D 22 34.64 -28.08 -11.78
CA ARG D 22 34.51 -29.33 -12.52
C ARG D 22 34.05 -30.47 -11.62
N GLN D 23 34.35 -30.41 -10.32
CA GLN D 23 33.85 -31.43 -9.41
C GLN D 23 32.36 -31.24 -9.13
N TRP D 24 31.91 -29.99 -9.02
CA TRP D 24 30.49 -29.71 -8.90
C TRP D 24 29.72 -30.20 -10.10
N SER D 25 30.32 -30.10 -11.29
CA SER D 25 29.57 -30.25 -12.52
C SER D 25 29.17 -31.70 -12.75
N TYR D 26 27.94 -31.89 -13.23
CA TYR D 26 27.47 -33.16 -13.76
C TYR D 26 27.66 -33.27 -15.26
N GLY D 27 28.28 -32.28 -15.89
CA GLY D 27 28.60 -32.35 -17.29
C GLY D 27 28.80 -30.95 -17.85
N GLU D 28 29.27 -30.92 -19.10
CA GLU D 28 29.57 -29.67 -19.78
C GLU D 28 28.45 -29.33 -20.75
N VAL D 29 28.05 -28.06 -20.75
CA VAL D 29 27.02 -27.58 -21.65
C VAL D 29 27.71 -27.06 -22.90
N LYS D 30 27.58 -27.80 -24.00
CA LYS D 30 28.25 -27.46 -25.24
C LYS D 30 27.34 -26.79 -26.27
N LYS D 31 26.05 -26.67 -26.00
CA LYS D 31 25.12 -26.25 -27.05
C LYS D 31 24.30 -25.05 -26.63
N PRO D 32 24.04 -24.11 -27.55
CA PRO D 32 23.13 -23.00 -27.22
C PRO D 32 21.67 -23.40 -27.16
N GLU D 33 21.29 -24.55 -27.72
CA GLU D 33 19.89 -24.92 -27.81
C GLU D 33 19.29 -25.17 -26.43
N THR D 34 17.99 -24.89 -26.31
CA THR D 34 17.29 -25.04 -25.04
C THR D 34 16.39 -26.27 -25.07
N ILE D 35 15.26 -26.17 -25.76
CA ILE D 35 14.34 -27.28 -25.94
C ILE D 35 13.88 -27.30 -27.39
N ASN D 36 13.37 -28.45 -27.81
CA ASN D 36 12.85 -28.60 -29.17
C ASN D 36 11.48 -27.94 -29.26
N TYR D 37 11.27 -27.17 -30.33
CA TYR D 37 10.01 -26.43 -30.46
C TYR D 37 8.84 -27.36 -30.73
N ARG D 38 9.06 -28.44 -31.48
CA ARG D 38 7.98 -29.38 -31.78
C ARG D 38 7.68 -30.28 -30.59
N THR D 39 8.71 -30.91 -30.02
CA THR D 39 8.52 -31.94 -29.00
C THR D 39 8.57 -31.40 -27.58
N LEU D 40 8.96 -30.14 -27.37
CA LEU D 40 9.08 -29.52 -26.05
C LEU D 40 10.04 -30.28 -25.14
N LYS D 41 10.94 -31.06 -25.70
CA LYS D 41 11.97 -31.87 -25.08
C LYS D 41 13.28 -31.10 -25.02
N PRO D 42 13.97 -31.13 -23.88
CA PRO D 42 15.28 -30.46 -23.80
C PRO D 42 16.29 -31.05 -24.77
N GLU D 43 16.97 -30.18 -25.51
CA GLU D 43 18.01 -30.63 -26.42
C GLU D 43 19.21 -31.14 -25.65
N LYS D 44 19.95 -32.06 -26.27
CA LYS D 44 21.11 -32.66 -25.64
C LYS D 44 22.27 -31.67 -25.61
N ASP D 45 23.05 -31.72 -24.53
CA ASP D 45 24.19 -30.83 -24.31
C ASP D 45 23.78 -29.36 -24.23
N GLY D 46 22.51 -29.09 -23.92
CA GLY D 46 22.02 -27.74 -23.80
C GLY D 46 21.89 -27.30 -22.34
N LEU D 47 21.40 -26.07 -22.17
CA LEU D 47 21.22 -25.53 -20.83
C LEU D 47 20.19 -26.32 -20.03
N PHE D 48 19.22 -26.93 -20.70
CA PHE D 48 18.21 -27.76 -20.07
C PHE D 48 18.47 -29.26 -20.26
N CYS D 49 19.59 -29.65 -20.86
CA CYS D 49 19.86 -31.05 -21.19
C CYS D 49 19.70 -31.98 -19.99
N GLU D 50 18.96 -33.08 -20.21
CA GLU D 50 18.65 -34.03 -19.16
C GLU D 50 19.80 -34.97 -18.82
N LYS D 51 20.72 -35.19 -19.76
CA LYS D 51 21.86 -36.09 -19.48
C LYS D 51 22.71 -35.57 -18.33
N ILE D 52 22.79 -34.26 -18.17
CA ILE D 52 23.66 -33.65 -17.16
C ILE D 52 22.85 -33.19 -15.97
N PHE D 53 21.89 -32.27 -16.18
CA PHE D 53 21.13 -31.69 -15.09
C PHE D 53 20.12 -32.64 -14.46
N GLY D 54 19.82 -33.78 -15.10
CA GLY D 54 18.87 -34.72 -14.55
C GLY D 54 17.58 -34.79 -15.35
N PRO D 55 16.75 -35.79 -15.05
CA PRO D 55 15.52 -35.99 -15.83
C PRO D 55 14.45 -34.97 -15.48
N THR D 56 13.64 -34.63 -16.48
CA THR D 56 12.52 -33.73 -16.24
C THR D 56 11.33 -34.44 -15.60
N ARG D 57 11.13 -35.71 -15.93
CA ARG D 57 10.04 -36.51 -15.38
C ARG D 57 10.61 -37.61 -14.48
N ASP D 58 9.89 -37.90 -13.40
CA ASP D 58 10.36 -38.87 -12.41
C ASP D 58 10.63 -40.23 -13.06
N TRP D 59 11.85 -40.74 -12.84
CA TRP D 59 12.27 -42.08 -13.25
C TRP D 59 12.12 -42.31 -14.75
N GLU D 60 12.32 -41.27 -15.57
CA GLU D 60 12.22 -41.40 -17.03
C GLU D 60 13.49 -40.89 -17.67
N CYS D 61 14.19 -41.76 -18.39
CA CYS D 61 15.33 -41.34 -19.19
C CYS D 61 14.86 -40.59 -20.43
N TYR D 62 15.80 -39.85 -21.04
CA TYR D 62 15.45 -38.98 -22.17
C TYR D 62 14.90 -39.77 -23.35
N CYS D 63 15.54 -40.90 -23.69
CA CYS D 63 15.15 -41.62 -24.90
C CYS D 63 13.85 -42.41 -24.73
N GLY D 64 13.54 -42.83 -23.51
CA GLY D 64 12.30 -43.55 -23.25
C GLY D 64 12.46 -45.03 -23.07
N LYS D 65 13.69 -45.57 -23.14
CA LYS D 65 13.89 -47.00 -22.93
C LYS D 65 13.56 -47.41 -21.51
N TYR D 66 13.87 -46.55 -20.54
CA TYR D 66 13.55 -46.80 -19.13
C TYR D 66 12.63 -45.69 -18.64
N LYS D 67 11.36 -46.02 -18.42
CA LYS D 67 10.50 -45.19 -17.56
C LYS D 67 9.78 -46.12 -16.60
N ARG D 68 10.23 -46.14 -15.34
CA ARG D 68 9.63 -46.89 -14.24
C ARG D 68 10.54 -46.80 -13.02
N VAL D 69 10.01 -47.13 -11.84
CA VAL D 69 10.80 -47.06 -10.63
C VAL D 69 11.75 -48.25 -10.48
N ARG D 70 11.49 -49.36 -11.20
CA ARG D 70 12.35 -50.52 -11.10
C ARG D 70 13.79 -50.22 -11.49
N PHE D 71 13.98 -49.24 -12.37
CA PHE D 71 15.28 -48.92 -12.92
C PHE D 71 16.04 -47.90 -12.09
N LYS D 72 15.52 -47.54 -10.91
CA LYS D 72 16.07 -46.44 -10.12
C LYS D 72 17.57 -46.60 -9.91
N GLY D 73 18.31 -45.54 -10.21
CA GLY D 73 19.74 -45.48 -10.01
C GLY D 73 20.59 -45.77 -11.23
N ILE D 74 20.04 -46.48 -12.23
CA ILE D 74 20.84 -46.85 -13.38
C ILE D 74 21.00 -45.65 -14.31
N ILE D 75 22.04 -45.71 -15.14
CA ILE D 75 22.29 -44.71 -16.17
C ILE D 75 22.00 -45.35 -17.52
N CYS D 76 21.13 -44.71 -18.30
CA CYS D 76 20.73 -45.26 -19.59
C CYS D 76 21.92 -45.29 -20.54
N GLU D 77 22.16 -46.47 -21.14
CA GLU D 77 23.29 -46.61 -22.05
C GLU D 77 23.06 -45.89 -23.37
N ARG D 78 21.82 -45.51 -23.68
CA ARG D 78 21.54 -44.82 -24.94
C ARG D 78 21.70 -43.31 -24.78
N CYS D 79 20.84 -42.69 -23.95
CA CYS D 79 20.83 -41.24 -23.78
C CYS D 79 21.61 -40.77 -22.57
N GLY D 80 22.16 -41.66 -21.76
CA GLY D 80 22.99 -41.25 -20.64
C GLY D 80 22.28 -40.58 -19.48
N VAL D 81 20.95 -40.55 -19.49
CA VAL D 81 20.19 -39.86 -18.45
C VAL D 81 19.96 -40.81 -17.28
N GLU D 82 20.22 -40.33 -16.07
CA GLU D 82 19.94 -41.11 -14.88
C GLU D 82 18.45 -41.13 -14.60
N VAL D 83 17.94 -42.29 -14.20
CA VAL D 83 16.54 -42.42 -13.80
C VAL D 83 16.48 -42.18 -12.30
N THR D 84 15.89 -41.06 -11.92
CA THR D 84 15.82 -40.63 -10.53
C THR D 84 14.71 -39.58 -10.45
N ARG D 85 14.57 -38.95 -9.28
CA ARG D 85 13.58 -37.91 -9.12
C ARG D 85 14.01 -36.66 -9.88
N ALA D 86 13.05 -36.01 -10.55
CA ALA D 86 13.33 -34.76 -11.24
C ALA D 86 13.71 -33.64 -10.27
N LYS D 87 13.49 -33.84 -8.97
CA LYS D 87 13.93 -32.89 -7.95
C LYS D 87 15.41 -32.53 -8.13
N VAL D 88 16.24 -33.52 -8.48
CA VAL D 88 17.67 -33.30 -8.64
C VAL D 88 17.97 -32.20 -9.65
N ARG D 89 17.01 -31.89 -10.52
CA ARG D 89 17.24 -30.84 -11.52
C ARG D 89 17.47 -29.48 -10.89
N ARG D 90 17.13 -29.28 -9.62
CA ARG D 90 17.45 -28.01 -8.98
C ARG D 90 18.76 -28.02 -8.20
N GLU D 91 19.34 -29.19 -7.93
CA GLU D 91 20.61 -29.28 -7.21
C GLU D 91 21.82 -29.59 -8.09
N ARG D 92 21.64 -29.80 -9.40
CA ARG D 92 22.73 -30.32 -10.24
C ARG D 92 23.23 -29.23 -11.18
N MET D 93 24.49 -28.85 -11.01
CA MET D 93 25.11 -27.80 -11.81
C MET D 93 25.85 -28.39 -13.00
N GLY D 94 25.84 -27.64 -14.10
CA GLY D 94 26.69 -27.91 -15.23
C GLY D 94 27.94 -27.05 -15.19
N HIS D 95 28.69 -27.09 -16.28
CA HIS D 95 29.86 -26.23 -16.42
C HIS D 95 30.15 -26.00 -17.90
N ILE D 96 30.94 -24.97 -18.16
CA ILE D 96 31.36 -24.60 -19.50
C ILE D 96 32.87 -24.53 -19.51
N GLU D 97 33.49 -25.27 -20.44
CA GLU D 97 34.93 -25.24 -20.61
C GLU D 97 35.29 -24.09 -21.54
N LEU D 98 36.04 -23.13 -21.01
CA LEU D 98 36.39 -21.94 -21.78
C LEU D 98 37.55 -22.24 -22.72
N ALA D 99 37.42 -21.79 -23.97
CA ALA D 99 38.46 -21.90 -24.99
C ALA D 99 39.63 -20.97 -24.74
N ALA D 100 39.57 -20.17 -23.68
CA ALA D 100 40.57 -19.16 -23.35
C ALA D 100 40.23 -18.58 -21.98
N PRO D 101 41.22 -18.33 -21.13
CA PRO D 101 40.92 -17.91 -19.76
C PRO D 101 40.15 -16.60 -19.74
N VAL D 102 39.34 -16.44 -18.69
CA VAL D 102 38.56 -15.23 -18.47
C VAL D 102 38.77 -14.81 -17.03
N THR D 103 38.95 -13.51 -16.81
CA THR D 103 39.06 -13.00 -15.46
C THR D 103 37.67 -12.80 -14.86
N HIS D 104 37.58 -13.03 -13.56
CA HIS D 104 36.33 -12.82 -12.84
C HIS D 104 36.19 -11.32 -12.55
N ILE D 105 35.12 -10.71 -13.10
CA ILE D 105 34.98 -9.25 -13.04
C ILE D 105 34.90 -8.74 -11.61
N TRP D 106 34.52 -9.59 -10.66
CA TRP D 106 34.48 -9.14 -9.26
C TRP D 106 35.85 -8.74 -8.77
N TYR D 107 36.89 -9.47 -9.19
CA TYR D 107 38.24 -9.22 -8.71
C TYR D 107 39.01 -8.25 -9.58
N PHE D 108 38.46 -7.85 -10.72
CA PHE D 108 39.04 -6.80 -11.54
C PHE D 108 38.36 -5.46 -11.31
N LYS D 109 37.07 -5.35 -11.63
CA LYS D 109 36.40 -4.06 -11.63
C LYS D 109 36.02 -3.60 -10.22
N GLY D 110 35.91 -4.51 -9.26
CA GLY D 110 35.57 -4.11 -7.91
C GLY D 110 36.68 -3.26 -7.32
N VAL D 111 36.33 -2.05 -6.87
CA VAL D 111 37.32 -1.10 -6.36
C VAL D 111 37.51 -1.25 -4.85
N PRO D 112 38.77 -1.35 -4.39
CA PRO D 112 39.99 -1.34 -5.20
C PRO D 112 40.23 -2.67 -5.92
N SER D 113 40.79 -2.62 -7.12
CA SER D 113 40.95 -3.83 -7.92
C SER D 113 41.81 -4.84 -7.18
N ARG D 114 41.27 -6.06 -7.03
CA ARG D 114 41.99 -7.10 -6.31
C ARG D 114 43.11 -7.66 -7.15
N LEU D 115 42.87 -7.86 -8.44
CA LEU D 115 43.93 -8.24 -9.37
C LEU D 115 44.98 -7.14 -9.46
N GLY D 116 44.53 -5.90 -9.64
CA GLY D 116 45.47 -4.79 -9.78
C GLY D 116 46.35 -4.62 -8.55
N TYR D 117 45.80 -4.81 -7.36
CA TYR D 117 46.60 -4.75 -6.15
C TYR D 117 47.42 -6.02 -5.93
N LEU D 118 47.03 -7.14 -6.53
CA LEU D 118 47.84 -8.35 -6.42
C LEU D 118 49.09 -8.25 -7.27
N LEU D 119 48.95 -7.82 -8.52
CA LEU D 119 50.08 -7.70 -9.43
C LEU D 119 50.70 -6.30 -9.45
N ASP D 120 50.19 -5.39 -8.61
CA ASP D 120 50.66 -4.00 -8.59
C ASP D 120 50.49 -3.36 -9.96
N LEU D 121 49.34 -3.58 -10.59
CA LEU D 121 49.00 -3.00 -11.88
C LEU D 121 47.91 -1.95 -11.69
N ALA D 122 48.01 -0.86 -12.44
CA ALA D 122 46.96 0.14 -12.41
C ALA D 122 45.68 -0.43 -13.02
N PRO D 123 44.52 -0.12 -12.44
CA PRO D 123 43.28 -0.71 -12.95
C PRO D 123 43.02 -0.43 -14.43
N LYS D 124 43.42 0.74 -14.94
CA LYS D 124 43.20 1.02 -16.35
C LYS D 124 44.18 0.27 -17.25
N ASP D 125 45.41 0.07 -16.79
CA ASP D 125 46.35 -0.78 -17.53
C ASP D 125 45.87 -2.23 -17.55
N LEU D 126 45.36 -2.71 -16.41
CA LEU D 126 44.78 -4.04 -16.35
C LEU D 126 43.56 -4.14 -17.27
N GLU D 127 42.79 -3.06 -17.38
CA GLU D 127 41.71 -3.02 -18.35
C GLU D 127 42.24 -3.14 -19.77
N LYS D 128 43.34 -2.43 -20.08
CA LYS D 128 43.91 -2.54 -21.41
C LYS D 128 44.42 -3.95 -21.71
N ILE D 129 44.92 -4.65 -20.68
CA ILE D 129 45.44 -5.99 -20.90
C ILE D 129 44.30 -7.00 -21.09
N ILE D 130 43.31 -6.98 -20.19
CA ILE D 130 42.28 -8.02 -20.18
C ILE D 130 41.41 -7.93 -21.42
N TYR D 131 41.10 -6.71 -21.86
CA TYR D 131 40.20 -6.47 -22.98
C TYR D 131 40.93 -6.29 -24.31
N PHE D 132 42.23 -6.59 -24.34
CA PHE D 132 43.03 -6.67 -25.56
C PHE D 132 43.27 -5.30 -26.20
N ALA D 133 43.41 -4.25 -25.38
CA ALA D 133 43.89 -2.98 -25.88
C ALA D 133 45.41 -2.90 -25.94
N ALA D 134 46.12 -3.71 -25.14
CA ALA D 134 47.57 -3.61 -25.05
C ALA D 134 48.16 -4.95 -24.68
N TYR D 135 49.38 -5.20 -25.17
CA TYR D 135 50.15 -6.38 -24.78
C TYR D 135 50.81 -6.16 -23.44
N VAL D 136 51.10 -7.27 -22.75
CA VAL D 136 51.90 -7.23 -21.52
C VAL D 136 53.01 -8.27 -21.64
N ILE D 137 54.11 -8.02 -20.93
CA ILE D 137 55.27 -8.90 -20.97
C ILE D 137 55.13 -9.92 -19.85
N THR D 138 54.96 -11.19 -20.23
CA THR D 138 54.79 -12.25 -19.23
C THR D 138 56.12 -12.67 -18.62
N SER D 139 57.14 -12.89 -19.45
CA SER D 139 58.43 -13.36 -18.96
C SER D 139 59.55 -12.76 -19.80
N VAL D 140 60.74 -12.71 -19.20
CA VAL D 140 61.93 -12.19 -19.85
C VAL D 140 63.09 -13.13 -19.53
N ASP D 141 63.90 -13.41 -20.55
CA ASP D 141 65.09 -14.26 -20.38
C ASP D 141 66.27 -13.35 -20.04
N GLU D 142 66.74 -13.42 -18.80
CA GLU D 142 67.77 -12.51 -18.33
C GLU D 142 69.14 -12.89 -18.87
N GLU D 143 69.50 -14.18 -18.76
CA GLU D 143 70.83 -14.62 -19.16
C GLU D 143 71.01 -14.53 -20.67
N MET D 144 70.01 -14.95 -21.45
CA MET D 144 70.13 -14.88 -22.90
C MET D 144 70.24 -13.44 -23.39
N ARG D 145 69.58 -12.50 -22.70
CA ARG D 145 69.69 -11.10 -23.07
C ARG D 145 71.03 -10.51 -22.65
N HIS D 146 71.56 -10.92 -21.49
CA HIS D 146 72.83 -10.36 -21.05
C HIS D 146 73.99 -10.91 -21.87
N ASN D 147 73.96 -12.20 -22.22
CA ASN D 147 75.05 -12.79 -22.97
C ASN D 147 75.09 -12.30 -24.41
N GLU D 148 73.95 -11.95 -24.98
CA GLU D 148 73.87 -11.47 -26.35
C GLU D 148 73.85 -9.96 -26.46
N LEU D 149 73.97 -9.24 -25.34
CA LEU D 149 73.74 -7.80 -25.35
C LEU D 149 74.79 -7.07 -26.20
N SER D 150 76.04 -7.53 -26.19
CA SER D 150 77.08 -6.83 -26.94
C SER D 150 76.83 -6.91 -28.44
N THR D 151 76.44 -8.09 -28.94
CA THR D 151 76.18 -8.23 -30.37
C THR D 151 74.94 -7.45 -30.79
N LEU D 152 73.90 -7.47 -29.96
CA LEU D 152 72.68 -6.74 -30.27
C LEU D 152 72.93 -5.24 -30.28
N GLU D 153 73.69 -4.75 -29.30
CA GLU D 153 74.06 -3.34 -29.26
C GLU D 153 74.88 -2.96 -30.47
N ALA D 154 75.78 -3.85 -30.92
CA ALA D 154 76.57 -3.57 -32.11
C ALA D 154 75.68 -3.45 -33.34
N GLU D 155 74.84 -4.47 -33.59
CA GLU D 155 73.98 -4.45 -34.78
C GLU D 155 73.06 -3.24 -34.76
N MET D 156 72.50 -2.92 -33.59
CA MET D 156 71.68 -1.72 -33.44
C MET D 156 72.46 -0.47 -33.82
N ALA D 157 73.69 -0.34 -33.30
CA ALA D 157 74.52 0.81 -33.64
C ALA D 157 74.76 0.91 -35.14
N VAL D 158 74.99 -0.22 -35.80
CA VAL D 158 75.18 -0.21 -37.25
C VAL D 158 73.92 0.26 -37.96
N GLU D 159 72.75 -0.18 -37.51
CA GLU D 159 71.51 0.26 -38.13
C GLU D 159 71.33 1.77 -38.00
N ARG D 160 71.54 2.30 -36.80
CA ARG D 160 71.50 3.75 -36.62
C ARG D 160 72.48 4.44 -37.57
N LYS D 161 73.69 3.90 -37.70
CA LYS D 161 74.66 4.49 -38.62
C LYS D 161 74.13 4.51 -40.05
N ALA D 162 73.47 3.44 -40.47
CA ALA D 162 72.92 3.41 -41.83
C ALA D 162 71.86 4.48 -42.01
N VAL D 163 71.00 4.68 -41.01
CA VAL D 163 69.98 5.73 -41.11
C VAL D 163 70.64 7.10 -41.20
N GLU D 164 71.70 7.33 -40.43
CA GLU D 164 72.38 8.63 -40.46
C GLU D 164 73.08 8.85 -41.80
N ASP D 165 73.75 7.82 -42.32
CA ASP D 165 74.44 7.96 -43.60
C ASP D 165 73.44 8.24 -44.72
N GLN D 166 72.33 7.51 -44.75
CA GLN D 166 71.31 7.79 -45.75
C GLN D 166 70.80 9.23 -45.62
N ARG D 167 70.54 9.66 -44.39
CA ARG D 167 70.07 11.04 -44.15
C ARG D 167 71.06 12.05 -44.71
N ASP D 168 72.35 11.87 -44.41
CA ASP D 168 73.35 12.84 -44.85
C ASP D 168 73.48 12.84 -46.36
N GLY D 169 73.40 11.66 -46.99
CA GLY D 169 73.43 11.62 -48.45
C GLY D 169 72.26 12.34 -49.08
N GLU D 170 71.05 12.10 -48.57
CA GLU D 170 69.87 12.81 -49.06
C GLU D 170 70.02 14.32 -48.90
N LEU D 171 70.47 14.76 -47.73
CA LEU D 171 70.61 16.19 -47.50
C LEU D 171 71.68 16.81 -48.39
N GLU D 172 72.76 16.07 -48.68
CA GLU D 172 73.80 16.61 -49.55
C GLU D 172 73.31 16.70 -50.99
N ALA D 173 72.67 15.64 -51.49
CA ALA D 173 72.09 15.70 -52.83
C ALA D 173 71.08 16.83 -52.95
N ARG D 174 70.26 17.02 -51.91
CA ARG D 174 69.27 18.09 -51.93
C ARG D 174 69.94 19.47 -51.86
N ALA D 175 71.09 19.56 -51.19
CA ALA D 175 71.80 20.84 -51.10
C ALA D 175 72.41 21.22 -52.44
N GLN D 176 73.14 20.28 -53.06
CA GLN D 176 73.69 20.53 -54.38
C GLN D 176 72.58 20.80 -55.38
N LYS D 177 71.44 20.11 -55.25
CA LYS D 177 70.31 20.36 -56.13
C LYS D 177 69.75 21.77 -55.93
N LEU D 178 69.66 22.22 -54.68
CA LEU D 178 69.14 23.55 -54.41
C LEU D 178 70.07 24.62 -54.99
N GLU D 179 71.38 24.47 -54.79
CA GLU D 179 72.32 25.44 -55.35
C GLU D 179 72.30 25.43 -56.86
N ALA D 180 72.18 24.24 -57.47
CA ALA D 180 72.15 24.16 -58.93
C ALA D 180 70.87 24.75 -59.49
N ASP D 181 69.74 24.57 -58.80
CA ASP D 181 68.48 25.13 -59.27
C ASP D 181 68.46 26.65 -59.13
N LEU D 182 68.98 27.16 -58.02
CA LEU D 182 69.08 28.62 -57.88
C LEU D 182 70.06 29.21 -58.86
N ALA D 183 71.12 28.48 -59.22
CA ALA D 183 72.03 28.95 -60.25
C ALA D 183 71.36 28.93 -61.62
N GLU D 184 70.53 27.91 -61.89
CA GLU D 184 69.78 27.88 -63.14
C GLU D 184 68.80 29.05 -63.22
N LEU D 185 68.17 29.39 -62.09
CA LEU D 185 67.24 30.51 -62.09
C LEU D 185 67.95 31.86 -62.10
N GLU D 186 69.21 31.93 -61.67
CA GLU D 186 69.95 33.17 -61.79
C GLU D 186 70.46 33.41 -63.20
N ALA D 187 70.77 32.34 -63.95
CA ALA D 187 71.15 32.50 -65.35
C ALA D 187 70.00 33.07 -66.17
N GLU D 188 68.83 32.44 -66.09
CA GLU D 188 67.63 33.04 -66.66
C GLU D 188 67.23 34.28 -65.87
N GLY D 189 66.43 35.14 -66.49
CA GLY D 189 65.89 36.29 -65.81
C GLY D 189 64.94 35.85 -64.72
N ALA D 190 65.20 36.26 -63.48
CA ALA D 190 64.35 35.87 -62.36
C ALA D 190 64.40 36.94 -61.29
N LYS D 191 63.28 37.09 -60.59
CA LYS D 191 63.17 38.03 -59.49
C LYS D 191 63.91 37.51 -58.26
N ALA D 192 64.43 38.43 -57.46
CA ALA D 192 65.06 38.04 -56.20
C ALA D 192 64.05 37.38 -55.27
N ASP D 193 62.81 37.85 -55.30
CA ASP D 193 61.77 37.27 -54.45
C ASP D 193 61.38 35.87 -54.90
N ALA D 194 61.39 35.63 -56.21
CA ALA D 194 61.10 34.29 -56.71
C ALA D 194 62.19 33.30 -56.32
N ARG D 195 63.45 33.69 -56.51
CA ARG D 195 64.56 32.84 -56.08
C ARG D 195 64.54 32.62 -54.57
N ARG D 196 64.10 33.63 -53.80
CA ARG D 196 63.96 33.43 -52.37
C ARG D 196 62.83 32.45 -52.05
N LYS D 197 61.76 32.46 -52.85
CA LYS D 197 60.73 31.42 -52.71
C LYS D 197 61.32 30.04 -52.94
N VAL D 198 62.14 29.89 -53.99
CA VAL D 198 62.75 28.60 -54.29
C VAL D 198 63.65 28.14 -53.15
N ARG D 199 64.48 29.07 -52.62
CA ARG D 199 65.35 28.72 -51.51
C ARG D 199 64.55 28.32 -50.28
N ASP D 200 63.48 29.05 -49.98
CA ASP D 200 62.60 28.67 -48.88
C ASP D 200 62.05 27.26 -49.06
N GLY D 201 61.65 26.92 -50.28
CA GLY D 201 61.16 25.58 -50.54
C GLY D 201 62.24 24.52 -50.31
N GLY D 202 63.44 24.78 -50.82
CA GLY D 202 64.54 23.84 -50.61
C GLY D 202 64.85 23.63 -49.14
N GLU D 203 64.90 24.72 -48.36
CA GLU D 203 65.15 24.59 -46.93
C GLU D 203 64.05 23.82 -46.24
N ARG D 204 62.80 24.03 -46.67
CA ARG D 204 61.69 23.27 -46.08
C ARG D 204 61.83 21.78 -46.39
N GLU D 205 62.25 21.44 -47.61
CA GLU D 205 62.41 20.03 -47.97
C GLU D 205 63.56 19.40 -47.19
N MET D 206 64.67 20.11 -47.03
CA MET D 206 65.76 19.59 -46.20
C MET D 206 65.31 19.39 -44.76
N ARG D 207 64.56 20.36 -44.22
CA ARG D 207 63.97 20.18 -42.91
C ARG D 207 63.11 18.93 -42.85
N GLN D 208 62.40 18.62 -43.95
CA GLN D 208 61.58 17.41 -43.98
C GLN D 208 62.44 16.15 -44.00
N ILE D 209 63.55 16.16 -44.73
CA ILE D 209 64.42 14.99 -44.77
C ILE D 209 65.02 14.74 -43.38
N ARG D 210 65.53 15.80 -42.76
CA ARG D 210 66.15 15.66 -41.44
C ARG D 210 65.13 15.26 -40.39
N ASP D 211 63.89 15.78 -40.49
CA ASP D 211 62.86 15.41 -39.53
C ASP D 211 62.41 13.97 -39.74
N ARG D 212 62.34 13.53 -41.00
CA ARG D 212 61.97 12.15 -41.29
C ARG D 212 63.00 11.18 -40.72
N ALA D 213 64.27 11.35 -41.12
CA ALA D 213 65.32 10.49 -40.58
C ALA D 213 65.41 10.59 -39.06
N GLN D 214 65.12 11.77 -38.51
CA GLN D 214 65.14 11.90 -37.05
C GLN D 214 64.02 11.09 -36.41
N ARG D 215 62.85 11.06 -37.06
CA ARG D 215 61.77 10.21 -36.55
C ARG D 215 62.17 8.74 -36.59
N GLU D 216 62.87 8.32 -37.64
CA GLU D 216 63.34 6.93 -37.69
C GLU D 216 64.35 6.64 -36.59
N LEU D 217 65.28 7.56 -36.36
CA LEU D 217 66.26 7.38 -35.29
C LEU D 217 65.59 7.31 -33.93
N ASP D 218 64.59 8.16 -33.70
CA ASP D 218 63.88 8.14 -32.42
C ASP D 218 63.10 6.84 -32.24
N ARG D 219 62.50 6.34 -33.32
CA ARG D 219 61.79 5.05 -33.24
C ARG D 219 62.76 3.93 -32.84
N LEU D 220 63.88 3.82 -33.56
CA LEU D 220 64.86 2.79 -33.23
C LEU D 220 65.38 2.95 -31.80
N GLU D 221 65.58 4.20 -31.37
CA GLU D 221 66.04 4.44 -30.00
C GLU D 221 65.01 3.96 -28.98
N ASP D 222 63.72 4.24 -29.23
CA ASP D 222 62.67 3.74 -28.35
C ASP D 222 62.65 2.22 -28.31
N ILE D 223 62.86 1.58 -29.46
CA ILE D 223 62.93 0.12 -29.50
C ILE D 223 64.06 -0.39 -28.63
N TRP D 224 65.26 0.21 -28.76
CA TRP D 224 66.41 -0.28 -28.02
C TRP D 224 66.26 -0.06 -26.52
N SER D 225 65.75 1.12 -26.12
CA SER D 225 65.52 1.36 -24.70
C SER D 225 64.48 0.41 -24.14
N THR D 226 63.39 0.19 -24.88
CA THR D 226 62.33 -0.70 -24.40
C THR D 226 62.84 -2.12 -24.25
N PHE D 227 63.64 -2.60 -25.20
CA PHE D 227 64.14 -3.97 -25.10
C PHE D 227 65.16 -4.11 -23.99
N THR D 228 66.08 -3.15 -23.84
CA THR D 228 67.08 -3.27 -22.79
C THR D 228 66.45 -3.16 -21.40
N LYS D 229 65.43 -2.32 -21.27
CA LYS D 229 64.73 -2.18 -20.00
C LYS D 229 63.55 -3.14 -19.85
N LEU D 230 63.33 -4.02 -20.84
CA LEU D 230 62.16 -4.89 -20.84
C LEU D 230 62.10 -5.74 -19.58
N ALA D 231 60.92 -5.77 -18.95
CA ALA D 231 60.68 -6.50 -17.72
C ALA D 231 59.27 -7.06 -17.76
N PRO D 232 59.00 -8.13 -17.01
CA PRO D 232 57.61 -8.59 -16.88
C PRO D 232 56.73 -7.53 -16.25
N LYS D 233 55.42 -7.65 -16.53
CA LYS D 233 54.35 -6.74 -16.13
C LYS D 233 54.37 -5.42 -16.89
N GLN D 234 55.34 -5.19 -17.75
CA GLN D 234 55.39 -3.96 -18.53
C GLN D 234 54.41 -4.03 -19.70
N LEU D 235 53.67 -2.94 -19.91
CA LEU D 235 52.67 -2.86 -20.96
C LEU D 235 53.25 -2.21 -22.20
N ILE D 236 52.99 -2.81 -23.36
CA ILE D 236 53.34 -2.23 -24.65
C ILE D 236 52.05 -1.80 -25.31
N VAL D 237 51.81 -0.48 -25.37
CA VAL D 237 50.57 0.02 -25.93
C VAL D 237 50.64 0.07 -27.45
N ASP D 238 51.80 0.46 -28.00
CA ASP D 238 51.95 0.63 -29.44
C ASP D 238 52.06 -0.73 -30.12
N GLU D 239 51.19 -0.99 -31.08
CA GLU D 239 51.24 -2.25 -31.83
C GLU D 239 52.53 -2.37 -32.62
N ASN D 240 52.95 -1.28 -33.27
CA ASN D 240 54.18 -1.29 -34.06
C ASN D 240 55.39 -1.59 -33.19
N LEU D 241 55.43 -1.00 -31.97
CA LEU D 241 56.56 -1.23 -31.08
C LEU D 241 56.64 -2.69 -30.65
N TYR D 242 55.50 -3.28 -30.30
CA TYR D 242 55.51 -4.69 -29.91
C TYR D 242 55.91 -5.58 -31.09
N ARG D 243 55.44 -5.25 -32.29
CA ARG D 243 55.78 -6.07 -33.45
C ARG D 243 57.27 -5.97 -33.78
N GLU D 244 57.86 -4.79 -33.62
CA GLU D 244 59.31 -4.67 -33.74
C GLU D 244 60.02 -5.43 -32.64
N LEU D 245 59.45 -5.45 -31.42
CA LEU D 245 60.07 -6.18 -30.33
C LEU D 245 60.00 -7.68 -30.51
N VAL D 246 59.01 -8.19 -31.26
CA VAL D 246 59.01 -9.62 -31.55
C VAL D 246 59.86 -9.96 -32.78
N ASP D 247 59.90 -9.08 -33.79
CA ASP D 247 60.66 -9.39 -35.01
C ASP D 247 62.14 -9.59 -34.69
N ARG D 248 62.76 -8.57 -34.09
CA ARG D 248 64.03 -8.71 -33.42
C ARG D 248 63.76 -8.90 -31.94
N TYR D 249 64.56 -9.74 -31.28
CA TYR D 249 64.52 -10.00 -29.84
C TYR D 249 63.39 -10.94 -29.44
N GLY D 250 62.54 -11.39 -30.37
CA GLY D 250 61.36 -12.15 -30.01
C GLY D 250 61.63 -13.40 -29.19
N GLU D 251 62.83 -13.97 -29.31
CA GLU D 251 63.18 -15.17 -28.56
C GLU D 251 63.79 -14.87 -27.21
N TYR D 252 63.90 -13.60 -26.82
CA TYR D 252 64.44 -13.22 -25.52
C TYR D 252 63.35 -12.97 -24.49
N PHE D 253 62.08 -13.06 -24.86
CA PHE D 253 60.98 -12.76 -23.96
C PHE D 253 59.70 -13.39 -24.50
N THR D 254 58.62 -13.23 -23.74
CA THR D 254 57.29 -13.65 -24.15
C THR D 254 56.29 -12.62 -23.66
N GLY D 255 55.29 -12.32 -24.49
CA GLY D 255 54.26 -11.38 -24.12
C GLY D 255 52.96 -11.73 -24.82
N ALA D 256 51.86 -11.26 -24.22
CA ALA D 256 50.55 -11.59 -24.75
C ALA D 256 49.52 -10.58 -24.27
N MET D 257 48.38 -10.58 -24.94
CA MET D 257 47.21 -9.82 -24.51
C MET D 257 46.28 -10.72 -23.69
N GLY D 258 45.19 -10.14 -23.20
CA GLY D 258 44.10 -10.93 -22.66
C GLY D 258 44.33 -11.46 -21.26
N ALA D 259 43.40 -12.33 -20.86
CA ALA D 259 43.44 -12.92 -19.52
C ALA D 259 44.40 -14.09 -19.43
N GLU D 260 44.75 -14.71 -20.55
CA GLU D 260 45.78 -15.75 -20.53
C GLU D 260 47.11 -15.17 -20.05
N SER D 261 47.39 -13.91 -20.41
CA SER D 261 48.62 -13.28 -19.96
C SER D 261 48.58 -12.97 -18.47
N ILE D 262 47.43 -12.52 -17.97
CA ILE D 262 47.30 -12.28 -16.53
C ILE D 262 47.45 -13.58 -15.76
N GLN D 263 46.87 -14.66 -16.30
CA GLN D 263 47.05 -15.98 -15.70
C GLN D 263 48.52 -16.38 -15.69
N LYS D 264 49.24 -16.09 -16.77
CA LYS D 264 50.68 -16.37 -16.80
C LYS D 264 51.41 -15.54 -15.75
N LEU D 265 50.98 -14.29 -15.53
CA LEU D 265 51.60 -13.47 -14.51
C LEU D 265 51.32 -14.01 -13.10
N ILE D 266 50.16 -14.65 -12.90
CA ILE D 266 49.86 -15.20 -11.59
C ILE D 266 50.62 -16.51 -11.37
N GLU D 267 50.81 -17.31 -12.43
CA GLU D 267 51.61 -18.53 -12.28
C GLU D 267 53.03 -18.21 -11.85
N ASN D 268 53.63 -17.18 -12.44
CA ASN D 268 54.99 -16.78 -12.08
C ASN D 268 55.03 -15.89 -10.85
N PHE D 269 53.89 -15.58 -10.27
CA PHE D 269 53.85 -14.67 -9.12
C PHE D 269 54.42 -15.35 -7.89
N ASP D 270 55.32 -14.65 -7.19
CA ASP D 270 55.88 -15.12 -5.92
C ASP D 270 55.23 -14.30 -4.82
N ILE D 271 54.38 -14.95 -4.03
CA ILE D 271 53.55 -14.20 -3.08
C ILE D 271 54.34 -13.84 -1.82
N ASP D 272 55.27 -14.70 -1.39
CA ASP D 272 56.02 -14.42 -0.17
C ASP D 272 56.98 -13.24 -0.36
N ALA D 273 57.65 -13.19 -1.52
CA ALA D 273 58.56 -12.10 -1.81
C ALA D 273 57.85 -10.74 -1.75
N GLU D 274 56.74 -10.62 -2.48
CA GLU D 274 55.96 -9.39 -2.45
C GLU D 274 55.38 -9.15 -1.06
N ALA D 275 55.07 -10.21 -0.32
CA ALA D 275 54.45 -10.06 0.99
C ALA D 275 55.41 -9.40 1.98
N GLU D 276 56.59 -10.00 2.17
CA GLU D 276 57.55 -9.43 3.12
C GLU D 276 58.24 -8.18 2.57
N SER D 277 58.32 -8.05 1.25
CA SER D 277 58.83 -6.80 0.67
C SER D 277 57.89 -5.65 0.97
N LEU D 278 56.58 -5.86 0.77
CA LEU D 278 55.60 -4.83 1.07
C LEU D 278 55.50 -4.58 2.57
N ARG D 279 55.65 -5.62 3.39
CA ARG D 279 55.71 -5.43 4.83
C ARG D 279 56.90 -4.56 5.21
N ASP D 280 58.04 -4.79 4.58
CA ASP D 280 59.23 -3.99 4.86
C ASP D 280 59.00 -2.54 4.45
N VAL D 281 58.60 -2.31 3.20
CA VAL D 281 58.43 -0.94 2.70
C VAL D 281 57.36 -0.19 3.48
N ILE D 282 56.31 -0.89 3.92
CA ILE D 282 55.25 -0.24 4.70
C ILE D 282 55.72 0.05 6.12
N ARG D 283 56.52 -0.84 6.70
CA ARG D 283 57.00 -0.65 8.06
C ARG D 283 58.12 0.38 8.14
N ASN D 284 58.81 0.66 7.03
CA ASN D 284 59.97 1.53 7.06
C ASN D 284 59.61 2.95 7.43
N GLY D 285 58.58 3.51 6.78
CA GLY D 285 58.22 4.90 7.03
C GLY D 285 56.73 5.12 6.81
N LYS D 286 56.31 6.35 7.11
CA LYS D 286 54.92 6.76 6.99
C LYS D 286 54.75 7.76 5.86
N GLY D 287 53.69 7.58 5.08
CA GLY D 287 53.42 8.46 3.96
C GLY D 287 52.35 7.88 3.07
N GLN D 288 52.24 8.47 1.87
CA GLN D 288 51.26 7.97 0.89
C GLN D 288 51.68 6.63 0.32
N LYS D 289 52.97 6.49 -0.03
CA LYS D 289 53.45 5.21 -0.54
C LYS D 289 53.35 4.12 0.50
N LYS D 290 53.50 4.47 1.78
CA LYS D 290 53.27 3.50 2.85
C LYS D 290 51.81 3.06 2.90
N LEU D 291 50.88 3.96 2.57
CA LEU D 291 49.48 3.57 2.45
C LEU D 291 49.27 2.66 1.24
N ARG D 292 50.01 2.91 0.15
CA ARG D 292 49.96 1.99 -0.98
C ARG D 292 50.42 0.60 -0.58
N ALA D 293 51.52 0.51 0.16
CA ALA D 293 52.03 -0.79 0.58
C ALA D 293 51.16 -1.43 1.64
N LEU D 294 50.41 -0.63 2.41
CA LEU D 294 49.48 -1.19 3.39
C LEU D 294 48.25 -1.77 2.70
N LYS D 295 47.65 -0.99 1.79
CA LYS D 295 46.45 -1.46 1.09
C LYS D 295 46.78 -2.65 0.19
N ARG D 296 47.93 -2.61 -0.48
CA ARG D 296 48.38 -3.80 -1.21
C ARG D 296 48.70 -4.95 -0.26
N LEU D 297 49.21 -4.63 0.93
CA LEU D 297 49.55 -5.67 1.89
C LEU D 297 48.32 -6.41 2.40
N LYS D 298 47.17 -5.71 2.47
CA LYS D 298 45.96 -6.37 2.96
C LYS D 298 45.51 -7.47 2.01
N VAL D 299 45.54 -7.20 0.70
CA VAL D 299 45.09 -8.20 -0.27
C VAL D 299 46.15 -9.27 -0.51
N VAL D 300 47.43 -8.87 -0.63
CA VAL D 300 48.48 -9.86 -0.85
C VAL D 300 48.60 -10.78 0.35
N ALA D 301 48.63 -10.21 1.55
CA ALA D 301 48.64 -11.02 2.77
C ALA D 301 47.36 -11.84 2.88
N ALA D 302 46.22 -11.31 2.42
CA ALA D 302 44.99 -12.08 2.42
C ALA D 302 45.14 -13.35 1.60
N PHE D 303 45.70 -13.24 0.39
CA PHE D 303 45.96 -14.43 -0.41
C PHE D 303 47.06 -15.29 0.17
N GLN D 304 47.93 -14.73 1.01
CA GLN D 304 49.02 -15.52 1.59
C GLN D 304 48.51 -16.40 2.74
N GLN D 305 47.75 -15.81 3.66
CA GLN D 305 47.35 -16.54 4.87
C GLN D 305 46.17 -17.48 4.64
N SER D 306 45.23 -17.09 3.77
CA SER D 306 43.99 -17.83 3.64
C SER D 306 44.15 -19.15 2.90
N GLY D 307 45.27 -19.35 2.21
CA GLY D 307 45.44 -20.52 1.38
C GLY D 307 44.71 -20.47 0.05
N ASN D 308 44.08 -19.34 -0.28
CA ASN D 308 43.47 -19.18 -1.58
C ASN D 308 44.55 -19.05 -2.65
N SER D 309 44.49 -19.91 -3.65
CA SER D 309 45.36 -19.75 -4.80
C SER D 309 44.86 -18.59 -5.64
N PRO D 310 45.68 -17.55 -5.87
CA PRO D 310 45.21 -16.40 -6.66
C PRO D 310 44.76 -16.78 -8.06
N MET D 311 45.15 -17.96 -8.56
CA MET D 311 44.66 -18.46 -9.84
C MET D 311 43.14 -18.54 -9.87
N GLY D 312 42.49 -18.58 -8.70
CA GLY D 312 41.04 -18.57 -8.66
C GLY D 312 40.41 -17.32 -9.23
N MET D 313 41.19 -16.24 -9.38
CA MET D 313 40.65 -15.02 -9.97
C MET D 313 40.51 -15.10 -11.49
N VAL D 314 41.12 -16.09 -12.13
CA VAL D 314 41.01 -16.31 -13.56
C VAL D 314 40.41 -17.69 -13.78
N LEU D 315 39.38 -17.75 -14.61
CA LEU D 315 38.55 -18.94 -14.74
C LEU D 315 38.76 -19.57 -16.11
N ASP D 316 39.05 -20.87 -16.12
CA ASP D 316 38.99 -21.67 -17.32
C ASP D 316 37.67 -22.41 -17.49
N ALA D 317 36.82 -22.44 -16.46
CA ALA D 317 35.53 -23.11 -16.52
C ALA D 317 34.50 -22.29 -15.76
N VAL D 318 33.35 -22.08 -16.36
CA VAL D 318 32.27 -21.28 -15.78
C VAL D 318 31.18 -22.22 -15.28
N PRO D 319 30.75 -22.10 -14.02
CA PRO D 319 29.66 -22.96 -13.54
C PRO D 319 28.34 -22.61 -14.22
N VAL D 320 27.43 -23.58 -14.23
CA VAL D 320 26.10 -23.41 -14.77
C VAL D 320 25.09 -23.80 -13.71
N ILE D 321 24.22 -22.86 -13.34
CA ILE D 321 23.24 -23.03 -12.27
C ILE D 321 22.17 -24.03 -12.73
N PRO D 322 21.57 -24.79 -11.82
CA PRO D 322 20.60 -25.79 -12.23
C PRO D 322 19.41 -25.15 -12.92
N PRO D 323 18.78 -25.85 -13.86
CA PRO D 323 17.75 -25.22 -14.70
C PRO D 323 16.48 -24.84 -13.95
N GLU D 324 16.16 -25.51 -12.83
CA GLU D 324 14.96 -25.17 -12.10
C GLU D 324 15.04 -23.75 -11.52
N LEU D 325 16.24 -23.30 -11.17
CA LEU D 325 16.44 -21.95 -10.69
C LEU D 325 16.44 -20.92 -11.82
N ARG D 326 16.48 -21.34 -13.07
CA ARG D 326 16.41 -20.46 -14.24
C ARG D 326 15.42 -21.02 -15.25
N PRO D 327 14.16 -21.19 -14.87
CA PRO D 327 13.26 -22.02 -15.69
C PRO D 327 12.84 -21.36 -16.99
N MET D 328 12.09 -22.13 -17.79
CA MET D 328 11.56 -21.69 -19.07
C MET D 328 10.12 -22.15 -19.16
N VAL D 329 9.18 -21.22 -19.24
CA VAL D 329 7.76 -21.56 -19.21
C VAL D 329 7.07 -20.95 -20.42
N GLN D 330 6.22 -21.73 -21.09
CA GLN D 330 5.48 -21.20 -22.22
C GLN D 330 4.25 -20.45 -21.72
N LEU D 331 3.92 -19.37 -22.41
CA LEU D 331 2.83 -18.51 -22.02
C LEU D 331 1.60 -18.78 -22.88
N ASP D 332 0.50 -18.11 -22.56
CA ASP D 332 -0.64 -18.09 -23.45
C ASP D 332 -0.25 -17.33 -24.71
N GLY D 333 -0.50 -17.92 -25.87
CA GLY D 333 -0.07 -17.35 -27.12
C GLY D 333 1.13 -18.00 -27.76
N GLY D 334 1.62 -19.12 -27.22
CA GLY D 334 2.70 -19.86 -27.84
C GLY D 334 4.09 -19.37 -27.51
N ARG D 335 4.24 -18.16 -26.99
CA ARG D 335 5.55 -17.64 -26.67
C ARG D 335 6.13 -18.36 -25.44
N PHE D 336 7.45 -18.29 -25.32
CA PHE D 336 8.15 -18.83 -24.17
C PHE D 336 8.81 -17.69 -23.40
N ALA D 337 9.02 -17.93 -22.10
CA ALA D 337 9.63 -16.95 -21.20
C ALA D 337 10.75 -17.63 -20.44
N THR D 338 11.97 -17.09 -20.57
CA THR D 338 13.15 -17.59 -19.90
C THR D 338 13.68 -16.56 -18.93
N SER D 339 14.33 -17.03 -17.87
CA SER D 339 15.11 -16.14 -17.04
C SER D 339 16.25 -15.54 -17.85
N ASP D 340 16.61 -14.30 -17.52
CA ASP D 340 17.71 -13.64 -18.22
C ASP D 340 18.97 -14.48 -18.19
N LEU D 341 19.15 -15.27 -17.13
CA LEU D 341 20.32 -16.13 -17.00
C LEU D 341 20.49 -17.06 -18.20
N ASN D 342 19.40 -17.51 -18.80
CA ASN D 342 19.51 -18.41 -19.95
C ASN D 342 20.08 -17.67 -21.16
N ASP D 343 19.72 -16.39 -21.33
CA ASP D 343 20.25 -15.62 -22.44
C ASP D 343 21.71 -15.28 -22.21
N LEU D 344 22.08 -14.98 -20.97
CA LEU D 344 23.48 -14.70 -20.65
C LEU D 344 24.36 -15.92 -20.88
N TYR D 345 23.98 -17.06 -20.26
CA TYR D 345 24.68 -18.32 -20.51
C TYR D 345 24.74 -18.63 -21.99
N ARG D 346 23.65 -18.39 -22.71
CA ARG D 346 23.63 -18.69 -24.14
C ARG D 346 24.64 -17.85 -24.90
N ARG D 347 24.75 -16.56 -24.55
CA ARG D 347 25.75 -15.71 -25.21
C ARG D 347 27.16 -16.21 -24.93
N VAL D 348 27.45 -16.56 -23.67
CA VAL D 348 28.76 -17.11 -23.35
C VAL D 348 29.03 -18.38 -24.16
N ILE D 349 28.01 -19.22 -24.32
CA ILE D 349 28.18 -20.47 -25.06
C ILE D 349 28.48 -20.20 -26.53
N ASN D 350 27.65 -19.37 -27.17
CA ASN D 350 27.84 -19.09 -28.60
C ASN D 350 29.21 -18.48 -28.86
N ARG D 351 29.60 -17.49 -28.04
CA ARG D 351 30.89 -16.85 -28.27
C ARG D 351 32.05 -17.81 -28.00
N ASN D 352 31.90 -18.68 -27.00
CA ASN D 352 32.95 -19.67 -26.74
C ASN D 352 33.09 -20.65 -27.90
N ASN D 353 31.97 -21.14 -28.43
CA ASN D 353 32.01 -22.09 -29.54
C ASN D 353 32.56 -21.45 -30.80
N ARG D 354 32.21 -20.19 -31.05
CA ARG D 354 32.81 -19.47 -32.17
C ARG D 354 34.30 -19.26 -31.96
N LEU D 355 34.72 -19.06 -30.72
CA LEU D 355 36.16 -18.96 -30.44
C LEU D 355 36.86 -20.27 -30.77
N LYS D 356 36.24 -21.41 -30.40
CA LYS D 356 36.81 -22.70 -30.77
C LYS D 356 36.91 -22.86 -32.28
N ARG D 357 35.84 -22.51 -33.00
CA ARG D 357 35.87 -22.59 -34.45
C ARG D 357 36.97 -21.72 -35.03
N LEU D 358 37.22 -20.55 -34.43
CA LEU D 358 38.27 -19.68 -34.92
C LEU D 358 39.65 -20.25 -34.63
N ILE D 359 39.82 -20.91 -33.48
CA ILE D 359 41.10 -21.55 -33.17
C ILE D 359 41.38 -22.68 -34.15
N ASP D 360 40.35 -23.48 -34.46
CA ASP D 360 40.54 -24.56 -35.43
C ASP D 360 40.81 -24.01 -36.82
N LEU D 361 40.07 -22.98 -37.24
CA LEU D 361 40.18 -22.47 -38.60
C LEU D 361 41.47 -21.70 -38.84
N GLY D 362 42.27 -21.45 -37.81
CA GLY D 362 43.49 -20.70 -37.97
C GLY D 362 43.23 -19.28 -38.48
N ALA D 363 42.30 -18.60 -37.83
CA ALA D 363 41.88 -17.28 -38.25
C ALA D 363 42.95 -16.24 -37.91
N PRO D 364 42.88 -15.04 -38.50
CA PRO D 364 43.80 -13.97 -38.12
C PRO D 364 43.74 -13.69 -36.62
N GLU D 365 44.88 -13.28 -36.06
CA GLU D 365 44.95 -13.02 -34.64
C GLU D 365 44.01 -11.89 -34.23
N ILE D 366 43.70 -10.98 -35.15
CA ILE D 366 42.77 -9.90 -34.83
C ILE D 366 41.36 -10.44 -34.61
N ILE D 367 40.92 -11.37 -35.46
CA ILE D 367 39.58 -11.95 -35.32
C ILE D 367 39.49 -12.79 -34.05
N VAL D 368 40.47 -13.67 -33.85
CA VAL D 368 40.49 -14.50 -32.64
C VAL D 368 40.52 -13.63 -31.39
N ASN D 369 41.29 -12.53 -31.44
CA ASN D 369 41.34 -11.63 -30.28
C ASN D 369 40.00 -10.94 -30.05
N ASN D 370 39.34 -10.51 -31.12
CA ASN D 370 38.00 -9.94 -30.98
C ASN D 370 37.07 -10.94 -30.32
N GLU D 371 37.13 -12.20 -30.72
CA GLU D 371 36.26 -13.22 -30.12
C GLU D 371 36.61 -13.45 -28.65
N LYS D 372 37.90 -13.40 -28.30
CA LYS D 372 38.29 -13.56 -26.90
C LYS D 372 37.78 -12.41 -26.06
N ARG D 373 37.89 -11.18 -26.57
CA ARG D 373 37.36 -10.02 -25.85
C ARG D 373 35.85 -10.14 -25.69
N MET D 374 35.14 -10.56 -26.73
CA MET D 374 33.70 -10.75 -26.62
C MET D 374 33.36 -11.82 -25.59
N LEU D 375 34.17 -12.88 -25.51
CA LEU D 375 33.94 -13.92 -24.51
C LEU D 375 34.11 -13.37 -23.11
N GLN D 376 35.20 -12.63 -22.87
CA GLN D 376 35.42 -12.04 -21.56
C GLN D 376 34.29 -11.10 -21.18
N GLU D 377 33.83 -10.29 -22.13
CA GLU D 377 32.74 -9.35 -21.85
C GLU D 377 31.42 -10.06 -21.60
N SER D 378 31.19 -11.20 -22.26
CA SER D 378 29.95 -11.93 -22.05
C SER D 378 29.94 -12.65 -20.71
N VAL D 379 31.08 -13.23 -20.30
CA VAL D 379 31.18 -13.79 -18.95
C VAL D 379 31.03 -12.69 -17.92
N ASP D 380 31.58 -11.50 -18.21
CA ASP D 380 31.37 -10.35 -17.33
C ASP D 380 29.88 -10.05 -17.18
N ALA D 381 29.16 -9.99 -18.30
CA ALA D 381 27.73 -9.76 -18.25
C ALA D 381 27.00 -10.88 -17.50
N LEU D 382 27.54 -12.10 -17.56
CA LEU D 382 26.92 -13.20 -16.83
C LEU D 382 27.08 -13.01 -15.32
N PHE D 383 28.28 -12.67 -14.86
CA PHE D 383 28.50 -12.53 -13.42
C PHE D 383 27.88 -11.24 -12.89
N ASP D 384 28.39 -10.09 -13.34
CA ASP D 384 27.85 -8.80 -12.95
C ASP D 384 27.62 -7.99 -14.22
N ASN D 385 26.36 -7.77 -14.58
CA ASN D 385 26.01 -7.10 -15.82
C ASN D 385 26.00 -5.60 -15.60
N GLY D 386 26.65 -4.86 -16.50
CA GLY D 386 26.73 -3.42 -16.41
C GLY D 386 27.81 -2.89 -15.50
N ARG D 387 28.46 -3.75 -14.70
CA ARG D 387 29.56 -3.28 -13.87
C ARG D 387 30.67 -2.66 -14.70
N ARG D 388 30.88 -3.17 -15.91
CA ARG D 388 31.79 -2.54 -16.87
C ARG D 388 31.08 -2.43 -18.21
N GLY D 389 31.13 -1.24 -18.81
CA GLY D 389 30.54 -1.01 -20.11
C GLY D 389 29.03 -0.92 -20.07
N ARG D 390 28.44 -0.87 -21.27
CA ARG D 390 26.99 -0.87 -21.38
C ARG D 390 26.43 -2.26 -21.10
N PRO D 391 25.38 -2.36 -20.31
CA PRO D 391 24.82 -3.68 -19.99
C PRO D 391 24.26 -4.37 -21.21
N VAL D 392 24.30 -5.71 -21.19
CA VAL D 392 23.60 -6.50 -22.19
C VAL D 392 22.10 -6.34 -21.99
N THR D 393 21.39 -6.05 -23.08
CA THR D 393 19.96 -5.74 -23.01
C THR D 393 19.16 -6.80 -23.75
N GLY D 394 17.90 -6.95 -23.33
CA GLY D 394 16.94 -7.76 -24.04
C GLY D 394 16.04 -6.89 -24.89
N PRO D 395 14.89 -7.40 -25.30
CA PRO D 395 13.95 -6.59 -26.07
C PRO D 395 13.47 -5.40 -25.26
N GLY D 396 13.13 -4.33 -25.97
CA GLY D 396 12.79 -3.09 -25.29
C GLY D 396 13.96 -2.37 -24.68
N ASN D 397 15.19 -2.80 -24.99
CA ASN D 397 16.41 -2.18 -24.47
C ASN D 397 16.43 -2.20 -22.93
N ARG D 398 16.15 -3.38 -22.37
CA ARG D 398 16.16 -3.57 -20.92
C ARG D 398 17.39 -4.36 -20.51
N PRO D 399 18.21 -3.84 -19.60
CA PRO D 399 19.40 -4.60 -19.16
C PRO D 399 18.99 -5.89 -18.48
N LEU D 400 19.62 -6.99 -18.89
CA LEU D 400 19.31 -8.29 -18.31
C LEU D 400 19.85 -8.37 -16.89
N LYS D 401 19.17 -9.16 -16.06
CA LYS D 401 19.60 -9.35 -14.69
C LYS D 401 20.65 -10.44 -14.61
N SER D 402 21.79 -10.12 -14.00
CA SER D 402 22.91 -11.03 -13.93
C SER D 402 22.85 -11.85 -12.63
N LEU D 403 23.84 -12.74 -12.46
CA LEU D 403 23.93 -13.51 -11.24
C LEU D 403 24.12 -12.63 -10.02
N SER D 404 24.82 -11.50 -10.18
CA SER D 404 25.00 -10.58 -9.07
C SER D 404 23.68 -9.91 -8.68
N ASP D 405 22.78 -9.71 -9.65
CA ASP D 405 21.52 -9.04 -9.36
C ASP D 405 20.63 -9.88 -8.46
N LEU D 406 20.77 -11.21 -8.50
CA LEU D 406 19.96 -12.07 -7.64
C LEU D 406 20.29 -11.86 -6.16
N LEU D 407 21.54 -11.49 -5.85
CA LEU D 407 21.97 -11.31 -4.46
C LEU D 407 21.79 -9.89 -3.95
N LYS D 408 21.47 -8.93 -4.81
CA LYS D 408 21.51 -7.52 -4.45
C LYS D 408 20.13 -6.90 -4.44
N GLY D 409 19.99 -5.82 -3.66
CA GLY D 409 18.81 -4.99 -3.68
C GLY D 409 17.71 -5.47 -2.76
N LYS D 410 16.61 -4.71 -2.78
CA LYS D 410 15.42 -5.07 -2.03
C LYS D 410 14.62 -6.18 -2.70
N GLN D 411 14.77 -6.35 -4.02
CA GLN D 411 14.09 -7.40 -4.76
C GLN D 411 14.94 -8.64 -4.96
N GLY D 412 16.17 -8.64 -4.46
CA GLY D 412 17.05 -9.78 -4.63
C GLY D 412 16.64 -10.97 -3.76
N ARG D 413 17.45 -12.02 -3.83
CA ARG D 413 17.20 -13.23 -3.06
C ARG D 413 17.61 -13.09 -1.60
N PHE D 414 18.46 -12.12 -1.27
CA PHE D 414 18.82 -11.92 0.13
C PHE D 414 17.70 -11.29 0.93
N ARG D 415 17.17 -10.16 0.45
CA ARG D 415 16.19 -9.41 1.24
C ARG D 415 14.83 -10.09 1.26
N GLN D 416 14.25 -10.35 0.08
CA GLN D 416 12.87 -10.83 0.02
C GLN D 416 12.72 -12.34 -0.22
N ASN D 417 13.80 -13.08 -0.47
CA ASN D 417 13.71 -14.54 -0.52
C ASN D 417 14.25 -15.23 0.72
N LEU D 418 14.80 -14.49 1.68
CA LEU D 418 15.44 -15.11 2.84
C LEU D 418 14.92 -14.51 4.14
N LEU D 419 15.16 -13.21 4.33
CA LEU D 419 14.62 -12.52 5.48
C LEU D 419 13.10 -12.51 5.49
N GLY D 420 12.46 -12.77 4.36
CA GLY D 420 11.01 -12.84 4.31
C GLY D 420 10.55 -13.74 3.18
N LYS D 421 9.36 -14.31 3.34
CA LYS D 421 8.84 -15.31 2.41
C LYS D 421 7.32 -15.32 2.48
N ARG D 422 6.71 -15.93 1.47
CA ARG D 422 5.27 -16.17 1.50
C ARG D 422 4.98 -17.46 2.26
N VAL D 423 3.88 -17.45 3.01
CA VAL D 423 3.61 -18.51 3.98
C VAL D 423 2.24 -19.13 3.76
N ASP D 424 2.10 -20.38 4.16
CA ASP D 424 0.81 -21.05 4.21
C ASP D 424 0.05 -20.62 5.46
N TYR D 425 -1.17 -21.14 5.60
CA TYR D 425 -2.04 -20.86 6.74
C TYR D 425 -2.11 -19.37 7.04
N SER D 426 -2.36 -18.59 5.99
CA SER D 426 -2.40 -17.14 6.09
C SER D 426 -3.51 -16.61 5.20
N GLY D 427 -4.00 -15.42 5.54
CA GLY D 427 -5.04 -14.77 4.76
C GLY D 427 -4.93 -13.27 4.92
N ARG D 428 -5.86 -12.56 4.28
CA ARG D 428 -5.95 -11.12 4.44
C ARG D 428 -7.37 -10.71 4.08
N SER D 429 -7.76 -9.54 4.56
CA SER D 429 -9.05 -8.97 4.16
C SER D 429 -9.09 -7.53 4.64
N VAL D 430 -10.18 -6.85 4.32
CA VAL D 430 -10.39 -5.50 4.83
C VAL D 430 -10.80 -5.58 6.30
N ILE D 431 -10.41 -4.59 7.07
CA ILE D 431 -10.73 -4.52 8.49
C ILE D 431 -11.87 -3.54 8.72
N VAL D 432 -12.80 -3.92 9.59
CA VAL D 432 -13.85 -3.03 10.07
C VAL D 432 -13.76 -3.00 11.58
N VAL D 433 -14.41 -2.00 12.18
CA VAL D 433 -14.32 -1.80 13.61
C VAL D 433 -15.11 -2.88 14.34
N GLY D 434 -14.56 -3.34 15.47
CA GLY D 434 -15.05 -4.46 16.23
C GLY D 434 -15.75 -4.16 17.55
N PRO D 435 -16.44 -3.01 17.69
CA PRO D 435 -16.68 -2.43 19.03
C PRO D 435 -17.18 -3.42 20.08
N GLN D 436 -17.93 -4.44 19.70
CA GLN D 436 -18.41 -5.44 20.64
C GLN D 436 -17.32 -6.42 21.10
N LEU D 437 -16.13 -6.37 20.51
CA LEU D 437 -15.10 -7.34 20.85
C LEU D 437 -14.47 -7.01 22.20
N LYS D 438 -14.00 -8.05 22.88
CA LYS D 438 -13.07 -7.88 23.98
C LYS D 438 -11.66 -7.70 23.44
N LEU D 439 -10.81 -7.06 24.25
CA LEU D 439 -9.47 -6.66 23.78
C LEU D 439 -8.66 -7.85 23.27
N HIS D 440 -8.93 -9.05 23.77
CA HIS D 440 -8.18 -10.24 23.37
C HIS D 440 -8.81 -10.98 22.19
N GLN D 441 -9.86 -10.42 21.58
CA GLN D 441 -10.62 -11.11 20.55
C GLN D 441 -10.56 -10.37 19.22
N CYS D 442 -10.82 -11.11 18.14
CA CYS D 442 -10.99 -10.52 16.82
C CYS D 442 -12.06 -11.28 16.06
N GLY D 443 -12.84 -10.55 15.27
CA GLY D 443 -13.80 -11.18 14.37
C GLY D 443 -13.14 -11.77 13.15
N LEU D 444 -13.43 -13.04 12.87
CA LEU D 444 -12.89 -13.73 11.71
C LEU D 444 -14.02 -14.11 10.76
N PRO D 445 -13.97 -13.68 9.49
CA PRO D 445 -14.99 -14.14 8.54
C PRO D 445 -15.03 -15.66 8.47
N LYS D 446 -16.25 -16.20 8.40
CA LYS D 446 -16.46 -17.64 8.52
C LYS D 446 -15.67 -18.42 7.48
N LEU D 447 -15.77 -18.03 6.21
CA LEU D 447 -15.05 -18.74 5.16
C LEU D 447 -13.54 -18.64 5.36
N MET D 448 -13.05 -17.47 5.78
CA MET D 448 -11.64 -17.30 6.07
C MET D 448 -11.18 -18.28 7.15
N ALA D 449 -11.93 -18.36 8.25
CA ALA D 449 -11.56 -19.27 9.33
C ALA D 449 -11.63 -20.72 8.87
N LEU D 450 -12.63 -21.04 8.05
CA LEU D 450 -12.77 -22.42 7.57
C LEU D 450 -11.58 -22.82 6.70
N GLU D 451 -11.09 -21.90 5.88
CA GLU D 451 -9.91 -22.20 5.06
C GLU D 451 -8.65 -22.28 5.93
N LEU D 452 -8.47 -21.31 6.82
CA LEU D 452 -7.27 -21.26 7.65
C LEU D 452 -7.12 -22.51 8.51
N PHE D 453 -8.19 -22.93 9.15
CA PHE D 453 -8.18 -24.07 10.07
C PHE D 453 -8.51 -25.39 9.39
N LYS D 454 -8.61 -25.40 8.05
CA LYS D 454 -9.11 -26.56 7.31
C LYS D 454 -8.59 -27.91 7.78
N PRO D 455 -7.29 -28.14 7.99
CA PRO D 455 -6.86 -29.47 8.46
C PRO D 455 -7.42 -29.82 9.83
N PHE D 456 -7.44 -28.86 10.76
CA PHE D 456 -8.00 -29.12 12.08
C PHE D 456 -9.48 -29.48 12.00
N VAL D 457 -10.23 -28.78 11.15
CA VAL D 457 -11.65 -29.06 10.96
C VAL D 457 -11.83 -30.44 10.34
N MET D 458 -10.93 -30.84 9.45
CA MET D 458 -11.01 -32.17 8.86
C MET D 458 -10.76 -33.25 9.91
N LYS D 459 -9.71 -33.08 10.72
CA LYS D 459 -9.40 -34.07 11.76
C LYS D 459 -10.57 -34.21 12.72
N ARG D 460 -11.03 -33.09 13.30
CA ARG D 460 -12.17 -33.13 14.20
C ARG D 460 -13.42 -33.63 13.51
N LEU D 461 -13.50 -33.50 12.18
CA LEU D 461 -14.63 -34.02 11.41
C LEU D 461 -14.58 -35.53 11.27
N VAL D 462 -13.38 -36.11 11.18
CA VAL D 462 -13.25 -37.56 11.12
C VAL D 462 -13.34 -38.19 12.52
N ASP D 463 -12.95 -37.45 13.56
CA ASP D 463 -13.15 -37.94 14.92
C ASP D 463 -14.63 -38.26 15.16
N LEU D 464 -15.51 -37.31 14.89
CA LEU D 464 -16.93 -37.61 14.82
C LEU D 464 -17.21 -38.36 13.52
N ASN D 465 -18.45 -38.79 13.34
CA ASN D 465 -18.77 -39.65 12.21
C ASN D 465 -19.29 -38.89 10.99
N HIS D 466 -19.23 -37.54 11.02
CA HIS D 466 -19.66 -36.76 9.86
C HIS D 466 -18.94 -37.20 8.59
N ALA D 467 -17.64 -37.44 8.67
CA ALA D 467 -16.85 -37.88 7.53
C ALA D 467 -16.45 -39.33 7.71
N GLN D 468 -16.60 -40.13 6.65
CA GLN D 468 -16.18 -41.53 6.71
C GLN D 468 -14.67 -41.64 6.87
N ASN D 469 -13.92 -40.92 6.03
CA ASN D 469 -12.47 -40.88 6.12
C ASN D 469 -12.02 -39.43 5.93
N ILE D 470 -10.70 -39.23 5.84
CA ILE D 470 -10.18 -37.86 5.79
C ILE D 470 -10.34 -37.24 4.40
N LYS D 471 -10.30 -38.06 3.33
CA LYS D 471 -10.48 -37.52 1.99
C LYS D 471 -11.90 -36.96 1.81
N SER D 472 -12.90 -37.72 2.24
CA SER D 472 -14.27 -37.22 2.21
C SER D 472 -14.43 -36.00 3.12
N ALA D 473 -13.67 -35.92 4.21
CA ALA D 473 -13.67 -34.73 5.04
C ALA D 473 -13.18 -33.52 4.25
N LYS D 474 -12.08 -33.68 3.50
CA LYS D 474 -11.63 -32.62 2.62
C LYS D 474 -12.73 -32.22 1.64
N ARG D 475 -13.41 -33.22 1.05
CA ARG D 475 -14.48 -32.92 0.11
C ARG D 475 -15.61 -32.15 0.78
N MET D 476 -15.87 -32.41 2.07
CA MET D 476 -16.97 -31.73 2.76
C MET D 476 -16.59 -30.30 3.14
N VAL D 477 -15.37 -30.10 3.61
CA VAL D 477 -14.92 -28.75 3.96
C VAL D 477 -14.85 -27.88 2.70
N GLU D 478 -14.39 -28.45 1.59
CA GLU D 478 -14.32 -27.68 0.35
C GLU D 478 -15.71 -27.29 -0.15
N ARG D 479 -16.71 -28.15 0.09
CA ARG D 479 -18.08 -27.87 -0.33
C ARG D 479 -18.87 -27.09 0.71
N GLN D 480 -18.28 -26.81 1.88
CA GLN D 480 -18.93 -26.04 2.93
C GLN D 480 -20.23 -26.68 3.39
N ARG D 481 -20.16 -27.99 3.63
CA ARG D 481 -21.33 -28.71 4.11
C ARG D 481 -21.71 -28.21 5.50
N PRO D 482 -23.01 -28.18 5.82
CA PRO D 482 -23.45 -27.52 7.06
C PRO D 482 -22.87 -28.12 8.33
N GLN D 483 -22.33 -29.34 8.29
CA GLN D 483 -21.77 -29.94 9.49
C GLN D 483 -20.49 -29.27 9.97
N VAL D 484 -19.88 -28.43 9.14
CA VAL D 484 -18.55 -27.90 9.46
C VAL D 484 -18.56 -26.70 10.40
N TRP D 485 -19.72 -26.10 10.66
CA TRP D 485 -19.72 -24.86 11.43
C TRP D 485 -19.62 -25.11 12.93
N ASP D 486 -20.28 -26.15 13.44
CA ASP D 486 -20.10 -26.52 14.84
C ASP D 486 -18.65 -26.93 15.11
N VAL D 487 -18.12 -27.83 14.29
CA VAL D 487 -16.74 -28.28 14.45
C VAL D 487 -15.77 -27.10 14.32
N LEU D 488 -16.01 -26.24 13.34
CA LEU D 488 -15.17 -25.06 13.16
C LEU D 488 -15.15 -24.22 14.43
N GLU D 489 -16.33 -23.83 14.92
CA GLU D 489 -16.40 -23.09 16.18
C GLU D 489 -15.65 -23.80 17.30
N GLU D 490 -15.68 -25.14 17.30
CA GLU D 490 -14.96 -25.89 18.32
C GLU D 490 -13.45 -25.71 18.19
N VAL D 491 -12.89 -25.95 17.00
CA VAL D 491 -11.44 -25.91 16.83
C VAL D 491 -10.92 -24.48 16.98
N ILE D 492 -11.72 -23.49 16.60
CA ILE D 492 -11.34 -22.09 16.76
C ILE D 492 -11.04 -21.78 18.23
N ALA D 493 -11.78 -22.42 19.14
CA ALA D 493 -11.80 -22.01 20.54
C ALA D 493 -10.41 -22.02 21.16
N GLU D 494 -10.01 -20.89 21.72
CA GLU D 494 -8.74 -20.73 22.43
C GLU D 494 -7.54 -21.06 21.55
N HIS D 495 -7.69 -20.97 20.23
CA HIS D 495 -6.58 -21.12 19.31
C HIS D 495 -6.25 -19.75 18.75
N PRO D 496 -5.17 -19.12 19.17
CA PRO D 496 -4.93 -17.73 18.77
C PRO D 496 -4.49 -17.62 17.32
N VAL D 497 -4.75 -16.46 16.74
CA VAL D 497 -4.28 -16.13 15.40
C VAL D 497 -3.53 -14.80 15.49
N LEU D 498 -2.65 -14.57 14.51
CA LEU D 498 -1.87 -13.35 14.44
C LEU D 498 -2.45 -12.42 13.38
N LEU D 499 -2.60 -11.15 13.74
CA LEU D 499 -3.04 -10.10 12.83
C LEU D 499 -1.91 -9.10 12.63
N ASN D 500 -1.76 -8.65 11.39
CA ASN D 500 -0.67 -7.76 11.00
C ASN D 500 -1.20 -6.74 10.00
N ARG D 501 -0.83 -5.48 10.19
CA ARG D 501 -1.12 -4.42 9.24
C ARG D 501 0.19 -3.81 8.77
N ALA D 502 0.40 -3.78 7.47
CA ALA D 502 1.61 -3.19 6.93
C ALA D 502 1.44 -1.68 6.85
N PRO D 503 2.54 -0.92 7.01
CA PRO D 503 3.87 -1.43 7.33
C PRO D 503 4.00 -1.79 8.81
N THR D 504 4.89 -2.71 9.15
CA THR D 504 5.13 -3.05 10.55
C THR D 504 6.27 -2.17 11.03
N LEU D 505 5.92 -1.15 11.82
CA LEU D 505 6.86 -0.17 12.35
C LEU D 505 7.51 -0.64 13.65
N HIS D 506 6.73 -1.29 14.51
CA HIS D 506 7.20 -1.82 15.78
C HIS D 506 6.45 -3.11 16.04
N ARG D 507 6.94 -3.88 17.02
CA ARG D 507 6.42 -5.24 17.20
C ARG D 507 4.92 -5.25 17.43
N LEU D 508 4.36 -4.17 17.97
CA LEU D 508 2.91 -4.08 18.11
C LEU D 508 2.20 -4.03 16.76
N GLY D 509 2.94 -3.93 15.65
CA GLY D 509 2.38 -4.11 14.33
C GLY D 509 1.90 -5.52 14.04
N ILE D 510 2.25 -6.48 14.90
CA ILE D 510 1.71 -7.83 14.86
C ILE D 510 1.21 -8.17 16.25
N GLN D 511 -0.04 -8.66 16.34
CA GLN D 511 -0.60 -8.98 17.63
C GLN D 511 -1.45 -10.24 17.53
N ALA D 512 -1.57 -10.95 18.63
CA ALA D 512 -2.33 -12.20 18.68
C ALA D 512 -3.70 -11.96 19.30
N PHE D 513 -4.71 -12.57 18.70
CA PHE D 513 -6.09 -12.44 19.15
C PHE D 513 -6.75 -13.81 19.15
N GLU D 514 -7.78 -13.93 19.98
CA GLU D 514 -8.65 -15.11 19.91
C GLU D 514 -9.71 -14.86 18.85
N PRO D 515 -9.74 -15.64 17.77
CA PRO D 515 -10.73 -15.42 16.72
C PRO D 515 -12.10 -15.92 17.12
N MET D 516 -13.12 -15.24 16.62
CA MET D 516 -14.49 -15.75 16.76
C MET D 516 -15.22 -15.57 15.43
N LEU D 517 -15.98 -16.60 15.07
CA LEU D 517 -16.69 -16.60 13.79
C LEU D 517 -17.63 -15.41 13.73
N VAL D 518 -17.54 -14.67 12.63
CA VAL D 518 -18.25 -13.41 12.49
C VAL D 518 -18.94 -13.40 11.14
N GLU D 519 -20.01 -12.62 11.04
CA GLU D 519 -20.73 -12.52 9.79
C GLU D 519 -19.99 -11.60 8.82
N GLY D 520 -20.08 -11.93 7.53
CA GLY D 520 -19.48 -11.10 6.51
C GLY D 520 -18.08 -11.55 6.14
N LYS D 521 -17.51 -10.81 5.19
CA LYS D 521 -16.18 -11.08 4.67
C LYS D 521 -15.10 -10.18 5.25
N ALA D 522 -15.42 -9.30 6.20
CA ALA D 522 -14.46 -8.35 6.75
C ALA D 522 -13.93 -8.82 8.09
N ILE D 523 -12.66 -8.53 8.35
CA ILE D 523 -12.05 -8.80 9.66
C ILE D 523 -12.46 -7.70 10.62
N GLN D 524 -12.94 -8.07 11.80
CA GLN D 524 -13.37 -7.11 12.80
C GLN D 524 -12.24 -6.92 13.81
N LEU D 525 -11.77 -5.69 13.92
CA LEU D 525 -10.61 -5.33 14.75
C LEU D 525 -11.06 -4.51 15.95
N HIS D 526 -10.47 -4.79 17.11
CA HIS D 526 -10.84 -4.10 18.33
C HIS D 526 -10.40 -2.63 18.24
N PRO D 527 -11.26 -1.70 18.65
CA PRO D 527 -10.94 -0.27 18.48
C PRO D 527 -9.73 0.20 19.28
N LEU D 528 -9.34 -0.54 20.32
CA LEU D 528 -8.24 -0.09 21.18
C LEU D 528 -6.86 -0.38 20.61
N VAL D 529 -6.75 -1.31 19.66
CA VAL D 529 -5.44 -1.63 19.08
C VAL D 529 -5.14 -0.84 17.82
N CYS D 530 -6.10 -0.04 17.32
CA CYS D 530 -5.86 0.72 16.09
C CYS D 530 -4.63 1.59 16.22
N GLU D 531 -4.52 2.33 17.33
CA GLU D 531 -3.34 3.16 17.58
C GLU D 531 -2.05 2.38 17.38
N ALA D 532 -2.01 1.13 17.85
CA ALA D 532 -0.81 0.33 17.67
C ALA D 532 -0.57 -0.02 16.21
N PHE D 533 -1.63 -0.42 15.50
CA PHE D 533 -1.50 -0.78 14.10
C PHE D 533 -1.51 0.42 13.18
N ASN D 534 -1.76 1.62 13.71
CA ASN D 534 -2.05 2.79 12.88
C ASN D 534 -3.17 2.47 11.90
N ALA D 535 -4.20 1.79 12.41
CA ALA D 535 -5.27 1.26 11.58
C ALA D 535 -6.40 2.28 11.49
N ASP D 536 -6.57 2.87 10.31
CA ASP D 536 -7.75 3.63 9.96
C ASP D 536 -8.61 2.73 9.08
N PHE D 537 -9.93 2.85 9.18
CA PHE D 537 -10.76 2.07 8.28
C PHE D 537 -11.18 2.99 7.14
N ASP D 538 -10.29 3.12 6.17
CA ASP D 538 -10.52 3.71 4.86
C ASP D 538 -10.50 2.67 3.75
N GLY D 539 -10.46 1.39 4.09
CA GLY D 539 -10.07 0.34 3.17
C GLY D 539 -8.76 -0.34 3.48
N ASP D 540 -8.12 -0.01 4.61
CA ASP D 540 -6.96 -0.74 5.10
C ASP D 540 -7.27 -2.23 5.17
N GLN D 541 -6.28 -3.05 4.86
CA GLN D 541 -6.39 -4.49 4.95
C GLN D 541 -5.38 -5.03 5.95
N MET D 542 -5.65 -6.22 6.47
CA MET D 542 -4.75 -6.88 7.40
C MET D 542 -4.62 -8.36 7.05
N ALA D 543 -3.52 -8.94 7.51
CA ALA D 543 -3.19 -10.32 7.26
C ALA D 543 -3.32 -11.13 8.54
N VAL D 544 -3.75 -12.38 8.37
CA VAL D 544 -3.93 -13.33 9.46
C VAL D 544 -2.95 -14.48 9.24
N HIS D 545 -2.38 -14.97 10.34
CA HIS D 545 -1.47 -16.09 10.32
C HIS D 545 -1.87 -17.06 11.43
N LEU D 546 -1.89 -18.35 11.12
CA LEU D 546 -2.34 -19.35 12.07
C LEU D 546 -1.14 -20.07 12.67
N PRO D 547 -0.80 -19.84 13.94
CA PRO D 547 0.26 -20.62 14.57
C PRO D 547 -0.14 -22.08 14.71
N LEU D 548 0.80 -22.97 14.41
CA LEU D 548 0.53 -24.40 14.33
C LEU D 548 1.08 -25.16 15.54
N SER D 549 2.40 -25.13 15.72
CA SER D 549 3.02 -25.92 16.77
C SER D 549 2.58 -25.41 18.14
N ALA D 550 2.77 -26.26 19.15
CA ALA D 550 2.46 -25.85 20.52
C ALA D 550 3.32 -24.68 20.95
N GLU D 551 4.57 -24.62 20.49
CA GLU D 551 5.44 -23.50 20.84
C GLU D 551 4.93 -22.21 20.21
N ALA D 552 4.52 -22.26 18.94
CA ALA D 552 4.01 -21.06 18.28
C ALA D 552 2.73 -20.57 18.94
N GLN D 553 1.81 -21.49 19.25
CA GLN D 553 0.59 -21.11 19.95
C GLN D 553 0.89 -20.51 21.31
N ALA D 554 1.83 -21.11 22.05
CA ALA D 554 2.19 -20.58 23.36
C ALA D 554 2.77 -19.19 23.25
N GLU D 555 3.62 -18.96 22.24
CA GLU D 555 4.18 -17.62 22.04
C GLU D 555 3.08 -16.62 21.70
N ALA D 556 2.08 -17.04 20.93
CA ALA D 556 0.98 -16.14 20.59
C ALA D 556 0.17 -15.80 21.83
N ARG D 557 -0.20 -16.81 22.62
CA ARG D 557 -1.03 -16.58 23.81
C ARG D 557 -0.30 -15.74 24.85
N ILE D 558 1.00 -15.95 24.98
CA ILE D 558 1.76 -15.33 26.07
C ILE D 558 2.46 -14.08 25.59
N LEU D 559 3.36 -14.23 24.62
CA LEU D 559 4.21 -13.10 24.21
C LEU D 559 3.41 -12.04 23.48
N MET D 560 2.67 -12.44 22.45
CA MET D 560 2.09 -11.50 21.49
C MET D 560 0.62 -11.18 21.74
N LEU D 561 0.02 -11.71 22.81
CA LEU D 561 -1.42 -11.49 23.04
C LEU D 561 -1.73 -10.01 23.14
N SER D 562 -2.90 -9.63 22.61
CA SER D 562 -3.29 -8.23 22.54
C SER D 562 -3.36 -7.61 23.93
N SER D 563 -4.13 -8.22 24.83
CA SER D 563 -4.32 -7.68 26.17
C SER D 563 -3.06 -7.78 27.02
N ASN D 564 -2.06 -8.55 26.60
CA ASN D 564 -0.79 -8.60 27.31
C ASN D 564 0.14 -7.46 26.95
N ASN D 565 -0.07 -6.79 25.80
CA ASN D 565 0.65 -5.56 25.49
C ASN D 565 -0.38 -4.43 25.45
N ILE D 566 -0.48 -3.70 26.56
CA ILE D 566 -1.22 -2.44 26.60
C ILE D 566 -0.31 -1.26 26.26
N LEU D 567 0.96 -1.33 26.64
CA LEU D 567 1.84 -0.18 26.73
C LEU D 567 2.80 -0.13 25.55
N SER D 568 3.13 1.10 25.15
CA SER D 568 4.14 1.34 24.14
C SER D 568 5.47 0.73 24.57
N PRO D 569 6.06 -0.17 23.77
CA PRO D 569 7.42 -0.64 24.07
C PRO D 569 8.47 0.47 24.03
N ALA D 570 8.12 1.64 23.49
CA ALA D 570 9.08 2.76 23.41
C ALA D 570 9.01 3.63 24.66
N SER D 571 7.88 4.32 24.85
CA SER D 571 7.74 5.29 25.94
C SER D 571 7.13 4.71 27.21
N GLY D 572 6.59 3.50 27.16
CA GLY D 572 5.86 2.95 28.29
C GLY D 572 4.47 3.51 28.51
N ARG D 573 4.07 4.53 27.75
CA ARG D 573 2.73 5.08 27.88
C ARG D 573 1.70 4.09 27.36
N PRO D 574 0.46 4.15 27.87
CA PRO D 574 -0.58 3.27 27.35
C PRO D 574 -0.97 3.63 25.93
N LEU D 575 -1.10 2.59 25.09
CA LEU D 575 -1.60 2.66 23.72
C LEU D 575 -3.07 2.27 23.64
N ALA D 576 -3.41 1.08 24.14
CA ALA D 576 -4.78 0.56 24.19
C ALA D 576 -5.71 1.46 25.01
N MET D 577 -5.20 2.59 25.50
CA MET D 577 -5.94 3.69 26.09
C MET D 577 -7.07 4.17 25.17
N PRO D 578 -8.17 4.69 25.71
CA PRO D 578 -9.23 5.27 24.88
C PRO D 578 -8.77 6.48 24.08
N ARG D 579 -9.45 6.69 22.95
CA ARG D 579 -9.22 7.86 22.11
C ARG D 579 -10.44 8.07 21.23
N LEU D 580 -10.54 9.28 20.67
CA LEU D 580 -11.63 9.66 19.74
C LEU D 580 -12.97 9.53 20.45
N ASP D 581 -13.98 8.88 19.83
CA ASP D 581 -15.34 8.84 20.38
C ASP D 581 -15.34 8.46 21.85
N MET D 582 -14.58 7.41 22.21
CA MET D 582 -14.52 6.95 23.58
C MET D 582 -14.22 8.10 24.54
N VAL D 583 -13.12 8.80 24.29
CA VAL D 583 -12.79 9.99 25.08
C VAL D 583 -14.01 10.90 25.17
N THR D 584 -14.55 11.28 24.00
CA THR D 584 -15.72 12.16 23.97
C THR D 584 -16.80 11.66 24.92
N GLY D 585 -17.18 10.38 24.80
CA GLY D 585 -18.23 9.85 25.65
C GLY D 585 -17.91 10.06 27.13
N LEU D 586 -16.73 9.62 27.55
CA LEU D 586 -16.36 9.77 28.95
C LEU D 586 -16.30 11.23 29.34
N TYR D 587 -15.80 12.07 28.43
CA TYR D 587 -15.74 13.50 28.70
C TYR D 587 -17.14 14.06 28.89
N TYR D 588 -18.10 13.60 28.08
CA TYR D 588 -19.47 14.04 28.28
C TYR D 588 -20.02 13.52 29.60
N LEU D 589 -19.62 12.32 29.99
CA LEU D 589 -20.20 11.67 31.16
C LEU D 589 -19.79 12.37 32.45
N THR D 590 -18.52 12.75 32.54
CA THR D 590 -17.94 13.27 33.77
C THR D 590 -17.93 14.80 33.84
N THR D 591 -18.56 15.48 32.88
CA THR D 591 -18.65 16.93 32.94
C THR D 591 -19.70 17.37 33.97
N GLU D 592 -19.41 18.47 34.65
CA GLU D 592 -20.32 19.05 35.64
C GLU D 592 -20.95 20.30 35.03
N VAL D 593 -22.28 20.30 34.96
CA VAL D 593 -23.04 21.38 34.33
C VAL D 593 -23.78 22.13 35.44
N PRO D 594 -23.41 23.37 35.74
CA PRO D 594 -24.16 24.15 36.74
C PRO D 594 -25.57 24.43 36.26
N GLY D 595 -26.52 24.33 37.18
CA GLY D 595 -27.91 24.58 36.86
C GLY D 595 -28.60 23.45 36.12
N ASP D 596 -27.95 22.29 35.99
CA ASP D 596 -28.55 21.18 35.29
C ASP D 596 -29.69 20.58 36.13
N THR D 597 -30.57 19.83 35.45
CA THR D 597 -31.77 19.32 36.09
C THR D 597 -31.41 18.44 37.29
N GLY D 598 -32.12 18.64 38.40
CA GLY D 598 -31.88 17.90 39.62
C GLY D 598 -30.65 18.31 40.41
N GLU D 599 -30.08 19.47 40.09
CA GLU D 599 -28.91 19.96 40.81
C GLU D 599 -29.18 20.05 42.31
N TYR D 600 -28.15 19.81 43.10
CA TYR D 600 -28.28 19.88 44.56
C TYR D 600 -28.64 21.29 44.99
N GLN D 601 -29.46 21.39 46.04
CA GLN D 601 -29.93 22.68 46.50
C GLN D 601 -29.59 22.90 47.98
N PRO D 602 -29.31 24.14 48.37
CA PRO D 602 -28.83 24.41 49.74
C PRO D 602 -29.82 24.07 50.84
N ALA D 603 -31.09 23.79 50.51
CA ALA D 603 -32.15 23.54 51.49
C ALA D 603 -32.52 24.78 52.29
N SER D 604 -32.42 25.95 51.68
CA SER D 604 -32.90 27.16 52.32
C SER D 604 -34.43 27.13 52.39
N GLY D 605 -34.97 27.88 53.34
CA GLY D 605 -36.41 27.97 53.48
C GLY D 605 -37.03 26.83 54.27
N ASP D 606 -38.22 26.40 53.88
CA ASP D 606 -39.04 25.46 54.63
C ASP D 606 -38.83 24.01 54.20
N HIS D 607 -37.90 23.72 53.30
CA HIS D 607 -37.71 22.35 52.84
C HIS D 607 -36.24 21.94 52.97
N PRO D 608 -35.97 20.64 53.14
CA PRO D 608 -34.57 20.18 53.24
C PRO D 608 -33.91 19.98 51.88
N GLU D 609 -32.71 19.39 51.89
CA GLU D 609 -31.92 19.25 50.67
C GLU D 609 -32.62 18.34 49.67
N THR D 610 -32.81 18.84 48.45
CA THR D 610 -33.49 18.10 47.40
C THR D 610 -32.54 17.40 46.44
N GLY D 611 -31.23 17.58 46.59
CA GLY D 611 -30.28 17.00 45.67
C GLY D 611 -29.54 15.80 46.21
N VAL D 612 -30.08 15.13 47.23
CA VAL D 612 -29.39 14.04 47.90
C VAL D 612 -30.08 12.72 47.57
N TYR D 613 -29.28 11.65 47.49
CA TYR D 613 -29.77 10.34 47.12
C TYR D 613 -29.14 9.28 48.02
N SER D 614 -29.95 8.29 48.40
CA SER D 614 -29.47 7.25 49.32
C SER D 614 -28.43 6.36 48.66
N SER D 615 -28.63 6.03 47.39
CA SER D 615 -27.75 5.15 46.64
C SER D 615 -27.63 5.67 45.22
N PRO D 616 -26.57 5.29 44.50
CA PRO D 616 -26.51 5.63 43.08
C PRO D 616 -27.65 5.03 42.27
N ALA D 617 -28.18 3.87 42.70
CA ALA D 617 -29.34 3.30 42.03
C ALA D 617 -30.54 4.24 42.08
N GLU D 618 -30.77 4.87 43.23
CA GLU D 618 -31.85 5.85 43.32
C GLU D 618 -31.62 7.01 42.37
N ALA D 619 -30.38 7.46 42.25
CA ALA D 619 -30.06 8.52 41.29
C ALA D 619 -30.36 8.08 39.87
N ILE D 620 -30.08 6.82 39.54
CA ILE D 620 -30.42 6.29 38.23
C ILE D 620 -31.94 6.31 38.03
N MET D 621 -32.69 5.94 39.06
CA MET D 621 -34.14 6.02 38.99
C MET D 621 -34.60 7.45 38.71
N ALA D 622 -33.97 8.43 39.35
CA ALA D 622 -34.31 9.82 39.13
C ALA D 622 -33.98 10.25 37.70
N ALA D 623 -32.86 9.77 37.17
CA ALA D 623 -32.48 10.09 35.80
C ALA D 623 -33.37 9.42 34.77
N ASP D 624 -34.01 8.29 35.12
CA ASP D 624 -34.95 7.66 34.20
C ASP D 624 -36.14 8.58 33.94
N ARG D 625 -36.71 9.15 34.99
CA ARG D 625 -37.60 10.28 34.82
C ARG D 625 -36.78 11.52 34.45
N GLY D 626 -37.46 12.63 34.20
CA GLY D 626 -36.71 13.81 33.84
C GLY D 626 -36.09 14.55 35.00
N VAL D 627 -36.06 13.95 36.19
CA VAL D 627 -35.77 14.70 37.40
C VAL D 627 -34.29 14.98 37.57
N LEU D 628 -33.41 14.09 37.14
CA LEU D 628 -31.99 14.23 37.40
C LEU D 628 -31.19 14.12 36.10
N SER D 629 -30.29 15.07 35.89
CA SER D 629 -29.33 15.01 34.80
C SER D 629 -28.08 14.27 35.24
N VAL D 630 -27.55 13.44 34.34
CA VAL D 630 -26.34 12.67 34.63
C VAL D 630 -25.17 13.60 34.95
N ARG D 631 -25.20 14.82 34.42
CA ARG D 631 -24.11 15.78 34.58
C ARG D 631 -24.37 16.81 35.68
N ALA D 632 -25.47 16.69 36.42
CA ALA D 632 -25.80 17.66 37.46
C ALA D 632 -25.05 17.36 38.76
N LYS D 633 -24.63 18.41 39.46
CA LYS D 633 -23.94 18.24 40.74
C LYS D 633 -24.93 17.81 41.82
N ILE D 634 -24.63 16.69 42.48
CA ILE D 634 -25.52 16.11 43.48
C ILE D 634 -24.69 15.59 44.65
N LYS D 635 -25.38 14.97 45.61
CA LYS D 635 -24.75 14.29 46.73
C LYS D 635 -25.31 12.88 46.81
N VAL D 636 -24.44 11.88 46.77
CA VAL D 636 -24.85 10.48 46.80
C VAL D 636 -24.13 9.78 47.95
N ARG D 637 -24.83 8.85 48.59
CA ARG D 637 -24.22 7.97 49.58
C ARG D 637 -23.70 6.73 48.87
N LEU D 638 -22.39 6.54 48.89
CA LEU D 638 -21.73 5.44 48.19
C LEU D 638 -21.24 4.44 49.22
N THR D 639 -21.72 3.20 49.10
CA THR D 639 -21.18 2.06 49.82
C THR D 639 -19.99 1.41 49.12
N GLN D 640 -20.07 1.25 47.81
CA GLN D 640 -19.20 0.33 47.07
C GLN D 640 -17.98 0.98 46.42
N LEU D 641 -17.74 2.27 46.61
CA LEU D 641 -16.62 2.95 45.98
C LEU D 641 -15.69 3.56 47.02
N ARG D 642 -14.39 3.49 46.77
CA ARG D 642 -13.40 3.99 47.71
C ARG D 642 -13.30 5.51 47.64
N PRO D 643 -13.31 6.21 48.76
CA PRO D 643 -13.17 7.67 48.74
C PRO D 643 -11.76 8.09 48.40
N PRO D 644 -11.54 9.37 48.04
CA PRO D 644 -10.17 9.85 47.80
C PRO D 644 -9.30 9.79 49.04
N VAL D 645 -8.02 10.18 48.91
CA VAL D 645 -7.07 10.05 50.01
C VAL D 645 -7.49 10.93 51.19
N GLU D 646 -7.77 12.21 50.93
CA GLU D 646 -8.09 13.15 52.01
C GLU D 646 -9.37 12.73 52.72
N ILE D 647 -10.42 12.42 51.96
CA ILE D 647 -11.70 12.06 52.57
C ILE D 647 -11.60 10.73 53.30
N GLU D 648 -10.79 9.80 52.79
CA GLU D 648 -10.65 8.51 53.46
C GLU D 648 -9.88 8.64 54.77
N ALA D 649 -8.81 9.43 54.77
CA ALA D 649 -8.04 9.64 55.99
C ALA D 649 -8.83 10.45 57.02
N GLU D 650 -9.66 11.40 56.55
CA GLU D 650 -10.46 12.20 57.47
C GLU D 650 -11.60 11.41 58.06
N LEU D 651 -12.40 10.74 57.21
CA LEU D 651 -13.59 10.06 57.70
C LEU D 651 -13.24 8.73 58.35
N PHE D 652 -12.42 7.90 57.70
CA PHE D 652 -12.14 6.55 58.18
C PHE D 652 -10.86 6.45 58.99
N GLY D 653 -10.09 7.54 59.10
CA GLY D 653 -8.93 7.54 59.99
C GLY D 653 -7.87 6.56 59.57
N HIS D 654 -7.33 5.83 60.56
CA HIS D 654 -6.24 4.90 60.29
C HIS D 654 -6.74 3.66 59.56
N SER D 655 -7.90 3.14 59.96
CA SER D 655 -8.46 1.98 59.29
C SER D 655 -8.90 2.33 57.88
N GLY D 656 -8.42 1.55 56.91
CA GLY D 656 -8.78 1.81 55.53
C GLY D 656 -10.26 1.59 55.26
N TRP D 657 -10.71 2.14 54.14
CA TRP D 657 -12.09 1.96 53.72
C TRP D 657 -12.36 0.52 53.34
N GLN D 658 -13.58 0.07 53.59
CA GLN D 658 -13.98 -1.29 53.28
C GLN D 658 -15.25 -1.29 52.46
N PRO D 659 -15.41 -2.26 51.54
CA PRO D 659 -16.66 -2.36 50.78
C PRO D 659 -17.85 -2.50 51.70
N GLY D 660 -18.88 -1.68 51.46
CA GLY D 660 -20.06 -1.63 52.28
C GLY D 660 -20.14 -0.44 53.20
N ASP D 661 -19.00 0.21 53.48
CA ASP D 661 -18.98 1.38 54.36
C ASP D 661 -19.43 2.60 53.55
N ALA D 662 -20.52 3.23 53.99
CA ALA D 662 -21.12 4.33 53.26
C ALA D 662 -20.38 5.64 53.54
N TRP D 663 -20.36 6.50 52.52
CA TRP D 663 -19.84 7.86 52.71
C TRP D 663 -20.53 8.79 51.72
N MET D 664 -20.62 10.07 52.09
CA MET D 664 -21.32 11.06 51.29
C MET D 664 -20.35 11.72 50.32
N ALA D 665 -20.67 11.63 49.03
CA ALA D 665 -19.86 12.19 47.96
C ALA D 665 -20.63 13.30 47.27
N GLU D 666 -19.92 14.38 46.94
CA GLU D 666 -20.47 15.49 46.18
C GLU D 666 -19.86 15.43 44.78
N THR D 667 -20.67 15.00 43.81
CA THR D 667 -20.23 14.71 42.44
C THR D 667 -21.44 14.81 41.53
N THR D 668 -21.29 14.32 40.31
CA THR D 668 -22.38 14.07 39.40
C THR D 668 -22.55 12.56 39.25
N LEU D 669 -23.79 12.14 38.93
CA LEU D 669 -24.05 10.71 38.73
C LEU D 669 -23.15 10.12 37.66
N GLY D 670 -22.85 10.90 36.62
CA GLY D 670 -21.97 10.42 35.57
C GLY D 670 -20.59 10.06 36.08
N ARG D 671 -20.05 10.85 37.00
CA ARG D 671 -18.75 10.54 37.57
C ARG D 671 -18.80 9.29 38.43
N VAL D 672 -19.93 9.02 39.08
CA VAL D 672 -20.10 7.77 39.79
C VAL D 672 -20.08 6.59 38.82
N MET D 673 -20.83 6.71 37.72
CA MET D 673 -20.86 5.64 36.73
C MET D 673 -19.48 5.44 36.09
N PHE D 674 -18.70 6.51 35.96
CA PHE D 674 -17.34 6.38 35.45
C PHE D 674 -16.45 5.65 36.44
N ASN D 675 -16.49 6.06 37.71
CA ASN D 675 -15.64 5.42 38.71
C ASN D 675 -16.01 3.95 38.92
N GLU D 676 -17.26 3.58 38.66
CA GLU D 676 -17.63 2.17 38.73
C GLU D 676 -16.96 1.33 37.64
N LEU D 677 -16.48 1.97 36.57
CA LEU D 677 -15.71 1.26 35.54
C LEU D 677 -14.30 0.97 35.99
N LEU D 678 -13.76 1.76 36.93
CA LEU D 678 -12.42 1.56 37.44
C LEU D 678 -12.41 0.35 38.37
N PRO D 679 -11.22 -0.18 38.71
CA PRO D 679 -11.18 -1.36 39.60
C PRO D 679 -11.76 -1.07 40.98
N LEU D 680 -12.48 -2.06 41.51
CA LEU D 680 -13.03 -1.94 42.85
C LEU D 680 -11.93 -1.71 43.87
N GLY D 681 -12.07 -0.64 44.66
CA GLY D 681 -11.04 -0.22 45.56
C GLY D 681 -10.11 0.84 45.01
N TYR D 682 -10.40 1.38 43.83
CA TYR D 682 -9.60 2.49 43.32
C TYR D 682 -10.10 3.81 43.92
N PRO D 683 -9.19 4.68 44.36
CA PRO D 683 -9.62 5.94 44.99
C PRO D 683 -10.47 6.76 44.03
N PHE D 684 -11.61 7.23 44.53
CA PHE D 684 -12.56 7.96 43.71
C PHE D 684 -11.91 9.18 43.09
N VAL D 685 -12.09 9.33 41.78
CA VAL D 685 -11.61 10.49 41.04
C VAL D 685 -12.83 11.33 40.69
N ASN D 686 -12.95 12.51 41.29
CA ASN D 686 -14.01 13.44 40.93
C ASN D 686 -13.37 14.51 40.05
N LYS D 687 -13.52 14.34 38.75
CA LYS D 687 -12.91 15.22 37.76
C LYS D 687 -13.67 15.08 36.45
N GLN D 688 -13.66 16.16 35.67
CA GLN D 688 -14.01 16.05 34.26
C GLN D 688 -12.89 15.35 33.52
N MET D 689 -13.21 14.27 32.81
CA MET D 689 -12.17 13.38 32.32
C MET D 689 -11.71 13.87 30.95
N HIS D 690 -10.53 14.48 30.91
CA HIS D 690 -9.86 14.81 29.68
C HIS D 690 -9.10 13.58 29.19
N LYS D 691 -8.49 13.67 28.01
CA LYS D 691 -7.64 12.56 27.59
C LYS D 691 -6.44 12.41 28.52
N LYS D 692 -5.88 13.54 28.97
CA LYS D 692 -4.72 13.50 29.86
C LYS D 692 -5.06 12.82 31.19
N VAL D 693 -6.26 13.08 31.71
CA VAL D 693 -6.65 12.46 32.98
C VAL D 693 -6.86 10.96 32.82
N GLN D 694 -7.49 10.55 31.72
CA GLN D 694 -7.65 9.12 31.46
C GLN D 694 -6.29 8.44 31.28
N ALA D 695 -5.36 9.12 30.61
CA ALA D 695 -4.02 8.58 30.45
C ALA D 695 -3.29 8.49 31.78
N ALA D 696 -3.54 9.43 32.70
CA ALA D 696 -2.93 9.34 34.02
C ALA D 696 -3.51 8.19 34.82
N ILE D 697 -4.84 7.99 34.74
CA ILE D 697 -5.46 6.89 35.46
C ILE D 697 -4.95 5.55 34.93
N ILE D 698 -4.90 5.40 33.61
CA ILE D 698 -4.49 4.13 33.04
C ILE D 698 -2.99 3.90 33.24
N ASN D 699 -2.20 4.97 33.17
CA ASN D 699 -0.79 4.88 33.56
C ASN D 699 -0.65 4.38 34.98
N ASP D 700 -1.46 4.90 35.90
CA ASP D 700 -1.38 4.46 37.30
C ASP D 700 -1.81 3.00 37.45
N LEU D 701 -2.88 2.60 36.76
CA LEU D 701 -3.32 1.21 36.82
C LEU D 701 -2.26 0.26 36.25
N ALA D 702 -1.54 0.69 35.22
CA ALA D 702 -0.49 -0.15 34.66
C ALA D 702 0.61 -0.41 35.69
N GLU D 703 0.98 0.62 36.46
CA GLU D 703 2.04 0.47 37.44
C GLU D 703 1.60 -0.39 38.62
N ARG D 704 0.48 -0.04 39.25
CA ARG D 704 0.11 -0.63 40.53
C ARG D 704 -0.81 -1.85 40.42
N TYR D 705 -1.33 -2.16 39.25
CA TYR D 705 -2.31 -3.22 39.11
C TYR D 705 -1.84 -4.31 38.14
N PRO D 706 -2.44 -5.50 38.20
CA PRO D 706 -2.12 -6.54 37.23
C PRO D 706 -2.55 -6.15 35.82
N MET D 707 -1.96 -6.86 34.84
CA MET D 707 -2.23 -6.55 33.44
C MET D 707 -3.67 -6.89 33.06
N ILE D 708 -4.21 -8.00 33.58
CA ILE D 708 -5.57 -8.40 33.23
C ILE D 708 -6.58 -7.39 33.75
N VAL D 709 -6.31 -6.82 34.92
CA VAL D 709 -7.19 -5.79 35.48
C VAL D 709 -7.25 -4.59 34.54
N VAL D 710 -6.09 -4.14 34.07
CA VAL D 710 -6.04 -3.04 33.10
C VAL D 710 -6.80 -3.42 31.83
N ALA D 711 -6.58 -4.63 31.32
CA ALA D 711 -7.20 -5.06 30.08
C ALA D 711 -8.72 -5.07 30.18
N GLN D 712 -9.27 -5.41 31.34
CA GLN D 712 -10.72 -5.35 31.49
C GLN D 712 -11.20 -3.92 31.71
N THR D 713 -10.40 -3.12 32.43
CA THR D 713 -10.77 -1.72 32.68
C THR D 713 -10.91 -0.95 31.37
N VAL D 714 -9.93 -1.09 30.46
CA VAL D 714 -9.99 -0.34 29.22
C VAL D 714 -11.18 -0.78 28.36
N ASP D 715 -11.61 -2.04 28.50
CA ASP D 715 -12.80 -2.48 27.78
C ASP D 715 -14.07 -1.86 28.37
N LYS D 716 -14.15 -1.80 29.70
CA LYS D 716 -15.30 -1.13 30.31
C LYS D 716 -15.35 0.34 29.90
N LEU D 717 -14.20 1.02 29.98
CA LEU D 717 -14.11 2.38 29.49
C LEU D 717 -14.49 2.48 28.02
N LYS D 718 -14.23 1.43 27.24
CA LYS D 718 -14.59 1.43 25.83
C LYS D 718 -16.10 1.43 25.64
N ASP D 719 -16.78 0.44 26.23
CA ASP D 719 -18.23 0.37 26.10
C ASP D 719 -18.88 1.66 26.57
N ALA D 720 -18.48 2.15 27.75
CA ALA D 720 -19.09 3.37 28.27
C ALA D 720 -18.80 4.56 27.37
N GLY D 721 -17.55 4.69 26.90
CA GLY D 721 -17.19 5.82 26.08
C GLY D 721 -17.94 5.85 24.75
N PHE D 722 -18.16 4.69 24.14
CA PHE D 722 -18.94 4.67 22.92
C PHE D 722 -20.41 4.99 23.20
N TYR D 723 -21.02 4.25 24.13
CA TYR D 723 -22.43 4.46 24.46
C TYR D 723 -22.72 5.93 24.73
N TRP D 724 -21.89 6.57 25.57
CA TRP D 724 -22.10 7.98 25.86
C TRP D 724 -21.64 8.89 24.75
N ALA D 725 -20.79 8.39 23.84
CA ALA D 725 -20.42 9.19 22.68
C ALA D 725 -21.62 9.41 21.77
N THR D 726 -22.42 8.37 21.54
CA THR D 726 -23.59 8.56 20.67
C THR D 726 -24.60 9.53 21.27
N ARG D 727 -24.64 9.63 22.60
CA ARG D 727 -25.58 10.48 23.31
C ARG D 727 -24.99 11.81 23.74
N SER D 728 -23.75 12.12 23.35
CA SER D 728 -23.11 13.37 23.75
C SER D 728 -23.57 14.57 22.93
N GLY D 729 -24.25 14.34 21.81
CA GLY D 729 -24.75 15.44 21.00
C GLY D 729 -23.72 16.14 20.14
N VAL D 730 -22.52 15.58 19.99
CA VAL D 730 -21.51 16.21 19.14
C VAL D 730 -21.89 16.02 17.68
N THR D 731 -21.92 17.11 16.94
CA THR D 731 -22.39 17.13 15.56
C THR D 731 -21.72 18.31 14.87
N VAL D 732 -21.81 18.33 13.54
CA VAL D 732 -21.33 19.48 12.77
C VAL D 732 -22.49 20.06 12.00
N SER D 733 -22.55 21.39 11.95
CA SER D 733 -23.52 22.13 11.16
C SER D 733 -22.88 23.43 10.72
N MET D 734 -23.38 23.97 9.62
CA MET D 734 -22.94 25.30 9.22
C MET D 734 -23.21 26.31 10.33
N ALA D 735 -24.27 26.10 11.11
CA ALA D 735 -24.57 26.98 12.24
C ALA D 735 -23.60 26.74 13.39
N ASP D 736 -23.16 25.49 13.59
CA ASP D 736 -22.21 25.20 14.65
C ASP D 736 -20.83 25.78 14.38
N VAL D 737 -20.55 26.21 13.16
CA VAL D 737 -19.28 26.87 12.86
C VAL D 737 -19.50 28.36 13.02
N LEU D 738 -18.98 28.93 14.10
CA LEU D 738 -19.15 30.33 14.42
C LEU D 738 -18.02 31.14 13.80
N VAL D 739 -18.35 32.36 13.39
CA VAL D 739 -17.42 33.21 12.68
C VAL D 739 -17.09 34.39 13.60
N PRO D 740 -15.86 34.90 13.60
CA PRO D 740 -15.50 35.99 14.51
C PRO D 740 -16.23 37.27 14.14
N PRO D 741 -16.83 37.96 15.12
CA PRO D 741 -17.63 39.15 14.79
C PRO D 741 -16.81 40.32 14.28
N ARG D 742 -15.57 40.48 14.75
CA ARG D 742 -14.73 41.61 14.36
C ARG D 742 -13.78 41.28 13.21
N LYS D 743 -13.91 40.10 12.59
CA LYS D 743 -12.96 39.64 11.58
C LYS D 743 -12.69 40.69 10.51
N LYS D 744 -13.75 41.31 10.00
CA LYS D 744 -13.59 42.31 8.93
C LYS D 744 -12.77 43.49 9.41
N GLU D 745 -13.02 43.96 10.64
CA GLU D 745 -12.29 45.12 11.16
C GLU D 745 -10.85 44.77 11.49
N ILE D 746 -10.61 43.58 12.03
CA ILE D 746 -9.25 43.13 12.31
C ILE D 746 -8.44 43.09 11.01
N LEU D 747 -8.98 42.37 10.01
CA LEU D 747 -8.26 42.22 8.75
C LEU D 747 -8.10 43.56 8.03
N ASP D 748 -9.07 44.47 8.17
CA ASP D 748 -8.91 45.80 7.58
C ASP D 748 -7.81 46.59 8.27
N HIS D 749 -7.73 46.49 9.60
CA HIS D 749 -6.70 47.20 10.35
C HIS D 749 -5.30 46.72 9.95
N TYR D 750 -5.08 45.40 10.02
CA TYR D 750 -3.80 44.87 9.59
C TYR D 750 -3.56 45.08 8.10
N GLU D 751 -4.62 45.22 7.30
CA GLU D 751 -4.46 45.58 5.90
C GLU D 751 -3.99 47.03 5.76
N GLU D 752 -4.37 47.90 6.70
CA GLU D 752 -3.86 49.26 6.71
C GLU D 752 -2.39 49.30 7.08
N ARG D 753 -1.98 48.47 8.06
CA ARG D 753 -0.56 48.31 8.34
C ARG D 753 0.19 47.82 7.10
N ALA D 754 -0.35 46.80 6.44
CA ALA D 754 0.28 46.27 5.23
C ALA D 754 0.37 47.32 4.14
N ASP D 755 -0.64 48.19 4.05
CA ASP D 755 -0.60 49.26 3.07
C ASP D 755 0.50 50.26 3.40
N LYS D 756 0.71 50.54 4.70
CA LYS D 756 1.84 51.36 5.10
C LYS D 756 3.16 50.73 4.68
N VAL D 757 3.29 49.41 4.84
CA VAL D 757 4.51 48.74 4.37
C VAL D 757 4.64 48.85 2.86
N GLU D 758 3.52 48.80 2.14
CA GLU D 758 3.54 48.96 0.69
C GLU D 758 4.06 50.34 0.30
N LYS D 759 3.60 51.39 0.99
CA LYS D 759 4.11 52.73 0.72
C LYS D 759 5.58 52.84 1.10
N GLN D 760 6.02 52.14 2.14
CA GLN D 760 7.43 52.13 2.50
C GLN D 760 8.28 51.51 1.39
N PHE D 761 7.78 50.43 0.79
CA PHE D 761 8.53 49.81 -0.31
C PHE D 761 8.48 50.66 -1.57
N GLN D 762 7.40 51.43 -1.76
CA GLN D 762 7.29 52.28 -2.94
C GLN D 762 8.33 53.40 -2.92
N ARG D 763 8.64 53.93 -1.73
CA ARG D 763 9.67 54.96 -1.59
C ARG D 763 11.07 54.41 -1.82
N GLY D 764 11.25 53.10 -1.88
CA GLY D 764 12.57 52.53 -1.96
C GLY D 764 13.29 52.41 -0.64
N ALA D 765 12.64 52.75 0.47
CA ALA D 765 13.23 52.68 1.80
C ALA D 765 13.13 51.29 2.42
N LEU D 766 12.52 50.33 1.74
CA LEU D 766 12.40 48.97 2.24
C LEU D 766 12.91 47.99 1.19
N ASN D 767 13.63 46.97 1.65
CA ASN D 767 14.10 45.90 0.80
C ASN D 767 12.94 44.95 0.48
N HIS D 768 13.05 44.28 -0.67
CA HIS D 768 12.00 43.33 -1.06
C HIS D 768 11.91 42.18 -0.06
N ASP D 769 13.05 41.63 0.37
CA ASP D 769 13.04 40.66 1.45
C ASP D 769 12.52 41.28 2.75
N GLU D 770 12.81 42.56 2.97
CA GLU D 770 12.28 43.24 4.15
C GLU D 770 10.80 43.56 3.99
N ARG D 771 10.35 43.85 2.77
CA ARG D 771 8.92 44.03 2.51
C ARG D 771 8.16 42.74 2.82
N ASN D 772 8.61 41.63 2.25
CA ASN D 772 7.97 40.34 2.53
C ASN D 772 8.08 39.97 4.01
N GLU D 773 9.19 40.32 4.66
CA GLU D 773 9.35 40.01 6.08
C GLU D 773 8.34 40.79 6.92
N ALA D 774 8.20 42.09 6.65
CA ALA D 774 7.24 42.90 7.38
C ALA D 774 5.81 42.44 7.12
N LEU D 775 5.48 42.14 5.86
CA LEU D 775 4.14 41.67 5.54
C LEU D 775 3.85 40.34 6.23
N VAL D 776 4.85 39.45 6.30
CA VAL D 776 4.65 38.15 6.94
C VAL D 776 4.41 38.34 8.44
N GLU D 777 5.15 39.25 9.08
CA GLU D 777 4.88 39.51 10.49
C GLU D 777 3.49 40.12 10.69
N ILE D 778 3.08 41.02 9.78
CA ILE D 778 1.76 41.64 9.88
C ILE D 778 0.66 40.58 9.83
N TRP D 779 0.72 39.70 8.82
CA TRP D 779 -0.37 38.73 8.64
C TRP D 779 -0.28 37.57 9.63
N LYS D 780 0.91 37.26 10.14
CA LYS D 780 1.00 36.37 11.29
C LYS D 780 0.26 36.96 12.48
N GLU D 781 0.50 38.25 12.76
CA GLU D 781 -0.20 38.91 13.85
C GLU D 781 -1.70 38.90 13.64
N ALA D 782 -2.15 39.21 12.41
CA ALA D 782 -3.58 39.23 12.12
C ALA D 782 -4.20 37.85 12.30
N THR D 783 -3.53 36.81 11.80
CA THR D 783 -4.05 35.45 12.00
C THR D 783 -4.16 35.12 13.48
N ASP D 784 -3.17 35.55 14.27
CA ASP D 784 -3.24 35.36 15.71
C ASP D 784 -4.46 36.06 16.31
N GLU D 785 -4.73 37.29 15.86
CA GLU D 785 -5.84 38.05 16.44
C GLU D 785 -7.19 37.45 16.09
N VAL D 786 -7.39 37.05 14.83
CA VAL D 786 -8.66 36.42 14.46
C VAL D 786 -8.78 35.07 15.16
N GLY D 787 -7.66 34.40 15.43
CA GLY D 787 -7.72 33.19 16.26
C GLY D 787 -8.24 33.49 17.65
N GLN D 788 -7.71 34.55 18.27
CA GLN D 788 -8.13 34.90 19.63
C GLN D 788 -9.61 35.28 19.68
N ALA D 789 -10.04 36.18 18.78
CA ALA D 789 -11.46 36.53 18.73
C ALA D 789 -12.32 35.30 18.46
N LEU D 790 -11.82 34.38 17.63
CA LEU D 790 -12.55 33.16 17.35
C LEU D 790 -12.77 32.35 18.63
N ARG D 791 -11.69 32.10 19.39
CA ARG D 791 -11.84 31.33 20.63
C ARG D 791 -12.70 32.08 21.64
N GLU D 792 -12.69 33.42 21.61
CA GLU D 792 -13.53 34.19 22.53
C GLU D 792 -15.00 34.02 22.22
N HIS D 793 -15.38 34.03 20.93
CA HIS D 793 -16.78 33.96 20.57
C HIS D 793 -17.40 32.57 20.74
N TYR D 794 -16.58 31.53 20.81
CA TYR D 794 -17.11 30.17 20.85
C TYR D 794 -17.49 29.78 22.27
N PRO D 795 -18.74 29.37 22.51
CA PRO D 795 -19.06 28.73 23.79
C PRO D 795 -18.33 27.42 23.93
N ASP D 796 -18.01 27.07 25.18
CA ASP D 796 -17.18 25.89 25.42
C ASP D 796 -17.92 24.58 25.21
N ASP D 797 -19.26 24.61 25.21
CA ASP D 797 -20.04 23.41 24.94
C ASP D 797 -20.35 23.22 23.45
N ASN D 798 -19.83 24.10 22.60
CA ASN D 798 -19.96 23.93 21.16
C ASN D 798 -19.29 22.62 20.74
N PRO D 799 -19.88 21.88 19.80
CA PRO D 799 -19.29 20.57 19.43
C PRO D 799 -17.90 20.67 18.82
N ILE D 800 -17.66 21.69 18.01
CA ILE D 800 -16.35 21.88 17.40
C ILE D 800 -15.30 22.18 18.47
N ILE D 801 -15.68 22.98 19.48
CA ILE D 801 -14.77 23.25 20.58
C ILE D 801 -14.61 22.01 21.46
N THR D 802 -15.73 21.37 21.81
CA THR D 802 -15.69 20.21 22.69
C THR D 802 -14.77 19.13 22.14
N ILE D 803 -14.85 18.86 20.83
CA ILE D 803 -14.06 17.80 20.22
C ILE D 803 -12.56 18.06 20.41
N VAL D 804 -12.13 19.31 20.24
CA VAL D 804 -10.71 19.62 20.33
C VAL D 804 -10.26 19.69 21.80
N ASP D 805 -11.01 20.41 22.64
CA ASP D 805 -10.57 20.69 24.00
C ASP D 805 -10.68 19.49 24.94
N SER D 806 -11.41 18.44 24.55
CA SER D 806 -11.39 17.23 25.35
C SER D 806 -10.20 16.34 25.06
N GLY D 807 -9.40 16.69 24.05
CA GLY D 807 -8.33 15.82 23.59
C GLY D 807 -8.78 14.71 22.66
N ALA D 808 -10.07 14.69 22.29
CA ALA D 808 -10.60 13.60 21.48
C ALA D 808 -9.93 13.56 20.11
N THR D 809 -10.02 14.65 19.35
CA THR D 809 -9.30 14.76 18.08
C THR D 809 -9.20 16.22 17.68
N GLY D 810 -8.20 16.52 16.85
CA GLY D 810 -8.05 17.83 16.26
C GLY D 810 -7.33 18.82 17.15
N ASN D 811 -6.98 19.96 16.56
CA ASN D 811 -6.33 21.06 17.26
C ASN D 811 -7.00 22.37 16.83
N PHE D 812 -6.73 23.43 17.59
CA PHE D 812 -7.40 24.69 17.33
C PHE D 812 -6.90 25.39 16.07
N THR D 813 -5.73 25.03 15.55
CA THR D 813 -5.31 25.61 14.28
C THR D 813 -6.26 25.21 13.16
N GLN D 814 -6.74 23.96 13.19
CA GLN D 814 -7.76 23.54 12.23
C GLN D 814 -9.06 24.30 12.43
N THR D 815 -9.49 24.49 13.69
CA THR D 815 -10.68 25.27 13.97
C THR D 815 -10.54 26.69 13.43
N ARG D 816 -9.36 27.28 13.58
CA ARG D 816 -9.12 28.64 13.10
C ARG D 816 -9.12 28.69 11.58
N THR D 817 -8.56 27.67 10.93
CA THR D 817 -8.58 27.60 9.47
C THR D 817 -10.00 27.46 8.95
N LEU D 818 -10.78 26.58 9.56
CA LEU D 818 -12.19 26.40 9.23
C LEU D 818 -12.99 27.67 9.42
N ALA D 819 -13.13 28.12 10.67
CA ALA D 819 -14.02 29.22 10.98
C ALA D 819 -13.38 30.60 10.73
N GLY D 820 -12.18 30.83 11.26
CA GLY D 820 -11.60 32.16 11.15
C GLY D 820 -10.98 32.60 9.84
N MET D 821 -9.83 32.04 9.49
CA MET D 821 -9.16 32.31 8.23
C MET D 821 -8.10 31.25 7.99
N LYS D 822 -7.69 31.10 6.72
CA LYS D 822 -6.63 30.15 6.41
C LYS D 822 -5.26 30.73 6.77
N GLY D 823 -5.01 31.98 6.44
CA GLY D 823 -3.76 32.62 6.77
C GLY D 823 -2.72 32.52 5.65
N LEU D 824 -1.46 32.60 6.05
CA LEU D 824 -0.37 32.57 5.10
C LEU D 824 -0.17 31.16 4.54
N VAL D 825 0.12 31.09 3.25
CA VAL D 825 0.35 29.83 2.56
C VAL D 825 1.76 29.83 1.97
N THR D 826 2.37 28.66 1.95
CA THR D 826 3.77 28.54 1.56
C THR D 826 3.96 28.61 0.05
N ASN D 827 5.14 29.07 -0.35
CA ASN D 827 5.58 29.05 -1.74
C ASN D 827 5.82 27.60 -2.18
N PRO D 828 5.91 27.36 -3.49
CA PRO D 828 6.49 26.08 -3.93
C PRO D 828 7.88 25.85 -3.37
N LYS D 829 8.67 26.92 -3.21
CA LYS D 829 10.01 26.84 -2.64
C LYS D 829 10.01 26.75 -1.12
N GLY D 830 8.85 26.92 -0.47
CA GLY D 830 8.76 26.85 0.97
C GLY D 830 8.64 28.17 1.68
N GLU D 831 8.76 29.29 0.96
CA GLU D 831 8.64 30.62 1.53
C GLU D 831 7.18 31.00 1.75
N PHE D 832 6.96 31.91 2.69
CA PHE D 832 5.61 32.45 2.89
C PHE D 832 5.30 33.47 1.81
N ILE D 833 4.09 33.38 1.28
CA ILE D 833 3.64 34.33 0.25
C ILE D 833 3.12 35.59 0.94
N PRO D 834 3.54 36.78 0.52
CA PRO D 834 3.19 38.00 1.27
C PRO D 834 1.70 38.26 1.41
N ARG D 835 0.87 37.71 0.51
CA ARG D 835 -0.57 37.92 0.59
C ARG D 835 -1.22 36.73 1.27
N PRO D 836 -1.86 36.90 2.41
CA PRO D 836 -2.51 35.76 3.07
C PRO D 836 -3.82 35.40 2.41
N VAL D 837 -4.29 34.20 2.72
CA VAL D 837 -5.66 33.82 2.40
C VAL D 837 -6.53 34.37 3.54
N LYS D 838 -7.38 35.34 3.22
CA LYS D 838 -8.24 35.94 4.23
C LYS D 838 -9.54 35.18 4.43
N SER D 839 -9.90 34.30 3.49
CA SER D 839 -11.13 33.53 3.62
C SER D 839 -10.91 32.36 4.56
N SER D 840 -12.02 31.91 5.14
CA SER D 840 -12.08 30.65 5.87
C SER D 840 -12.85 29.65 5.02
N PHE D 841 -12.52 28.37 5.16
CA PHE D 841 -13.21 27.36 4.38
C PHE D 841 -14.71 27.31 4.66
N ARG D 842 -15.18 27.94 5.73
CA ARG D 842 -16.62 28.13 5.89
C ARG D 842 -17.15 29.14 4.87
N GLU D 843 -16.47 30.29 4.74
CA GLU D 843 -16.82 31.24 3.70
C GLU D 843 -16.61 30.66 2.31
N GLY D 844 -15.59 29.82 2.17
CA GLY D 844 -15.14 29.29 0.90
C GLY D 844 -14.03 30.18 0.37
N LEU D 845 -13.03 29.59 -0.24
CA LEU D 845 -11.91 30.35 -0.78
C LEU D 845 -12.26 30.90 -2.15
N THR D 846 -11.61 32.00 -2.51
CA THR D 846 -11.69 32.47 -3.89
C THR D 846 -10.81 31.58 -4.77
N VAL D 847 -10.80 31.89 -6.07
CA VAL D 847 -10.01 31.10 -7.01
C VAL D 847 -8.53 31.22 -6.69
N LEU D 848 -8.04 32.46 -6.55
CA LEU D 848 -6.60 32.67 -6.35
C LEU D 848 -6.14 32.12 -5.01
N GLU D 849 -6.94 32.28 -3.96
CA GLU D 849 -6.58 31.73 -2.65
C GLU D 849 -6.44 30.22 -2.71
N TYR D 850 -7.42 29.55 -3.34
CA TYR D 850 -7.38 28.11 -3.50
C TYR D 850 -6.14 27.67 -4.28
N PHE D 851 -5.88 28.33 -5.41
CA PHE D 851 -4.73 28.00 -6.23
C PHE D 851 -3.44 28.14 -5.43
N ILE D 852 -3.35 29.17 -4.59
CA ILE D 852 -2.15 29.37 -3.78
C ILE D 852 -2.03 28.28 -2.71
N ASN D 853 -3.17 27.87 -2.13
CA ASN D 853 -3.17 26.83 -1.10
C ASN D 853 -2.69 25.49 -1.66
N THR D 854 -2.93 25.25 -2.95
CA THR D 854 -2.52 23.98 -3.53
C THR D 854 -1.00 23.78 -3.49
N HIS D 855 -0.22 24.86 -3.48
CA HIS D 855 1.24 24.71 -3.39
C HIS D 855 1.62 23.97 -2.12
N GLY D 856 1.20 24.52 -0.97
CA GLY D 856 1.51 23.90 0.31
C GLY D 856 0.94 22.51 0.44
N ALA D 857 -0.31 22.32 0.01
CA ALA D 857 -0.89 20.98 0.12
C ALA D 857 -0.11 19.96 -0.69
N ARG D 858 0.17 20.29 -1.96
CA ARG D 858 0.89 19.39 -2.86
C ARG D 858 2.26 19.04 -2.30
N LYS D 859 3.07 20.06 -1.99
CA LYS D 859 4.41 19.79 -1.47
C LYS D 859 4.35 19.02 -0.16
N GLY D 860 3.29 19.23 0.62
CA GLY D 860 3.12 18.43 1.83
C GLY D 860 2.98 16.96 1.55
N LEU D 861 2.06 16.61 0.64
CA LEU D 861 1.86 15.20 0.30
C LEU D 861 3.15 14.58 -0.24
N ALA D 862 3.82 15.26 -1.17
CA ALA D 862 5.07 14.74 -1.72
C ALA D 862 6.11 14.51 -0.60
N ASP D 863 6.26 15.51 0.29
CA ASP D 863 7.24 15.40 1.37
C ASP D 863 6.92 14.24 2.30
N THR D 864 5.63 13.95 2.52
CA THR D 864 5.29 12.74 3.28
C THR D 864 5.77 11.50 2.53
N ALA D 865 5.50 11.44 1.22
CA ALA D 865 5.87 10.27 0.42
C ALA D 865 7.37 9.99 0.46
N LEU D 866 8.20 11.04 0.50
CA LEU D 866 9.64 10.79 0.61
C LEU D 866 10.05 10.49 2.04
N ARG D 867 9.46 11.19 3.01
CA ARG D 867 9.84 11.05 4.40
C ARG D 867 9.64 9.61 4.90
N THR D 868 8.56 8.96 4.46
CA THR D 868 8.35 7.58 4.89
C THR D 868 9.49 6.67 4.42
N ALA D 869 9.98 6.88 3.19
CA ALA D 869 11.07 6.07 2.67
C ALA D 869 12.36 6.32 3.46
N ASP D 870 12.71 7.60 3.67
CA ASP D 870 13.93 7.90 4.41
C ASP D 870 13.89 7.34 5.83
N SER D 871 12.75 7.52 6.52
CA SER D 871 12.62 6.98 7.86
C SER D 871 12.75 5.45 7.86
N GLY D 872 12.17 4.78 6.86
CA GLY D 872 12.34 3.34 6.77
C GLY D 872 13.78 2.93 6.59
N TYR D 873 14.54 3.70 5.81
CA TYR D 873 15.96 3.40 5.61
C TYR D 873 16.74 3.55 6.91
N LEU D 874 16.55 4.68 7.62
CA LEU D 874 17.23 4.85 8.90
C LEU D 874 16.88 3.72 9.87
N THR D 875 15.60 3.34 9.93
CA THR D 875 15.21 2.23 10.78
C THR D 875 15.93 0.95 10.39
N ARG D 876 16.11 0.71 9.08
CA ARG D 876 16.79 -0.50 8.66
C ARG D 876 18.25 -0.50 9.10
N ARG D 877 18.92 0.64 9.02
CA ARG D 877 20.32 0.67 9.46
C ARG D 877 20.43 0.53 10.98
N LEU D 878 19.49 1.12 11.72
CA LEU D 878 19.45 0.92 13.17
C LEU D 878 19.28 -0.56 13.51
N VAL D 879 18.35 -1.23 12.82
CA VAL D 879 18.18 -2.66 13.04
C VAL D 879 19.46 -3.41 12.76
N ASP D 880 20.09 -3.13 11.61
CA ASP D 880 21.28 -3.90 11.23
C ASP D 880 22.42 -3.70 12.23
N VAL D 881 22.54 -2.52 12.83
CA VAL D 881 23.63 -2.32 13.77
C VAL D 881 23.28 -2.93 15.14
N SER D 882 22.03 -2.85 15.57
CA SER D 882 21.66 -3.22 16.93
C SER D 882 21.03 -4.61 17.08
N GLN D 883 20.80 -5.35 15.99
CA GLN D 883 19.88 -6.48 16.11
C GLN D 883 20.46 -7.66 16.89
N ASP D 884 21.78 -7.73 17.05
CA ASP D 884 22.39 -8.83 17.80
C ASP D 884 22.54 -8.53 19.28
N VAL D 885 22.06 -7.37 19.74
CA VAL D 885 22.17 -6.99 21.15
C VAL D 885 20.99 -7.56 21.90
N ILE D 886 21.27 -8.45 22.86
CA ILE D 886 20.26 -9.06 23.70
C ILE D 886 20.73 -8.95 25.14
N VAL D 887 19.84 -9.30 26.07
CA VAL D 887 20.17 -9.27 27.49
C VAL D 887 20.71 -10.65 27.85
N ARG D 888 22.01 -10.72 28.11
CA ARG D 888 22.65 -12.02 28.29
C ARG D 888 22.77 -12.46 29.75
N GLU D 889 22.53 -11.57 30.71
CA GLU D 889 22.66 -11.92 32.12
C GLU D 889 21.83 -10.97 32.95
N HIS D 890 21.55 -11.38 34.19
CA HIS D 890 20.73 -10.57 35.09
C HIS D 890 21.48 -9.33 35.55
N ASP D 891 22.68 -9.49 36.10
CA ASP D 891 23.44 -8.38 36.62
C ASP D 891 24.93 -8.60 36.36
N CYS D 892 25.59 -7.57 35.87
CA CYS D 892 27.06 -7.56 35.77
C CYS D 892 27.70 -6.89 36.97
N GLN D 893 26.90 -6.37 37.90
CA GLN D 893 27.35 -5.82 39.18
C GLN D 893 28.31 -4.66 39.02
N THR D 894 28.29 -3.96 37.88
CA THR D 894 29.13 -2.79 37.74
C THR D 894 28.58 -1.63 38.55
N GLU D 895 29.48 -0.81 39.07
CA GLU D 895 29.11 0.38 39.80
C GLU D 895 29.12 1.63 38.92
N ARG D 896 29.37 1.48 37.63
CA ARG D 896 29.36 2.60 36.70
C ARG D 896 27.93 3.02 36.37
N GLY D 897 27.77 4.28 36.02
CA GLY D 897 26.47 4.80 35.68
C GLY D 897 26.58 6.23 35.18
N ILE D 898 25.43 6.92 35.15
CA ILE D 898 25.42 8.33 34.76
C ILE D 898 24.62 9.12 35.79
N VAL D 899 24.93 10.41 35.87
CA VAL D 899 24.17 11.35 36.67
C VAL D 899 22.99 11.85 35.86
N VAL D 900 21.81 11.88 36.48
CA VAL D 900 20.57 12.31 35.85
C VAL D 900 19.92 13.34 36.75
N GLU D 901 19.50 14.47 36.16
CA GLU D 901 18.95 15.58 36.92
C GLU D 901 17.50 15.31 37.26
N LEU D 902 17.18 15.29 38.56
CA LEU D 902 15.80 15.14 39.01
C LEU D 902 15.05 16.47 39.11
N ALA D 903 15.77 17.59 39.16
CA ALA D 903 15.15 18.90 39.38
C ALA D 903 16.26 19.96 39.36
N GLU D 904 15.83 21.22 39.43
CA GLU D 904 16.73 22.35 39.52
C GLU D 904 16.24 23.28 40.62
N ARG D 905 17.19 23.82 41.39
CA ARG D 905 16.87 24.69 42.51
C ARG D 905 16.71 26.11 42.00
N ALA D 906 15.51 26.66 42.14
CA ALA D 906 15.23 28.04 41.76
C ALA D 906 15.79 28.98 42.81
N PRO D 907 15.87 30.28 42.51
CA PRO D 907 16.16 31.25 43.58
C PRO D 907 15.18 31.14 44.74
N ASP D 908 13.91 30.93 44.44
CA ASP D 908 12.93 30.60 45.46
C ASP D 908 13.19 29.19 46.01
N GLY D 909 12.62 28.91 47.19
CA GLY D 909 12.71 27.59 47.76
C GLY D 909 12.05 26.50 46.94
N THR D 910 11.33 26.87 45.88
CA THR D 910 10.66 25.90 45.03
C THR D 910 11.67 25.08 44.23
N LEU D 911 11.22 23.90 43.79
CA LEU D 911 12.05 22.96 43.05
C LEU D 911 11.46 22.79 41.66
N ILE D 912 12.23 23.17 40.64
CA ILE D 912 11.77 23.11 39.26
C ILE D 912 12.07 21.73 38.71
N ARG D 913 11.02 20.99 38.36
CA ARG D 913 11.17 19.62 37.89
C ARG D 913 11.87 19.59 36.53
N ASP D 914 12.75 18.61 36.35
CA ASP D 914 13.51 18.50 35.11
C ASP D 914 12.58 18.03 33.99
N PRO D 915 12.61 18.67 32.81
CA PRO D 915 11.72 18.24 31.72
C PRO D 915 12.02 16.84 31.21
N TYR D 916 13.25 16.36 31.38
CA TYR D 916 13.68 15.08 30.83
C TYR D 916 13.46 13.92 31.78
N ILE D 917 12.84 14.15 32.95
CA ILE D 917 12.65 13.09 33.93
C ILE D 917 11.98 11.87 33.31
N GLU D 918 11.00 12.10 32.43
CA GLU D 918 10.25 11.00 31.85
C GLU D 918 11.15 10.06 31.04
N THR D 919 12.03 10.61 30.22
CA THR D 919 12.88 9.80 29.35
C THR D 919 14.29 9.57 29.89
N SER D 920 14.62 10.13 31.06
CA SER D 920 15.98 10.01 31.61
C SER D 920 15.98 9.35 32.98
N ALA D 921 15.31 9.95 33.98
CA ALA D 921 15.29 9.38 35.32
C ALA D 921 14.36 8.19 35.41
N TYR D 922 13.09 8.39 35.08
CA TYR D 922 12.07 7.35 35.18
C TYR D 922 12.49 6.09 34.43
N ALA D 923 12.15 4.93 35.02
CA ALA D 923 12.39 3.60 34.43
C ALA D 923 13.88 3.27 34.33
N ARG D 924 14.65 3.66 35.34
CA ARG D 924 16.05 3.29 35.45
C ARG D 924 16.29 2.53 36.74
N THR D 925 17.30 1.66 36.74
CA THR D 925 17.75 1.05 37.98
C THR D 925 18.74 1.97 38.67
N LEU D 926 18.55 2.17 39.97
CA LEU D 926 19.34 3.14 40.72
C LEU D 926 20.78 2.65 40.85
N GLY D 927 21.73 3.49 40.43
CA GLY D 927 23.14 3.12 40.49
C GLY D 927 23.76 3.21 41.87
N THR D 928 23.56 4.33 42.55
CA THR D 928 24.01 4.52 43.92
C THR D 928 22.86 5.07 44.74
N ASP D 929 22.93 4.84 46.05
CA ASP D 929 21.85 5.25 46.94
C ASP D 929 21.71 6.77 46.98
N ALA D 930 20.48 7.25 46.88
CA ALA D 930 20.19 8.66 46.96
C ALA D 930 19.88 9.01 48.41
N VAL D 931 20.72 9.82 49.02
CA VAL D 931 20.59 10.19 50.43
C VAL D 931 20.33 11.68 50.51
N ASP D 932 19.28 12.06 51.23
CA ASP D 932 19.08 13.46 51.56
C ASP D 932 20.13 13.90 52.58
N GLU D 933 20.55 15.16 52.47
CA GLU D 933 21.57 15.67 53.38
C GLU D 933 21.12 15.65 54.83
N ALA D 934 19.82 15.47 55.07
CA ALA D 934 19.26 15.53 56.41
C ALA D 934 19.05 14.16 57.05
N GLY D 935 19.32 13.06 56.35
CA GLY D 935 18.93 11.78 56.92
C GLY D 935 19.08 10.59 55.98
N ASN D 936 18.25 9.59 56.22
CA ASN D 936 18.39 8.24 55.68
C ASN D 936 18.22 8.20 54.17
N VAL D 937 18.72 7.11 53.59
CA VAL D 937 18.57 6.89 52.16
C VAL D 937 17.11 6.69 51.81
N ILE D 938 16.61 7.48 50.86
CA ILE D 938 15.20 7.42 50.49
C ILE D 938 14.94 6.27 49.53
N VAL D 939 15.86 5.99 48.61
CA VAL D 939 15.69 4.93 47.62
C VAL D 939 16.98 4.11 47.55
N GLU D 940 16.87 2.80 47.69
CA GLU D 940 18.02 1.91 47.65
C GLU D 940 18.44 1.65 46.21
N ARG D 941 19.73 1.36 46.02
CA ARG D 941 20.24 1.04 44.70
C ARG D 941 19.62 -0.27 44.19
N GLY D 942 19.51 -0.38 42.88
CA GLY D 942 18.82 -1.51 42.29
C GLY D 942 17.33 -1.43 42.34
N GLN D 943 16.77 -0.22 42.35
CA GLN D 943 15.34 0.00 42.40
C GLN D 943 14.85 0.60 41.09
N ASP D 944 13.57 0.33 40.77
CA ASP D 944 13.02 0.62 39.46
C ASP D 944 12.92 2.11 39.15
N LEU D 945 12.86 2.96 40.17
CA LEU D 945 12.65 4.40 39.97
C LEU D 945 11.35 4.66 39.21
N GLY D 946 10.23 4.29 39.83
CA GLY D 946 8.92 4.58 39.31
C GLY D 946 8.44 5.95 39.76
N ASP D 947 7.17 6.23 39.45
CA ASP D 947 6.58 7.47 39.91
C ASP D 947 6.56 7.59 41.44
N PRO D 948 6.24 6.54 42.21
CA PRO D 948 6.41 6.66 43.67
C PRO D 948 7.82 7.00 44.09
N GLU D 949 8.82 6.35 43.48
CA GLU D 949 10.21 6.62 43.83
C GLU D 949 10.63 8.03 43.45
N ILE D 950 10.15 8.51 42.30
CA ILE D 950 10.48 9.88 41.89
C ILE D 950 9.82 10.89 42.82
N ASP D 951 8.58 10.61 43.25
CA ASP D 951 7.90 11.54 44.14
C ASP D 951 8.54 11.56 45.52
N ALA D 952 8.99 10.39 46.01
CA ALA D 952 9.70 10.35 47.29
C ALA D 952 11.06 11.01 47.18
N LEU D 953 11.73 10.88 46.03
CA LEU D 953 13.01 11.54 45.83
C LEU D 953 12.86 13.05 45.79
N LEU D 954 11.82 13.54 45.13
CA LEU D 954 11.61 14.99 45.03
C LEU D 954 11.13 15.57 46.36
N ALA D 955 10.26 14.84 47.06
CA ALA D 955 9.82 15.29 48.38
C ALA D 955 10.99 15.34 49.37
N ALA D 956 12.02 14.54 49.15
CA ALA D 956 13.22 14.56 49.96
C ALA D 956 14.25 15.58 49.47
N GLY D 957 13.97 16.28 48.37
CA GLY D 957 14.88 17.29 47.88
C GLY D 957 16.14 16.76 47.22
N ILE D 958 16.02 15.69 46.44
CA ILE D 958 17.15 15.10 45.74
C ILE D 958 17.19 15.68 44.33
N THR D 959 18.22 16.46 44.04
CA THR D 959 18.33 17.15 42.75
C THR D 959 19.06 16.33 41.68
N GLN D 960 19.71 15.23 42.06
CA GLN D 960 20.43 14.40 41.11
C GLN D 960 20.36 12.96 41.58
N VAL D 961 20.42 12.04 40.61
CA VAL D 961 20.43 10.61 40.91
C VAL D 961 21.33 9.91 39.89
N LYS D 962 22.19 9.02 40.36
CA LYS D 962 23.05 8.23 39.49
C LYS D 962 22.37 6.90 39.17
N VAL D 963 22.19 6.62 37.89
CA VAL D 963 21.46 5.44 37.44
C VAL D 963 22.38 4.59 36.59
N ARG D 964 22.02 3.31 36.51
CA ARG D 964 22.73 2.35 35.66
C ARG D 964 22.11 2.30 34.28
N SER D 965 22.95 2.28 33.26
CA SER D 965 22.49 2.23 31.88
C SER D 965 23.39 1.30 31.07
N VAL D 966 22.94 0.98 29.86
CA VAL D 966 23.72 0.12 28.97
C VAL D 966 24.97 0.82 28.48
N LEU D 967 25.02 2.16 28.56
CA LEU D 967 26.25 2.86 28.18
C LEU D 967 27.41 2.46 29.08
N THR D 968 27.14 2.28 30.36
CA THR D 968 28.14 1.90 31.35
C THR D 968 28.16 0.41 31.65
N CYS D 969 27.32 -0.39 30.99
CA CYS D 969 27.22 -1.80 31.30
C CYS D 969 28.52 -2.53 31.00
N ALA D 970 28.89 -3.45 31.88
CA ALA D 970 30.18 -4.14 31.81
C ALA D 970 30.13 -5.46 31.05
N THR D 971 28.95 -5.90 30.61
CA THR D 971 28.86 -7.14 29.86
C THR D 971 29.54 -6.97 28.50
N SER D 972 30.31 -7.98 28.11
CA SER D 972 31.14 -7.87 26.90
C SER D 972 30.29 -7.77 25.65
N THR D 973 29.44 -8.77 25.41
CA THR D 973 28.44 -8.73 24.35
C THR D 973 27.07 -8.58 24.98
N GLY D 974 26.22 -7.81 24.32
CA GLY D 974 24.93 -7.48 24.88
C GLY D 974 25.06 -6.67 26.16
N VAL D 975 23.97 -6.68 26.94
CA VAL D 975 23.86 -5.90 28.15
C VAL D 975 23.21 -6.75 29.23
N CYS D 976 23.44 -6.39 30.49
CA CYS D 976 22.81 -7.06 31.60
C CYS D 976 21.43 -6.45 31.87
N ALA D 977 20.51 -7.30 32.34
CA ALA D 977 19.15 -6.85 32.62
C ALA D 977 19.12 -5.68 33.60
N THR D 978 20.04 -5.65 34.57
CA THR D 978 19.98 -4.63 35.60
C THR D 978 20.42 -3.27 35.07
N CYS D 979 21.38 -3.23 34.13
CA CYS D 979 21.79 -1.95 33.56
C CYS D 979 20.73 -1.41 32.60
N TYR D 980 20.16 -2.27 31.76
CA TYR D 980 19.08 -1.83 30.88
C TYR D 980 17.87 -1.40 31.68
N GLY D 981 17.61 -2.05 32.81
CA GLY D 981 16.53 -1.64 33.68
C GLY D 981 15.18 -2.18 33.27
N ARG D 982 14.15 -1.37 33.47
CA ARG D 982 12.78 -1.81 33.23
C ARG D 982 12.49 -1.94 31.75
N SER D 983 11.79 -3.01 31.38
CA SER D 983 11.19 -3.12 30.06
C SER D 983 9.97 -2.22 29.97
N MET D 984 9.94 -1.36 28.96
CA MET D 984 8.87 -0.37 28.87
C MET D 984 7.50 -1.02 28.70
N ALA D 985 7.44 -2.12 27.94
CA ALA D 985 6.16 -2.78 27.69
C ALA D 985 5.64 -3.46 28.95
N THR D 986 6.47 -4.30 29.57
CA THR D 986 6.02 -5.11 30.70
C THR D 986 5.92 -4.32 31.99
N GLY D 987 6.70 -3.24 32.12
CA GLY D 987 6.77 -2.50 33.36
C GLY D 987 7.64 -3.11 34.43
N LYS D 988 8.11 -4.34 34.22
CA LYS D 988 9.02 -5.00 35.14
C LYS D 988 10.44 -4.98 34.58
N LEU D 989 11.38 -5.57 35.33
CA LEU D 989 12.75 -5.64 34.86
C LEU D 989 12.83 -6.50 33.60
N VAL D 990 13.66 -6.04 32.64
CA VAL D 990 13.70 -6.68 31.34
C VAL D 990 14.09 -8.14 31.48
N ASP D 991 13.38 -9.01 30.78
CA ASP D 991 13.67 -10.43 30.82
C ASP D 991 15.00 -10.73 30.11
N ILE D 992 15.57 -11.88 30.42
CA ILE D 992 16.87 -12.25 29.87
C ILE D 992 16.81 -12.35 28.36
N GLY D 993 15.95 -13.23 27.84
CA GLY D 993 15.92 -13.49 26.41
C GLY D 993 15.62 -12.27 25.55
N GLU D 994 15.11 -11.19 26.15
CA GLU D 994 14.70 -10.01 25.41
C GLU D 994 15.80 -9.51 24.47
N ALA D 995 15.41 -9.18 23.24
CA ALA D 995 16.32 -8.57 22.28
C ALA D 995 16.00 -7.08 22.26
N VAL D 996 16.84 -6.29 22.92
CA VAL D 996 16.53 -4.87 23.13
C VAL D 996 17.07 -4.00 22.02
N GLY D 997 17.94 -4.52 21.15
CA GLY D 997 18.42 -3.73 20.03
C GLY D 997 17.35 -3.53 18.99
N ILE D 998 16.58 -4.58 18.70
CA ILE D 998 15.50 -4.46 17.73
C ILE D 998 14.37 -3.62 18.28
N VAL D 999 14.05 -3.78 19.57
CA VAL D 999 13.08 -2.91 20.21
C VAL D 999 13.56 -1.46 20.18
N ALA D 1000 14.87 -1.25 20.29
CA ALA D 1000 15.41 0.11 20.26
C ALA D 1000 15.29 0.69 18.86
N ALA D 1001 15.68 -0.08 17.84
CA ALA D 1001 15.61 0.40 16.47
C ALA D 1001 14.17 0.71 16.08
N GLN D 1002 13.23 -0.18 16.41
CA GLN D 1002 11.83 0.06 16.12
C GLN D 1002 11.29 1.26 16.89
N SER D 1003 11.73 1.41 18.15
CA SER D 1003 11.25 2.52 18.97
C SER D 1003 11.75 3.86 18.44
N ILE D 1004 12.95 3.88 17.86
CA ILE D 1004 13.47 5.12 17.30
C ILE D 1004 12.86 5.40 15.92
N GLY D 1005 12.65 4.35 15.12
CA GLY D 1005 12.21 4.53 13.74
C GLY D 1005 10.72 4.69 13.56
N GLU D 1006 9.92 4.14 14.46
CA GLU D 1006 8.46 4.22 14.32
C GLU D 1006 7.97 5.66 14.31
N PRO D 1007 8.36 6.55 15.23
CA PRO D 1007 7.94 7.95 15.12
C PRO D 1007 8.61 8.71 13.97
N GLY D 1008 9.66 8.15 13.35
CA GLY D 1008 10.47 8.88 12.39
C GLY D 1008 9.71 9.54 11.25
N THR D 1009 8.51 9.06 10.94
CA THR D 1009 7.68 9.71 9.93
C THR D 1009 7.09 11.04 10.40
N GLN D 1010 7.25 11.38 11.68
CA GLN D 1010 6.80 12.66 12.20
C GLN D 1010 7.88 13.73 12.21
N LEU D 1011 9.11 13.39 11.81
CA LEU D 1011 10.23 14.31 11.92
C LEU D 1011 10.32 15.20 10.69
N THR D 1012 10.35 16.51 10.92
CA THR D 1012 10.44 17.48 9.83
C THR D 1012 11.67 18.36 9.99
N THR D 1026 21.87 20.92 10.89
CA THR D 1026 20.71 20.16 10.44
C THR D 1026 19.66 20.08 11.54
N GLY D 1027 18.40 20.36 11.21
CA GLY D 1027 17.37 20.40 12.24
C GLY D 1027 16.39 19.25 12.33
N GLY D 1028 16.31 18.42 11.29
CA GLY D 1028 15.26 17.42 11.19
C GLY D 1028 15.77 15.99 11.34
N LEU D 1029 15.01 15.06 10.77
CA LEU D 1029 15.46 13.68 10.64
C LEU D 1029 16.84 13.54 10.03
N PRO D 1030 17.24 14.32 9.01
CA PRO D 1030 18.63 14.26 8.55
C PRO D 1030 19.65 14.60 9.62
N ARG D 1031 19.26 15.32 10.67
CA ARG D 1031 20.15 15.52 11.80
C ARG D 1031 20.29 14.24 12.62
N VAL D 1032 19.18 13.50 12.79
CA VAL D 1032 19.24 12.21 13.45
C VAL D 1032 20.16 11.27 12.69
N GLN D 1033 20.01 11.22 11.37
CA GLN D 1033 20.92 10.40 10.57
C GLN D 1033 22.35 10.91 10.67
N GLU D 1034 22.52 12.24 10.74
CA GLU D 1034 23.86 12.81 10.86
C GLU D 1034 24.53 12.39 12.16
N LEU D 1035 23.75 12.25 13.23
CA LEU D 1035 24.30 11.82 14.51
C LEU D 1035 24.57 10.32 14.54
N PHE D 1036 23.60 9.51 14.08
CA PHE D 1036 23.77 8.06 14.10
C PHE D 1036 24.85 7.61 13.12
N GLU D 1037 25.12 8.39 12.08
CA GLU D 1037 26.16 8.05 11.13
C GLU D 1037 27.52 8.61 11.50
N ALA D 1038 27.59 9.37 12.61
CA ALA D 1038 28.84 9.94 13.11
C ALA D 1038 29.55 10.79 12.05
N ARG D 1039 28.78 11.45 11.20
CA ARG D 1039 29.36 12.32 10.18
C ARG D 1039 29.77 13.64 10.82
N VAL D 1040 30.87 14.21 10.33
CA VAL D 1040 31.28 15.55 10.74
C VAL D 1040 30.18 16.51 10.34
N PRO D 1041 29.54 17.19 11.30
CA PRO D 1041 28.31 17.92 10.99
C PRO D 1041 28.56 19.15 10.14
N ARG D 1042 27.51 19.56 9.42
CA ARG D 1042 27.53 20.82 8.70
C ARG D 1042 27.29 21.96 9.68
N GLY D 1043 28.03 23.05 9.50
CA GLY D 1043 28.03 24.12 10.48
C GLY D 1043 28.74 23.68 11.74
N LYS D 1044 29.96 23.17 11.59
CA LYS D 1044 30.69 22.59 12.72
C LYS D 1044 31.13 23.69 13.69
N ALA D 1045 30.94 23.41 14.98
CA ALA D 1045 31.37 24.31 16.05
C ALA D 1045 32.51 23.67 16.81
N PRO D 1046 33.72 24.24 16.80
CA PRO D 1046 34.85 23.61 17.49
C PRO D 1046 34.73 23.73 19.01
N ILE D 1047 35.51 22.91 19.69
CA ILE D 1047 35.57 22.92 21.15
C ILE D 1047 37.02 23.12 21.57
N ALA D 1048 37.20 23.49 22.84
CA ALA D 1048 38.52 23.76 23.37
C ALA D 1048 39.27 22.46 23.64
N ASP D 1049 40.49 22.36 23.12
CA ASP D 1049 41.27 21.14 23.32
C ASP D 1049 41.83 21.04 24.73
N VAL D 1050 42.05 22.17 25.40
CA VAL D 1050 42.63 22.18 26.74
C VAL D 1050 42.23 23.48 27.42
N THR D 1051 42.33 23.49 28.76
CA THR D 1051 42.02 24.69 29.53
C THR D 1051 43.11 25.75 29.33
N GLY D 1052 42.67 26.99 29.15
CA GLY D 1052 43.60 28.09 29.01
C GLY D 1052 42.88 29.37 28.68
N ARG D 1053 43.67 30.43 28.49
CA ARG D 1053 43.13 31.71 28.06
C ARG D 1053 42.89 31.69 26.55
N VAL D 1054 41.98 32.55 26.11
CA VAL D 1054 41.59 32.64 24.70
C VAL D 1054 41.96 34.02 24.17
N ARG D 1055 42.67 34.05 23.05
CA ARG D 1055 42.93 35.27 22.29
C ARG D 1055 41.99 35.26 21.09
N LEU D 1056 41.02 36.18 21.09
CA LEU D 1056 40.02 36.27 20.03
C LEU D 1056 40.47 37.33 19.03
N GLU D 1057 40.64 36.93 17.78
CA GLU D 1057 41.06 37.82 16.70
C GLU D 1057 39.83 38.27 15.92
N ASP D 1058 39.64 39.58 15.81
CA ASP D 1058 38.48 40.13 15.12
C ASP D 1058 38.82 40.39 13.67
N GLY D 1059 37.94 39.93 12.77
CA GLY D 1059 38.10 40.15 11.35
C GLY D 1059 36.76 40.17 10.66
N GLU D 1060 36.73 40.78 9.47
CA GLU D 1060 35.47 40.95 8.76
C GLU D 1060 34.96 39.61 8.22
N ARG D 1061 35.81 38.89 7.49
CA ARG D 1061 35.34 37.71 6.77
C ARG D 1061 35.06 36.54 7.73
N PHE D 1062 35.93 36.34 8.72
CA PHE D 1062 35.80 35.17 9.58
C PHE D 1062 36.48 35.46 10.92
N TYR D 1063 36.10 34.66 11.92
CA TYR D 1063 36.70 34.72 13.24
C TYR D 1063 37.93 33.82 13.29
N LYS D 1064 38.95 34.27 14.03
CA LYS D 1064 40.15 33.49 14.26
C LYS D 1064 40.39 33.42 15.77
N ILE D 1065 40.58 32.22 16.29
CA ILE D 1065 40.69 31.99 17.73
C ILE D 1065 42.02 31.31 18.02
N THR D 1066 42.75 31.82 19.00
CA THR D 1066 43.94 31.18 19.54
C THR D 1066 43.72 30.90 21.02
N ILE D 1067 44.44 29.93 21.55
CA ILE D 1067 44.32 29.55 22.96
C ILE D 1067 45.70 29.32 23.54
N VAL D 1068 45.99 29.98 24.65
CA VAL D 1068 47.24 29.79 25.40
C VAL D 1068 46.92 28.94 26.62
N PRO D 1069 47.38 27.69 26.69
CA PRO D 1069 47.03 26.83 27.82
C PRO D 1069 47.67 27.29 29.12
N ASP D 1070 47.02 26.94 30.23
CA ASP D 1070 47.49 27.29 31.55
C ASP D 1070 48.46 26.28 32.15
N ASP D 1071 48.61 25.10 31.53
CA ASP D 1071 49.52 24.09 32.03
C ASP D 1071 50.97 24.36 31.70
N GLY D 1072 51.25 25.32 30.82
CA GLY D 1072 52.59 25.59 30.35
C GLY D 1072 52.90 25.09 28.97
N GLY D 1073 51.97 24.37 28.34
CA GLY D 1073 52.19 23.86 27.00
C GLY D 1073 52.08 24.93 25.94
N GLU D 1074 52.30 24.50 24.69
CA GLU D 1074 52.26 25.41 23.56
C GLU D 1074 50.82 25.80 23.23
N GLU D 1075 50.69 26.93 22.54
CA GLU D 1075 49.38 27.48 22.24
C GLU D 1075 48.69 26.65 21.16
N VAL D 1076 47.42 26.32 21.40
CA VAL D 1076 46.59 25.64 20.41
C VAL D 1076 45.88 26.72 19.59
N VAL D 1077 46.20 26.78 18.30
CA VAL D 1077 45.72 27.84 17.43
C VAL D 1077 44.66 27.26 16.50
N TYR D 1078 43.41 27.67 16.71
CA TYR D 1078 42.34 27.38 15.77
C TYR D 1078 42.33 28.43 14.67
N ASP D 1079 41.45 28.27 13.70
CA ASP D 1079 41.29 29.23 12.62
C ASP D 1079 40.02 28.88 11.84
N LYS D 1080 39.73 29.67 10.81
CA LYS D 1080 38.68 29.39 9.84
C LYS D 1080 37.32 29.21 10.50
N ILE D 1081 36.91 30.20 11.28
CA ILE D 1081 35.58 30.27 11.86
C ILE D 1081 34.84 31.42 11.20
N SER D 1082 33.85 31.10 10.37
CA SER D 1082 33.17 32.10 9.56
C SER D 1082 32.41 33.09 10.44
N LYS D 1083 32.21 34.29 9.89
CA LYS D 1083 31.49 35.34 10.62
C LYS D 1083 30.01 35.05 10.75
N ARG D 1084 29.46 34.14 9.94
CA ARG D 1084 28.06 33.76 10.07
C ARG D 1084 27.81 32.93 11.33
N GLN D 1085 28.86 32.34 11.90
CA GLN D 1085 28.74 31.54 13.11
C GLN D 1085 28.81 32.45 14.33
N ARG D 1086 27.76 32.41 15.16
CA ARG D 1086 27.71 33.24 16.36
C ARG D 1086 28.60 32.65 17.46
N LEU D 1087 29.06 33.53 18.34
CA LEU D 1087 29.88 33.11 19.47
C LEU D 1087 29.01 32.42 20.53
N ARG D 1088 29.60 31.45 21.21
CA ARG D 1088 28.87 30.65 22.18
C ARG D 1088 28.61 31.45 23.45
N VAL D 1089 27.35 31.50 23.87
CA VAL D 1089 26.98 32.07 25.15
C VAL D 1089 26.94 30.95 26.18
N PHE D 1090 27.59 31.16 27.32
CA PHE D 1090 27.73 30.11 28.31
C PHE D 1090 28.11 30.73 29.65
N LYS D 1091 28.28 29.86 30.65
CA LYS D 1091 28.75 30.26 31.97
C LYS D 1091 30.27 30.12 31.99
N HIS D 1092 30.97 31.25 32.14
CA HIS D 1092 32.42 31.21 32.20
C HIS D 1092 32.87 30.72 33.59
N GLU D 1093 34.18 30.61 33.77
CA GLU D 1093 34.69 30.12 35.04
C GLU D 1093 34.56 31.17 36.15
N ASP D 1094 34.42 32.44 35.80
CA ASP D 1094 34.24 33.49 36.80
C ASP D 1094 32.80 33.58 37.30
N GLY D 1095 31.88 32.78 36.76
CA GLY D 1095 30.52 32.76 37.25
C GLY D 1095 29.59 33.76 36.61
N SER D 1096 29.87 34.19 35.38
CA SER D 1096 29.03 35.14 34.67
C SER D 1096 28.43 34.47 33.43
N GLU D 1097 27.22 34.88 33.09
CA GLU D 1097 26.52 34.38 31.90
C GLU D 1097 26.64 35.45 30.82
N ARG D 1098 27.43 35.16 29.79
CA ARG D 1098 27.69 36.15 28.75
C ARG D 1098 28.22 35.42 27.51
N VAL D 1099 28.44 36.19 26.45
CA VAL D 1099 28.99 35.66 25.22
C VAL D 1099 30.51 35.52 25.35
N LEU D 1100 31.08 34.62 24.56
CA LEU D 1100 32.53 34.49 24.51
C LEU D 1100 33.14 35.78 23.97
N SER D 1101 34.10 36.32 24.72
CA SER D 1101 34.72 37.60 24.39
C SER D 1101 36.24 37.43 24.42
N ASP D 1102 36.94 38.54 24.15
CA ASP D 1102 38.39 38.51 24.09
C ASP D 1102 38.98 38.31 25.49
N GLY D 1103 40.01 37.47 25.57
CA GLY D 1103 40.73 37.30 26.81
C GLY D 1103 39.99 36.55 27.90
N ASP D 1104 38.98 35.77 27.55
CA ASP D 1104 38.26 34.98 28.54
C ASP D 1104 39.13 33.81 29.02
N HIS D 1105 38.56 33.02 29.93
CA HIS D 1105 39.16 31.77 30.35
C HIS D 1105 38.21 30.64 29.99
N VAL D 1106 38.74 29.60 29.35
CA VAL D 1106 37.95 28.50 28.82
C VAL D 1106 38.44 27.20 29.46
N GLU D 1107 37.50 26.32 29.81
CA GLU D 1107 37.84 25.02 30.37
C GLU D 1107 37.97 23.99 29.25
N VAL D 1108 38.30 22.75 29.63
CA VAL D 1108 38.47 21.68 28.65
C VAL D 1108 37.10 21.30 28.08
N GLY D 1109 37.02 21.27 26.76
CA GLY D 1109 35.81 20.82 26.08
C GLY D 1109 34.71 21.85 25.96
N GLN D 1110 34.92 23.06 26.44
CA GLN D 1110 33.90 24.10 26.32
C GLN D 1110 33.69 24.44 24.85
N GLN D 1111 32.41 24.53 24.46
CA GLN D 1111 32.07 24.81 23.06
C GLN D 1111 32.41 26.26 22.74
N LEU D 1112 33.25 26.47 21.72
CA LEU D 1112 33.68 27.81 21.36
C LEU D 1112 32.61 28.56 20.56
N MET D 1113 31.98 27.88 19.61
CA MET D 1113 31.05 28.51 18.69
C MET D 1113 29.66 27.89 18.83
N GLU D 1114 28.66 28.64 18.41
CA GLU D 1114 27.29 28.14 18.37
C GLU D 1114 27.12 27.22 17.17
N GLY D 1115 26.48 26.09 17.39
CA GLY D 1115 26.28 25.11 16.35
C GLY D 1115 26.20 23.72 16.93
N SER D 1116 26.46 22.74 16.06
CA SER D 1116 26.50 21.33 16.44
C SER D 1116 27.95 20.88 16.52
N ALA D 1117 28.38 20.46 17.70
CA ALA D 1117 29.75 20.04 17.91
C ALA D 1117 30.03 18.74 17.15
N ASP D 1118 31.31 18.53 16.84
CA ASP D 1118 31.76 17.31 16.17
C ASP D 1118 31.98 16.22 17.22
N PRO D 1119 31.17 15.16 17.22
CA PRO D 1119 31.34 14.12 18.24
C PRO D 1119 32.68 13.41 18.17
N HIS D 1120 33.37 13.44 17.03
CA HIS D 1120 34.70 12.85 16.97
C HIS D 1120 35.69 13.63 17.82
N GLU D 1121 35.62 14.96 17.78
CA GLU D 1121 36.51 15.77 18.60
C GLU D 1121 36.20 15.61 20.09
N VAL D 1122 34.90 15.59 20.43
CA VAL D 1122 34.49 15.38 21.81
C VAL D 1122 35.01 14.05 22.34
N LEU D 1123 35.13 13.06 21.48
CA LEU D 1123 35.67 11.77 21.90
C LEU D 1123 37.14 11.90 22.30
N ARG D 1124 37.93 12.57 21.46
CA ARG D 1124 39.35 12.72 21.74
C ARG D 1124 39.57 13.57 22.98
N VAL D 1125 38.92 14.73 23.06
CA VAL D 1125 39.18 15.66 24.15
C VAL D 1125 38.58 15.16 25.45
N GLN D 1126 37.27 14.89 25.45
CA GLN D 1126 36.51 14.66 26.69
C GLN D 1126 36.33 13.20 27.04
N GLY D 1127 36.80 12.26 26.21
CA GLY D 1127 36.77 10.86 26.57
C GLY D 1127 35.57 10.11 26.03
N PRO D 1128 35.58 8.78 26.16
CA PRO D 1128 34.50 7.97 25.57
C PRO D 1128 33.16 8.13 26.27
N ARG D 1129 33.15 8.30 27.60
CA ARG D 1129 31.88 8.40 28.29
C ARG D 1129 31.16 9.71 28.03
N GLU D 1130 31.84 10.71 27.48
CA GLU D 1130 31.19 11.99 27.20
C GLU D 1130 30.43 11.98 25.89
N VAL D 1131 30.98 11.36 24.84
CA VAL D 1131 30.33 11.38 23.54
C VAL D 1131 29.03 10.59 23.57
N GLN D 1132 28.92 9.59 24.45
CA GLN D 1132 27.67 8.88 24.59
C GLN D 1132 26.56 9.82 25.09
N ILE D 1133 26.85 10.55 26.17
CA ILE D 1133 25.89 11.51 26.70
C ILE D 1133 25.56 12.58 25.65
N HIS D 1134 26.58 13.04 24.92
CA HIS D 1134 26.36 14.08 23.92
C HIS D 1134 25.44 13.59 22.80
N LEU D 1135 25.76 12.42 22.22
CA LEU D 1135 24.97 11.90 21.11
C LEU D 1135 23.55 11.60 21.54
N VAL D 1136 23.38 10.92 22.68
CA VAL D 1136 22.03 10.65 23.18
C VAL D 1136 21.27 11.96 23.39
N ARG D 1137 21.94 12.97 23.93
CA ARG D 1137 21.26 14.23 24.19
C ARG D 1137 20.86 14.92 22.90
N GLU D 1138 21.70 14.88 21.86
CA GLU D 1138 21.37 15.56 20.61
C GLU D 1138 20.24 14.86 19.87
N VAL D 1139 20.35 13.54 19.71
CA VAL D 1139 19.26 12.77 19.10
C VAL D 1139 17.96 13.05 19.85
N GLN D 1140 18.03 13.02 21.18
CA GLN D 1140 16.87 13.31 21.99
C GLN D 1140 16.39 14.75 21.80
N GLU D 1141 17.30 15.66 21.45
CA GLU D 1141 16.87 17.03 21.14
C GLU D 1141 16.01 17.05 19.90
N VAL D 1142 16.44 16.34 18.84
CA VAL D 1142 15.66 16.32 17.61
C VAL D 1142 14.30 15.65 17.85
N TYR D 1143 14.30 14.51 18.55
CA TYR D 1143 13.04 13.79 18.73
C TYR D 1143 12.11 14.51 19.71
N ARG D 1144 12.66 15.27 20.66
CA ARG D 1144 11.82 16.03 21.59
C ARG D 1144 11.27 17.30 20.97
N ALA D 1145 12.04 17.95 20.09
CA ALA D 1145 11.55 19.15 19.41
C ALA D 1145 10.31 18.86 18.56
N GLN D 1146 10.12 17.62 18.13
CA GLN D 1146 8.95 17.23 17.38
C GLN D 1146 7.84 16.64 18.24
N GLY D 1147 8.02 16.59 19.56
CA GLY D 1147 6.99 16.09 20.44
C GLY D 1147 6.90 14.59 20.56
N VAL D 1148 7.96 13.87 20.20
CA VAL D 1148 8.00 12.42 20.27
C VAL D 1148 8.75 12.00 21.53
N SER D 1149 8.16 11.08 22.30
CA SER D 1149 8.74 10.64 23.56
C SER D 1149 9.40 9.28 23.36
N ILE D 1150 10.73 9.26 23.40
CA ILE D 1150 11.52 8.04 23.34
C ILE D 1150 12.44 8.03 24.55
N HIS D 1151 12.47 6.90 25.26
CA HIS D 1151 13.31 6.81 26.44
C HIS D 1151 14.78 6.71 26.07
N ASP D 1152 15.64 7.20 26.95
CA ASP D 1152 17.06 7.32 26.64
C ASP D 1152 17.71 5.97 26.38
N LYS D 1153 17.27 4.91 27.08
CA LYS D 1153 17.94 3.63 26.97
C LYS D 1153 17.93 3.10 25.53
N HIS D 1154 16.83 3.33 24.82
CA HIS D 1154 16.73 2.88 23.42
C HIS D 1154 17.84 3.52 22.58
N ILE D 1155 18.06 4.82 22.75
CA ILE D 1155 19.15 5.49 22.05
C ILE D 1155 20.49 4.98 22.55
N GLU D 1156 20.57 4.64 23.83
CA GLU D 1156 21.81 4.17 24.44
C GLU D 1156 22.24 2.81 23.89
N VAL D 1157 21.30 2.00 23.41
CA VAL D 1157 21.70 0.74 22.77
C VAL D 1157 22.47 1.02 21.49
N ILE D 1158 21.95 1.92 20.64
CA ILE D 1158 22.62 2.27 19.39
C ILE D 1158 23.96 2.93 19.69
N VAL D 1159 23.95 3.95 20.55
CA VAL D 1159 25.18 4.67 20.87
C VAL D 1159 26.22 3.72 21.43
N ARG D 1160 25.79 2.80 22.30
CA ARG D 1160 26.69 1.76 22.78
C ARG D 1160 27.26 0.94 21.63
N GLN D 1161 26.44 0.63 20.63
CA GLN D 1161 26.97 -0.08 19.47
C GLN D 1161 27.94 0.77 18.66
N MET D 1162 27.95 2.09 18.86
CA MET D 1162 28.88 2.93 18.10
C MET D 1162 30.30 2.94 18.65
N LEU D 1163 30.48 2.74 19.96
CA LEU D 1163 31.78 2.85 20.61
C LEU D 1163 32.50 1.52 20.79
N ARG D 1164 31.96 0.42 20.26
CA ARG D 1164 32.43 -0.91 20.62
C ARG D 1164 33.87 -1.21 20.22
N ARG D 1165 34.51 -0.39 19.39
CA ARG D 1165 35.81 -0.75 18.81
C ARG D 1165 36.81 0.37 18.99
N VAL D 1166 38.08 0.03 18.73
CA VAL D 1166 39.21 0.93 18.88
C VAL D 1166 40.11 0.83 17.66
N THR D 1167 40.93 1.87 17.46
CA THR D 1167 41.91 1.94 16.38
C THR D 1167 43.28 1.53 16.91
N ILE D 1168 43.99 0.73 16.12
CA ILE D 1168 45.36 0.35 16.44
C ILE D 1168 46.29 1.33 15.73
N ILE D 1169 46.92 2.20 16.51
CA ILE D 1169 47.92 3.09 15.94
C ILE D 1169 49.28 2.40 15.83
N ASP D 1170 49.65 1.65 16.87
CA ASP D 1170 50.93 0.95 16.92
C ASP D 1170 50.67 -0.52 17.21
N SER D 1171 51.16 -1.40 16.32
CA SER D 1171 50.98 -2.83 16.52
C SER D 1171 51.68 -3.30 17.79
N GLY D 1172 52.95 -2.94 17.94
CA GLY D 1172 53.69 -3.37 19.11
C GLY D 1172 53.97 -4.85 19.05
N SER D 1173 53.71 -5.54 20.16
CA SER D 1173 53.99 -6.97 20.25
C SER D 1173 52.91 -7.81 19.58
N THR D 1174 51.68 -7.32 19.49
CA THR D 1174 50.57 -8.12 19.01
C THR D 1174 50.51 -8.12 17.48
N GLU D 1175 49.53 -8.86 16.95
CA GLU D 1175 49.40 -9.07 15.50
C GLU D 1175 48.44 -8.10 14.84
N PHE D 1176 47.88 -7.15 15.58
CA PHE D 1176 46.94 -6.20 14.99
C PHE D 1176 47.65 -5.26 14.03
N LEU D 1177 47.01 -5.02 12.88
CA LEU D 1177 47.56 -4.12 11.88
C LEU D 1177 47.25 -2.66 12.24
N PRO D 1178 48.15 -1.74 11.90
CA PRO D 1178 47.91 -0.33 12.23
C PRO D 1178 46.74 0.24 11.45
N GLY D 1179 46.02 1.17 12.09
CA GLY D 1179 44.84 1.77 11.51
C GLY D 1179 43.61 0.89 11.48
N SER D 1180 43.73 -0.38 11.86
CA SER D 1180 42.59 -1.29 11.85
C SER D 1180 41.69 -1.06 13.05
N LEU D 1181 40.43 -1.43 12.90
CA LEU D 1181 39.39 -1.23 13.92
C LEU D 1181 39.07 -2.58 14.54
N ILE D 1182 39.46 -2.77 15.80
CA ILE D 1182 39.31 -4.05 16.50
C ILE D 1182 38.38 -3.86 17.68
N ASP D 1183 37.53 -4.85 17.93
CA ASP D 1183 36.60 -4.81 19.04
C ASP D 1183 37.34 -4.64 20.36
N ARG D 1184 36.68 -3.98 21.32
CA ARG D 1184 37.32 -3.69 22.60
C ARG D 1184 37.64 -4.96 23.39
N ALA D 1185 36.84 -6.02 23.22
CA ALA D 1185 37.09 -7.25 23.95
C ALA D 1185 38.29 -8.01 23.40
N GLU D 1186 38.39 -8.11 22.07
CA GLU D 1186 39.55 -8.75 21.46
C GLU D 1186 40.82 -7.96 21.72
N PHE D 1187 40.72 -6.63 21.69
CA PHE D 1187 41.91 -5.79 21.89
C PHE D 1187 42.48 -5.96 23.29
N GLU D 1188 41.62 -6.03 24.30
CA GLU D 1188 42.10 -6.15 25.68
C GLU D 1188 42.53 -7.57 26.02
N ALA D 1189 41.89 -8.58 25.44
CA ALA D 1189 42.28 -9.96 25.73
C ALA D 1189 43.58 -10.33 25.02
N GLU D 1190 43.72 -9.93 23.75
CA GLU D 1190 44.93 -10.23 23.00
C GLU D 1190 46.14 -9.43 23.48
N ASN D 1191 45.93 -8.37 24.26
CA ASN D 1191 47.02 -7.55 24.77
C ASN D 1191 47.91 -8.33 25.75
N ALA D 1202 49.58 -2.87 20.48
CA ALA D 1202 49.19 -2.69 21.87
C ALA D 1202 48.60 -1.30 22.11
N ALA D 1203 48.86 -0.39 21.19
CA ALA D 1203 48.40 0.99 21.29
C ALA D 1203 47.13 1.17 20.45
N GLY D 1204 46.06 1.62 21.09
CA GLY D 1204 44.81 1.87 20.39
C GLY D 1204 44.01 2.93 21.10
N ARG D 1205 43.15 3.59 20.34
CA ARG D 1205 42.34 4.69 20.83
C ARG D 1205 40.87 4.44 20.55
N PRO D 1206 39.98 4.86 21.45
CA PRO D 1206 38.54 4.69 21.20
C PRO D 1206 38.11 5.39 19.92
N VAL D 1207 37.20 4.74 19.19
CA VAL D 1207 36.73 5.24 17.90
C VAL D 1207 35.22 5.32 17.93
N LEU D 1208 34.68 6.40 17.37
CA LEU D 1208 33.26 6.54 17.13
C LEU D 1208 32.96 6.17 15.68
N MET D 1209 32.00 5.27 15.47
CA MET D 1209 31.64 4.79 14.16
C MET D 1209 30.18 5.05 13.86
N GLY D 1210 29.89 5.32 12.59
CA GLY D 1210 28.51 5.34 12.15
C GLY D 1210 27.92 3.95 12.17
N ILE D 1211 26.59 3.89 12.34
CA ILE D 1211 25.92 2.60 12.46
C ILE D 1211 26.12 1.75 11.21
N THR D 1212 26.23 2.39 10.05
CA THR D 1212 26.49 1.63 8.82
C THR D 1212 27.90 1.06 8.81
N LYS D 1213 28.90 1.91 9.04
CA LYS D 1213 30.28 1.44 9.09
C LYS D 1213 30.47 0.35 10.15
N ALA D 1214 29.87 0.54 11.32
CA ALA D 1214 29.96 -0.47 12.38
C ALA D 1214 29.21 -1.74 11.99
N SER D 1215 28.15 -1.62 11.19
CA SER D 1215 27.43 -2.81 10.74
C SER D 1215 28.28 -3.62 9.76
N LEU D 1216 28.88 -2.95 8.77
CA LEU D 1216 29.70 -3.65 7.78
C LEU D 1216 30.92 -4.31 8.40
N ALA D 1217 31.31 -3.91 9.60
CA ALA D 1217 32.48 -4.43 10.28
C ALA D 1217 32.17 -5.65 11.14
N THR D 1218 30.94 -6.15 11.11
CA THR D 1218 30.57 -7.29 11.92
C THR D 1218 31.35 -8.54 11.49
N ASP D 1219 31.48 -9.49 12.42
CA ASP D 1219 32.23 -10.71 12.17
C ASP D 1219 31.49 -11.67 11.25
N SER D 1220 30.23 -11.38 10.90
CA SER D 1220 29.42 -12.27 10.08
C SER D 1220 29.39 -11.73 8.65
N TRP D 1221 29.94 -12.50 7.71
CA TRP D 1221 29.89 -12.09 6.31
C TRP D 1221 28.52 -12.36 5.71
N LEU D 1222 27.83 -13.40 6.17
CA LEU D 1222 26.48 -13.65 5.70
C LEU D 1222 25.54 -12.52 6.10
N SER D 1223 25.67 -12.02 7.33
CA SER D 1223 24.86 -10.90 7.77
C SER D 1223 25.24 -9.62 7.04
N ALA D 1224 26.55 -9.38 6.87
CA ALA D 1224 26.98 -8.16 6.19
C ALA D 1224 26.58 -8.16 4.73
N ALA D 1225 26.48 -9.34 4.11
CA ALA D 1225 26.12 -9.41 2.70
C ALA D 1225 24.65 -9.10 2.46
N SER D 1226 23.80 -9.36 3.45
CA SER D 1226 22.37 -9.11 3.34
C SER D 1226 21.98 -7.68 3.71
N PHE D 1227 22.95 -6.84 4.05
CA PHE D 1227 22.65 -5.47 4.47
C PHE D 1227 22.89 -4.49 3.33
N GLN D 1228 24.16 -4.22 3.02
CA GLN D 1228 24.50 -3.33 1.92
C GLN D 1228 25.80 -3.81 1.29
N GLU D 1229 26.04 -3.36 0.06
CA GLU D 1229 27.29 -3.62 -0.67
C GLU D 1229 27.59 -5.11 -0.74
N THR D 1230 26.60 -5.87 -1.21
CA THR D 1230 26.71 -7.33 -1.20
C THR D 1230 27.91 -7.81 -2.00
N THR D 1231 28.12 -7.25 -3.19
CA THR D 1231 29.23 -7.69 -4.04
C THR D 1231 30.57 -7.53 -3.32
N ARG D 1232 30.83 -6.34 -2.77
CA ARG D 1232 32.08 -6.10 -2.06
C ARG D 1232 32.25 -7.07 -0.91
N VAL D 1233 31.21 -7.22 -0.07
CA VAL D 1233 31.29 -8.10 1.08
C VAL D 1233 31.64 -9.52 0.65
N LEU D 1234 31.02 -10.01 -0.43
CA LEU D 1234 31.28 -11.38 -0.86
C LEU D 1234 32.67 -11.53 -1.49
N THR D 1235 33.17 -10.50 -2.18
CA THR D 1235 34.52 -10.57 -2.72
C THR D 1235 35.55 -10.61 -1.59
N ASP D 1236 35.45 -9.67 -0.64
CA ASP D 1236 36.38 -9.66 0.49
C ASP D 1236 36.29 -10.95 1.29
N ALA D 1237 35.08 -11.41 1.57
CA ALA D 1237 34.91 -12.64 2.32
C ALA D 1237 35.49 -13.84 1.57
N ALA D 1238 35.40 -13.83 0.24
CA ALA D 1238 35.96 -14.94 -0.54
C ALA D 1238 37.48 -14.92 -0.53
N ILE D 1239 38.08 -13.74 -0.75
CA ILE D 1239 39.53 -13.65 -0.76
C ILE D 1239 40.11 -13.94 0.62
N ASN D 1240 39.44 -13.47 1.68
CA ASN D 1240 39.91 -13.71 3.03
C ASN D 1240 39.49 -15.07 3.58
N CYS D 1241 38.75 -15.86 2.80
CA CYS D 1241 38.31 -17.20 3.20
C CYS D 1241 37.62 -17.17 4.56
N ARG D 1242 36.72 -16.21 4.73
CA ARG D 1242 36.06 -16.01 6.00
C ARG D 1242 35.10 -17.16 6.32
N SER D 1243 34.98 -17.46 7.61
CA SER D 1243 34.08 -18.50 8.11
C SER D 1243 33.08 -17.84 9.05
N ASP D 1244 31.82 -17.82 8.64
CA ASP D 1244 30.76 -17.20 9.44
C ASP D 1244 30.36 -18.13 10.57
N LYS D 1245 30.47 -17.67 11.81
CA LYS D 1245 30.21 -18.51 12.97
C LYS D 1245 28.75 -18.94 13.09
N LEU D 1246 27.85 -18.37 12.28
CA LEU D 1246 26.42 -18.71 12.27
C LEU D 1246 25.77 -18.53 13.63
N ASN D 1247 26.17 -17.51 14.39
CA ASN D 1247 25.49 -17.16 15.63
C ASN D 1247 25.01 -15.72 15.51
N GLY D 1248 23.70 -15.55 15.38
CA GLY D 1248 23.06 -14.25 15.31
C GLY D 1248 21.64 -14.46 14.84
N LEU D 1249 20.75 -13.49 15.04
CA LEU D 1249 19.37 -13.76 14.70
C LEU D 1249 19.06 -13.51 13.22
N LYS D 1250 19.93 -12.79 12.51
CA LYS D 1250 19.76 -12.71 11.06
C LYS D 1250 20.31 -13.95 10.37
N GLU D 1251 21.47 -14.44 10.83
CA GLU D 1251 22.05 -15.64 10.24
C GLU D 1251 21.19 -16.87 10.51
N ASN D 1252 20.68 -16.99 11.73
CA ASN D 1252 19.85 -18.15 12.07
C ASN D 1252 18.53 -18.14 11.31
N VAL D 1253 17.98 -16.95 11.02
CA VAL D 1253 16.76 -16.88 10.21
C VAL D 1253 17.02 -17.41 8.81
N ILE D 1254 18.18 -17.07 8.25
CA ILE D 1254 18.48 -17.45 6.86
C ILE D 1254 18.53 -18.97 6.72
N ILE D 1255 19.18 -19.65 7.66
CA ILE D 1255 19.34 -21.11 7.58
C ILE D 1255 18.22 -21.86 8.27
N GLY D 1256 17.23 -21.16 8.83
CA GLY D 1256 16.09 -21.84 9.41
C GLY D 1256 16.29 -22.34 10.82
N LYS D 1257 17.18 -21.72 11.58
CA LYS D 1257 17.45 -22.11 12.95
C LYS D 1257 16.80 -21.13 13.91
N LEU D 1258 16.40 -21.63 15.08
CA LEU D 1258 15.82 -20.77 16.12
C LEU D 1258 16.74 -19.60 16.40
N ILE D 1259 16.18 -18.40 16.42
CA ILE D 1259 17.01 -17.22 16.68
C ILE D 1259 17.55 -17.29 18.11
N PRO D 1260 18.79 -16.83 18.36
CA PRO D 1260 19.36 -16.86 19.71
C PRO D 1260 18.84 -15.74 20.61
N ALA D 1261 17.51 -15.64 20.71
CA ALA D 1261 16.90 -14.61 21.53
C ALA D 1261 15.50 -15.08 21.90
N GLY D 1262 14.97 -14.50 22.98
CA GLY D 1262 13.66 -14.89 23.45
C GLY D 1262 13.64 -16.36 23.81
N THR D 1263 12.68 -17.09 23.26
CA THR D 1263 12.55 -18.52 23.54
C THR D 1263 13.65 -19.36 22.91
N GLY D 1264 14.54 -18.76 22.11
CA GLY D 1264 15.55 -19.52 21.39
C GLY D 1264 16.88 -19.71 22.10
N ILE D 1265 17.13 -18.92 23.15
CA ILE D 1265 18.39 -19.07 23.87
C ILE D 1265 18.39 -20.41 24.61
N ASN D 1266 19.59 -20.91 24.88
CA ASN D 1266 19.74 -22.28 25.38
C ASN D 1266 19.11 -22.47 26.75
N ARG D 1267 19.06 -21.41 27.57
CA ARG D 1267 18.43 -21.51 28.89
C ARG D 1267 16.97 -21.94 28.77
N TYR D 1268 16.19 -21.20 27.98
CA TYR D 1268 14.77 -21.51 27.82
C TYR D 1268 14.54 -22.67 26.87
N ARG D 1269 15.42 -22.86 25.89
CA ARG D 1269 15.15 -23.82 24.82
C ARG D 1269 15.10 -25.26 25.34
N ASN D 1270 16.17 -25.70 26.00
CA ASN D 1270 16.26 -27.06 26.52
C ASN D 1270 15.85 -27.04 27.99
N ILE D 1271 14.70 -27.65 28.29
CA ILE D 1271 14.13 -27.62 29.63
C ILE D 1271 13.41 -28.93 29.88
N ALA D 1272 13.53 -29.45 31.10
CA ALA D 1272 12.84 -30.66 31.53
C ALA D 1272 11.55 -30.29 32.24
N VAL D 1273 10.44 -30.88 31.80
CA VAL D 1273 9.13 -30.64 32.38
C VAL D 1273 8.49 -31.99 32.70
N GLN D 1274 8.24 -32.23 33.98
CA GLN D 1274 7.60 -33.45 34.43
C GLN D 1274 6.67 -33.11 35.59
N PRO D 1275 5.54 -33.81 35.71
CA PRO D 1275 4.65 -33.56 36.84
C PRO D 1275 5.26 -34.00 38.16
N THR D 1276 4.83 -33.36 39.23
CA THR D 1276 5.24 -33.74 40.57
C THR D 1276 4.56 -35.04 40.99
N GLU D 1277 5.14 -35.68 42.01
CA GLU D 1277 4.56 -36.91 42.53
C GLU D 1277 3.18 -36.67 43.13
N GLU D 1278 3.01 -35.55 43.83
CA GLU D 1278 1.72 -35.24 44.45
C GLU D 1278 0.63 -35.09 43.40
N ALA D 1279 0.95 -34.46 42.27
CA ALA D 1279 -0.05 -34.27 41.22
C ALA D 1279 -0.35 -35.58 40.51
N ARG D 1280 0.67 -36.42 40.29
CA ARG D 1280 0.43 -37.73 39.69
C ARG D 1280 -0.40 -38.61 40.60
N ALA D 1281 -0.27 -38.44 41.92
CA ALA D 1281 -1.09 -39.19 42.86
C ALA D 1281 -2.56 -38.83 42.72
N ALA D 1282 -2.87 -37.54 42.58
CA ALA D 1282 -4.25 -37.10 42.42
C ALA D 1282 -4.63 -37.04 40.94
N GLY E 27 -7.16 -10.97 42.45
CA GLY E 27 -8.55 -11.28 42.75
C GLY E 27 -9.49 -10.11 42.52
N GLY E 28 -9.01 -9.12 41.77
CA GLY E 28 -9.80 -7.94 41.47
C GLY E 28 -10.36 -7.92 40.06
N TYR E 29 -10.45 -9.09 39.44
CA TYR E 29 -10.87 -9.21 38.05
C TYR E 29 -12.16 -10.03 37.96
N ASP E 30 -12.96 -9.74 36.94
CA ASP E 30 -14.10 -10.57 36.62
C ASP E 30 -13.64 -11.92 36.09
N THR E 31 -14.55 -12.90 36.12
CA THR E 31 -14.23 -14.24 35.67
C THR E 31 -13.68 -14.18 34.24
N PRO E 32 -12.45 -14.64 34.00
CA PRO E 32 -11.82 -14.42 32.70
C PRO E 32 -12.54 -15.15 31.58
N LEU E 33 -12.29 -14.67 30.35
CA LEU E 33 -12.92 -15.20 29.14
C LEU E 33 -11.85 -15.69 28.19
N GLY E 34 -12.01 -16.92 27.70
CA GLY E 34 -11.13 -17.42 26.65
C GLY E 34 -9.68 -17.47 27.07
N ILE E 35 -8.80 -17.04 26.17
CA ILE E 35 -7.36 -17.25 26.28
C ILE E 35 -6.76 -16.62 27.54
N THR E 36 -7.48 -15.75 28.21
CA THR E 36 -6.99 -15.14 29.44
C THR E 36 -7.34 -15.96 30.67
N ASN E 37 -7.87 -17.20 30.50
CA ASN E 37 -8.48 -17.98 31.58
C ASN E 37 -7.61 -18.04 32.83
N PRO E 38 -6.37 -18.53 32.81
CA PRO E 38 -5.48 -18.21 33.92
C PRO E 38 -4.98 -16.79 33.77
N PRO E 39 -5.03 -15.99 34.83
CA PRO E 39 -4.47 -14.64 34.76
C PRO E 39 -2.99 -14.70 34.39
N ILE E 40 -2.60 -13.84 33.44
CA ILE E 40 -1.21 -13.84 32.98
C ILE E 40 -0.26 -13.53 34.13
N ASP E 41 -0.70 -12.69 35.08
CA ASP E 41 0.14 -12.38 36.24
C ASP E 41 0.37 -13.61 37.10
N GLU E 42 -0.69 -14.40 37.35
CA GLU E 42 -0.55 -15.57 38.20
C GLU E 42 0.29 -16.65 37.53
N LEU E 43 0.17 -16.78 36.20
CA LEU E 43 1.05 -17.69 35.47
C LEU E 43 2.50 -17.22 35.51
N LEU E 44 2.72 -15.90 35.58
CA LEU E 44 4.08 -15.36 35.65
C LEU E 44 4.68 -15.45 37.04
N ASP E 45 3.91 -15.86 38.05
CA ASP E 45 4.49 -16.05 39.38
C ASP E 45 5.23 -17.38 39.47
N ARG E 46 4.73 -18.41 38.78
CA ARG E 46 5.37 -19.72 38.82
C ARG E 46 6.65 -19.77 38.00
N VAL E 47 6.88 -18.78 37.14
CA VAL E 47 7.99 -18.80 36.20
C VAL E 47 8.75 -17.48 36.29
N SER E 48 10.04 -17.52 36.00
CA SER E 48 10.87 -16.33 36.08
C SER E 48 10.53 -15.34 34.98
N SER E 49 10.39 -15.81 33.75
CA SER E 49 10.16 -14.94 32.60
C SER E 49 9.07 -15.52 31.71
N LYS E 50 8.62 -14.69 30.77
CA LYS E 50 7.56 -15.09 29.85
C LYS E 50 8.00 -16.21 28.92
N TYR E 51 9.26 -16.17 28.47
CA TYR E 51 9.74 -17.15 27.50
C TYR E 51 9.81 -18.54 28.12
N ALA E 52 10.30 -18.64 29.35
CA ALA E 52 10.35 -19.94 30.03
C ALA E 52 8.95 -20.49 30.24
N LEU E 53 7.98 -19.62 30.56
CA LEU E 53 6.60 -20.06 30.64
C LEU E 53 6.12 -20.60 29.30
N VAL E 54 6.54 -19.96 28.20
CA VAL E 54 6.19 -20.45 26.87
C VAL E 54 6.71 -21.87 26.67
N ILE E 55 7.97 -22.11 27.01
CA ILE E 55 8.54 -23.44 26.77
C ILE E 55 7.90 -24.48 27.69
N TYR E 56 7.65 -24.13 28.95
CA TYR E 56 6.98 -25.04 29.86
C TYR E 56 5.64 -25.47 29.31
N ALA E 57 4.78 -24.49 28.98
CA ALA E 57 3.44 -24.81 28.50
C ALA E 57 3.50 -25.58 27.19
N ALA E 58 4.46 -25.25 26.33
CA ALA E 58 4.57 -25.94 25.05
C ALA E 58 4.95 -27.40 25.23
N LYS E 59 6.01 -27.67 25.99
CA LYS E 59 6.45 -29.05 26.17
C LYS E 59 5.39 -29.87 26.91
N ARG E 60 4.78 -29.30 27.95
CA ARG E 60 3.71 -30.02 28.65
C ARG E 60 2.55 -30.30 27.71
N ALA E 61 2.22 -29.34 26.84
CA ALA E 61 1.16 -29.57 25.86
C ALA E 61 1.50 -30.72 24.93
N ARG E 62 2.77 -30.80 24.52
CA ARG E 62 3.19 -31.92 23.68
C ARG E 62 3.07 -33.25 24.41
N GLN E 63 3.39 -33.27 25.70
CA GLN E 63 3.21 -34.48 26.50
C GLN E 63 1.74 -34.88 26.56
N ILE E 64 0.86 -33.92 26.87
CA ILE E 64 -0.56 -34.20 26.98
C ILE E 64 -1.11 -34.73 25.67
N ASN E 65 -0.65 -34.17 24.54
CA ASN E 65 -1.11 -34.66 23.25
C ASN E 65 -0.55 -36.04 22.93
N ASP E 66 0.65 -36.36 23.46
CA ASP E 66 1.17 -37.71 23.29
C ASP E 66 0.40 -38.71 24.15
N TYR E 67 -0.16 -38.26 25.28
CA TYR E 67 -0.94 -39.15 26.12
C TYR E 67 -2.22 -39.60 25.42
N TYR E 68 -2.87 -38.70 24.69
CA TYR E 68 -4.12 -39.03 24.00
C TYR E 68 -3.91 -39.86 22.75
N ASN E 69 -2.69 -39.89 22.20
CA ASN E 69 -2.44 -40.71 21.02
C ASN E 69 -2.24 -42.18 21.38
N GLN E 70 -1.74 -42.47 22.57
CA GLN E 70 -1.57 -43.84 23.03
C GLN E 70 -2.77 -44.36 23.81
N LEU E 71 -3.71 -43.51 24.17
CA LEU E 71 -4.89 -43.92 24.94
C LEU E 71 -6.13 -43.17 24.50
N TYR E 78 4.54 -41.14 29.05
CA TYR E 78 3.26 -40.44 28.92
C TYR E 78 2.61 -40.21 30.28
N VAL E 79 2.04 -39.03 30.46
CA VAL E 79 1.33 -38.66 31.69
C VAL E 79 0.01 -37.99 31.31
N GLY E 80 -1.08 -38.49 31.84
CA GLY E 80 -2.38 -37.92 31.58
C GLY E 80 -2.54 -36.53 32.17
N PRO E 81 -3.63 -35.85 31.83
CA PRO E 81 -3.88 -34.52 32.41
C PRO E 81 -4.06 -34.60 33.92
N LEU E 82 -3.40 -33.68 34.63
CA LEU E 82 -3.50 -33.60 36.08
C LEU E 82 -4.67 -32.74 36.54
N VAL E 83 -5.45 -32.20 35.60
CA VAL E 83 -6.64 -31.42 35.89
C VAL E 83 -7.77 -31.96 35.02
N GLU E 84 -8.97 -32.02 35.58
CA GLU E 84 -10.12 -32.54 34.84
C GLU E 84 -10.30 -31.72 33.56
N PRO E 85 -10.16 -32.33 32.39
CA PRO E 85 -10.20 -31.54 31.15
C PRO E 85 -11.61 -31.11 30.80
N GLY E 86 -11.69 -29.98 30.11
CA GLY E 86 -12.96 -29.56 29.54
C GLY E 86 -13.42 -30.53 28.47
N LEU E 87 -14.65 -30.31 27.99
CA LEU E 87 -15.26 -31.16 26.97
C LEU E 87 -14.28 -31.40 25.82
N GLN E 88 -14.00 -30.36 25.06
CA GLN E 88 -12.86 -30.34 24.15
C GLN E 88 -11.99 -29.16 24.55
N GLU E 89 -10.81 -29.43 25.11
CA GLU E 89 -9.90 -28.39 25.56
C GLU E 89 -8.54 -28.64 24.95
N LYS E 90 -7.96 -27.59 24.38
CA LYS E 90 -6.66 -27.72 23.76
C LYS E 90 -5.61 -28.08 24.82
N PRO E 91 -4.70 -29.01 24.53
CA PRO E 91 -3.68 -29.40 25.52
C PRO E 91 -2.87 -28.24 26.05
N LEU E 92 -2.76 -27.14 25.30
CA LEU E 92 -2.05 -25.97 25.80
C LEU E 92 -2.81 -25.28 26.91
N SER E 93 -4.15 -25.28 26.84
CA SER E 93 -4.95 -24.73 27.93
C SER E 93 -4.85 -25.58 29.18
N ILE E 94 -4.95 -26.91 29.01
CA ILE E 94 -4.75 -27.82 30.14
C ILE E 94 -3.38 -27.60 30.75
N ALA E 95 -2.35 -27.44 29.92
CA ALA E 95 -1.01 -27.22 30.43
C ALA E 95 -0.92 -25.91 31.21
N LEU E 96 -1.52 -24.85 30.70
CA LEU E 96 -1.48 -23.57 31.42
C LEU E 96 -2.23 -23.65 32.74
N ARG E 97 -3.32 -24.41 32.79
CA ARG E 97 -4.03 -24.61 34.05
C ARG E 97 -3.18 -25.41 35.03
N GLU E 98 -2.49 -26.45 34.55
CA GLU E 98 -1.61 -27.23 35.42
C GLU E 98 -0.48 -26.38 35.97
N ILE E 99 0.12 -25.52 35.14
CA ILE E 99 1.15 -24.60 35.64
C ILE E 99 0.55 -23.62 36.64
N HIS E 100 -0.71 -23.21 36.43
CA HIS E 100 -1.36 -22.33 37.38
C HIS E 100 -1.56 -23.00 38.73
N ALA E 101 -1.82 -24.30 38.73
CA ALA E 101 -2.09 -25.07 39.94
C ALA E 101 -0.82 -25.66 40.56
N ASP E 102 0.35 -25.37 40.01
CA ASP E 102 1.63 -25.83 40.55
C ASP E 102 1.73 -27.35 40.55
N LEU E 103 1.16 -27.98 39.53
CA LEU E 103 1.19 -29.43 39.39
C LEU E 103 2.39 -29.93 38.60
N LEU E 104 3.24 -29.05 38.13
CA LEU E 104 4.41 -29.40 37.33
C LEU E 104 5.65 -28.74 37.90
N GLU E 105 6.74 -29.49 37.94
CA GLU E 105 8.04 -28.95 38.31
C GLU E 105 8.86 -28.70 37.06
N HIS E 106 9.50 -27.54 37.00
CA HIS E 106 10.19 -27.10 35.80
C HIS E 106 11.64 -26.76 36.14
N THR E 107 12.55 -27.20 35.29
CA THR E 107 13.99 -27.02 35.50
C THR E 107 14.57 -26.20 34.34
N GLU E 108 15.20 -25.08 34.68
CA GLU E 108 15.86 -24.26 33.66
C GLU E 108 17.30 -24.73 33.43
N ASP F 24 49.32 -19.96 -51.93
CA ASP F 24 48.17 -19.10 -51.71
C ASP F 24 48.00 -18.76 -50.23
N GLU F 25 49.05 -18.98 -49.45
CA GLU F 25 49.04 -18.52 -48.07
C GLU F 25 49.15 -17.00 -48.01
N GLU F 26 50.03 -16.41 -48.82
CA GLU F 26 50.12 -14.96 -48.92
C GLU F 26 48.77 -14.33 -49.25
N LEU F 27 47.96 -15.01 -50.06
CA LEU F 27 46.61 -14.54 -50.34
C LEU F 27 45.84 -14.27 -49.05
N THR F 28 45.88 -15.23 -48.11
CA THR F 28 45.26 -15.01 -46.80
C THR F 28 45.79 -13.73 -46.17
N ALA F 29 47.11 -13.54 -46.21
CA ALA F 29 47.70 -12.30 -45.70
C ALA F 29 47.08 -11.09 -46.39
N ARG F 30 46.98 -11.13 -47.72
CA ARG F 30 46.29 -10.07 -48.44
C ARG F 30 44.90 -9.86 -47.86
N PHE F 31 44.16 -10.96 -47.68
CA PHE F 31 42.86 -10.92 -47.02
C PHE F 31 42.96 -10.01 -45.81
N GLU F 32 43.85 -10.38 -44.89
CA GLU F 32 44.03 -9.68 -43.64
C GLU F 32 43.96 -8.18 -43.89
N ARG F 33 44.94 -7.63 -44.62
CA ARG F 33 44.94 -6.19 -44.80
C ARG F 33 43.61 -5.73 -45.39
N ASP F 34 43.30 -6.19 -46.61
CA ASP F 34 42.11 -5.71 -47.30
C ASP F 34 40.83 -6.00 -46.51
N ALA F 35 40.86 -6.98 -45.61
CA ALA F 35 39.64 -7.27 -44.86
C ALA F 35 39.47 -6.34 -43.66
N ILE F 36 40.56 -6.06 -42.94
CA ILE F 36 40.43 -5.64 -41.54
C ILE F 36 39.81 -4.24 -41.41
N PRO F 37 40.26 -3.22 -42.16
CA PRO F 37 39.55 -1.93 -42.07
C PRO F 37 38.10 -2.00 -42.50
N LEU F 38 37.80 -2.70 -43.61
CA LEU F 38 36.42 -2.85 -44.05
C LEU F 38 35.56 -3.45 -42.93
N LEU F 39 36.10 -4.45 -42.22
CA LEU F 39 35.39 -5.03 -41.09
C LEU F 39 34.95 -3.97 -40.09
N ASP F 40 35.85 -3.02 -39.79
CA ASP F 40 35.52 -1.99 -38.82
C ASP F 40 34.33 -1.15 -39.27
N GLN F 41 34.16 -0.98 -40.58
CA GLN F 41 32.96 -0.30 -41.08
C GLN F 41 31.76 -1.23 -41.12
N LEU F 42 31.98 -2.53 -41.34
CA LEU F 42 30.86 -3.47 -41.44
C LEU F 42 30.05 -3.51 -40.15
N TYR F 43 30.69 -3.22 -39.00
CA TYR F 43 29.95 -3.11 -37.75
C TYR F 43 28.79 -2.13 -37.88
N GLY F 44 29.05 -0.96 -38.48
CA GLY F 44 27.99 0.01 -38.69
C GLY F 44 26.82 -0.55 -39.47
N GLY F 45 27.08 -1.51 -40.37
CA GLY F 45 26.02 -2.15 -41.11
C GLY F 45 25.27 -3.17 -40.28
N ALA F 46 26.00 -3.87 -39.39
CA ALA F 46 25.37 -4.88 -38.56
C ALA F 46 24.55 -4.25 -37.43
N LEU F 47 25.07 -3.18 -36.83
CA LEU F 47 24.37 -2.53 -35.72
C LEU F 47 22.99 -2.04 -36.16
N ARG F 48 22.89 -1.46 -37.36
CA ARG F 48 21.59 -1.05 -37.87
C ARG F 48 20.68 -2.26 -38.08
N MET F 49 21.25 -3.40 -38.48
CA MET F 49 20.42 -4.57 -38.79
C MET F 49 19.91 -5.23 -37.50
N THR F 50 20.81 -5.53 -36.56
CA THR F 50 20.41 -6.24 -35.35
C THR F 50 19.80 -5.33 -34.30
N ARG F 51 20.14 -4.04 -34.32
CA ARG F 51 19.66 -3.04 -33.37
C ARG F 51 20.18 -3.29 -31.95
N ASN F 52 20.84 -4.42 -31.73
CA ASN F 52 21.45 -4.76 -30.45
C ASN F 52 22.97 -4.83 -30.62
N PRO F 53 23.75 -4.04 -29.89
CA PRO F 53 25.20 -4.00 -30.16
C PRO F 53 25.91 -5.32 -29.97
N ALA F 54 25.54 -6.11 -28.96
CA ALA F 54 26.16 -7.42 -28.78
C ALA F 54 25.82 -8.35 -29.94
N ASP F 55 24.58 -8.32 -30.41
CA ASP F 55 24.22 -9.09 -31.59
C ASP F 55 24.90 -8.55 -32.84
N ALA F 56 25.25 -7.27 -32.84
CA ALA F 56 26.03 -6.72 -33.95
C ALA F 56 27.46 -7.26 -33.94
N GLU F 57 28.06 -7.38 -32.75
CA GLU F 57 29.37 -8.01 -32.66
C GLU F 57 29.31 -9.48 -33.08
N ASP F 58 28.28 -10.20 -32.62
CA ASP F 58 28.12 -11.60 -33.02
C ASP F 58 27.97 -11.73 -34.53
N LEU F 59 27.14 -10.88 -35.13
CA LEU F 59 26.92 -10.95 -36.57
C LEU F 59 28.18 -10.60 -37.34
N LEU F 60 28.94 -9.61 -36.86
CA LEU F 60 30.19 -9.23 -37.50
C LEU F 60 31.19 -10.38 -37.48
N GLN F 61 31.36 -10.99 -36.29
CA GLN F 61 32.32 -12.09 -36.19
C GLN F 61 31.87 -13.30 -37.01
N GLU F 62 30.56 -13.56 -37.05
CA GLU F 62 30.07 -14.66 -37.89
C GLU F 62 30.34 -14.38 -39.36
N THR F 63 30.17 -13.13 -39.78
CA THR F 63 30.55 -12.72 -41.13
C THR F 63 32.04 -12.95 -41.37
N MET F 64 32.86 -12.73 -40.34
CA MET F 64 34.29 -12.99 -40.48
C MET F 64 34.58 -14.48 -40.67
N VAL F 65 33.92 -15.33 -39.87
CA VAL F 65 34.15 -16.77 -39.98
C VAL F 65 33.71 -17.28 -41.34
N LYS F 66 32.59 -16.75 -41.85
CA LYS F 66 32.14 -17.17 -43.17
C LYS F 66 33.05 -16.63 -44.27
N ALA F 67 33.59 -15.42 -44.09
CA ALA F 67 34.39 -14.80 -45.14
C ALA F 67 35.78 -15.45 -45.24
N TYR F 68 36.48 -15.56 -44.12
CA TYR F 68 37.88 -16.00 -44.15
C TYR F 68 38.01 -17.42 -44.70
N ALA F 69 37.11 -18.32 -44.30
CA ALA F 69 37.17 -19.69 -44.80
C ALA F 69 36.88 -19.75 -46.29
N GLY F 70 35.92 -18.95 -46.75
CA GLY F 70 35.56 -18.89 -48.15
C GLY F 70 36.13 -17.72 -48.92
N PHE F 71 37.14 -17.02 -48.38
CA PHE F 71 37.75 -15.92 -49.11
C PHE F 71 38.62 -16.42 -50.26
N ARG F 72 39.21 -17.61 -50.11
CA ARG F 72 39.98 -18.19 -51.22
C ARG F 72 39.13 -18.36 -52.47
N SER F 73 37.81 -18.45 -52.32
CA SER F 73 36.93 -18.49 -53.47
C SER F 73 37.01 -17.18 -54.26
N PHE F 74 36.85 -16.05 -53.58
CA PHE F 74 36.92 -14.75 -54.22
C PHE F 74 37.99 -13.88 -53.58
N LYS F 81 33.26 -3.15 -48.48
CA LYS F 81 33.17 -3.97 -49.67
C LYS F 81 31.77 -4.58 -49.81
N ALA F 82 31.22 -4.54 -51.03
CA ALA F 82 29.88 -5.05 -51.26
C ALA F 82 29.83 -6.58 -51.15
N TRP F 83 30.94 -7.26 -51.45
CA TRP F 83 30.98 -8.71 -51.33
C TRP F 83 30.83 -9.13 -49.87
N LEU F 84 31.66 -8.56 -48.98
CA LEU F 84 31.54 -8.84 -47.56
C LEU F 84 30.18 -8.42 -47.02
N TYR F 85 29.57 -7.38 -47.60
CA TYR F 85 28.23 -6.99 -47.18
C TYR F 85 27.20 -8.02 -47.61
N ARG F 86 27.41 -8.66 -48.77
CA ARG F 86 26.51 -9.73 -49.19
C ARG F 86 26.65 -10.96 -48.30
N ILE F 87 27.89 -11.30 -47.92
CA ILE F 87 28.09 -12.39 -46.96
C ILE F 87 27.42 -12.05 -45.64
N LEU F 88 27.61 -10.82 -45.16
CA LEU F 88 27.00 -10.37 -43.92
C LEU F 88 25.49 -10.54 -43.95
N THR F 89 24.83 -9.85 -44.89
CA THR F 89 23.37 -9.93 -44.99
C THR F 89 22.90 -11.37 -45.14
N ASN F 90 23.64 -12.18 -45.91
CA ASN F 90 23.30 -13.59 -46.03
C ASN F 90 23.30 -14.27 -44.65
N THR F 91 24.31 -13.98 -43.84
CA THR F 91 24.39 -14.61 -42.52
C THR F 91 23.30 -14.11 -41.58
N TYR F 92 22.95 -12.82 -41.71
CA TYR F 92 21.85 -12.28 -40.90
C TYR F 92 20.53 -12.95 -41.26
N ILE F 93 20.25 -13.10 -42.55
CA ILE F 93 19.00 -13.72 -42.97
C ILE F 93 18.99 -15.20 -42.60
N ASN F 94 20.15 -15.87 -42.66
CA ASN F 94 20.21 -17.25 -42.21
C ASN F 94 19.98 -17.36 -40.71
N SER F 95 20.47 -16.39 -39.94
CA SER F 95 20.15 -16.32 -38.52
C SER F 95 18.65 -16.10 -38.30
N TYR F 96 18.02 -15.34 -39.19
CA TYR F 96 16.56 -15.17 -39.13
C TYR F 96 15.85 -16.49 -39.38
N ARG F 97 16.31 -17.25 -40.37
CA ARG F 97 15.70 -18.53 -40.71
C ARG F 97 15.85 -19.53 -39.57
N LYS F 98 17.04 -19.60 -38.97
CA LYS F 98 17.20 -20.43 -37.77
C LYS F 98 16.34 -19.91 -36.62
N LYS F 99 16.12 -18.60 -36.58
CA LYS F 99 15.25 -18.04 -35.54
C LYS F 99 13.80 -18.46 -35.73
N GLN F 100 13.39 -18.72 -36.97
CA GLN F 100 12.05 -19.24 -37.20
C GLN F 100 11.89 -20.67 -36.69
N ARG F 101 12.97 -21.46 -36.72
CA ARG F 101 12.90 -22.87 -36.34
C ARG F 101 12.93 -23.07 -34.83
N GLN F 102 13.61 -22.20 -34.09
CA GLN F 102 13.75 -22.37 -32.65
C GLN F 102 12.50 -21.89 -31.92
N PRO F 103 12.32 -22.30 -30.66
CA PRO F 103 11.19 -21.77 -29.88
C PRO F 103 11.35 -20.27 -29.65
N ALA F 104 10.23 -19.56 -29.67
CA ALA F 104 10.23 -18.12 -29.50
C ALA F 104 10.37 -17.77 -28.02
N GLU F 105 11.45 -17.08 -27.68
CA GLU F 105 11.79 -16.76 -26.30
C GLU F 105 11.83 -15.25 -26.12
N TYR F 106 11.13 -14.75 -25.11
CA TYR F 106 11.26 -13.36 -24.71
C TYR F 106 11.77 -13.33 -23.27
N PRO F 107 12.97 -12.80 -23.02
CA PRO F 107 13.57 -12.93 -21.69
C PRO F 107 12.85 -12.07 -20.67
N THR F 108 12.94 -12.49 -19.41
CA THR F 108 12.23 -11.81 -18.34
C THR F 108 13.10 -11.71 -17.10
N GLU F 109 12.94 -10.59 -16.40
CA GLU F 109 13.63 -10.36 -15.13
C GLU F 109 13.26 -11.42 -14.11
N GLN F 110 11.98 -11.73 -13.99
CA GLN F 110 11.52 -12.83 -13.14
C GLN F 110 10.24 -13.39 -13.74
N ILE F 111 10.07 -14.71 -13.62
CA ILE F 111 8.82 -15.35 -14.00
C ILE F 111 7.81 -15.17 -12.88
N THR F 112 6.63 -14.68 -13.23
CA THR F 112 5.61 -14.38 -12.25
C THR F 112 4.86 -15.64 -11.83
N ASP F 113 4.28 -15.59 -10.63
CA ASP F 113 3.48 -16.71 -10.15
C ASP F 113 2.29 -16.98 -11.07
N TRP F 114 1.72 -15.92 -11.66
CA TRP F 114 0.62 -16.12 -12.60
C TRP F 114 1.06 -16.95 -13.80
N GLN F 115 2.26 -16.69 -14.32
CA GLN F 115 2.75 -17.49 -15.45
C GLN F 115 3.03 -18.92 -15.03
N LEU F 116 3.53 -19.12 -13.82
CA LEU F 116 3.77 -20.49 -13.34
C LEU F 116 2.46 -21.26 -13.24
N ALA F 117 1.42 -20.64 -12.69
CA ALA F 117 0.13 -21.32 -12.56
C ALA F 117 -0.51 -21.57 -13.93
N SER F 118 -0.48 -20.56 -14.80
CA SER F 118 -1.04 -20.69 -16.14
C SER F 118 -0.35 -21.81 -16.90
N ASN F 119 0.99 -21.87 -16.81
CA ASN F 119 1.73 -22.95 -17.44
C ASN F 119 1.40 -24.30 -16.81
N ALA F 120 1.15 -24.32 -15.50
CA ALA F 120 0.82 -25.59 -14.85
C ALA F 120 -0.55 -26.11 -15.28
N GLU F 121 -1.46 -25.20 -15.67
CA GLU F 121 -2.79 -25.63 -16.07
C GLU F 121 -2.75 -26.58 -17.27
N HIS F 122 -1.77 -26.42 -18.15
CA HIS F 122 -1.63 -27.27 -19.33
C HIS F 122 -0.59 -28.39 -19.15
N SER F 123 -0.04 -28.55 -17.95
CA SER F 123 1.05 -29.47 -17.72
C SER F 123 0.54 -30.84 -17.27
N SER F 124 1.28 -31.88 -17.66
CA SER F 124 0.93 -33.25 -17.29
C SER F 124 0.64 -33.40 -15.80
N THR F 125 1.44 -32.75 -14.96
CA THR F 125 1.21 -32.70 -13.52
C THR F 125 1.14 -31.24 -13.10
N GLY F 126 0.04 -30.87 -12.44
CA GLY F 126 -0.18 -29.51 -12.00
C GLY F 126 0.65 -29.16 -10.78
N LEU F 127 0.30 -28.05 -10.14
CA LEU F 127 1.01 -27.64 -8.93
C LEU F 127 0.29 -28.27 -7.75
N ARG F 128 0.91 -29.28 -7.16
CA ARG F 128 0.35 -29.97 -6.02
C ARG F 128 0.66 -29.20 -4.74
N SER F 129 -0.16 -29.43 -3.73
CA SER F 129 -0.05 -28.74 -2.46
C SER F 129 0.29 -29.76 -1.37
N ALA F 130 0.85 -29.25 -0.26
CA ALA F 130 1.23 -30.13 0.84
C ALA F 130 0.08 -31.02 1.27
N GLU F 131 -1.15 -30.51 1.19
CA GLU F 131 -2.32 -31.32 1.47
C GLU F 131 -2.44 -32.49 0.51
N VAL F 132 -2.38 -32.21 -0.81
CA VAL F 132 -2.50 -33.26 -1.81
C VAL F 132 -1.38 -34.29 -1.64
N GLU F 133 -0.18 -33.82 -1.32
CA GLU F 133 0.93 -34.75 -1.07
C GLU F 133 0.62 -35.66 0.11
N ALA F 134 0.23 -35.08 1.24
CA ALA F 134 0.01 -35.87 2.44
C ALA F 134 -1.13 -36.87 2.25
N LEU F 135 -2.23 -36.44 1.62
CA LEU F 135 -3.35 -37.34 1.41
C LEU F 135 -3.04 -38.40 0.37
N GLU F 136 -2.20 -38.08 -0.63
CA GLU F 136 -1.80 -39.09 -1.60
C GLU F 136 -0.87 -40.12 -0.98
N ALA F 137 -0.10 -39.72 0.03
CA ALA F 137 0.76 -40.66 0.76
C ALA F 137 -0.03 -41.56 1.72
N LEU F 138 -1.32 -41.32 1.88
CA LEU F 138 -2.13 -42.09 2.82
C LEU F 138 -2.58 -43.41 2.22
N PRO F 139 -2.88 -44.40 3.06
CA PRO F 139 -3.40 -45.67 2.55
C PRO F 139 -4.75 -45.50 1.88
N ASP F 140 -5.02 -46.38 0.90
CA ASP F 140 -6.26 -46.28 0.14
C ASP F 140 -7.46 -46.75 0.95
N THR F 141 -7.28 -47.79 1.78
CA THR F 141 -8.33 -48.37 2.62
C THR F 141 -9.45 -48.98 1.79
N GLU F 142 -9.37 -48.82 0.47
CA GLU F 142 -10.20 -49.53 -0.49
C GLU F 142 -9.39 -50.59 -1.22
N ILE F 143 -8.39 -50.16 -2.00
CA ILE F 143 -7.53 -51.09 -2.72
C ILE F 143 -6.75 -51.96 -1.74
N LYS F 144 -6.30 -51.39 -0.63
CA LYS F 144 -5.52 -52.16 0.34
C LYS F 144 -6.33 -53.32 0.91
N GLU F 145 -7.62 -53.08 1.19
CA GLU F 145 -8.46 -54.15 1.71
C GLU F 145 -8.68 -55.25 0.68
N ALA F 146 -8.87 -54.88 -0.58
CA ALA F 146 -9.03 -55.88 -1.64
C ALA F 146 -7.75 -56.66 -1.87
N LEU F 147 -6.59 -56.04 -1.62
CA LEU F 147 -5.32 -56.75 -1.75
C LEU F 147 -5.09 -57.70 -0.59
N GLN F 148 -5.48 -57.31 0.62
CA GLN F 148 -5.29 -58.16 1.79
C GLN F 148 -6.20 -59.38 1.76
N ALA F 149 -7.35 -59.27 1.08
CA ALA F 149 -8.24 -60.43 0.94
C ALA F 149 -7.61 -61.50 0.07
N LEU F 150 -6.77 -61.11 -0.88
CA LEU F 150 -6.05 -62.09 -1.69
C LEU F 150 -5.05 -62.84 -0.83
N PRO F 151 -4.84 -64.14 -1.08
CA PRO F 151 -3.77 -64.86 -0.38
C PRO F 151 -2.42 -64.26 -0.70
N GLU F 152 -1.48 -64.44 0.24
CA GLU F 152 -0.21 -63.72 0.20
C GLU F 152 0.56 -64.01 -1.09
N GLU F 153 0.50 -65.25 -1.58
CA GLU F 153 1.22 -65.61 -2.79
C GLU F 153 0.67 -64.87 -4.00
N PHE F 154 -0.66 -64.83 -4.13
CA PHE F 154 -1.28 -64.19 -5.29
C PHE F 154 -1.10 -62.69 -5.26
N ARG F 155 -1.30 -62.06 -4.09
CA ARG F 155 -1.08 -60.63 -3.98
C ARG F 155 0.38 -60.26 -4.20
N MET F 156 1.31 -61.15 -3.81
CA MET F 156 2.72 -60.88 -4.09
C MET F 156 3.01 -60.97 -5.58
N ALA F 157 2.45 -61.98 -6.25
CA ALA F 157 2.67 -62.12 -7.69
C ALA F 157 2.10 -60.93 -8.45
N VAL F 158 0.87 -60.53 -8.13
CA VAL F 158 0.28 -59.38 -8.82
C VAL F 158 0.95 -58.08 -8.41
N TYR F 159 1.57 -58.03 -7.22
CA TYR F 159 2.33 -56.85 -6.83
C TYR F 159 3.60 -56.70 -7.65
N TYR F 160 4.36 -57.79 -7.77
CA TYR F 160 5.57 -57.73 -8.59
C TYR F 160 5.27 -57.61 -10.08
N ALA F 161 4.07 -58.03 -10.51
CA ALA F 161 3.74 -58.03 -11.94
C ALA F 161 3.06 -56.72 -12.36
N ASP F 162 1.85 -56.50 -11.86
CA ASP F 162 1.05 -55.37 -12.32
C ASP F 162 1.49 -54.06 -11.68
N VAL F 163 1.71 -54.06 -10.37
CA VAL F 163 2.08 -52.83 -9.67
C VAL F 163 3.52 -52.43 -10.02
N GLU F 164 4.46 -53.35 -9.80
CA GLU F 164 5.87 -53.01 -9.96
C GLU F 164 6.29 -53.03 -11.43
N GLY F 165 5.83 -54.02 -12.19
CA GLY F 165 6.13 -54.10 -13.61
C GLY F 165 7.20 -55.09 -14.01
N PHE F 166 7.66 -55.95 -13.10
CA PHE F 166 8.67 -56.93 -13.44
C PHE F 166 8.17 -57.85 -14.55
N PRO F 167 9.08 -58.29 -15.43
CA PRO F 167 8.72 -59.38 -16.35
C PRO F 167 8.52 -60.69 -15.59
N TYR F 168 7.81 -61.61 -16.23
CA TYR F 168 7.35 -62.81 -15.54
C TYR F 168 8.51 -63.66 -15.03
N LYS F 169 9.55 -63.83 -15.85
CA LYS F 169 10.70 -64.62 -15.42
C LYS F 169 11.35 -64.04 -14.18
N GLU F 170 11.43 -62.71 -14.10
CA GLU F 170 11.99 -62.07 -12.92
C GLU F 170 11.12 -62.31 -11.69
N ILE F 171 9.80 -62.41 -11.86
CA ILE F 171 8.93 -62.76 -10.74
C ILE F 171 9.19 -64.21 -10.31
N ALA F 172 9.41 -65.10 -11.28
CA ALA F 172 9.78 -66.47 -10.96
C ALA F 172 11.12 -66.55 -10.25
N GLU F 173 11.99 -65.56 -10.44
CA GLU F 173 13.26 -65.53 -9.72
C GLU F 173 13.13 -64.94 -8.33
N ILE F 174 12.37 -63.84 -8.18
CA ILE F 174 12.34 -63.10 -6.92
C ILE F 174 11.81 -63.98 -5.79
N MET F 175 10.57 -64.46 -5.94
CA MET F 175 10.09 -65.55 -5.13
C MET F 175 10.53 -66.85 -5.81
N ASP F 176 10.87 -67.86 -5.03
CA ASP F 176 11.40 -69.08 -5.64
C ASP F 176 10.19 -69.97 -5.93
N THR F 177 9.79 -69.98 -7.20
CA THR F 177 8.70 -70.77 -7.73
C THR F 177 9.00 -71.05 -9.19
N PRO F 178 8.46 -72.13 -9.74
CA PRO F 178 8.49 -72.29 -11.21
C PRO F 178 7.65 -71.23 -11.90
N ILE F 179 7.87 -71.11 -13.22
CA ILE F 179 7.08 -70.18 -14.02
C ILE F 179 5.59 -70.48 -13.91
N GLY F 180 5.24 -71.76 -13.78
CA GLY F 180 3.83 -72.14 -13.79
C GLY F 180 3.05 -71.55 -12.62
N THR F 181 3.62 -71.59 -11.42
CA THR F 181 2.93 -71.02 -10.26
C THR F 181 2.85 -69.50 -10.34
N VAL F 182 3.87 -68.85 -10.90
CA VAL F 182 3.82 -67.40 -11.05
C VAL F 182 2.72 -67.00 -12.02
N MET F 183 2.67 -67.65 -13.18
CA MET F 183 1.64 -67.33 -14.17
C MET F 183 0.25 -67.67 -13.65
N SER F 184 0.09 -68.88 -13.10
CA SER F 184 -1.23 -69.30 -12.61
C SER F 184 -1.72 -68.40 -11.48
N ARG F 185 -0.85 -68.13 -10.50
CA ARG F 185 -1.20 -67.20 -9.43
C ARG F 185 -1.50 -65.81 -9.97
N LEU F 186 -0.85 -65.42 -11.06
CA LEU F 186 -1.15 -64.12 -11.67
C LEU F 186 -2.57 -64.10 -12.23
N HIS F 187 -2.94 -65.13 -13.00
CA HIS F 187 -4.27 -65.15 -13.61
C HIS F 187 -5.36 -65.27 -12.55
N ARG F 188 -5.17 -66.16 -11.57
CA ARG F 188 -6.21 -66.35 -10.55
C ARG F 188 -6.32 -65.13 -9.64
N GLY F 189 -5.18 -64.57 -9.22
CA GLY F 189 -5.21 -63.35 -8.43
C GLY F 189 -5.83 -62.19 -9.18
N ARG F 190 -5.54 -62.08 -10.47
CA ARG F 190 -6.18 -61.07 -11.30
C ARG F 190 -7.68 -61.25 -11.33
N ARG F 191 -8.14 -62.49 -11.54
CA ARG F 191 -9.58 -62.76 -11.55
C ARG F 191 -10.23 -62.37 -10.23
N GLN F 192 -9.64 -62.81 -9.11
CA GLN F 192 -10.22 -62.52 -7.80
C GLN F 192 -10.26 -61.01 -7.54
N LEU F 193 -9.20 -60.29 -7.90
CA LEU F 193 -9.21 -58.84 -7.71
C LEU F 193 -10.23 -58.17 -8.63
N ARG F 194 -10.45 -58.71 -9.82
CA ARG F 194 -11.51 -58.19 -10.68
C ARG F 194 -12.88 -58.42 -10.05
N GLY F 195 -13.03 -59.50 -9.28
CA GLY F 195 -14.29 -59.72 -8.58
C GLY F 195 -14.46 -58.82 -7.38
N LEU F 196 -13.38 -58.56 -6.65
CA LEU F 196 -13.47 -57.81 -5.40
C LEU F 196 -13.79 -56.33 -5.61
N LEU F 197 -13.60 -55.80 -6.82
CA LEU F 197 -13.93 -54.42 -7.09
C LEU F 197 -14.33 -54.25 -8.54
N ALA F 198 -15.34 -53.41 -8.79
CA ALA F 198 -15.67 -52.94 -10.13
C ALA F 198 -15.78 -51.42 -10.08
N ASP F 199 -14.82 -50.73 -10.70
CA ASP F 199 -14.76 -49.28 -10.66
C ASP F 199 -14.31 -48.75 -12.01
N VAL F 200 -15.07 -47.81 -12.57
CA VAL F 200 -14.55 -47.04 -13.70
C VAL F 200 -13.43 -46.12 -13.22
N ALA F 201 -13.55 -45.59 -12.01
CA ALA F 201 -12.47 -44.87 -11.35
C ALA F 201 -12.64 -45.02 -9.84
N ARG F 202 -11.52 -45.15 -9.13
CA ARG F 202 -11.53 -45.25 -7.67
C ARG F 202 -10.12 -45.15 -7.09
ZN ZN G . 25.42 -4.14 33.05
ZN ZN H . 17.46 -43.51 -22.41
#